data_4PI2
#
_entry.id   4PI2
#
_cell.length_a   120.857
_cell.length_b   185.450
_cell.length_c   192.777
_cell.angle_alpha   90.000
_cell.angle_beta   90.000
_cell.angle_gamma   90.000
#
_symmetry.space_group_name_H-M   'P 21 21 21'
#
loop_
_entity.id
_entity.type
_entity.pdbx_description
1 polymer 'unknown peptide'
2 polymer 'Particulate methane monooxygenase subunit A'
3 polymer 'Particulate methane monooxygenase subunit B'
4 polymer 'Particulate methane monooxygenase subunit C'
5 non-polymer 'COPPER (II) ION'
6 non-polymer 'ZINC ION'
7 non-polymer 'CACODYLATE ION'
#
loop_
_entity_poly.entity_id
_entity_poly.type
_entity_poly.pdbx_seq_one_letter_code
_entity_poly.pdbx_strand_id
1 'polypeptide(L)'
;(UNK)(UNK)(UNK)(UNK)(UNK)(UNK)(UNK)(UNK)(UNK)(UNK)(UNK)(UNK)(UNK)(UNK)(UNK)(UNK)
(UNK)(UNK)(UNK)(UNK)(UNK)(UNK)(UNK)(UNK)(UNK)
;
D,H,N
2 'polypeptide(L)'
;MSQSKSGGAVGPFNSVAEAAGCVQTVDWMLLVLLFFAVLGGYHVHFMLTAGDWDFWVDWKDRRMWPTVVPILGVTFCAAS
QAFWWVNFRLPFGAVFAALGLLIGEWINRYVNFWGWTYFPISLVFPSALIVPAIWLDVILLLSGSYVITAVVGSLGWGLL
FYPNNWPAIAAFHQATEQHGQLMTLADLIGFHFVRTSMPEYIRMVERGTLRTFGKDVVPVAAFFSGFVSMMVYFLWWFMG
RWYSTTKVIDTI
;
F,J,B
3 'polypeptide(L)'
;MKKLVKLAAFGAAAAVAATLGAVAPASAHGEKSQQAFLRMRTLNWYDVQWSKTTVNVNEEMVLSGKVHVFSAWPQAVANP
RVSFLNAGEPGPVLVRTAQFIGEQFAPRSVSLEIGKDYAFSINLRGRRAGRWHVHAQINVEGGGPIIGPGQWIEIKGDMK
DFTDPVTLLDGSTVDLEHYGISRVYAWHLPWMAVGAAWIFFWFVRKGIITSYIRVAEGKADDVIGDDDRRIGAIVLALTI
LATIVGYAVTNSTFPRTIPLQAGLQKPLTPIETEGTVGVGKENVTTELNGGVYKVPGRELTINVKVKNNTSQPLRLGEYT
AAGLRFLNPDVFTTKPDFPDYLLADRGLSVDATPIAPGEAKEIVVKIQDARWDIERLSDLAYDTDSQIGGLLFFFSPDGK
RYASEIGGPVIPKFVAGDMP
;
E,A,I
4 'polypeptide(L)'
;MSSTTSAAAGAAAEVESVVDLRGMWIGLVLLNVFYLIVRIYEQVFGWRAGLDSFAPEFQTYWMSILWTEIPLELVSGLGL
AGYLWKTRDRNVDAVTPREEMRRLVVLVQWLVVYGIAIYWGASFFTEQDGTWHMTVIRDTDFTPSHIIEFYMSYPIYSVI
AVGAFFYAKTRIPYFAHGYSLAFLIVAIGPFMIIPNVGLNEWGHTFWFMEELFVAPLHWGFVFFGWMALGVFGVVLQILM
RIHALVGKEGVKLLTE
;
G,K,C
#
# COMPACT_ATOMS: atom_id res chain seq x y z
N UNK A 1 -13.56 34.80 -33.02
CA UNK A 1 -13.05 35.55 -31.82
C UNK A 1 -13.56 35.02 -30.42
N UNK A 2 -14.53 35.72 -29.83
CA UNK A 2 -15.36 35.18 -28.75
C UNK A 2 -16.72 34.58 -29.31
N UNK A 3 -16.61 33.63 -30.28
CA UNK A 3 -17.76 32.84 -30.80
C UNK A 3 -18.29 31.84 -29.75
N UNK A 4 -17.39 31.33 -28.88
CA UNK A 4 -17.74 30.40 -27.77
C UNK A 4 -18.30 31.12 -26.54
N UNK A 5 -17.52 32.07 -25.99
CA UNK A 5 -18.01 33.02 -24.96
C UNK A 5 -19.43 33.62 -25.21
N UNK A 6 -19.89 33.52 -26.47
CA UNK A 6 -21.10 34.17 -26.98
C UNK A 6 -22.33 33.24 -26.98
N UNK A 7 -22.12 31.99 -27.38
CA UNK A 7 -23.19 31.00 -27.39
C UNK A 7 -23.52 30.56 -25.96
N UNK A 8 -22.54 30.53 -25.06
CA UNK A 8 -22.88 30.38 -23.65
C UNK A 8 -23.96 31.45 -23.32
N UNK A 9 -23.65 32.76 -23.44
CA UNK A 9 -24.68 33.84 -23.22
C UNK A 9 -25.89 33.78 -24.17
N UNK A 10 -25.70 33.25 -25.37
CA UNK A 10 -26.80 33.04 -26.32
C UNK A 10 -27.84 32.00 -25.82
N UNK A 11 -27.38 30.75 -25.58
CA UNK A 11 -28.19 29.61 -25.09
C UNK A 11 -28.96 29.89 -23.76
N UNK A 12 -28.28 30.53 -22.79
CA UNK A 12 -28.95 31.08 -21.61
C UNK A 12 -30.06 32.11 -22.01
N UNK A 13 -29.69 33.18 -22.75
CA UNK A 13 -30.68 34.18 -23.19
C UNK A 13 -31.82 33.56 -24.00
N UNK A 14 -31.51 33.00 -25.20
CA UNK A 14 -32.49 32.30 -26.13
C UNK A 14 -33.42 31.31 -25.41
N UNK A 15 -32.85 30.53 -24.46
CA UNK A 15 -33.56 29.57 -23.58
C UNK A 15 -34.42 30.19 -22.50
N UNK A 16 -33.98 31.31 -21.91
CA UNK A 16 -34.86 32.17 -21.12
C UNK A 16 -36.21 32.57 -21.84
N UNK A 17 -36.25 32.40 -23.18
CA UNK A 17 -37.44 32.60 -24.05
C UNK A 17 -38.12 31.25 -24.38
N UNK A 18 -38.87 30.77 -23.40
CA UNK A 18 -39.28 29.36 -23.25
C UNK A 18 -39.34 29.13 -21.72
N UNK A 19 -39.81 30.18 -21.02
CA UNK A 19 -39.94 30.22 -19.58
C UNK A 19 -41.29 29.66 -19.18
N UNK B 1 14.14 13.31 46.18
CA UNK B 1 14.13 11.82 45.92
C UNK B 1 12.74 11.29 45.45
N UNK B 2 12.06 10.51 46.31
CA UNK B 2 10.73 9.97 45.95
C UNK B 2 9.51 10.99 46.03
N UNK B 3 9.75 12.27 45.65
CA UNK B 3 8.79 13.39 45.86
C UNK B 3 7.49 13.16 45.12
N UNK B 4 7.59 12.91 43.81
CA UNK B 4 6.42 12.62 42.96
C UNK B 4 5.71 11.30 43.37
N UNK B 5 6.44 10.19 43.46
CA UNK B 5 5.87 8.90 43.87
C UNK B 5 5.02 9.04 45.14
N UNK B 6 5.41 9.99 46.01
CA UNK B 6 4.76 10.36 47.32
C UNK B 6 3.57 11.29 47.19
N UNK B 7 3.81 12.51 46.72
CA UNK B 7 2.74 13.34 46.16
C UNK B 7 1.63 12.49 45.46
N UNK B 8 1.99 11.40 44.78
CA UNK B 8 1.02 10.46 44.18
C UNK B 8 0.18 9.66 45.22
N UNK B 9 0.79 9.18 46.33
CA UNK B 9 -0.01 8.58 47.44
C UNK B 9 -0.77 9.70 48.14
N UNK B 10 -0.28 10.94 47.93
CA UNK B 10 -0.80 12.13 48.56
C UNK B 10 -2.11 12.57 47.93
N UNK B 11 -2.19 12.55 46.59
CA UNK B 11 -3.44 12.90 45.86
C UNK B 11 -4.55 11.91 46.25
N UNK B 12 -4.27 10.60 46.18
CA UNK B 12 -5.26 9.59 46.54
C UNK B 12 -5.81 9.92 47.95
N UNK B 13 -4.99 9.72 49.01
CA UNK B 13 -5.41 9.87 50.45
C UNK B 13 -6.08 11.22 50.82
N UNK B 14 -5.53 12.34 50.34
CA UNK B 14 -6.12 13.69 50.56
C UNK B 14 -7.51 13.86 49.96
N UNK B 15 -7.83 13.10 48.92
CA UNK B 15 -9.14 13.27 48.30
C UNK B 15 -10.15 12.18 48.65
N UNK B 16 -9.67 11.10 49.26
CA UNK B 16 -10.59 10.09 49.83
C UNK B 16 -11.21 10.69 51.10
N UNK B 17 -10.36 11.37 51.88
CA UNK B 17 -10.75 12.13 53.05
C UNK B 17 -11.62 13.31 52.56
N UNK B 18 -10.98 14.39 52.09
CA UNK B 18 -11.72 15.60 51.65
C UNK B 18 -12.46 15.41 50.33
N UNK B 19 -13.50 14.56 50.42
CA UNK B 19 -14.67 14.34 49.50
C UNK B 19 -15.53 13.31 50.25
N UNK B 20 -16.72 13.72 50.72
CA UNK B 20 -17.55 12.96 51.69
C UNK B 20 -17.46 11.41 51.56
N ALA C 9 -41.61 28.66 44.57
CA ALA C 9 -41.14 28.83 43.16
C ALA C 9 -40.62 27.51 42.52
N VAL C 10 -39.85 27.65 41.43
CA VAL C 10 -39.73 26.63 40.37
C VAL C 10 -39.16 25.26 40.78
N GLY C 11 -40.03 24.34 41.22
CA GLY C 11 -39.65 22.95 41.59
C GLY C 11 -38.92 22.23 40.45
N PRO C 12 -37.84 21.47 40.77
CA PRO C 12 -37.34 21.10 42.09
C PRO C 12 -36.33 22.10 42.64
N PHE C 13 -36.33 23.31 42.09
CA PHE C 13 -35.64 24.45 42.68
C PHE C 13 -36.59 25.19 43.63
N ASN C 14 -36.04 25.74 44.71
CA ASN C 14 -36.81 26.47 45.69
C ASN C 14 -37.20 27.83 45.20
N SER C 15 -36.23 28.61 44.73
CA SER C 15 -36.55 29.89 44.13
C SER C 15 -36.32 29.93 42.62
N VAL C 16 -36.65 31.05 41.99
CA VAL C 16 -36.19 31.34 40.63
C VAL C 16 -34.69 31.64 40.64
N ALA C 17 -34.22 32.31 41.68
CA ALA C 17 -32.80 32.59 41.83
C ALA C 17 -32.03 31.30 41.96
N GLU C 18 -32.64 30.27 42.53
CA GLU C 18 -31.99 28.97 42.62
C GLU C 18 -31.91 28.31 41.25
N ALA C 19 -33.03 28.33 40.52
CA ALA C 19 -33.06 27.88 39.12
C ALA C 19 -32.05 28.69 38.34
N ALA C 20 -32.43 29.90 37.94
CA ALA C 20 -31.58 30.71 37.05
C ALA C 20 -30.13 30.71 37.51
N GLY C 21 -29.97 30.47 38.79
CA GLY C 21 -28.68 30.45 39.42
C GLY C 21 -27.93 29.19 39.12
N CYS C 22 -28.55 28.05 39.40
CA CYS C 22 -27.97 26.77 38.99
C CYS C 22 -27.75 26.67 37.47
N VAL C 23 -28.82 26.73 36.70
CA VAL C 23 -28.71 26.72 35.26
C VAL C 23 -27.43 27.42 34.82
N GLN C 24 -27.26 28.67 35.25
CA GLN C 24 -26.07 29.43 34.90
C GLN C 24 -24.75 28.75 35.25
N THR C 25 -24.62 28.26 36.48
CA THR C 25 -23.38 27.62 36.87
C THR C 25 -23.15 26.31 36.11
N VAL C 26 -24.22 25.61 35.79
CA VAL C 26 -24.07 24.38 35.03
C VAL C 26 -23.58 24.70 33.63
N ASP C 27 -24.30 25.54 32.88
CA ASP C 27 -23.79 26.11 31.61
C ASP C 27 -22.27 26.33 31.51
N TRP C 28 -21.67 26.94 32.53
CA TRP C 28 -20.21 27.12 32.54
C TRP C 28 -19.52 25.81 32.56
N MET C 29 -19.88 24.98 33.53
CA MET C 29 -19.31 23.64 33.63
C MET C 29 -19.28 22.86 32.30
N LEU C 30 -20.44 22.78 31.66
CA LEU C 30 -20.58 22.16 30.36
C LEU C 30 -19.59 22.76 29.41
N LEU C 31 -19.74 24.02 29.04
CA LEU C 31 -18.83 24.65 28.05
C LEU C 31 -17.34 24.39 28.28
N VAL C 32 -16.99 24.32 29.57
CA VAL C 32 -15.64 24.07 30.01
C VAL C 32 -15.22 22.61 29.90
N LEU C 33 -16.02 21.71 30.49
CA LEU C 33 -15.75 20.26 30.33
C LEU C 33 -15.73 19.85 28.84
N LEU C 34 -16.67 20.40 28.08
CA LEU C 34 -16.69 20.29 26.62
C LEU C 34 -15.56 21.03 25.90
N PHE C 35 -14.87 21.97 26.55
CA PHE C 35 -13.76 22.55 25.82
C PHE C 35 -12.62 21.60 25.63
N PHE C 36 -12.43 20.73 26.60
CA PHE C 36 -11.35 19.77 26.51
C PHE C 36 -11.52 18.54 27.40
N ALA C 37 -12.17 17.42 27.00
CA ALA C 37 -12.95 17.17 25.80
C ALA C 37 -12.24 17.45 24.53
N VAL C 38 -12.99 17.95 23.56
CA VAL C 38 -12.51 18.09 22.19
C VAL C 38 -11.01 18.40 22.09
N LEU C 39 -10.57 19.52 22.69
CA LEU C 39 -9.15 19.92 22.62
C LEU C 39 -8.31 18.67 22.84
N GLY C 40 -8.40 18.08 24.04
CA GLY C 40 -7.71 16.78 24.29
C GLY C 40 -7.74 15.72 23.17
N GLY C 41 -8.94 15.33 22.76
CA GLY C 41 -9.12 14.41 21.67
C GLY C 41 -8.51 14.96 20.42
N TYR C 42 -8.98 16.12 19.99
CA TYR C 42 -8.55 16.77 18.76
C TYR C 42 -7.05 16.92 18.69
N HIS C 43 -6.46 17.22 19.81
CA HIS C 43 -5.06 17.43 19.78
C HIS C 43 -4.36 16.13 19.46
N VAL C 44 -4.57 15.10 20.27
CA VAL C 44 -3.92 13.78 20.10
C VAL C 44 -4.08 13.21 18.70
N HIS C 45 -5.29 13.28 18.16
CA HIS C 45 -5.49 12.92 16.77
C HIS C 45 -4.71 13.76 15.80
N PHE C 46 -4.83 15.07 15.90
CA PHE C 46 -4.17 15.95 14.98
C PHE C 46 -2.66 15.74 14.99
N MET C 47 -2.10 15.73 16.20
CA MET C 47 -0.66 15.61 16.44
C MET C 47 -0.10 14.28 15.96
N LEU C 48 -0.88 13.22 16.01
CA LEU C 48 -0.42 11.95 15.48
C LEU C 48 -0.36 11.88 13.97
N THR C 49 -1.19 12.62 13.27
CA THR C 49 -1.22 12.51 11.81
C THR C 49 -0.63 13.72 11.12
N ALA C 50 -1.01 14.93 11.55
CA ALA C 50 -0.47 16.16 10.98
C ALA C 50 0.84 16.50 11.63
N GLY C 51 1.18 15.84 12.71
CA GLY C 51 2.56 15.97 13.21
C GLY C 51 3.02 17.37 13.67
N ASP C 52 4.27 17.77 13.46
CA ASP C 52 5.22 17.14 12.52
C ASP C 52 5.36 18.07 11.36
N TRP C 53 4.26 18.45 10.71
CA TRP C 53 4.30 19.71 9.97
C TRP C 53 3.99 20.89 10.86
N ASP C 54 3.28 20.60 11.93
CA ASP C 54 2.86 21.63 12.83
C ASP C 54 3.92 21.90 13.91
N PHE C 55 4.88 20.99 14.07
CA PHE C 55 6.00 21.28 14.96
C PHE C 55 7.05 22.24 14.34
N TRP C 56 7.47 21.93 13.12
CA TRP C 56 8.72 22.47 12.62
C TRP C 56 8.54 23.48 11.54
N VAL C 57 9.03 24.69 11.79
CA VAL C 57 9.07 25.76 10.77
C VAL C 57 9.71 25.31 9.43
N ASP C 58 10.63 24.36 9.47
CA ASP C 58 11.33 23.90 8.28
C ASP C 58 10.60 22.73 7.62
N TRP C 59 9.40 22.46 8.13
CA TRP C 59 8.45 21.53 7.47
C TRP C 59 7.37 22.26 6.73
N LYS C 60 7.06 23.45 7.23
CA LYS C 60 6.00 24.26 6.64
C LYS C 60 6.42 24.71 5.26
N ASP C 61 6.12 23.89 4.27
CA ASP C 61 6.60 24.13 2.94
C ASP C 61 5.56 24.83 2.07
N ARG C 62 5.62 24.53 0.78
CA ARG C 62 4.68 25.08 -0.18
C ARG C 62 3.64 24.09 -0.66
N ARG C 63 3.94 22.80 -0.58
CA ARG C 63 3.03 21.81 -1.10
C ARG C 63 2.38 20.91 -0.04
N MET C 64 3.20 20.19 0.70
CA MET C 64 2.69 19.23 1.64
C MET C 64 1.94 19.94 2.73
N TRP C 65 2.62 20.74 3.51
CA TRP C 65 2.01 21.24 4.70
C TRP C 65 0.67 21.93 4.49
N PRO C 66 0.58 22.91 3.55
CA PRO C 66 -0.71 23.52 3.17
C PRO C 66 -1.74 22.56 2.59
N THR C 67 -1.34 21.29 2.37
CA THR C 67 -2.26 20.20 1.96
C THR C 67 -2.73 19.35 3.12
N VAL C 68 -1.78 18.79 3.85
CA VAL C 68 -2.20 17.83 4.85
C VAL C 68 -2.89 18.49 6.03
N VAL C 69 -2.51 19.72 6.38
CA VAL C 69 -3.06 20.29 7.61
C VAL C 69 -4.51 20.68 7.45
N PRO C 70 -4.86 21.32 6.32
CA PRO C 70 -6.32 21.52 6.12
C PRO C 70 -7.10 20.18 6.11
N ILE C 71 -6.59 19.18 5.41
CA ILE C 71 -7.30 17.93 5.27
C ILE C 71 -7.45 17.19 6.62
N LEU C 72 -6.39 17.08 7.40
CA LEU C 72 -6.53 16.48 8.70
C LEU C 72 -7.20 17.37 9.73
N GLY C 73 -7.21 18.65 9.43
CA GLY C 73 -7.59 19.61 10.42
C GLY C 73 -9.07 19.82 10.47
N VAL C 74 -9.74 19.50 9.36
CA VAL C 74 -11.16 19.79 9.23
C VAL C 74 -12.00 18.85 10.10
N THR C 75 -11.45 17.66 10.35
CA THR C 75 -12.08 16.55 11.11
C THR C 75 -12.87 16.91 12.35
N PHE C 76 -12.19 17.22 13.46
CA PHE C 76 -12.90 17.58 14.67
C PHE C 76 -13.70 18.85 14.56
N CYS C 77 -13.34 19.74 13.65
CA CYS C 77 -14.15 20.92 13.44
C CYS C 77 -15.50 20.49 12.91
N ALA C 78 -15.54 19.70 11.83
CA ALA C 78 -16.84 19.23 11.31
C ALA C 78 -17.63 18.47 12.37
N ALA C 79 -16.98 17.60 13.15
CA ALA C 79 -17.65 16.80 14.18
C ALA C 79 -18.15 17.67 15.29
N SER C 80 -17.36 18.68 15.63
CA SER C 80 -17.77 19.72 16.59
C SER C 80 -18.99 20.46 16.12
N GLN C 81 -18.99 20.87 14.85
CA GLN C 81 -20.16 21.50 14.27
C GLN C 81 -21.45 20.64 14.41
N ALA C 82 -21.35 19.37 14.07
CA ALA C 82 -22.50 18.51 14.06
C ALA C 82 -23.04 18.33 15.49
N PHE C 83 -22.27 18.80 16.47
CA PHE C 83 -22.72 18.73 17.84
C PHE C 83 -23.37 20.01 18.33
N TRP C 84 -22.71 21.16 18.16
CA TRP C 84 -23.30 22.44 18.59
C TRP C 84 -24.44 22.87 17.76
N TRP C 85 -24.26 22.84 16.45
CA TRP C 85 -25.27 23.37 15.60
C TRP C 85 -26.47 22.51 15.51
N VAL C 86 -26.29 21.20 15.56
CA VAL C 86 -27.47 20.33 15.52
C VAL C 86 -28.29 20.44 16.80
N ASN C 87 -27.63 20.39 17.94
CA ASN C 87 -28.31 20.28 19.18
C ASN C 87 -28.56 21.55 19.90
N PHE C 88 -27.83 22.61 19.58
CA PHE C 88 -28.08 23.88 20.28
C PHE C 88 -28.19 25.03 19.34
N ARG C 89 -27.99 24.75 18.08
CA ARG C 89 -27.95 25.81 17.09
C ARG C 89 -26.93 26.93 17.42
N LEU C 90 -25.80 26.55 17.99
CA LEU C 90 -24.73 27.51 18.35
C LEU C 90 -23.64 27.56 17.28
N PRO C 91 -23.47 28.73 16.62
CA PRO C 91 -22.59 28.82 15.45
C PRO C 91 -21.09 28.95 15.76
N PHE C 92 -20.60 28.31 16.81
CA PHE C 92 -19.17 28.34 17.04
C PHE C 92 -18.43 26.97 16.96
N GLY C 93 -19.09 25.99 16.37
CA GLY C 93 -18.54 24.62 16.24
C GLY C 93 -17.07 24.48 15.87
N ALA C 94 -16.74 24.82 14.63
CA ALA C 94 -15.37 24.73 14.14
C ALA C 94 -14.34 25.54 14.98
N VAL C 95 -14.60 26.84 15.13
CA VAL C 95 -13.85 27.71 16.00
C VAL C 95 -13.67 27.13 17.41
N PHE C 96 -14.71 26.57 18.00
CA PHE C 96 -14.59 25.91 19.32
C PHE C 96 -13.43 24.86 19.37
N ALA C 97 -13.33 24.08 18.28
CA ALA C 97 -12.40 22.95 18.16
C ALA C 97 -11.03 23.45 17.77
N ALA C 98 -11.02 24.18 16.66
CA ALA C 98 -9.79 24.80 16.18
C ALA C 98 -9.01 25.58 17.25
N LEU C 99 -9.72 26.37 18.05
CA LEU C 99 -9.06 27.19 19.04
C LEU C 99 -8.58 26.32 20.17
N GLY C 100 -9.43 25.40 20.58
CA GLY C 100 -9.02 24.47 21.62
C GLY C 100 -7.69 23.82 21.29
N LEU C 101 -7.58 23.37 20.05
CA LEU C 101 -6.33 22.83 19.54
C LEU C 101 -5.20 23.84 19.71
N LEU C 102 -5.42 25.01 19.12
CA LEU C 102 -4.43 26.05 19.08
C LEU C 102 -3.87 26.47 20.43
N ILE C 103 -4.73 26.53 21.45
CA ILE C 103 -4.29 26.69 22.83
C ILE C 103 -3.46 25.50 23.30
N GLY C 104 -4.06 24.31 23.26
CA GLY C 104 -3.37 23.10 23.66
C GLY C 104 -2.00 22.85 23.03
N GLU C 105 -1.83 23.27 21.76
CA GLU C 105 -0.54 23.28 21.06
C GLU C 105 0.38 24.31 21.73
N TRP C 106 0.02 25.61 21.56
CA TRP C 106 0.78 26.78 22.00
C TRP C 106 1.31 26.66 23.36
N ILE C 107 0.42 26.38 24.33
CA ILE C 107 0.85 26.15 25.72
C ILE C 107 2.04 25.22 25.73
N ASN C 108 1.85 24.04 25.12
CA ASN C 108 2.90 23.02 25.10
C ASN C 108 4.16 23.46 24.35
N ARG C 109 3.93 24.18 23.24
CA ARG C 109 5.02 24.72 22.43
C ARG C 109 5.91 25.58 23.29
N TYR C 110 5.29 26.51 24.01
CA TYR C 110 6.01 27.38 24.91
C TYR C 110 6.53 26.58 26.10
N VAL C 111 5.69 26.33 27.10
CA VAL C 111 6.08 25.57 28.30
C VAL C 111 7.06 24.38 28.10
N ASN C 112 6.96 23.67 26.98
CA ASN C 112 7.79 22.47 26.77
C ASN C 112 8.81 22.52 25.64
N PHE C 113 8.36 22.69 24.41
CA PHE C 113 9.30 22.78 23.29
C PHE C 113 10.39 23.83 23.56
N TRP C 114 9.95 24.91 24.17
CA TRP C 114 10.82 25.98 24.56
C TRP C 114 11.24 25.78 25.99
N GLY C 115 10.36 26.10 26.94
CA GLY C 115 10.68 26.08 28.36
C GLY C 115 11.23 24.79 28.99
N TRP C 116 11.12 23.66 28.29
CA TRP C 116 11.77 22.43 28.76
C TRP C 116 13.04 22.10 28.05
N THR C 117 13.09 22.26 26.75
CA THR C 117 14.18 21.76 25.96
C THR C 117 14.91 22.85 25.21
N TYR C 118 14.24 23.99 25.12
CA TYR C 118 14.83 25.26 24.67
C TYR C 118 15.03 25.34 23.18
N PHE C 119 14.10 24.77 22.43
CA PHE C 119 14.05 25.09 21.02
C PHE C 119 13.31 26.39 20.94
N PRO C 120 13.83 27.35 20.17
CA PRO C 120 13.22 28.66 20.20
C PRO C 120 11.96 28.72 19.33
N ILE C 121 10.92 29.31 19.93
CA ILE C 121 9.58 29.42 19.36
C ILE C 121 9.56 29.63 17.85
N SER C 122 10.53 30.37 17.33
CA SER C 122 10.61 30.60 15.91
C SER C 122 10.70 29.27 15.16
N LEU C 123 11.26 28.23 15.81
CA LEU C 123 11.32 26.89 15.21
C LEU C 123 10.01 26.09 15.40
N VAL C 124 9.44 26.18 16.60
CA VAL C 124 8.37 25.27 17.03
C VAL C 124 6.92 25.82 17.00
N PHE C 125 6.69 26.93 16.32
CA PHE C 125 5.37 27.55 16.43
C PHE C 125 4.39 26.89 15.47
N PRO C 126 3.13 26.65 15.94
CA PRO C 126 2.00 25.98 15.25
C PRO C 126 1.41 26.66 14.00
N SER C 127 0.70 25.85 13.21
CA SER C 127 -0.03 26.35 12.02
C SER C 127 -1.29 27.09 12.45
N ALA C 128 -1.53 28.24 11.80
CA ALA C 128 -2.73 29.08 12.04
C ALA C 128 -4.01 28.51 11.45
N LEU C 129 -5.06 28.44 12.29
CA LEU C 129 -6.32 27.76 11.92
C LEU C 129 -7.60 28.57 12.03
N ILE C 130 -7.54 29.66 12.79
CA ILE C 130 -8.76 30.30 13.23
C ILE C 130 -9.52 31.03 12.14
N VAL C 131 -8.81 31.69 11.23
CA VAL C 131 -9.48 32.25 10.05
C VAL C 131 -10.33 31.19 9.33
N PRO C 132 -9.70 30.08 8.84
CA PRO C 132 -10.58 29.06 8.21
C PRO C 132 -11.69 28.56 9.15
N ALA C 133 -11.39 28.38 10.44
CA ALA C 133 -12.40 27.96 11.44
C ALA C 133 -13.59 28.90 11.54
N ILE C 134 -13.30 30.21 11.54
CA ILE C 134 -14.36 31.24 11.45
C ILE C 134 -15.17 31.09 10.17
N TRP C 135 -14.47 31.01 9.02
CA TRP C 135 -15.11 30.92 7.74
C TRP C 135 -16.03 29.77 7.67
N LEU C 136 -15.62 28.66 8.27
CA LEU C 136 -16.47 27.49 8.28
C LEU C 136 -17.76 27.76 9.06
N ASP C 137 -17.62 28.16 10.32
CA ASP C 137 -18.77 28.49 11.16
C ASP C 137 -19.77 29.45 10.55
N VAL C 138 -19.27 30.42 9.80
CA VAL C 138 -20.13 31.40 9.13
C VAL C 138 -20.81 30.87 7.87
N ILE C 139 -20.23 29.90 7.19
CA ILE C 139 -21.03 29.25 6.15
C ILE C 139 -22.21 28.41 6.74
N LEU C 140 -22.00 27.86 7.92
CA LEU C 140 -23.07 27.14 8.54
C LEU C 140 -24.04 28.10 9.26
N LEU C 141 -23.52 29.24 9.71
CA LEU C 141 -24.40 30.19 10.34
C LEU C 141 -25.32 30.77 9.29
N LEU C 142 -24.75 31.20 8.18
CA LEU C 142 -25.56 31.81 7.14
C LEU C 142 -26.50 30.78 6.52
N SER C 143 -26.04 29.92 5.62
CA SER C 143 -26.93 28.83 5.14
C SER C 143 -27.02 27.88 6.30
N GLY C 144 -28.23 27.53 6.68
CA GLY C 144 -28.38 26.67 7.83
C GLY C 144 -27.89 25.27 7.56
N SER C 145 -27.55 24.95 6.30
CA SER C 145 -27.21 23.56 5.85
C SER C 145 -25.76 23.10 5.94
N TYR C 146 -25.57 21.93 6.57
CA TYR C 146 -24.24 21.32 6.65
C TYR C 146 -23.85 20.72 5.28
N VAL C 147 -24.81 20.55 4.37
CA VAL C 147 -24.47 20.09 3.05
C VAL C 147 -23.79 21.26 2.38
N ILE C 148 -24.37 22.47 2.49
CA ILE C 148 -23.69 23.62 1.87
C ILE C 148 -22.33 23.88 2.55
N THR C 149 -22.37 23.80 3.88
CA THR C 149 -21.16 23.98 4.66
C THR C 149 -20.10 23.02 4.11
N ALA C 150 -20.42 21.72 4.05
CA ALA C 150 -19.51 20.70 3.55
C ALA C 150 -18.90 21.06 2.22
N VAL C 151 -19.62 21.79 1.35
CA VAL C 151 -19.04 22.19 0.05
C VAL C 151 -18.32 23.53 0.07
N VAL C 152 -19.07 24.63 0.19
CA VAL C 152 -18.40 25.96 0.17
C VAL C 152 -17.71 26.32 1.48
N GLY C 153 -18.09 25.64 2.57
CA GLY C 153 -17.45 25.82 3.88
C GLY C 153 -16.06 25.24 3.79
N SER C 154 -15.98 23.94 3.54
CA SER C 154 -14.69 23.25 3.48
C SER C 154 -13.74 23.69 2.30
N LEU C 155 -14.33 24.12 1.19
CA LEU C 155 -13.48 24.67 0.17
C LEU C 155 -12.80 25.90 0.75
N GLY C 156 -13.58 26.77 1.41
CA GLY C 156 -13.08 28.05 1.93
C GLY C 156 -11.97 27.79 2.89
N TRP C 157 -12.29 26.94 3.86
CA TRP C 157 -11.33 26.45 4.84
C TRP C 157 -9.98 26.07 4.28
N GLY C 158 -9.98 25.42 3.11
CA GLY C 158 -8.76 24.97 2.45
C GLY C 158 -7.94 26.12 1.89
N LEU C 159 -8.65 27.09 1.33
CA LEU C 159 -7.95 28.15 0.64
C LEU C 159 -7.28 29.09 1.64
N LEU C 160 -8.07 29.57 2.60
CA LEU C 160 -7.60 30.46 3.65
C LEU C 160 -6.41 29.99 4.49
N PHE C 161 -6.13 28.68 4.47
CA PHE C 161 -5.09 28.15 5.35
C PHE C 161 -3.75 28.84 5.18
N TYR C 162 -3.24 28.77 3.95
CA TYR C 162 -1.93 29.33 3.65
C TYR C 162 -1.89 30.87 3.77
N PRO C 163 -2.82 31.56 3.04
CA PRO C 163 -3.06 32.98 3.24
C PRO C 163 -3.10 33.38 4.70
N ASN C 164 -3.82 32.69 5.57
CA ASN C 164 -3.80 33.10 6.97
C ASN C 164 -2.54 32.67 7.74
N ASN C 165 -1.75 31.80 7.12
CA ASN C 165 -0.46 31.48 7.70
C ASN C 165 0.69 32.37 7.24
N TRP C 166 0.62 32.82 5.98
CA TRP C 166 1.64 33.72 5.42
C TRP C 166 2.15 34.85 6.30
N PRO C 167 1.27 35.53 7.08
CA PRO C 167 1.73 36.58 7.98
C PRO C 167 2.75 36.17 8.99
N ALA C 168 2.65 34.92 9.44
CA ALA C 168 3.54 34.40 10.47
C ALA C 168 4.83 33.83 9.89
N ILE C 169 4.65 33.23 8.72
CA ILE C 169 5.66 32.41 8.10
C ILE C 169 6.67 33.18 7.20
N ALA C 170 6.17 34.07 6.34
CA ALA C 170 6.99 34.85 5.42
C ALA C 170 8.36 35.21 6.03
N ALA C 171 8.30 35.82 7.21
CA ALA C 171 9.48 36.25 7.99
C ALA C 171 10.67 35.32 7.75
N PHE C 172 10.44 34.02 7.89
CA PHE C 172 11.48 33.03 7.90
C PHE C 172 11.70 32.47 6.53
N HIS C 173 11.01 33.02 5.52
CA HIS C 173 11.23 32.56 4.17
C HIS C 173 12.16 33.45 3.42
N GLN C 174 12.80 34.36 4.16
CA GLN C 174 13.88 35.23 3.66
C GLN C 174 15.14 34.44 3.45
N ALA C 175 15.87 34.81 2.39
CA ALA C 175 17.14 34.13 1.97
C ALA C 175 18.43 34.56 2.74
N THR C 176 19.27 33.56 2.97
CA THR C 176 20.57 33.80 3.52
C THR C 176 21.55 32.97 2.71
N GLU C 177 22.75 33.51 2.59
CA GLU C 177 23.85 32.90 1.86
C GLU C 177 24.63 32.12 2.88
N GLN C 178 24.88 30.85 2.62
CA GLN C 178 25.56 30.03 3.61
C GLN C 178 26.62 29.10 3.01
N HIS C 179 27.89 29.49 3.16
CA HIS C 179 28.98 28.81 2.50
C HIS C 179 28.60 28.59 1.11
N GLY C 180 28.30 29.70 0.44
CA GLY C 180 28.12 29.76 -1.02
C GLY C 180 26.98 28.90 -1.53
N GLN C 181 25.90 28.88 -0.75
CA GLN C 181 24.69 28.10 -1.03
C GLN C 181 23.62 28.96 -0.46
N LEU C 182 22.42 28.77 -0.95
CA LEU C 182 21.26 29.47 -0.42
C LEU C 182 20.50 28.70 0.66
N MET C 183 20.10 29.38 1.72
CA MET C 183 19.10 28.80 2.61
C MET C 183 17.94 29.78 2.84
N THR C 184 16.82 29.34 3.36
CA THR C 184 15.88 30.26 3.97
C THR C 184 16.26 30.36 5.43
N LEU C 185 15.76 31.36 6.14
CA LEU C 185 15.98 31.44 7.58
C LEU C 185 15.50 30.19 8.29
N ALA C 186 14.29 29.73 7.95
CA ALA C 186 13.76 28.50 8.55
C ALA C 186 14.75 27.32 8.37
N ASP C 187 15.03 26.94 7.11
CA ASP C 187 16.02 25.92 6.83
C ASP C 187 17.08 25.98 7.88
N LEU C 188 17.60 27.19 8.08
CA LEU C 188 18.71 27.46 8.96
C LEU C 188 18.31 27.30 10.41
N ILE C 189 17.17 27.86 10.80
CA ILE C 189 16.74 27.77 12.19
C ILE C 189 16.76 26.31 12.65
N GLY C 190 16.23 25.48 11.76
CA GLY C 190 16.19 24.06 11.98
C GLY C 190 17.61 23.55 12.06
N PHE C 191 18.46 24.08 11.18
CA PHE C 191 19.84 23.63 11.11
C PHE C 191 20.59 23.96 12.37
N HIS C 192 20.33 25.15 12.89
CA HIS C 192 21.00 25.64 14.07
C HIS C 192 20.59 24.82 15.25
N PHE C 193 19.34 24.91 15.66
CA PHE C 193 18.96 24.39 16.96
C PHE C 193 18.80 22.89 16.94
N VAL C 194 19.88 22.18 17.20
CA VAL C 194 19.98 20.73 16.93
C VAL C 194 18.88 19.79 17.52
N ARG C 195 18.07 19.23 16.61
CA ARG C 195 17.16 18.14 16.92
C ARG C 195 17.84 16.75 16.77
N THR C 196 17.97 16.06 17.89
CA THR C 196 18.58 14.75 17.94
C THR C 196 17.98 13.68 17.03
N SER C 197 16.87 13.96 16.37
CA SER C 197 16.23 12.97 15.49
C SER C 197 15.43 13.66 14.40
N MET C 198 16.10 14.47 13.59
CA MET C 198 15.34 15.23 12.60
C MET C 198 16.12 15.56 11.32
N PRO C 199 16.75 14.58 10.69
CA PRO C 199 17.52 14.85 9.50
C PRO C 199 16.69 15.39 8.36
N GLU C 200 17.13 16.47 7.70
CA GLU C 200 16.56 16.87 6.41
C GLU C 200 16.66 15.63 5.53
N TYR C 201 15.57 15.19 4.92
CA TYR C 201 15.49 13.92 4.16
C TYR C 201 14.35 13.12 4.73
N ILE C 202 14.00 13.47 5.96
CA ILE C 202 12.80 12.98 6.64
C ILE C 202 11.65 13.97 6.37
N ARG C 203 11.99 15.14 5.84
CA ARG C 203 11.14 16.29 5.95
C ARG C 203 9.76 16.14 5.41
N MET C 204 9.55 15.44 4.29
CA MET C 204 8.19 15.37 3.74
C MET C 204 7.66 16.70 3.18
N VAL C 205 8.54 17.44 2.47
CA VAL C 205 8.26 18.76 1.93
C VAL C 205 8.53 18.79 0.43
N GLU C 206 8.16 19.91 -0.18
CA GLU C 206 8.35 20.12 -1.62
C GLU C 206 9.80 19.95 -1.95
N ARG C 207 10.10 19.07 -2.91
CA ARG C 207 11.46 19.02 -3.46
C ARG C 207 11.52 19.13 -5.00
N GLY C 208 10.36 19.32 -5.62
CA GLY C 208 10.29 19.65 -7.05
C GLY C 208 9.98 18.45 -7.92
N THR C 209 9.13 18.65 -8.94
CA THR C 209 8.94 17.64 -9.98
C THR C 209 8.98 18.21 -11.40
N LEU C 210 9.24 17.34 -12.38
CA LEU C 210 9.11 17.75 -13.75
C LEU C 210 7.66 18.08 -14.10
N ARG C 211 6.72 17.64 -13.26
CA ARG C 211 5.31 17.87 -13.58
C ARG C 211 4.76 19.20 -13.07
N THR C 212 5.58 19.98 -12.36
CA THR C 212 5.18 21.31 -11.95
C THR C 212 5.26 22.27 -13.15
N PHE C 213 4.15 22.89 -13.53
CA PHE C 213 4.15 23.93 -14.55
C PHE C 213 3.57 25.18 -13.94
N GLY C 214 4.25 26.31 -14.10
CA GLY C 214 4.04 27.45 -13.22
C GLY C 214 4.98 27.11 -12.09
N LYS C 215 5.05 27.88 -11.00
CA LYS C 215 4.28 29.08 -10.66
C LYS C 215 2.87 28.82 -10.18
N ASP C 216 2.64 27.65 -9.58
CA ASP C 216 1.31 27.28 -9.05
C ASP C 216 1.38 26.41 -7.80
N VAL C 217 2.59 26.06 -7.37
CA VAL C 217 2.83 25.08 -6.32
C VAL C 217 1.86 25.18 -5.15
N VAL C 218 1.57 26.41 -4.72
CA VAL C 218 0.65 26.61 -3.58
C VAL C 218 -0.84 26.65 -3.94
N PRO C 219 -1.25 27.46 -4.95
CA PRO C 219 -2.64 27.42 -5.45
C PRO C 219 -3.20 26.03 -5.62
N VAL C 220 -2.55 25.18 -6.45
CA VAL C 220 -3.02 23.77 -6.57
C VAL C 220 -3.08 23.04 -5.23
N ALA C 221 -2.04 23.22 -4.42
CA ALA C 221 -1.99 22.64 -3.10
C ALA C 221 -3.18 23.08 -2.27
N ALA C 222 -3.45 24.39 -2.20
CA ALA C 222 -4.60 24.83 -1.39
C ALA C 222 -5.99 24.46 -2.01
N PHE C 223 -6.04 24.28 -3.33
CA PHE C 223 -7.27 23.83 -3.94
C PHE C 223 -7.48 22.39 -3.61
N PHE C 224 -6.57 21.54 -4.03
CA PHE C 224 -6.60 20.14 -3.64
C PHE C 224 -6.98 19.98 -2.19
N SER C 225 -6.45 20.84 -1.32
CA SER C 225 -6.70 20.72 0.13
C SER C 225 -8.12 21.06 0.52
N GLY C 226 -8.73 22.00 -0.20
CA GLY C 226 -10.16 22.29 -0.04
C GLY C 226 -11.06 21.15 -0.53
N PHE C 227 -10.88 20.75 -1.79
CA PHE C 227 -11.70 19.71 -2.45
C PHE C 227 -11.79 18.42 -1.68
N VAL C 228 -10.65 18.00 -1.13
CA VAL C 228 -10.60 16.79 -0.32
C VAL C 228 -11.32 17.07 1.00
N SER C 229 -11.15 18.29 1.54
CA SER C 229 -11.73 18.55 2.84
C SER C 229 -13.24 18.43 2.81
N MET C 230 -13.80 18.58 1.62
CA MET C 230 -15.23 18.37 1.41
C MET C 230 -15.69 17.00 1.83
N MET C 231 -14.94 15.99 1.41
CA MET C 231 -15.27 14.65 1.82
C MET C 231 -14.94 14.40 3.27
N VAL C 232 -13.75 14.79 3.71
CA VAL C 232 -13.43 14.61 5.12
C VAL C 232 -14.59 15.13 5.97
N TYR C 233 -15.14 16.26 5.54
CA TYR C 233 -16.15 16.96 6.29
C TYR C 233 -17.42 16.15 6.43
N PHE C 234 -17.98 15.71 5.33
CA PHE C 234 -19.14 14.88 5.40
C PHE C 234 -18.92 13.73 6.35
N LEU C 235 -17.87 12.94 6.11
CA LEU C 235 -17.66 11.78 6.94
C LEU C 235 -17.61 12.25 8.40
N TRP C 236 -16.87 13.32 8.68
CA TRP C 236 -16.69 13.78 10.06
C TRP C 236 -17.90 14.42 10.68
N TRP C 237 -18.77 14.98 9.85
CA TRP C 237 -20.06 15.46 10.30
C TRP C 237 -20.81 14.30 10.84
N PHE C 238 -21.07 13.29 10.01
CA PHE C 238 -21.82 12.12 10.49
C PHE C 238 -21.19 11.38 11.68
N MET C 239 -19.87 11.36 11.76
CA MET C 239 -19.30 10.76 12.93
C MET C 239 -19.64 11.64 14.11
N GLY C 240 -19.69 12.95 13.87
CA GLY C 240 -20.09 13.88 14.91
C GLY C 240 -21.47 13.50 15.37
N ARG C 241 -22.22 12.84 14.51
CA ARG C 241 -23.54 12.43 14.86
C ARG C 241 -23.50 11.17 15.68
N TRP C 242 -22.88 10.08 15.18
CA TRP C 242 -22.88 8.85 15.97
C TRP C 242 -22.34 9.19 17.30
N TYR C 243 -21.34 10.09 17.33
CA TYR C 243 -20.65 10.45 18.58
C TYR C 243 -21.59 11.11 19.56
N SER C 244 -22.65 11.74 19.04
CA SER C 244 -23.68 12.41 19.85
C SER C 244 -24.82 11.46 20.27
N THR C 245 -24.58 10.15 20.24
CA THR C 245 -25.66 9.20 20.43
C THR C 245 -26.13 8.99 21.88
N THR C 246 -27.44 9.14 22.05
CA THR C 246 -28.12 8.98 23.34
C THR C 246 -28.66 7.59 23.50
N LYS C 247 -28.17 6.68 22.68
CA LYS C 247 -28.53 5.29 22.76
C LYS C 247 -28.03 4.68 24.06
N VAL C 248 -28.83 3.74 24.57
CA VAL C 248 -28.54 2.98 25.78
C VAL C 248 -28.65 1.50 25.42
N ILE C 249 -27.81 0.67 26.02
CA ILE C 249 -27.75 -0.71 25.57
C ILE C 249 -27.84 -1.67 26.75
N ASP C 250 -28.03 -2.96 26.46
CA ASP C 250 -28.43 -3.97 27.45
C ASP C 250 -27.32 -4.73 28.12
N THR C 251 -26.28 -5.10 27.37
CA THR C 251 -25.21 -5.93 27.95
C THR C 251 -23.78 -5.54 27.55
N ILE C 252 -22.81 -5.92 28.39
CA ILE C 252 -21.40 -5.84 28.04
C ILE C 252 -20.62 -7.12 28.45
N HIS D 29 22.73 9.31 23.66
CA HIS D 29 23.51 8.73 24.79
C HIS D 29 23.09 7.29 24.97
N GLY D 30 22.22 6.87 24.06
CA GLY D 30 21.74 5.51 24.04
C GLY D 30 22.82 4.49 23.76
N GLU D 31 23.73 4.83 22.87
CA GLU D 31 24.63 3.87 22.23
C GLU D 31 24.68 2.45 22.84
N LYS D 32 25.01 2.36 24.13
CA LYS D 32 25.14 1.08 24.87
C LYS D 32 24.05 0.07 24.54
N SER D 33 22.84 0.55 24.31
CA SER D 33 21.67 -0.28 24.20
C SER D 33 21.39 -0.77 22.80
N GLN D 34 21.88 -0.08 21.76
CA GLN D 34 21.64 -0.49 20.35
C GLN D 34 22.31 -1.79 20.04
N GLN D 35 21.77 -2.56 19.09
CA GLN D 35 22.30 -3.92 18.83
C GLN D 35 23.82 -3.85 18.59
N ALA D 36 24.57 -4.69 19.29
CA ALA D 36 26.02 -4.65 19.20
C ALA D 36 26.48 -4.68 17.77
N PHE D 37 26.17 -5.78 17.09
CA PHE D 37 26.71 -6.04 15.76
C PHE D 37 26.49 -4.92 14.77
N LEU D 38 25.33 -4.27 14.81
CA LEU D 38 25.06 -3.15 13.91
C LEU D 38 26.01 -2.00 14.16
N ARG D 39 26.17 -1.65 15.43
CA ARG D 39 27.06 -0.57 15.86
C ARG D 39 28.47 -0.79 15.31
N MET D 40 28.88 -2.07 15.26
CA MET D 40 30.16 -2.51 14.68
C MET D 40 30.18 -2.54 13.16
N ARG D 41 29.16 -3.11 12.54
CA ARG D 41 29.22 -3.39 11.12
C ARG D 41 28.57 -2.33 10.21
N THR D 42 28.63 -1.08 10.66
CA THR D 42 28.11 0.03 9.86
C THR D 42 29.15 1.16 9.68
N LEU D 43 29.27 1.97 10.73
CA LEU D 43 30.19 3.10 10.77
C LEU D 43 31.28 2.92 11.82
N ASN D 44 32.50 3.02 11.29
CA ASN D 44 33.75 2.83 12.01
C ASN D 44 34.40 4.20 12.20
N TRP D 45 34.33 4.66 13.44
CA TRP D 45 34.65 6.05 13.78
C TRP D 45 36.10 6.10 14.13
N TYR D 46 36.81 7.12 13.65
CA TYR D 46 38.19 7.38 14.13
C TYR D 46 38.61 8.85 14.11
N ASP D 47 39.68 9.12 14.86
CA ASP D 47 40.39 10.40 14.79
C ASP D 47 39.42 11.50 15.12
N VAL D 48 38.67 11.28 16.19
CA VAL D 48 37.61 12.21 16.53
C VAL D 48 38.13 13.24 17.53
N GLN D 49 37.75 14.49 17.31
CA GLN D 49 38.36 15.57 18.06
C GLN D 49 37.42 16.70 18.36
N TRP D 50 37.40 17.07 19.63
CA TRP D 50 36.71 18.27 20.09
C TRP D 50 37.67 19.40 20.39
N SER D 51 37.96 20.22 19.36
CA SER D 51 38.52 21.58 19.49
C SER D 51 38.79 22.06 20.94
N LYS D 52 37.75 22.35 21.71
CA LYS D 52 37.92 22.79 23.10
C LYS D 52 36.93 22.11 24.03
N THR D 53 37.35 21.50 25.11
CA THR D 53 36.36 20.85 25.92
C THR D 53 35.89 21.68 27.11
N THR D 54 35.98 23.01 26.96
CA THR D 54 35.25 24.01 27.79
C THR D 54 34.88 25.19 26.88
N VAL D 55 33.78 25.88 27.18
CA VAL D 55 33.33 27.03 26.36
C VAL D 55 32.47 28.07 27.08
N ASN D 56 32.61 29.32 26.60
CA ASN D 56 31.72 30.41 26.99
C ASN D 56 30.51 30.38 26.11
N VAL D 57 29.40 30.89 26.64
CA VAL D 57 28.23 31.15 25.84
C VAL D 57 28.70 32.03 24.69
N ASN D 58 28.48 31.55 23.46
CA ASN D 58 28.90 32.22 22.22
C ASN D 58 30.30 31.82 21.79
N GLU D 59 30.95 30.93 22.54
CA GLU D 59 32.31 30.47 22.19
C GLU D 59 32.37 29.27 21.20
N GLU D 60 32.98 29.53 20.05
CA GLU D 60 32.81 28.73 18.85
C GLU D 60 33.59 27.42 18.72
N MET D 61 33.44 26.50 19.68
CA MET D 61 34.09 25.16 19.56
C MET D 61 33.80 24.36 18.23
N VAL D 62 34.64 23.35 17.91
CA VAL D 62 34.43 22.49 16.71
C VAL D 62 34.86 21.02 16.85
N LEU D 63 33.85 20.16 16.82
CA LEU D 63 33.99 18.71 16.75
C LEU D 63 34.06 18.14 15.29
N SER D 64 35.05 17.28 15.08
CA SER D 64 35.42 16.80 13.76
C SER D 64 36.04 15.41 13.83
N GLY D 65 36.08 14.75 12.67
CA GLY D 65 36.58 13.39 12.59
C GLY D 65 36.42 12.76 11.23
N LYS D 66 36.74 11.47 11.18
CA LYS D 66 36.65 10.69 9.96
C LYS D 66 35.92 9.40 10.28
N VAL D 67 35.27 8.83 9.26
CA VAL D 67 34.50 7.60 9.46
C VAL D 67 34.53 6.67 8.23
N HIS D 68 34.62 5.37 8.50
CA HIS D 68 34.66 4.36 7.46
C HIS D 68 33.34 3.64 7.36
N VAL D 69 32.72 3.79 6.18
CA VAL D 69 31.50 3.06 5.76
C VAL D 69 31.82 1.59 5.52
N PHE D 70 31.55 0.77 6.53
CA PHE D 70 31.82 -0.67 6.49
C PHE D 70 31.37 -1.30 5.18
N SER D 71 31.90 -2.48 4.86
CA SER D 71 31.70 -3.00 3.51
C SER D 71 30.62 -4.04 3.42
N ALA D 72 30.44 -4.83 4.49
CA ALA D 72 29.44 -5.91 4.52
C ALA D 72 28.13 -5.44 5.14
N TRP D 73 27.79 -4.21 4.80
CA TRP D 73 26.64 -3.44 5.32
C TRP D 73 25.43 -4.30 5.53
N PRO D 74 24.94 -4.34 6.78
CA PRO D 74 23.93 -5.35 7.17
C PRO D 74 22.63 -5.17 6.40
N GLN D 75 21.91 -6.27 6.14
CA GLN D 75 20.64 -6.19 5.40
C GLN D 75 19.72 -5.35 6.22
N ALA D 76 19.83 -5.52 7.53
CA ALA D 76 19.06 -4.79 8.52
C ALA D 76 18.95 -3.27 8.30
N VAL D 77 19.99 -2.64 7.78
CA VAL D 77 20.02 -1.20 7.61
C VAL D 77 20.06 -0.81 6.14
N ALA D 78 19.31 0.23 5.81
CA ALA D 78 19.24 0.69 4.42
C ALA D 78 20.59 1.08 3.95
N ASN D 79 20.80 0.96 2.66
CA ASN D 79 21.88 1.65 2.00
C ASN D 79 22.09 3.11 2.51
N PRO D 80 23.35 3.49 2.74
CA PRO D 80 23.59 4.87 3.20
C PRO D 80 23.67 5.84 2.05
N ARG D 81 23.25 5.39 0.87
CA ARG D 81 22.88 6.27 -0.23
C ARG D 81 22.32 7.63 0.21
N VAL D 82 21.52 7.63 1.27
CA VAL D 82 20.89 8.84 1.83
C VAL D 82 21.20 8.89 3.33
N SER D 83 21.90 9.93 3.78
CA SER D 83 22.35 10.07 5.17
C SER D 83 22.38 11.52 5.67
N PHE D 84 22.60 11.70 6.97
CA PHE D 84 22.63 13.05 7.53
C PHE D 84 23.59 13.20 8.72
N LEU D 85 24.45 14.22 8.63
CA LEU D 85 25.42 14.45 9.68
C LEU D 85 24.84 15.26 10.80
N ASN D 86 25.07 14.81 12.03
CA ASN D 86 24.58 15.53 13.16
C ASN D 86 25.52 15.49 14.33
N ALA D 87 25.22 16.29 15.34
CA ALA D 87 25.95 16.25 16.59
C ALA D 87 25.04 15.87 17.72
N GLY D 88 25.40 14.79 18.43
CA GLY D 88 24.51 14.21 19.46
C GLY D 88 24.47 14.92 20.81
N GLU D 89 23.53 15.84 20.99
CA GLU D 89 23.47 16.66 22.19
C GLU D 89 22.02 16.85 22.67
N PRO D 90 21.80 16.77 24.01
CA PRO D 90 20.48 17.05 24.65
C PRO D 90 19.82 18.41 24.31
N GLY D 91 19.23 18.50 23.12
CA GLY D 91 18.56 19.73 22.72
C GLY D 91 19.62 20.60 22.12
N PRO D 92 19.33 21.91 21.94
CA PRO D 92 20.36 22.80 21.39
C PRO D 92 21.15 23.50 22.49
N VAL D 93 21.82 22.71 23.33
CA VAL D 93 22.82 23.17 24.29
C VAL D 93 23.99 23.89 23.61
N LEU D 94 24.27 23.47 22.39
CA LEU D 94 25.16 24.21 21.53
C LEU D 94 24.43 24.41 20.24
N VAL D 95 24.41 25.62 19.69
CA VAL D 95 23.96 25.79 18.29
C VAL D 95 24.96 25.12 17.33
N ARG D 96 24.49 24.77 16.14
CA ARG D 96 25.37 24.39 15.04
C ARG D 96 25.45 25.55 14.05
N THR D 97 26.64 26.12 13.93
CA THR D 97 26.92 27.24 13.04
C THR D 97 27.02 26.80 11.59
N ALA D 98 27.76 25.70 11.36
CA ALA D 98 27.83 25.02 10.04
C ALA D 98 28.41 23.61 10.25
N GLN D 99 28.35 22.76 9.22
CA GLN D 99 28.93 21.43 9.32
C GLN D 99 29.18 20.95 7.91
N PHE D 100 30.20 20.09 7.80
CA PHE D 100 30.71 19.63 6.52
C PHE D 100 31.09 18.18 6.65
N ILE D 101 30.77 17.42 5.62
CA ILE D 101 31.28 16.07 5.46
C ILE D 101 31.65 15.88 4.02
N GLY D 102 32.40 14.79 3.76
CA GLY D 102 32.89 14.40 2.41
C GLY D 102 33.39 15.58 1.60
N GLU D 103 33.91 16.57 2.34
CA GLU D 103 34.38 17.84 1.84
C GLU D 103 33.27 18.68 1.26
N GLN D 104 32.14 18.72 1.95
CA GLN D 104 31.05 19.62 1.59
C GLN D 104 30.33 20.22 2.79
N PHE D 105 29.75 21.39 2.55
CA PHE D 105 28.76 21.93 3.44
C PHE D 105 27.61 20.95 3.47
N ALA D 106 27.30 20.43 4.66
CA ALA D 106 26.26 19.39 4.81
C ALA D 106 25.04 19.77 5.67
N PRO D 107 24.26 20.80 5.26
CA PRO D 107 23.10 21.10 6.06
C PRO D 107 21.86 20.27 5.59
N ARG D 108 22.06 19.43 4.57
CA ARG D 108 21.04 18.57 4.00
C ARG D 108 21.52 17.13 3.89
N SER D 109 20.76 16.29 3.18
CA SER D 109 21.06 14.85 3.09
C SER D 109 22.17 14.61 2.09
N VAL D 110 22.90 13.51 2.32
CA VAL D 110 24.16 13.21 1.60
C VAL D 110 24.33 11.72 1.41
N SER D 111 25.03 11.31 0.36
CA SER D 111 25.21 9.90 0.09
C SER D 111 26.53 9.43 0.67
N LEU D 112 26.56 8.27 1.30
CA LEU D 112 27.82 7.63 1.60
C LEU D 112 27.89 6.35 0.80
N GLU D 113 29.00 6.12 0.11
CA GLU D 113 29.19 4.85 -0.59
C GLU D 113 29.77 3.82 0.35
N ILE D 114 29.42 2.58 0.09
CA ILE D 114 29.79 1.49 0.98
C ILE D 114 31.26 1.05 0.80
N GLY D 115 32.09 1.36 1.79
CA GLY D 115 33.46 0.91 1.80
C GLY D 115 34.46 2.04 1.70
N LYS D 116 33.98 3.28 1.59
CA LYS D 116 34.88 4.42 1.59
C LYS D 116 34.98 5.01 3.02
N ASP D 117 35.86 5.97 3.21
CA ASP D 117 35.85 6.77 4.43
C ASP D 117 35.54 8.20 4.05
N TYR D 118 35.10 8.97 5.03
CA TYR D 118 34.74 10.36 4.77
C TYR D 118 35.20 11.22 5.92
N ALA D 119 35.55 12.47 5.63
CA ALA D 119 35.91 13.35 6.73
C ALA D 119 34.85 14.39 7.02
N PHE D 120 34.69 14.73 8.30
CA PHE D 120 33.63 15.65 8.72
C PHE D 120 33.99 16.62 9.84
N SER D 121 33.21 17.70 9.94
CA SER D 121 33.34 18.64 11.05
C SER D 121 32.05 19.47 11.25
N ILE D 122 31.86 19.91 12.48
CA ILE D 122 30.66 20.63 12.89
C ILE D 122 31.04 21.81 13.80
N ASN D 123 30.77 23.02 13.34
CA ASN D 123 30.99 24.20 14.15
C ASN D 123 29.87 24.40 15.13
N LEU D 124 30.23 24.46 16.41
CA LEU D 124 29.24 24.44 17.48
C LEU D 124 29.36 25.62 18.41
N ARG D 125 28.61 26.69 18.19
CA ARG D 125 28.64 27.79 19.14
C ARG D 125 27.92 27.37 20.41
N GLY D 126 28.45 27.78 21.57
CA GLY D 126 27.93 27.40 22.88
C GLY D 126 26.71 28.19 23.26
N ARG D 127 25.77 27.56 23.98
CA ARG D 127 24.46 28.18 24.24
C ARG D 127 23.92 27.92 25.66
N ARG D 128 24.03 26.70 26.14
CA ARG D 128 23.43 26.39 27.43
C ARG D 128 24.40 26.06 28.54
N ALA D 129 24.24 26.79 29.62
CA ALA D 129 25.04 26.60 30.80
C ALA D 129 25.03 25.14 31.26
N GLY D 130 26.17 24.48 31.23
CA GLY D 130 26.21 23.10 31.74
C GLY D 130 27.26 22.16 31.14
N ARG D 131 27.14 20.88 31.47
CA ARG D 131 28.12 19.86 31.10
C ARG D 131 27.46 18.74 30.26
N TRP D 132 27.65 18.80 28.95
CA TRP D 132 26.88 18.00 27.97
C TRP D 132 27.68 17.03 27.14
N HIS D 133 27.37 15.75 27.22
CA HIS D 133 28.16 14.74 26.51
C HIS D 133 27.87 14.68 25.02
N VAL D 134 28.71 15.35 24.20
CA VAL D 134 28.45 15.64 22.76
C VAL D 134 29.07 14.70 21.69
N HIS D 135 28.23 13.89 21.05
CA HIS D 135 28.72 12.87 20.12
C HIS D 135 28.72 13.32 18.72
N ALA D 136 29.67 12.81 17.94
CA ALA D 136 29.49 12.82 16.52
C ALA D 136 28.43 11.74 16.17
N GLN D 137 27.55 12.07 15.22
CA GLN D 137 26.41 11.22 14.91
C GLN D 137 26.03 11.30 13.43
N ILE D 138 25.64 10.16 12.87
CA ILE D 138 25.14 10.11 11.52
C ILE D 138 23.90 9.23 11.48
N ASN D 139 22.90 9.62 10.69
CA ASN D 139 21.67 8.81 10.55
C ASN D 139 21.52 8.37 9.11
N VAL D 140 20.82 7.25 8.90
CA VAL D 140 20.64 6.69 7.58
C VAL D 140 19.17 6.48 7.24
N GLU D 141 18.72 7.11 6.15
CA GLU D 141 17.46 6.80 5.49
C GLU D 141 16.69 5.74 6.18
N GLY D 142 16.89 4.50 5.75
CA GLY D 142 16.08 3.40 6.29
C GLY D 142 16.83 2.64 7.35
N GLY D 143 17.27 3.35 8.37
CA GLY D 143 18.19 2.74 9.28
C GLY D 143 18.04 3.25 10.66
N GLY D 144 18.36 4.51 10.87
CA GLY D 144 18.28 5.10 12.18
C GLY D 144 19.53 5.87 12.53
N PRO D 145 19.76 6.09 13.84
CA PRO D 145 20.92 6.87 14.22
C PRO D 145 22.12 5.95 14.43
N ILE D 146 23.28 6.34 13.91
CA ILE D 146 24.51 5.70 14.35
C ILE D 146 25.30 6.72 15.17
N ILE D 147 25.45 6.41 16.45
CA ILE D 147 26.10 7.32 17.39
C ILE D 147 27.57 6.98 17.49
N GLY D 148 28.41 8.01 17.42
CA GLY D 148 29.86 7.83 17.51
C GLY D 148 30.41 8.17 18.88
N PRO D 149 31.68 8.56 18.92
CA PRO D 149 32.40 9.20 20.03
C PRO D 149 31.70 10.44 20.59
N GLY D 150 31.71 10.55 21.90
CA GLY D 150 31.06 11.64 22.57
C GLY D 150 31.97 12.07 23.68
N GLN D 151 32.16 13.37 23.83
CA GLN D 151 33.04 13.87 24.86
C GLN D 151 32.32 14.91 25.66
N TRP D 152 32.45 14.84 26.99
CA TRP D 152 31.95 15.90 27.87
C TRP D 152 32.46 17.27 27.49
N ILE D 153 31.55 18.16 27.17
CA ILE D 153 31.96 19.50 26.86
C ILE D 153 31.35 20.27 27.98
N GLU D 154 31.92 21.41 28.31
CA GLU D 154 31.43 22.20 29.44
C GLU D 154 31.21 23.65 29.06
N ILE D 155 29.97 24.11 29.11
CA ILE D 155 29.72 25.50 28.81
C ILE D 155 29.55 26.29 30.10
N LYS D 156 30.03 27.53 30.11
CA LYS D 156 29.75 28.48 31.21
C LYS D 156 29.29 29.81 30.67
N GLY D 157 28.76 30.62 31.58
CA GLY D 157 28.13 31.89 31.26
C GLY D 157 26.64 31.83 31.53
N ASP D 158 25.89 32.69 30.85
CA ASP D 158 24.44 32.64 30.95
C ASP D 158 23.82 32.59 29.54
N MET D 159 22.85 31.68 29.38
CA MET D 159 22.07 31.56 28.15
C MET D 159 21.55 32.92 27.70
N LYS D 160 21.09 33.74 28.67
CA LYS D 160 20.69 35.14 28.48
C LYS D 160 21.47 35.86 27.41
N ASP D 161 22.77 35.56 27.37
CA ASP D 161 23.74 36.28 26.56
C ASP D 161 23.91 35.67 25.18
N PHE D 162 23.47 34.41 25.02
CA PHE D 162 23.59 33.77 23.72
C PHE D 162 22.97 34.62 22.62
N THR D 163 23.72 34.72 21.53
CA THR D 163 23.22 35.30 20.28
C THR D 163 23.68 34.41 19.13
N ASP D 164 23.39 34.80 17.89
CA ASP D 164 24.17 34.22 16.81
C ASP D 164 25.16 35.26 16.35
N PRO D 165 24.80 36.09 15.35
CA PRO D 165 23.61 36.13 14.55
C PRO D 165 23.91 35.61 13.16
N VAL D 166 23.17 36.15 12.18
CA VAL D 166 23.23 35.69 10.81
C VAL D 166 22.95 36.86 9.91
N THR D 167 23.34 36.72 8.65
CA THR D 167 23.34 37.82 7.72
C THR D 167 22.51 37.55 6.47
N LEU D 168 21.55 38.42 6.23
CA LEU D 168 20.58 38.23 5.15
C LEU D 168 21.25 38.58 3.86
N LEU D 169 20.68 38.14 2.74
CA LEU D 169 21.19 38.50 1.40
C LEU D 169 21.15 40.00 1.11
N ASP D 170 20.04 40.63 1.50
CA ASP D 170 19.83 42.08 1.39
C ASP D 170 20.86 42.91 2.17
N GLY D 171 21.53 42.30 3.15
CA GLY D 171 22.64 42.97 3.80
C GLY D 171 22.62 42.74 5.28
N SER D 172 21.45 42.91 5.91
CA SER D 172 21.32 43.10 7.39
C SER D 172 21.64 41.92 8.32
N THR D 173 21.52 42.16 9.60
CA THR D 173 21.81 41.13 10.58
C THR D 173 20.65 40.88 11.53
N VAL D 174 20.54 39.63 12.02
CA VAL D 174 19.40 39.20 12.87
C VAL D 174 19.83 38.19 13.92
N ASP D 175 19.30 38.30 15.13
CA ASP D 175 19.63 37.28 16.12
C ASP D 175 18.64 36.14 15.89
N LEU D 176 19.10 34.94 15.51
CA LEU D 176 18.16 33.84 15.30
C LEU D 176 17.48 33.41 16.57
N GLU D 177 18.23 33.48 17.68
CA GLU D 177 17.72 33.15 19.00
C GLU D 177 16.47 33.95 19.37
N HIS D 178 16.24 35.05 18.64
CA HIS D 178 15.10 35.94 18.84
C HIS D 178 14.33 36.30 17.62
N TYR D 179 14.92 36.23 16.43
CA TYR D 179 14.25 36.79 15.25
C TYR D 179 12.94 36.14 14.95
N GLY D 180 11.96 36.98 14.60
CA GLY D 180 10.63 36.56 14.14
C GLY D 180 9.59 36.23 15.21
N ILE D 181 10.04 35.65 16.31
CA ILE D 181 9.21 35.29 17.45
C ILE D 181 8.12 36.35 17.77
N SER D 182 8.46 37.61 17.55
CA SER D 182 7.56 38.72 17.84
C SER D 182 6.40 38.67 16.90
N ARG D 183 6.70 38.73 15.61
CA ARG D 183 5.67 38.70 14.56
C ARG D 183 4.67 37.53 14.75
N VAL D 184 5.21 36.36 15.09
CA VAL D 184 4.41 35.17 15.35
C VAL D 184 3.33 35.50 16.39
N TYR D 185 3.72 35.79 17.62
CA TYR D 185 2.75 36.21 18.62
C TYR D 185 1.77 37.30 18.14
N ALA D 186 2.36 38.33 17.54
CA ALA D 186 1.66 39.48 17.04
C ALA D 186 0.51 39.11 16.12
N TRP D 187 0.63 38.02 15.38
CA TRP D 187 -0.44 37.57 14.46
C TRP D 187 -1.26 36.43 14.94
N HIS D 188 -0.70 35.58 15.82
CA HIS D 188 -1.40 34.47 16.45
C HIS D 188 -2.30 34.88 17.56
N LEU D 189 -1.76 35.59 18.54
CA LEU D 189 -2.53 35.84 19.77
C LEU D 189 -3.77 36.73 19.60
N PRO D 190 -3.70 37.73 18.69
CA PRO D 190 -4.93 38.43 18.30
C PRO D 190 -6.01 37.46 17.88
N TRP D 191 -5.73 36.68 16.84
CA TRP D 191 -6.69 35.73 16.34
C TRP D 191 -7.23 34.76 17.36
N MET D 192 -6.38 34.29 18.24
CA MET D 192 -6.82 33.39 19.31
C MET D 192 -7.82 34.06 20.27
N ALA D 193 -7.54 35.32 20.62
CA ALA D 193 -8.50 36.17 21.32
C ALA D 193 -9.79 36.35 20.47
N VAL D 194 -9.69 36.84 19.22
CA VAL D 194 -10.86 36.84 18.32
C VAL D 194 -11.75 35.59 18.38
N GLY D 195 -11.17 34.41 18.11
CA GLY D 195 -11.85 33.12 18.22
C GLY D 195 -12.54 32.92 19.58
N ALA D 196 -11.77 33.04 20.66
CA ALA D 196 -12.32 33.02 22.01
C ALA D 196 -13.48 34.00 22.22
N ALA D 197 -13.47 35.12 21.50
CA ALA D 197 -14.50 36.15 21.67
C ALA D 197 -15.78 35.65 21.06
N TRP D 198 -15.67 35.20 19.81
CA TRP D 198 -16.76 34.61 19.04
C TRP D 198 -17.52 33.57 19.77
N ILE D 199 -16.81 32.73 20.51
CA ILE D 199 -17.46 31.73 21.34
C ILE D 199 -18.16 32.38 22.50
N PHE D 200 -17.46 33.21 23.28
CA PHE D 200 -18.09 33.81 24.45
C PHE D 200 -19.35 34.60 24.10
N PHE D 201 -19.26 35.37 23.02
CA PHE D 201 -20.40 36.12 22.53
C PHE D 201 -21.67 35.29 22.53
N TRP D 202 -21.65 34.18 21.77
CA TRP D 202 -22.83 33.32 21.63
C TRP D 202 -23.18 32.59 22.87
N PHE D 203 -22.20 32.13 23.65
CA PHE D 203 -22.48 31.44 24.91
C PHE D 203 -23.26 32.31 25.91
N VAL D 204 -23.08 33.61 25.82
CA VAL D 204 -23.84 34.53 26.64
C VAL D 204 -24.77 35.33 25.74
N ARG D 205 -25.76 34.70 25.14
CA ARG D 205 -26.56 35.36 24.11
C ARG D 205 -27.65 34.39 23.74
N LYS D 206 -27.49 33.18 24.28
CA LYS D 206 -28.42 32.08 24.19
C LYS D 206 -27.62 31.05 24.91
N GLY D 207 -28.07 30.62 26.07
CA GLY D 207 -27.27 29.68 26.86
C GLY D 207 -27.01 28.36 26.16
N ILE D 208 -26.37 27.44 26.85
CA ILE D 208 -26.38 26.08 26.37
C ILE D 208 -27.79 25.53 26.68
N ILE D 209 -28.05 25.28 27.96
CA ILE D 209 -29.35 24.75 28.38
C ILE D 209 -30.51 25.40 27.62
N THR D 210 -30.60 26.71 27.72
CA THR D 210 -31.57 27.46 26.95
C THR D 210 -31.70 26.94 25.52
N SER D 211 -30.60 27.04 24.77
CA SER D 211 -30.65 26.82 23.35
C SER D 211 -30.92 25.37 23.02
N TYR D 212 -30.44 24.47 23.89
CA TYR D 212 -30.76 23.06 23.75
C TYR D 212 -32.27 22.84 23.87
N ILE D 213 -32.87 23.57 24.81
CA ILE D 213 -34.28 23.43 25.10
C ILE D 213 -35.01 24.10 24.00
N ARG D 214 -34.57 25.24 23.55
CA ARG D 214 -35.23 25.85 22.43
C ARG D 214 -35.25 24.89 21.27
N VAL D 215 -34.09 24.40 20.87
CA VAL D 215 -33.95 23.41 19.80
C VAL D 215 -34.87 22.24 20.08
N ALA D 216 -34.87 21.77 21.33
CA ALA D 216 -35.66 20.61 21.81
C ALA D 216 -37.19 20.73 21.64
N GLU D 217 -37.79 21.81 22.17
CA GLU D 217 -39.16 22.20 21.79
C GLU D 217 -39.12 22.60 20.33
N GLY D 218 -40.28 22.88 19.75
CA GLY D 218 -40.34 23.30 18.35
C GLY D 218 -39.14 24.08 17.83
N LYS D 219 -38.67 25.05 18.58
CA LYS D 219 -37.78 26.08 18.00
C LYS D 219 -36.76 26.70 19.02
N ALA D 220 -35.46 26.93 18.71
CA ALA D 220 -34.84 26.99 17.37
C ALA D 220 -35.41 28.19 16.63
N ASP D 221 -34.64 28.91 15.82
CA ASP D 221 -35.14 30.18 15.21
C ASP D 221 -35.47 31.21 16.29
N ASP D 222 -35.62 30.71 17.52
CA ASP D 222 -35.57 31.51 18.73
C ASP D 222 -34.11 31.65 19.08
N VAL D 223 -33.31 30.62 18.79
CA VAL D 223 -31.86 30.67 18.98
C VAL D 223 -31.21 31.46 17.87
N ILE D 224 -31.41 31.04 16.62
CA ILE D 224 -30.79 31.74 15.50
C ILE D 224 -31.81 32.39 14.63
N GLY D 225 -31.37 32.93 13.49
CA GLY D 225 -32.16 33.85 12.71
C GLY D 225 -31.56 35.25 12.83
N ASP D 226 -31.25 35.83 11.66
CA ASP D 226 -30.80 37.23 11.51
C ASP D 226 -31.54 38.09 12.53
N ASP D 227 -30.90 39.10 13.11
CA ASP D 227 -29.59 39.58 12.73
C ASP D 227 -28.44 38.79 13.36
N ASP D 228 -28.73 37.61 13.88
CA ASP D 228 -27.67 36.68 14.19
C ASP D 228 -26.87 36.42 12.93
N ARG D 229 -27.57 36.24 11.82
CA ARG D 229 -26.93 36.10 10.53
C ARG D 229 -26.20 37.34 10.11
N ARG D 230 -26.78 38.51 10.36
CA ARG D 230 -26.09 39.77 10.06
C ARG D 230 -24.78 39.90 10.86
N ILE D 231 -24.81 39.53 12.15
CA ILE D 231 -23.57 39.42 12.90
C ILE D 231 -22.56 38.60 12.08
N GLY D 232 -22.88 37.33 11.86
CA GLY D 232 -22.08 36.46 10.99
C GLY D 232 -21.53 37.14 9.74
N ALA D 233 -22.41 37.61 8.88
CA ALA D 233 -21.98 38.28 7.66
C ALA D 233 -20.94 39.38 7.93
N ILE D 234 -21.17 40.15 8.98
CA ILE D 234 -20.24 41.22 9.35
C ILE D 234 -18.88 40.63 9.82
N VAL D 235 -18.95 39.80 10.85
CA VAL D 235 -17.75 39.14 11.42
C VAL D 235 -17.01 38.41 10.32
N LEU D 236 -17.73 37.79 9.39
CA LEU D 236 -17.05 37.11 8.36
C LEU D 236 -16.35 38.15 7.50
N ALA D 237 -17.11 39.14 7.02
CA ALA D 237 -16.54 40.05 6.02
C ALA D 237 -15.29 40.68 6.59
N LEU D 238 -15.36 41.07 7.88
CA LEU D 238 -14.20 41.63 8.60
C LEU D 238 -12.96 40.73 8.55
N THR D 239 -13.17 39.46 8.90
CA THR D 239 -12.12 38.44 8.94
C THR D 239 -11.47 38.26 7.57
N ILE D 240 -12.25 38.20 6.49
CA ILE D 240 -11.65 38.16 5.17
C ILE D 240 -10.83 39.42 4.90
N LEU D 241 -11.34 40.57 5.36
CA LEU D 241 -10.58 41.81 5.23
C LEU D 241 -9.24 41.78 6.00
N ALA D 242 -9.34 41.59 7.32
CA ALA D 242 -8.18 41.46 8.21
C ALA D 242 -7.13 40.54 7.61
N THR D 243 -7.58 39.48 6.95
CA THR D 243 -6.65 38.57 6.32
C THR D 243 -6.05 39.18 5.09
N ILE D 244 -6.89 39.74 4.20
CA ILE D 244 -6.37 40.37 3.00
C ILE D 244 -5.29 41.37 3.39
N VAL D 245 -5.65 42.30 4.29
CA VAL D 245 -4.66 43.22 4.91
C VAL D 245 -3.39 42.50 5.43
N GLY D 246 -3.58 41.64 6.44
CA GLY D 246 -2.51 40.85 7.06
C GLY D 246 -1.56 40.25 6.04
N TYR D 247 -2.11 39.79 4.92
CA TYR D 247 -1.34 39.24 3.83
C TYR D 247 -0.61 40.31 3.03
N ALA D 248 -1.31 41.38 2.67
CA ALA D 248 -0.70 42.48 1.87
C ALA D 248 0.49 43.19 2.55
N VAL D 249 0.36 43.39 3.87
CA VAL D 249 1.39 44.01 4.70
C VAL D 249 2.64 43.13 4.82
N THR D 250 2.44 41.90 5.28
CA THR D 250 3.55 40.93 5.38
C THR D 250 4.05 40.51 4.00
N ASN D 251 3.39 40.99 2.95
CA ASN D 251 3.92 40.84 1.65
C ASN D 251 4.84 42.01 1.30
N SER D 252 4.56 43.17 1.88
CA SER D 252 5.42 44.33 1.72
C SER D 252 6.64 44.18 2.57
N THR D 253 6.45 44.06 3.89
CA THR D 253 7.55 43.64 4.75
C THR D 253 7.98 42.32 4.14
N PHE D 254 9.28 42.12 3.95
CA PHE D 254 9.78 40.89 3.26
C PHE D 254 9.15 40.64 1.86
N PRO D 255 9.47 41.46 0.85
CA PRO D 255 8.94 41.13 -0.47
C PRO D 255 9.95 40.32 -1.27
N ARG D 256 10.98 39.84 -0.57
CA ARG D 256 12.03 38.94 -1.07
C ARG D 256 11.53 37.49 -1.27
N THR D 257 11.79 36.66 -0.25
CA THR D 257 11.31 35.26 -0.06
C THR D 257 11.58 34.14 -1.12
N ILE D 258 11.95 32.98 -0.57
CA ILE D 258 12.26 31.79 -1.33
C ILE D 258 11.74 30.56 -0.62
N PRO D 259 11.38 29.49 -1.37
CA PRO D 259 10.95 28.24 -0.76
C PRO D 259 12.06 27.61 0.07
N LEU D 260 11.67 26.80 1.06
CA LEU D 260 12.61 25.98 1.82
C LEU D 260 13.52 25.22 0.85
N GLN D 261 14.82 25.33 1.10
CA GLN D 261 15.81 24.68 0.29
C GLN D 261 16.03 23.24 0.77
N ALA D 262 15.69 22.27 -0.08
CA ALA D 262 15.90 20.88 0.28
C ALA D 262 16.17 19.93 -0.91
N GLY D 263 16.75 18.77 -0.57
CA GLY D 263 17.14 17.73 -1.54
C GLY D 263 18.49 17.09 -1.21
N LEU D 264 18.73 15.90 -1.74
CA LEU D 264 20.01 15.26 -1.55
C LEU D 264 21.09 16.06 -2.26
N GLN D 265 22.20 16.34 -1.53
CA GLN D 265 23.43 16.97 -2.06
C GLN D 265 24.25 16.08 -3.01
N LYS D 266 24.80 16.73 -4.05
CA LYS D 266 25.74 16.12 -5.02
C LYS D 266 26.72 15.16 -4.34
N PRO D 267 27.12 14.09 -5.06
CA PRO D 267 27.80 12.97 -4.39
C PRO D 267 29.03 13.42 -3.61
N LEU D 268 29.31 12.79 -2.48
CA LEU D 268 30.44 13.24 -1.64
C LEU D 268 31.80 12.95 -2.28
N THR D 269 32.88 13.54 -1.75
CA THR D 269 34.28 13.08 -2.08
C THR D 269 34.94 12.45 -0.86
N PRO D 270 35.39 11.20 -1.02
CA PRO D 270 35.93 10.38 0.09
C PRO D 270 37.36 10.81 0.47
N ILE D 271 37.87 10.40 1.65
CA ILE D 271 39.29 10.69 1.95
C ILE D 271 40.10 9.86 0.98
N GLU D 272 41.23 10.43 0.51
CA GLU D 272 42.15 9.72 -0.40
C GLU D 272 43.60 9.56 0.13
N THR D 273 43.79 9.88 1.40
CA THR D 273 45.09 9.88 2.02
C THR D 273 44.96 9.14 3.32
N GLU D 274 45.71 8.06 3.51
CA GLU D 274 46.67 7.51 2.58
C GLU D 274 47.47 6.43 3.32
N GLY D 275 46.93 5.22 3.51
CA GLY D 275 45.50 4.90 3.46
C GLY D 275 45.02 4.73 4.90
N THR D 276 43.73 4.96 5.19
CA THR D 276 42.63 5.09 4.23
C THR D 276 42.50 3.85 3.35
N VAL D 277 41.67 2.93 3.85
CA VAL D 277 41.56 1.56 3.37
C VAL D 277 41.34 1.53 1.87
N GLY D 278 42.03 0.63 1.19
CA GLY D 278 41.87 0.41 -0.24
C GLY D 278 42.18 1.63 -1.08
N VAL D 279 43.09 2.47 -0.58
CA VAL D 279 43.58 3.62 -1.34
C VAL D 279 45.11 3.54 -1.54
N GLY D 280 45.56 3.92 -2.75
CA GLY D 280 47.00 4.02 -3.10
C GLY D 280 47.70 2.69 -3.38
N LYS D 281 49.04 2.74 -3.52
CA LYS D 281 49.85 1.55 -3.73
C LYS D 281 50.10 0.83 -2.42
N GLU D 282 50.20 1.61 -1.34
CA GLU D 282 50.52 1.10 -0.01
C GLU D 282 49.25 0.73 0.77
N ASN D 283 49.20 -0.51 1.26
CA ASN D 283 48.01 -1.03 1.97
C ASN D 283 48.27 -2.27 2.84
N VAL D 284 47.40 -2.50 3.80
CA VAL D 284 47.33 -3.75 4.54
C VAL D 284 45.99 -4.46 4.33
N THR D 285 46.06 -5.78 4.27
CA THR D 285 44.90 -6.64 4.05
C THR D 285 44.61 -7.33 5.39
N THR D 286 43.33 -7.56 5.70
CA THR D 286 42.97 -8.43 6.85
C THR D 286 41.72 -9.28 6.59
N GLU D 287 41.93 -10.60 6.50
CA GLU D 287 40.85 -11.59 6.63
C GLU D 287 40.71 -11.92 8.09
N LEU D 288 39.47 -12.05 8.54
CA LEU D 288 39.24 -12.73 9.78
C LEU D 288 39.26 -14.22 9.46
N ASN D 289 39.64 -15.01 10.45
CA ASN D 289 39.65 -16.45 10.32
C ASN D 289 39.35 -16.92 11.71
N GLY D 290 38.05 -16.86 12.04
CA GLY D 290 37.56 -17.36 13.30
C GLY D 290 37.86 -16.39 14.43
N GLY D 291 37.36 -16.72 15.62
CA GLY D 291 37.48 -15.88 16.79
C GLY D 291 36.35 -16.17 17.74
N VAL D 292 36.54 -15.78 18.99
CA VAL D 292 35.62 -16.16 20.05
C VAL D 292 35.50 -15.04 21.05
N TYR D 293 34.27 -14.88 21.59
CA TYR D 293 34.02 -14.02 22.76
C TYR D 293 33.39 -14.81 23.91
N LYS D 294 33.77 -14.46 25.13
CA LYS D 294 33.35 -15.22 26.30
C LYS D 294 32.07 -14.64 26.85
N VAL D 295 31.12 -15.50 27.13
CA VAL D 295 29.81 -15.02 27.56
C VAL D 295 29.41 -15.62 28.91
N PRO D 296 29.25 -14.76 29.93
CA PRO D 296 29.56 -13.33 29.86
C PRO D 296 31.08 -13.07 29.93
N GLY D 297 31.53 -11.87 29.56
CA GLY D 297 32.96 -11.58 29.67
C GLY D 297 33.50 -10.24 29.21
N ARG D 298 34.81 -10.22 29.01
CA ARG D 298 35.56 -9.02 28.72
C ARG D 298 36.46 -9.26 27.51
N GLU D 299 36.61 -10.54 27.14
CA GLU D 299 37.58 -11.03 26.15
C GLU D 299 37.04 -11.34 24.77
N LEU D 300 37.69 -10.81 23.75
CA LEU D 300 37.47 -11.29 22.40
C LEU D 300 38.82 -11.68 21.80
N THR D 301 38.86 -12.88 21.22
CA THR D 301 40.13 -13.43 20.78
C THR D 301 39.97 -13.85 19.34
N ILE D 302 40.73 -13.25 18.44
CA ILE D 302 40.49 -13.41 16.99
C ILE D 302 41.74 -13.60 16.14
N ASN D 303 41.63 -14.44 15.12
CA ASN D 303 42.76 -14.75 14.30
C ASN D 303 42.64 -13.99 13.02
N VAL D 304 43.68 -13.26 12.68
CA VAL D 304 43.63 -12.35 11.54
C VAL D 304 44.68 -12.66 10.49
N LYS D 305 44.26 -13.08 9.30
CA LYS D 305 45.25 -13.30 8.28
C LYS D 305 45.65 -12.00 7.54
N VAL D 306 46.64 -11.31 8.10
CA VAL D 306 47.19 -10.06 7.52
C VAL D 306 48.24 -10.22 6.41
N LYS D 307 48.08 -9.40 5.37
CA LYS D 307 48.96 -9.36 4.22
C LYS D 307 49.46 -7.92 4.13
N ASN D 308 50.75 -7.74 3.84
CA ASN D 308 51.39 -6.41 3.81
C ASN D 308 52.61 -6.55 2.91
N ASN D 309 52.73 -5.84 1.78
CA ASN D 309 51.77 -5.02 1.03
C ASN D 309 52.03 -3.54 1.01
N THR D 310 52.68 -3.05 2.07
CA THR D 310 53.42 -1.79 1.98
C THR D 310 54.83 -2.14 1.58
N SER D 311 55.75 -1.20 1.81
CA SER D 311 57.17 -1.51 1.79
C SER D 311 57.76 -0.92 3.03
N GLN D 312 57.29 -1.45 4.15
CA GLN D 312 57.76 -1.07 5.47
C GLN D 312 57.39 -2.13 6.50
N PRO D 313 57.94 -2.05 7.72
CA PRO D 313 57.53 -2.97 8.79
C PRO D 313 56.31 -2.46 9.51
N LEU D 314 55.40 -3.37 9.88
CA LEU D 314 54.17 -2.96 10.56
C LEU D 314 53.82 -3.80 11.79
N ARG D 315 53.66 -3.15 12.94
CA ARG D 315 53.04 -3.75 14.11
C ARG D 315 51.62 -3.17 14.29
N LEU D 316 50.66 -4.05 14.58
CA LEU D 316 49.27 -3.65 14.84
C LEU D 316 49.10 -2.82 16.15
N GLY D 317 48.70 -1.56 15.99
CA GLY D 317 48.61 -0.60 17.11
C GLY D 317 47.25 -0.35 17.75
N GLU D 318 46.19 -0.64 16.99
CA GLU D 318 44.81 -0.29 17.35
C GLU D 318 43.76 -1.16 16.67
N TYR D 319 42.68 -1.41 17.45
CA TYR D 319 41.42 -1.94 16.96
C TYR D 319 40.23 -1.09 17.45
N THR D 320 39.52 -0.44 16.52
CA THR D 320 38.32 0.36 16.86
C THR D 320 37.06 -0.39 16.44
N ALA D 321 35.97 -0.16 17.17
CA ALA D 321 34.73 -0.90 16.96
C ALA D 321 33.49 -0.01 16.80
N ALA D 322 32.90 0.38 17.95
CA ALA D 322 31.74 1.26 17.98
C ALA D 322 32.19 2.63 18.38
N GLY D 323 33.49 2.85 18.21
CA GLY D 323 34.14 4.10 18.51
C GLY D 323 35.08 3.93 19.68
N LEU D 324 35.02 2.77 20.35
CA LEU D 324 35.99 2.39 21.39
C LEU D 324 37.32 2.07 20.76
N ARG D 325 38.38 2.58 21.38
CA ARG D 325 39.70 2.33 20.87
C ARG D 325 40.31 1.26 21.74
N PHE D 326 40.76 0.18 21.09
CA PHE D 326 41.49 -0.89 21.76
C PHE D 326 42.94 -0.86 21.33
N LEU D 327 43.79 -0.52 22.29
CA LEU D 327 45.20 -0.17 22.06
C LEU D 327 46.22 -1.27 22.42
N ASN D 328 47.31 -1.32 21.64
CA ASN D 328 48.48 -2.09 22.01
C ASN D 328 49.52 -1.19 22.66
N PRO D 329 49.72 -1.32 23.98
CA PRO D 329 50.62 -0.44 24.74
C PRO D 329 52.11 -0.51 24.33
N ASP D 330 52.43 -1.53 23.53
CA ASP D 330 53.70 -1.62 22.86
C ASP D 330 53.77 -0.48 21.86
N VAL D 331 52.79 -0.43 20.96
CA VAL D 331 52.69 0.63 19.94
C VAL D 331 52.31 1.98 20.58
N PHE D 332 51.35 1.95 21.49
CA PHE D 332 50.95 3.16 22.14
C PHE D 332 51.61 3.19 23.51
N THR D 333 52.94 3.36 23.48
CA THR D 333 53.81 3.53 24.67
C THR D 333 53.26 4.57 25.63
N THR D 334 52.72 5.62 25.03
CA THR D 334 51.64 6.44 25.58
C THR D 334 50.90 6.84 24.30
N LYS D 335 49.60 7.12 24.30
CA LYS D 335 48.58 7.00 25.36
C LYS D 335 47.72 8.26 25.24
N PRO D 336 46.87 8.31 24.19
CA PRO D 336 46.44 9.58 23.62
C PRO D 336 45.22 10.21 24.29
N ASP D 337 44.78 11.33 23.75
CA ASP D 337 43.71 12.09 24.34
C ASP D 337 42.37 11.64 23.76
N PHE D 338 41.64 10.84 24.51
CA PHE D 338 40.34 10.36 24.07
C PHE D 338 39.40 10.05 25.25
N PRO D 339 38.15 10.51 25.17
CA PRO D 339 37.24 10.46 26.32
C PRO D 339 37.29 9.10 26.97
N ASP D 340 37.18 9.04 28.30
CA ASP D 340 37.49 7.81 29.05
C ASP D 340 37.60 6.60 28.10
N TYR D 341 36.51 6.01 27.57
CA TYR D 341 35.26 5.67 28.24
C TYR D 341 34.63 4.39 27.66
N LEU D 342 35.04 3.82 26.50
CA LEU D 342 35.61 4.37 25.24
C LEU D 342 37.10 4.47 24.89
N LEU D 343 38.02 4.12 25.79
CA LEU D 343 39.47 4.06 25.45
C LEU D 343 40.23 3.00 26.24
N ALA D 344 40.41 1.84 25.60
CA ALA D 344 41.17 0.75 26.19
C ALA D 344 42.70 0.78 25.87
N ASP D 345 43.48 0.02 26.65
CA ASP D 345 44.91 -0.13 26.44
C ASP D 345 45.27 -1.60 26.39
N ARG D 346 44.37 -2.40 25.83
CA ARG D 346 44.51 -3.85 25.81
C ARG D 346 43.88 -4.44 24.57
N GLY D 347 44.41 -4.01 23.42
CA GLY D 347 44.08 -4.59 22.14
C GLY D 347 45.27 -5.39 21.69
N LEU D 348 45.92 -6.02 22.70
CA LEU D 348 47.22 -6.71 22.63
C LEU D 348 47.16 -8.26 22.61
N SER D 349 48.01 -8.94 21.84
CA SER D 349 49.06 -8.32 21.09
C SER D 349 49.35 -9.06 19.80
N VAL D 350 50.63 -9.18 19.48
CA VAL D 350 51.16 -10.08 18.47
C VAL D 350 52.38 -10.65 19.21
N ASP D 351 53.57 -10.37 18.70
CA ASP D 351 54.82 -10.43 19.46
C ASP D 351 55.58 -9.17 19.12
N ALA D 352 54.85 -8.17 18.64
CA ALA D 352 55.38 -6.97 17.94
C ALA D 352 56.42 -7.31 16.85
N THR D 353 56.18 -8.41 16.12
CA THR D 353 57.08 -8.96 15.11
C THR D 353 56.80 -8.37 13.72
N PRO D 354 57.17 -7.08 13.51
CA PRO D 354 56.66 -6.18 12.46
C PRO D 354 56.21 -6.77 11.07
N ILE D 355 56.28 -8.08 10.91
CA ILE D 355 55.61 -8.72 9.79
C ILE D 355 56.34 -8.57 8.46
N ALA D 356 56.32 -7.38 7.86
CA ALA D 356 56.62 -7.30 6.44
C ALA D 356 57.59 -6.19 6.09
N PRO D 357 57.62 -5.73 4.83
CA PRO D 357 56.73 -5.92 3.63
C PRO D 357 56.71 -7.32 3.02
N GLY D 358 55.94 -7.47 1.93
CA GLY D 358 55.77 -8.74 1.24
C GLY D 358 55.09 -9.85 2.05
N GLU D 359 55.23 -9.80 3.38
CA GLU D 359 54.87 -10.92 4.25
C GLU D 359 53.35 -11.23 4.45
N ALA D 360 52.95 -12.41 4.00
CA ALA D 360 51.65 -13.00 4.27
C ALA D 360 51.66 -13.82 5.61
N LYS D 361 51.09 -13.23 6.67
CA LYS D 361 51.16 -13.81 8.02
C LYS D 361 49.80 -13.91 8.75
N GLU D 362 49.49 -15.07 9.35
CA GLU D 362 48.29 -15.19 10.21
C GLU D 362 48.66 -14.91 11.65
N ILE D 363 47.91 -14.02 12.31
CA ILE D 363 48.23 -13.57 13.68
C ILE D 363 47.04 -13.60 14.64
N VAL D 364 47.32 -13.98 15.88
CA VAL D 364 46.28 -14.02 16.90
C VAL D 364 46.28 -12.69 17.61
N VAL D 365 45.07 -12.15 17.85
CA VAL D 365 44.88 -10.92 18.62
C VAL D 365 43.90 -11.11 19.76
N LYS D 366 44.31 -10.66 20.93
CA LYS D 366 43.38 -10.65 22.04
C LYS D 366 42.88 -9.22 22.30
N ILE D 367 41.56 -9.09 22.44
CA ILE D 367 40.99 -7.86 22.99
C ILE D 367 40.44 -8.22 24.35
N GLN D 368 40.83 -7.45 25.36
CA GLN D 368 40.34 -7.66 26.72
C GLN D 368 40.19 -6.37 27.52
N ASP D 369 38.98 -5.84 27.58
CA ASP D 369 38.74 -4.66 28.40
C ASP D 369 37.35 -4.61 29.03
N ALA D 370 37.26 -3.88 30.15
CA ALA D 370 36.01 -3.67 30.86
C ALA D 370 35.02 -2.96 29.95
N ARG D 371 35.53 -2.05 29.12
CA ARG D 371 34.73 -1.29 28.14
C ARG D 371 34.05 -2.17 27.09
N TRP D 372 34.71 -3.26 26.71
CA TRP D 372 34.06 -4.18 25.83
C TRP D 372 32.78 -4.59 26.46
N ASP D 373 32.78 -4.79 27.77
CA ASP D 373 31.55 -5.23 28.42
C ASP D 373 30.64 -4.08 28.81
N ILE D 374 31.22 -3.01 29.34
CA ILE D 374 30.49 -1.82 29.78
C ILE D 374 29.65 -1.23 28.65
N GLU D 375 30.19 -1.24 27.45
CA GLU D 375 29.47 -0.73 26.27
C GLU D 375 28.61 -1.80 25.61
N ARG D 376 28.45 -2.92 26.30
CA ARG D 376 27.53 -3.98 25.88
C ARG D 376 27.82 -4.58 24.49
N LEU D 377 29.03 -4.39 23.96
CA LEU D 377 29.41 -5.12 22.77
C LEU D 377 29.48 -6.61 23.06
N SER D 378 29.40 -6.95 24.35
CA SER D 378 29.42 -8.33 24.81
C SER D 378 28.09 -8.99 24.60
N ASP D 379 27.06 -8.18 24.40
CA ASP D 379 25.70 -8.69 24.13
C ASP D 379 25.52 -8.94 22.64
N LEU D 380 26.63 -9.22 21.99
CA LEU D 380 26.59 -9.66 20.63
C LEU D 380 26.06 -11.10 20.57
N ALA D 381 25.73 -11.67 21.73
CA ALA D 381 25.12 -13.00 21.75
C ALA D 381 23.64 -12.92 21.34
N TYR D 382 22.99 -11.86 21.83
CA TYR D 382 21.60 -11.51 21.58
C TYR D 382 21.26 -11.26 20.10
N ASP D 383 22.25 -10.93 19.30
CA ASP D 383 21.98 -10.51 17.91
C ASP D 383 21.70 -11.60 16.89
N THR D 384 20.81 -11.24 15.96
CA THR D 384 20.32 -12.07 14.85
C THR D 384 21.40 -12.26 13.75
N ASP D 385 22.55 -11.65 14.03
CA ASP D 385 23.83 -11.89 13.34
C ASP D 385 24.99 -11.74 14.32
N SER D 386 25.62 -12.85 14.67
CA SER D 386 26.75 -12.90 15.60
C SER D 386 28.01 -12.60 14.78
N GLN D 387 28.38 -11.35 14.74
CA GLN D 387 29.36 -10.95 13.78
C GLN D 387 30.11 -9.68 14.22
N ILE D 388 31.38 -9.61 13.87
CA ILE D 388 32.21 -8.52 14.29
C ILE D 388 32.48 -7.55 13.14
N GLY D 389 32.74 -6.29 13.50
CA GLY D 389 33.08 -5.29 12.51
C GLY D 389 34.04 -4.26 13.08
N GLY D 390 34.69 -3.51 12.17
CA GLY D 390 35.57 -2.41 12.56
C GLY D 390 36.93 -2.30 11.90
N LEU D 391 37.78 -1.47 12.52
CA LEU D 391 39.05 -1.09 11.93
C LEU D 391 40.25 -1.60 12.68
N LEU D 392 41.24 -2.04 11.88
CA LEU D 392 42.59 -2.38 12.34
C LEU D 392 43.63 -1.33 11.93
N PHE D 393 44.33 -0.83 12.95
CA PHE D 393 45.29 0.21 12.74
C PHE D 393 46.73 -0.29 12.82
N PHE D 394 47.38 -0.30 11.66
CA PHE D 394 48.77 -0.66 11.61
C PHE D 394 49.64 0.55 11.70
N PHE D 395 50.78 0.38 12.35
CA PHE D 395 51.74 1.43 12.49
C PHE D 395 53.14 0.97 12.11
N SER D 396 53.89 1.88 11.50
CA SER D 396 55.28 1.64 11.09
C SER D 396 56.25 1.83 12.28
N PRO D 397 57.56 1.97 11.98
CA PRO D 397 58.53 2.30 13.03
C PRO D 397 58.53 3.79 13.35
N ASP D 398 58.30 4.61 12.33
CA ASP D 398 58.17 6.05 12.47
C ASP D 398 56.77 6.37 12.96
N GLY D 399 56.10 7.35 12.33
CA GLY D 399 54.73 7.72 12.70
C GLY D 399 53.58 7.13 11.89
N LYS D 400 53.88 6.71 10.65
CA LYS D 400 52.83 6.37 9.67
C LYS D 400 51.85 5.31 10.15
N ARG D 401 50.61 5.46 9.69
CA ARG D 401 49.49 4.57 10.01
C ARG D 401 48.84 3.93 8.77
N TYR D 402 48.45 2.67 8.93
CA TYR D 402 47.83 1.93 7.86
C TYR D 402 46.57 1.23 8.33
N ALA D 403 45.46 1.62 7.73
CA ALA D 403 44.14 1.12 8.10
C ALA D 403 43.70 -0.06 7.23
N SER D 404 43.25 -1.12 7.89
CA SER D 404 42.60 -2.24 7.23
C SER D 404 41.34 -2.58 7.99
N GLU D 405 40.29 -2.94 7.24
CA GLU D 405 38.99 -3.22 7.83
C GLU D 405 38.89 -4.67 8.24
N ILE D 406 38.36 -4.92 9.43
CA ILE D 406 38.11 -6.31 9.82
C ILE D 406 36.60 -6.64 10.04
N GLY D 407 36.15 -7.80 9.56
CA GLY D 407 34.75 -8.21 9.74
C GLY D 407 34.48 -9.72 9.70
N GLY D 408 33.40 -10.18 10.33
CA GLY D 408 33.09 -11.60 10.27
C GLY D 408 32.57 -12.36 11.49
N PRO D 409 32.14 -13.61 11.24
CA PRO D 409 31.50 -14.47 12.21
C PRO D 409 32.41 -14.86 13.35
N VAL D 410 32.07 -14.36 14.53
CA VAL D 410 32.72 -14.79 15.78
C VAL D 410 31.74 -15.66 16.55
N ILE D 411 32.26 -16.57 17.35
CA ILE D 411 31.44 -17.51 18.12
C ILE D 411 31.49 -17.15 19.61
N PRO D 412 30.44 -17.52 20.36
CA PRO D 412 30.59 -17.27 21.80
C PRO D 412 31.03 -18.51 22.54
N LYS D 413 31.54 -18.29 23.74
CA LYS D 413 31.96 -19.38 24.58
C LYS D 413 31.28 -19.10 25.92
N PHE D 414 30.47 -20.05 26.37
CA PHE D 414 29.68 -19.76 27.56
C PHE D 414 30.40 -20.14 28.83
N VAL D 415 30.57 -19.16 29.73
CA VAL D 415 31.27 -19.38 31.00
C VAL D 415 30.31 -19.40 32.19
N ALA D 416 30.61 -20.28 33.15
CA ALA D 416 29.95 -20.23 34.45
C ALA D 416 30.48 -19.01 35.23
N GLY D 417 29.71 -18.53 36.20
CA GLY D 417 30.07 -17.34 36.98
C GLY D 417 29.91 -16.02 36.22
N ASP D 418 29.84 -14.92 36.97
CA ASP D 418 29.51 -13.58 36.45
C ASP D 418 30.23 -13.10 35.18
N UNK E 1 -4.76 -50.40 -9.64
CA UNK E 1 -3.56 -49.55 -9.86
C UNK E 1 -3.57 -48.97 -11.29
N UNK E 2 -4.76 -48.71 -11.84
CA UNK E 2 -4.90 -48.31 -13.25
C UNK E 2 -5.17 -46.82 -13.42
N UNK E 3 -5.97 -46.26 -12.50
CA UNK E 3 -6.12 -44.80 -12.27
C UNK E 3 -6.69 -43.84 -13.35
N UNK E 4 -6.72 -44.26 -14.63
CA UNK E 4 -7.79 -43.81 -15.58
C UNK E 4 -8.95 -44.76 -15.28
N UNK E 5 -8.91 -45.16 -14.00
CA UNK E 5 -9.65 -46.21 -13.33
C UNK E 5 -9.55 -45.96 -11.79
N UNK E 6 -8.74 -46.72 -11.02
CA UNK E 6 -8.71 -46.63 -9.52
C UNK E 6 -8.73 -45.17 -9.10
N UNK E 7 -9.73 -44.78 -8.29
CA UNK E 7 -10.08 -43.35 -7.94
C UNK E 7 -10.92 -42.65 -9.03
N UNK E 8 -10.26 -42.16 -10.08
CA UNK E 8 -10.90 -41.61 -11.27
C UNK E 8 -12.23 -42.26 -11.51
N UNK E 9 -12.37 -43.53 -11.09
CA UNK E 9 -13.61 -44.33 -11.26
C UNK E 9 -14.25 -44.85 -9.95
N UNK E 10 -13.46 -45.34 -8.99
CA UNK E 10 -14.04 -45.69 -7.69
C UNK E 10 -14.80 -44.50 -7.04
N UNK E 11 -14.81 -43.33 -7.72
CA UNK E 11 -15.74 -42.18 -7.43
C UNK E 11 -17.18 -42.40 -8.00
N UNK E 12 -17.34 -42.89 -9.25
CA UNK E 12 -18.67 -43.36 -9.76
C UNK E 12 -19.25 -44.38 -8.78
N UNK E 13 -18.38 -45.25 -8.25
CA UNK E 13 -18.77 -46.19 -7.19
C UNK E 13 -19.15 -45.49 -5.88
N UNK E 14 -18.47 -44.39 -5.58
CA UNK E 14 -18.76 -43.58 -4.39
C UNK E 14 -20.20 -43.02 -4.51
N UNK E 15 -20.50 -42.36 -5.64
CA UNK E 15 -21.85 -41.84 -5.94
C UNK E 15 -22.97 -42.97 -5.95
N UNK E 16 -22.78 -43.99 -6.80
CA UNK E 16 -23.79 -45.07 -7.01
C UNK E 16 -24.00 -46.04 -5.86
N UNK E 17 -22.92 -46.46 -5.16
CA UNK E 17 -23.04 -47.20 -3.86
C UNK E 17 -23.77 -46.39 -2.79
N UNK E 18 -24.17 -45.16 -3.16
CA UNK E 18 -24.79 -44.16 -2.28
C UNK E 18 -26.23 -43.85 -2.66
N UNK E 19 -26.52 -43.73 -3.97
CA UNK E 19 -27.90 -43.59 -4.54
C UNK E 19 -28.89 -44.70 -4.04
N UNK E 20 -28.63 -45.95 -4.48
CA UNK E 20 -29.11 -47.21 -3.85
C UNK E 20 -29.11 -47.18 -2.29
N UNK E 21 -27.93 -47.01 -1.70
CA UNK E 21 -27.81 -46.96 -0.25
C UNK E 21 -28.90 -46.09 0.42
N UNK E 22 -28.89 -44.79 0.05
CA UNK E 22 -29.63 -43.74 0.77
C UNK E 22 -31.08 -43.62 0.30
N UNK E 23 -31.34 -43.66 -1.02
CA UNK E 23 -32.72 -43.53 -1.55
C UNK E 23 -33.72 -44.51 -0.82
N UNK E 24 -33.24 -45.70 -0.38
CA UNK E 24 -33.96 -46.67 0.54
C UNK E 24 -34.53 -46.15 1.90
N UNK E 25 -34.03 -45.01 2.38
CA UNK E 25 -34.29 -44.43 3.74
C UNK E 25 -33.12 -44.70 4.73
N HIS F 29 6.00 21.45 -25.83
CA HIS F 29 6.21 22.91 -26.03
C HIS F 29 6.13 23.62 -24.71
N GLY F 30 5.90 22.85 -23.65
CA GLY F 30 5.79 23.41 -22.31
C GLY F 30 7.10 24.03 -21.81
N GLU F 31 8.21 23.35 -22.13
CA GLU F 31 9.52 23.56 -21.53
C GLU F 31 9.65 24.80 -20.63
N LYS F 32 9.31 25.99 -21.15
CA LYS F 32 9.42 27.26 -20.42
C LYS F 32 8.92 27.19 -19.00
N SER F 33 7.89 26.36 -18.78
CA SER F 33 7.17 26.32 -17.51
C SER F 33 7.75 25.36 -16.46
N GLN F 34 8.44 24.28 -16.90
CA GLN F 34 8.98 23.26 -15.97
C GLN F 34 9.98 23.88 -15.06
N GLN F 35 10.21 23.29 -13.90
CA GLN F 35 11.14 23.96 -12.96
C GLN F 35 12.52 24.22 -13.65
N ALA F 36 13.00 25.45 -13.52
CA ALA F 36 14.29 25.82 -14.11
C ALA F 36 15.40 24.80 -13.78
N PHE F 37 15.74 24.69 -12.49
CA PHE F 37 16.89 23.95 -12.01
C PHE F 37 16.91 22.50 -12.50
N LEU F 38 15.77 21.84 -12.45
CA LEU F 38 15.68 20.50 -12.96
C LEU F 38 16.07 20.42 -14.44
N ARG F 39 15.55 21.37 -15.23
CA ARG F 39 15.78 21.42 -16.68
C ARG F 39 17.26 21.49 -17.00
N MET F 40 17.98 22.22 -16.14
CA MET F 40 19.43 22.35 -16.22
C MET F 40 20.18 21.15 -15.69
N ARG F 41 19.75 20.64 -14.52
CA ARG F 41 20.53 19.64 -13.78
C ARG F 41 20.14 18.19 -14.03
N THR F 42 19.62 17.91 -15.22
CA THR F 42 19.30 16.53 -15.60
C THR F 42 19.93 16.08 -16.91
N LEU F 43 19.35 16.59 -18.00
CA LEU F 43 19.84 16.35 -19.35
C LEU F 43 20.36 17.64 -20.04
N ASN F 44 21.60 17.48 -20.52
CA ASN F 44 22.42 18.50 -21.17
C ASN F 44 22.52 18.17 -22.66
N TRP F 45 21.77 18.92 -23.45
CA TRP F 45 21.54 18.61 -24.85
C TRP F 45 22.60 19.32 -25.63
N TYR F 46 23.09 18.67 -26.69
CA TYR F 46 23.98 19.34 -27.66
C TYR F 46 24.01 18.70 -29.03
N ASP F 47 24.52 19.48 -29.97
CA ASP F 47 24.80 19.01 -31.32
C ASP F 47 23.53 18.42 -31.86
N VAL F 48 22.46 19.19 -31.80
CA VAL F 48 21.18 18.67 -32.19
C VAL F 48 20.88 19.15 -33.61
N GLN F 49 20.37 18.23 -34.42
CA GLN F 49 20.25 18.47 -35.84
C GLN F 49 19.03 17.87 -36.46
N TRP F 50 18.32 18.70 -37.23
CA TRP F 50 17.21 18.26 -38.06
C TRP F 50 17.57 18.20 -39.52
N SER F 51 17.99 17.02 -39.97
CA SER F 51 18.13 16.70 -41.40
C SER F 51 17.62 17.79 -42.38
N LYS F 52 16.30 17.95 -42.50
CA LYS F 52 15.70 18.93 -43.42
C LYS F 52 14.57 19.64 -42.71
N THR F 53 14.57 20.96 -42.73
CA THR F 53 13.47 21.68 -42.06
C THR F 53 12.31 22.11 -42.97
N THR F 54 12.04 21.26 -43.97
CA THR F 54 10.80 21.24 -44.74
C THR F 54 10.65 19.82 -45.31
N VAL F 55 9.41 19.36 -45.47
CA VAL F 55 9.18 18.01 -46.02
C VAL F 55 7.86 17.84 -46.77
N ASN F 56 7.86 16.86 -47.67
CA ASN F 56 6.67 16.35 -48.31
C ASN F 56 6.06 15.28 -47.43
N VAL F 57 4.74 15.09 -47.57
CA VAL F 57 4.08 13.92 -47.03
C VAL F 57 4.79 12.66 -47.54
N ASN F 58 5.26 11.82 -46.61
CA ASN F 58 6.06 10.62 -46.89
C ASN F 58 7.57 10.87 -47.00
N GLU F 59 7.99 12.14 -46.88
CA GLU F 59 9.42 12.48 -47.03
C GLU F 59 10.21 12.31 -45.72
N GLU F 60 11.22 11.44 -45.80
CA GLU F 60 11.93 10.81 -44.66
C GLU F 60 12.98 11.61 -43.83
N MET F 61 12.61 12.77 -43.28
CA MET F 61 13.52 13.60 -42.46
C MET F 61 14.05 12.85 -41.21
N VAL F 62 15.15 13.35 -40.61
CA VAL F 62 15.75 12.73 -39.41
C VAL F 62 16.33 13.76 -38.44
N LEU F 63 15.79 13.72 -37.22
CA LEU F 63 16.34 14.44 -36.07
C LEU F 63 17.16 13.57 -35.09
N SER F 64 18.31 14.16 -34.70
CA SER F 64 19.46 13.50 -34.09
C SER F 64 20.31 14.44 -33.21
N GLY F 65 21.14 13.83 -32.36
CA GLY F 65 21.96 14.58 -31.43
C GLY F 65 22.57 13.78 -30.29
N LYS F 66 23.13 14.51 -29.34
CA LYS F 66 23.82 13.90 -28.24
C LYS F 66 23.40 14.59 -26.97
N VAL F 67 23.46 13.86 -25.87
CA VAL F 67 23.03 14.38 -24.58
C VAL F 67 23.85 13.83 -23.40
N HIS F 68 24.13 14.71 -22.44
CA HIS F 68 24.90 14.33 -21.27
C HIS F 68 24.00 14.20 -20.07
N VAL F 69 24.06 13.02 -19.47
CA VAL F 69 23.37 12.67 -18.23
C VAL F 69 24.10 13.32 -17.10
N PHE F 70 23.66 14.51 -16.69
CA PHE F 70 24.30 15.28 -15.62
C PHE F 70 24.62 14.43 -14.40
N SER F 71 25.52 14.88 -13.55
CA SER F 71 26.09 13.99 -12.53
C SER F 71 25.44 14.09 -11.13
N ALA F 72 25.07 15.31 -10.74
CA ALA F 72 24.44 15.56 -9.45
C ALA F 72 22.92 15.47 -9.62
N TRP F 73 22.53 14.38 -10.28
CA TRP F 73 21.14 14.05 -10.59
C TRP F 73 20.20 14.27 -9.44
N PRO F 74 19.28 15.23 -9.59
CA PRO F 74 18.51 15.72 -8.45
C PRO F 74 17.65 14.61 -7.74
N GLN F 75 17.48 14.71 -6.40
CA GLN F 75 16.63 13.77 -5.64
C GLN F 75 15.24 13.79 -6.20
N ALA F 76 14.86 14.95 -6.68
CA ALA F 76 13.57 15.15 -7.26
C ALA F 76 13.22 14.15 -8.35
N VAL F 77 14.18 13.74 -9.16
CA VAL F 77 13.84 12.84 -10.28
C VAL F 77 14.46 11.45 -10.13
N ALA F 78 13.71 10.45 -10.58
CA ALA F 78 14.18 9.10 -10.41
C ALA F 78 15.48 8.96 -11.14
N ASN F 79 16.23 7.93 -10.75
CA ASN F 79 17.34 7.40 -11.53
C ASN F 79 16.94 7.12 -12.99
N PRO F 80 17.78 7.61 -13.95
CA PRO F 80 17.49 7.35 -15.37
C PRO F 80 17.86 5.93 -15.83
N ARG F 81 18.13 5.07 -14.85
CA ARG F 81 18.10 3.63 -15.03
C ARG F 81 17.09 3.20 -16.09
N VAL F 82 15.90 3.82 -16.08
CA VAL F 82 14.77 3.47 -16.98
C VAL F 82 14.22 4.73 -17.67
N SER F 83 14.38 4.80 -18.98
CA SER F 83 14.07 5.99 -19.78
C SER F 83 13.56 5.64 -21.17
N PHE F 84 13.13 6.66 -21.89
CA PHE F 84 12.57 6.46 -23.24
C PHE F 84 12.77 7.68 -24.15
N LEU F 85 13.20 7.40 -25.37
CA LEU F 85 13.49 8.45 -26.33
C LEU F 85 12.29 8.75 -27.18
N ASN F 86 12.00 10.04 -27.31
CA ASN F 86 10.88 10.44 -28.09
C ASN F 86 11.11 11.74 -28.80
N ALA F 87 10.23 12.05 -29.75
CA ALA F 87 10.24 13.30 -30.51
C ALA F 87 9.00 14.13 -30.17
N GLY F 88 9.22 15.35 -29.70
CA GLY F 88 8.13 16.15 -29.14
C GLY F 88 7.29 16.90 -30.15
N GLU F 89 6.20 16.28 -30.59
CA GLU F 89 5.36 16.81 -31.68
C GLU F 89 3.86 16.66 -31.44
N PRO F 90 3.06 17.70 -31.76
CA PRO F 90 1.58 17.70 -31.59
C PRO F 90 0.83 16.53 -32.28
N GLY F 91 0.84 15.36 -31.65
CA GLY F 91 0.18 14.22 -32.26
C GLY F 91 1.18 13.62 -33.20
N PRO F 92 0.75 12.67 -34.05
CA PRO F 92 1.66 12.11 -35.06
C PRO F 92 1.62 12.90 -36.39
N VAL F 93 2.02 14.17 -36.31
CA VAL F 93 2.25 15.03 -37.48
C VAL F 93 3.39 14.51 -38.37
N LEU F 94 4.31 13.78 -37.73
CA LEU F 94 5.27 12.95 -38.42
C LEU F 94 5.14 11.60 -37.77
N VAL F 95 5.08 10.54 -38.58
CA VAL F 95 5.31 9.19 -38.03
C VAL F 95 6.77 9.02 -37.57
N ARG F 96 7.01 8.06 -36.70
CA ARG F 96 8.38 7.66 -36.43
C ARG F 96 8.61 6.29 -37.09
N THR F 97 9.50 6.28 -38.06
CA THR F 97 9.90 5.08 -38.79
C THR F 97 10.79 4.16 -37.93
N ALA F 98 11.77 4.77 -37.25
CA ALA F 98 12.67 4.10 -36.29
C ALA F 98 13.43 5.17 -35.52
N GLN F 99 14.02 4.78 -34.40
CA GLN F 99 14.85 5.69 -33.60
C GLN F 99 15.94 4.87 -32.86
N PHE F 100 17.06 5.54 -32.55
CA PHE F 100 18.20 4.89 -31.92
C PHE F 100 18.84 5.81 -30.91
N ILE F 101 19.21 5.23 -29.77
CA ILE F 101 20.04 5.92 -28.76
C ILE F 101 21.15 4.99 -28.26
N GLY F 102 22.17 5.58 -27.65
CA GLY F 102 23.33 4.86 -27.13
C GLY F 102 23.80 3.74 -28.05
N GLU F 103 23.64 3.98 -29.36
CA GLU F 103 23.93 3.03 -30.43
C GLU F 103 23.07 1.78 -30.36
N GLN F 104 21.77 1.99 -30.18
CA GLN F 104 20.81 0.91 -30.25
C GLN F 104 19.47 1.37 -30.79
N PHE F 105 18.77 0.41 -31.42
CA PHE F 105 17.38 0.57 -31.77
C PHE F 105 16.61 0.75 -30.47
N ALA F 106 15.87 1.86 -30.36
CA ALA F 106 15.20 2.22 -29.11
C ALA F 106 13.66 2.38 -29.19
N PRO F 107 12.94 1.30 -29.58
CA PRO F 107 11.49 1.42 -29.61
C PRO F 107 10.88 1.07 -28.22
N ARG F 108 11.75 0.75 -27.26
CA ARG F 108 11.41 0.35 -25.89
C ARG F 108 12.15 1.20 -24.85
N SER F 109 12.16 0.72 -23.61
CA SER F 109 12.79 1.45 -22.49
C SER F 109 14.28 1.10 -22.41
N VAL F 110 15.05 2.07 -21.90
CA VAL F 110 16.51 2.00 -21.92
C VAL F 110 17.13 2.63 -20.68
N SER F 111 18.34 2.19 -20.34
CA SER F 111 19.03 2.72 -19.17
C SER F 111 19.99 3.84 -19.56
N LEU F 112 19.99 4.91 -18.78
CA LEU F 112 21.07 5.89 -18.89
C LEU F 112 21.78 5.93 -17.56
N GLU F 113 23.12 5.86 -17.62
CA GLU F 113 23.92 5.94 -16.41
C GLU F 113 24.21 7.38 -16.20
N ILE F 114 24.42 7.71 -14.94
CA ILE F 114 24.57 9.09 -14.51
C ILE F 114 26.01 9.61 -14.72
N GLY F 115 26.18 10.49 -15.69
CA GLY F 115 27.50 11.08 -15.91
C GLY F 115 28.05 10.81 -17.29
N LYS F 116 27.43 9.89 -18.03
CA LYS F 116 27.86 9.61 -19.40
C LYS F 116 27.17 10.53 -20.41
N ASP F 117 27.55 10.42 -21.66
CA ASP F 117 26.79 11.08 -22.69
C ASP F 117 26.32 9.99 -23.62
N TYR F 118 25.28 10.29 -24.40
CA TYR F 118 24.72 9.31 -25.31
C TYR F 118 24.33 9.98 -26.61
N ALA F 119 24.42 9.23 -27.72
CA ALA F 119 24.00 9.77 -29.02
C ALA F 119 22.73 9.09 -29.54
N PHE F 120 21.91 9.88 -30.21
CA PHE F 120 20.57 9.44 -30.64
C PHE F 120 20.09 10.02 -31.97
N SER F 121 19.11 9.35 -32.56
CA SER F 121 18.50 9.82 -33.80
C SER F 121 17.15 9.19 -34.04
N ILE F 122 16.25 9.98 -34.65
CA ILE F 122 14.85 9.57 -34.87
C ILE F 122 14.38 9.81 -36.30
N ASN F 123 14.12 8.71 -37.01
CA ASN F 123 13.62 8.75 -38.38
C ASN F 123 12.13 9.13 -38.42
N LEU F 124 11.85 10.25 -39.05
CA LEU F 124 10.54 10.82 -39.02
C LEU F 124 9.93 11.05 -40.40
N ARG F 125 9.19 10.07 -40.91
CA ARG F 125 8.39 10.30 -42.10
C ARG F 125 7.29 11.37 -41.86
N GLY F 126 7.15 12.31 -42.78
CA GLY F 126 6.16 13.39 -42.66
C GLY F 126 4.77 12.87 -42.95
N ARG F 127 3.76 13.50 -42.33
CA ARG F 127 2.38 13.00 -42.40
C ARG F 127 1.34 14.09 -42.43
N ARG F 128 1.52 15.13 -41.62
CA ARG F 128 0.48 16.15 -41.49
C ARG F 128 0.84 17.52 -42.07
N ALA F 129 -0.03 18.00 -42.94
CA ALA F 129 0.14 19.29 -43.53
C ALA F 129 0.28 20.38 -42.45
N GLY F 130 1.46 20.97 -42.32
CA GLY F 130 1.61 22.13 -41.43
C GLY F 130 3.02 22.51 -40.99
N ARG F 131 3.06 23.35 -39.96
CA ARG F 131 4.30 23.89 -39.36
C ARG F 131 4.43 23.56 -37.85
N TRP F 132 5.19 22.50 -37.55
CA TRP F 132 5.24 21.90 -36.21
C TRP F 132 6.60 21.97 -35.54
N HIS F 133 6.68 22.59 -34.36
CA HIS F 133 7.94 22.74 -33.63
C HIS F 133 8.44 21.51 -32.88
N VAL F 134 9.25 20.70 -33.57
CA VAL F 134 9.60 19.31 -33.18
C VAL F 134 10.84 19.14 -32.28
N HIS F 135 10.65 18.69 -31.03
CA HIS F 135 11.77 18.59 -30.09
C HIS F 135 12.32 17.22 -29.96
N ALA F 136 13.62 17.14 -29.64
CA ALA F 136 14.17 15.90 -29.11
C ALA F 136 13.71 15.87 -27.66
N GLN F 137 13.35 14.66 -27.21
CA GLN F 137 12.71 14.45 -25.91
C GLN F 137 13.06 13.11 -25.29
N ILE F 138 13.31 13.13 -23.99
CA ILE F 138 13.53 11.92 -23.23
C ILE F 138 12.72 11.98 -21.94
N ASN F 139 12.08 10.85 -21.62
CA ASN F 139 11.34 10.69 -20.36
C ASN F 139 12.00 9.72 -19.39
N VAL F 140 11.76 9.93 -18.10
CA VAL F 140 12.36 9.10 -17.06
C VAL F 140 11.31 8.48 -16.14
N GLU F 141 11.30 7.14 -16.09
CA GLU F 141 10.61 6.35 -15.07
C GLU F 141 9.90 7.22 -14.09
N GLY F 142 10.60 7.61 -13.04
CA GLY F 142 9.94 8.32 -11.97
C GLY F 142 10.31 9.75 -12.04
N GLY F 143 9.94 10.40 -13.11
CA GLY F 143 10.45 11.73 -13.25
C GLY F 143 9.61 12.59 -14.12
N GLY F 144 9.50 12.19 -15.40
CA GLY F 144 8.65 12.88 -16.35
C GLY F 144 9.31 13.12 -17.68
N PRO F 145 8.82 14.12 -18.43
CA PRO F 145 9.42 14.42 -19.71
C PRO F 145 10.57 15.46 -19.54
N ILE F 146 11.71 15.19 -20.17
CA ILE F 146 12.71 16.24 -20.35
C ILE F 146 12.77 16.61 -21.82
N ILE F 147 12.43 17.87 -22.07
CA ILE F 147 12.27 18.41 -23.42
C ILE F 147 13.53 19.12 -23.84
N GLY F 148 13.99 18.81 -25.05
CA GLY F 148 15.19 19.42 -25.56
C GLY F 148 14.96 20.54 -26.57
N PRO F 149 15.96 20.77 -27.42
CA PRO F 149 15.87 21.57 -28.62
C PRO F 149 14.72 21.17 -29.52
N GLY F 150 14.01 22.18 -30.00
CA GLY F 150 12.92 21.97 -30.92
C GLY F 150 13.03 22.95 -32.06
N GLN F 151 12.82 22.46 -33.27
CA GLN F 151 12.94 23.30 -34.45
C GLN F 151 11.66 23.20 -35.26
N TRP F 152 11.20 24.34 -35.77
CA TRP F 152 10.09 24.39 -36.70
C TRP F 152 10.33 23.57 -37.92
N ILE F 153 9.54 22.54 -38.11
CA ILE F 153 9.65 21.73 -39.30
C ILE F 153 8.40 22.05 -40.09
N GLU F 154 8.47 21.96 -41.41
CA GLU F 154 7.34 22.34 -42.26
C GLU F 154 6.99 21.24 -43.25
N ILE F 155 5.80 20.68 -43.09
CA ILE F 155 5.35 19.65 -44.03
C ILE F 155 4.42 20.31 -45.05
N LYS F 156 4.47 19.83 -46.29
CA LYS F 156 3.49 20.18 -47.31
C LYS F 156 3.01 18.94 -48.05
N GLY F 157 1.92 19.11 -48.77
CA GLY F 157 1.24 18.02 -49.45
C GLY F 157 -0.13 17.77 -48.83
N ASP F 158 -0.64 16.56 -49.02
CA ASP F 158 -1.89 16.17 -48.37
C ASP F 158 -1.73 14.90 -47.55
N MET F 159 -2.32 14.92 -46.36
CA MET F 159 -2.35 13.78 -45.46
C MET F 159 -2.90 12.56 -46.20
N LYS F 160 -3.95 12.78 -47.00
CA LYS F 160 -4.54 11.79 -47.93
C LYS F 160 -3.53 10.77 -48.50
N ASP F 161 -2.35 11.30 -48.81
CA ASP F 161 -1.31 10.59 -49.55
C ASP F 161 -0.38 9.83 -48.62
N PHE F 162 -0.35 10.21 -47.34
CA PHE F 162 0.49 9.50 -46.41
C PHE F 162 0.27 7.98 -46.45
N THR F 163 1.38 7.27 -46.49
CA THR F 163 1.41 5.84 -46.33
C THR F 163 2.58 5.53 -45.43
N ASP F 164 2.84 4.25 -45.18
CA ASP F 164 4.14 3.91 -44.64
C ASP F 164 4.97 3.32 -45.77
N PRO F 165 4.93 1.99 -45.99
CA PRO F 165 4.27 0.97 -45.21
C PRO F 165 5.29 0.16 -44.43
N VAL F 166 4.99 -1.12 -44.23
CA VAL F 166 5.77 -2.01 -43.40
C VAL F 166 5.67 -3.43 -43.93
N THR F 167 6.62 -4.26 -43.53
CA THR F 167 6.77 -5.57 -44.11
C THR F 167 6.69 -6.66 -43.08
N LEU F 168 5.78 -7.59 -43.32
CA LEU F 168 5.54 -8.69 -42.41
C LEU F 168 6.63 -9.73 -42.55
N LEU F 169 6.80 -10.57 -41.53
CA LEU F 169 7.76 -11.67 -41.56
C LEU F 169 7.46 -12.67 -42.66
N ASP F 170 6.18 -12.96 -42.87
CA ASP F 170 5.70 -13.86 -43.92
C ASP F 170 6.01 -13.34 -45.33
N GLY F 171 6.28 -12.05 -45.43
CA GLY F 171 6.71 -11.44 -46.67
C GLY F 171 6.02 -10.13 -46.98
N SER F 172 4.70 -10.13 -46.93
CA SER F 172 3.87 -9.07 -47.54
C SER F 172 4.05 -7.64 -47.01
N THR F 173 3.27 -6.72 -47.56
CA THR F 173 3.35 -5.31 -47.18
C THR F 173 1.98 -4.80 -46.74
N VAL F 174 1.97 -3.80 -45.85
CA VAL F 174 0.72 -3.23 -45.30
C VAL F 174 0.87 -1.75 -44.97
N ASP F 175 -0.15 -0.95 -45.30
CA ASP F 175 -0.12 0.47 -44.95
C ASP F 175 -0.59 0.57 -43.53
N LEU F 176 0.30 0.93 -42.60
CA LEU F 176 -0.13 1.04 -41.18
C LEU F 176 -1.21 2.08 -40.97
N GLU F 177 -1.09 3.18 -41.71
CA GLU F 177 -2.08 4.26 -41.70
C GLU F 177 -3.49 3.75 -41.96
N HIS F 178 -3.61 2.53 -42.50
CA HIS F 178 -4.91 1.91 -42.80
C HIS F 178 -5.11 0.51 -42.34
N TYR F 179 -4.03 -0.26 -42.15
CA TYR F 179 -4.17 -1.70 -41.95
C TYR F 179 -4.99 -2.02 -40.74
N GLY F 180 -5.89 -3.01 -40.88
CA GLY F 180 -6.68 -3.59 -39.77
C GLY F 180 -7.99 -2.90 -39.40
N ILE F 181 -7.98 -1.57 -39.50
CA ILE F 181 -9.13 -0.68 -39.23
C ILE F 181 -10.47 -1.25 -39.73
N SER F 182 -10.39 -2.01 -40.83
CA SER F 182 -11.56 -2.60 -41.46
C SER F 182 -12.10 -3.71 -40.59
N ARG F 183 -11.22 -4.64 -40.24
CA ARG F 183 -11.63 -5.80 -39.46
C ARG F 183 -12.25 -5.42 -38.12
N VAL F 184 -11.64 -4.43 -37.47
CA VAL F 184 -12.17 -3.85 -36.24
C VAL F 184 -13.66 -3.51 -36.42
N TYR F 185 -13.97 -2.51 -37.25
CA TYR F 185 -15.35 -2.14 -37.55
C TYR F 185 -16.23 -3.33 -37.84
N ALA F 186 -15.72 -4.18 -38.73
CA ALA F 186 -16.40 -5.35 -39.21
C ALA F 186 -16.84 -6.27 -38.09
N TRP F 187 -16.08 -6.32 -36.99
CA TRP F 187 -16.44 -7.17 -35.85
C TRP F 187 -17.12 -6.46 -34.73
N HIS F 188 -16.80 -5.17 -34.55
CA HIS F 188 -17.44 -4.31 -33.53
C HIS F 188 -18.86 -3.89 -33.85
N LEU F 189 -19.03 -3.22 -34.99
CA LEU F 189 -20.31 -2.60 -35.29
C LEU F 189 -21.48 -3.58 -35.45
N PRO F 190 -21.23 -4.79 -36.04
CA PRO F 190 -22.26 -5.82 -35.91
C PRO F 190 -22.73 -5.96 -34.46
N TRP F 191 -21.80 -6.28 -33.55
CA TRP F 191 -22.12 -6.57 -32.16
C TRP F 191 -22.79 -5.46 -31.47
N MET F 192 -22.39 -4.23 -31.78
CA MET F 192 -23.07 -3.04 -31.27
C MET F 192 -24.54 -2.93 -31.70
N ALA F 193 -24.79 -3.12 -33.00
CA ALA F 193 -26.15 -3.29 -33.48
C ALA F 193 -26.87 -4.43 -32.74
N VAL F 194 -26.30 -5.64 -32.75
CA VAL F 194 -26.87 -6.75 -31.97
C VAL F 194 -27.34 -6.36 -30.56
N GLY F 195 -26.46 -5.71 -29.79
CA GLY F 195 -26.78 -5.28 -28.43
C GLY F 195 -27.97 -4.34 -28.41
N ALA F 196 -27.90 -3.29 -29.23
CA ALA F 196 -28.98 -2.36 -29.36
C ALA F 196 -30.28 -3.03 -29.83
N ALA F 197 -30.18 -4.16 -30.56
CA ALA F 197 -31.38 -4.91 -31.01
C ALA F 197 -32.06 -5.57 -29.84
N TRP F 198 -31.24 -6.20 -29.00
CA TRP F 198 -31.63 -6.87 -27.76
C TRP F 198 -32.37 -5.98 -26.84
N ILE F 199 -31.90 -4.75 -26.72
CA ILE F 199 -32.61 -3.77 -25.93
C ILE F 199 -33.94 -3.40 -26.58
N PHE F 200 -33.91 -2.94 -27.84
CA PHE F 200 -35.15 -2.47 -28.48
C PHE F 200 -36.24 -3.52 -28.40
N PHE F 201 -35.87 -4.76 -28.67
CA PHE F 201 -36.77 -5.90 -28.64
C PHE F 201 -37.63 -5.90 -27.37
N TRP F 202 -37.00 -5.99 -26.21
CA TRP F 202 -37.74 -6.03 -24.94
C TRP F 202 -38.41 -4.75 -24.52
N PHE F 203 -37.84 -3.59 -24.90
CA PHE F 203 -38.48 -2.29 -24.63
C PHE F 203 -39.86 -2.17 -25.31
N VAL F 204 -39.98 -2.80 -26.48
CA VAL F 204 -41.24 -2.83 -27.20
C VAL F 204 -41.82 -4.23 -27.17
N ARG F 205 -42.24 -4.71 -26.01
CA ARG F 205 -42.61 -6.11 -25.87
C ARG F 205 -43.14 -6.26 -24.48
N LYS F 206 -42.93 -5.19 -23.71
CA LYS F 206 -43.42 -4.99 -22.34
C LYS F 206 -42.82 -3.62 -22.09
N GLY F 207 -43.66 -2.61 -21.86
CA GLY F 207 -43.17 -1.24 -21.68
C GLY F 207 -42.29 -1.07 -20.45
N ILE F 208 -41.75 0.13 -20.24
CA ILE F 208 -41.13 0.40 -18.96
C ILE F 208 -42.26 0.50 -17.93
N ILE F 209 -43.09 1.54 -18.07
CA ILE F 209 -44.22 1.78 -17.19
C ILE F 209 -45.04 0.51 -16.95
N THR F 210 -45.50 -0.11 -18.05
CA THR F 210 -46.17 -1.41 -18.04
C THR F 210 -45.51 -2.40 -17.09
N SER F 211 -44.26 -2.73 -17.39
CA SER F 211 -43.53 -3.78 -16.69
C SER F 211 -43.22 -3.39 -15.25
N TYR F 212 -43.00 -2.09 -15.02
CA TYR F 212 -42.82 -1.57 -13.67
C TYR F 212 -44.05 -1.77 -12.84
N ILE F 213 -45.20 -1.58 -13.51
CA ILE F 213 -46.52 -1.71 -12.87
C ILE F 213 -46.84 -3.18 -12.69
N ARG F 214 -46.54 -4.00 -13.70
CA ARG F 214 -46.71 -5.41 -13.52
C ARG F 214 -45.90 -5.87 -12.30
N VAL F 215 -44.58 -5.62 -12.30
CA VAL F 215 -43.72 -5.93 -11.14
C VAL F 215 -44.33 -5.41 -9.86
N ALA F 216 -44.83 -4.16 -9.93
CA ALA F 216 -45.42 -3.42 -8.81
C ALA F 216 -46.64 -4.10 -8.20
N GLU F 217 -47.69 -4.35 -8.97
CA GLU F 217 -48.77 -5.21 -8.51
C GLU F 217 -48.13 -6.57 -8.37
N GLY F 218 -48.91 -7.54 -7.91
CA GLY F 218 -48.46 -8.92 -7.80
C GLY F 218 -47.42 -9.40 -8.80
N LYS F 219 -47.63 -9.14 -10.07
CA LYS F 219 -46.84 -9.85 -11.06
C LYS F 219 -46.65 -9.03 -12.34
N ALA F 220 -45.45 -9.02 -12.99
CA ALA F 220 -44.31 -9.98 -12.88
C ALA F 220 -44.76 -11.32 -13.46
N ASP F 221 -43.86 -12.10 -14.08
CA ASP F 221 -44.30 -13.38 -14.71
C ASP F 221 -45.32 -13.09 -15.80
N ASP F 222 -45.90 -11.90 -15.73
CA ASP F 222 -46.65 -11.33 -16.81
C ASP F 222 -45.61 -10.70 -17.72
N VAL F 223 -44.54 -10.17 -17.11
CA VAL F 223 -43.42 -9.59 -17.85
C VAL F 223 -42.51 -10.65 -18.45
N ILE F 224 -42.02 -11.55 -17.59
CA ILE F 224 -41.16 -12.65 -18.06
C ILE F 224 -41.82 -13.98 -17.79
N GLY F 225 -41.10 -15.05 -18.10
CA GLY F 225 -41.68 -16.35 -18.20
C GLY F 225 -41.52 -16.75 -19.65
N ASP F 226 -40.80 -17.87 -19.87
CA ASP F 226 -40.70 -18.54 -21.17
C ASP F 226 -42.02 -18.39 -21.91
N ASP F 227 -41.99 -18.23 -23.22
CA ASP F 227 -40.82 -18.37 -24.07
C ASP F 227 -39.92 -17.13 -24.14
N ASP F 228 -40.13 -16.18 -23.22
CA ASP F 228 -39.16 -15.13 -23.01
C ASP F 228 -37.80 -15.76 -22.73
N ARG F 229 -37.80 -16.74 -21.82
CA ARG F 229 -36.64 -17.58 -21.59
C ARG F 229 -36.14 -18.25 -22.86
N ARG F 230 -37.05 -18.88 -23.61
CA ARG F 230 -36.64 -19.55 -24.83
C ARG F 230 -36.00 -18.57 -25.81
N ILE F 231 -36.50 -17.35 -25.89
CA ILE F 231 -35.78 -16.34 -26.66
C ILE F 231 -34.31 -16.31 -26.16
N GLY F 232 -34.15 -16.03 -24.86
CA GLY F 232 -32.82 -15.98 -24.23
C GLY F 232 -31.95 -17.15 -24.66
N ALA F 233 -32.32 -18.36 -24.22
CA ALA F 233 -31.57 -19.57 -24.54
C ALA F 233 -31.11 -19.61 -26.01
N ILE F 234 -31.98 -19.16 -26.92
CA ILE F 234 -31.68 -19.12 -28.37
C ILE F 234 -30.65 -18.03 -28.66
N VAL F 235 -30.96 -16.80 -28.23
CA VAL F 235 -30.06 -15.70 -28.49
C VAL F 235 -28.72 -15.99 -27.83
N LEU F 236 -28.75 -16.63 -26.68
CA LEU F 236 -27.52 -16.93 -25.99
C LEU F 236 -26.70 -17.90 -26.83
N ALA F 237 -27.32 -19.04 -27.16
CA ALA F 237 -26.67 -20.11 -27.90
C ALA F 237 -26.07 -19.58 -29.24
N LEU F 238 -26.85 -18.79 -29.97
CA LEU F 238 -26.33 -18.13 -31.16
C LEU F 238 -25.06 -17.37 -30.86
N THR F 239 -25.08 -16.56 -29.80
CA THR F 239 -23.96 -15.68 -29.42
C THR F 239 -22.69 -16.45 -29.15
N ILE F 240 -22.78 -17.48 -28.31
CA ILE F 240 -21.66 -18.37 -28.10
C ILE F 240 -21.16 -18.95 -29.43
N LEU F 241 -22.08 -19.37 -30.30
CA LEU F 241 -21.73 -19.84 -31.63
C LEU F 241 -20.97 -18.79 -32.48
N ALA F 242 -21.58 -17.62 -32.69
CA ALA F 242 -20.99 -16.52 -33.44
C ALA F 242 -19.61 -16.19 -32.93
N THR F 243 -19.42 -16.33 -31.63
CA THR F 243 -18.10 -16.12 -31.05
C THR F 243 -17.16 -17.27 -31.44
N ILE F 244 -17.58 -18.52 -31.19
CA ILE F 244 -16.78 -19.69 -31.58
C ILE F 244 -16.32 -19.51 -33.02
N VAL F 245 -17.27 -19.38 -33.94
CA VAL F 245 -16.99 -18.99 -35.34
C VAL F 245 -15.97 -17.83 -35.46
N GLY F 246 -16.37 -16.64 -34.98
CA GLY F 246 -15.54 -15.42 -35.06
C GLY F 246 -14.11 -15.64 -34.61
N TYR F 247 -13.94 -16.47 -33.59
CA TYR F 247 -12.64 -16.87 -33.10
C TYR F 247 -11.92 -17.77 -34.10
N ALA F 248 -12.55 -18.89 -34.47
CA ALA F 248 -11.98 -19.91 -35.38
C ALA F 248 -11.49 -19.36 -36.71
N VAL F 249 -12.23 -18.40 -37.27
CA VAL F 249 -11.91 -17.69 -38.53
C VAL F 249 -10.69 -16.77 -38.40
N THR F 250 -10.76 -15.85 -37.44
CA THR F 250 -9.62 -14.97 -37.16
C THR F 250 -8.46 -15.77 -36.60
N ASN F 251 -8.68 -17.06 -36.38
CA ASN F 251 -7.59 -17.95 -36.04
C ASN F 251 -6.92 -18.53 -37.27
N SER F 252 -7.71 -18.67 -38.34
CA SER F 252 -7.19 -19.10 -39.63
C SER F 252 -6.58 -17.93 -40.35
N THR F 253 -7.31 -16.83 -40.48
CA THR F 253 -6.65 -15.60 -40.89
C THR F 253 -5.67 -15.32 -39.79
N PHE F 254 -4.42 -15.01 -40.14
CA PHE F 254 -3.34 -14.80 -39.15
C PHE F 254 -3.15 -15.99 -38.19
N PRO F 255 -2.61 -17.12 -38.68
CA PRO F 255 -2.36 -18.20 -37.70
C PRO F 255 -0.93 -18.14 -37.17
N ARG F 256 -0.26 -17.02 -37.45
CA ARG F 256 1.12 -16.70 -37.01
C ARG F 256 1.18 -16.24 -35.53
N THR F 257 1.15 -14.91 -35.35
CA THR F 257 1.00 -14.18 -34.06
C THR F 257 1.94 -14.43 -32.85
N ILE F 258 2.34 -13.30 -32.28
CA ILE F 258 3.23 -13.24 -31.14
C ILE F 258 2.80 -12.16 -30.11
N PRO F 259 3.07 -12.38 -28.79
CA PRO F 259 2.74 -11.37 -27.78
C PRO F 259 3.45 -10.05 -28.06
N LEU F 260 2.82 -8.95 -27.67
CA LEU F 260 3.48 -7.63 -27.63
C LEU F 260 4.91 -7.76 -27.09
N GLN F 261 5.86 -7.19 -27.81
CA GLN F 261 7.25 -7.24 -27.39
C GLN F 261 7.58 -6.07 -26.45
N ALA F 262 7.95 -6.37 -25.20
CA ALA F 262 8.28 -5.32 -24.24
C ALA F 262 9.26 -5.74 -23.14
N GLY F 263 9.90 -4.73 -22.53
CA GLY F 263 10.95 -4.93 -21.54
C GLY F 263 12.09 -3.91 -21.71
N LEU F 264 12.89 -3.72 -20.67
CA LEU F 264 14.02 -2.81 -20.74
C LEU F 264 15.04 -3.45 -21.67
N GLN F 265 15.62 -2.63 -22.57
CA GLN F 265 16.70 -3.06 -23.45
C GLN F 265 18.08 -3.12 -22.72
N LYS F 266 18.88 -4.14 -23.12
CA LYS F 266 20.28 -4.33 -22.69
C LYS F 266 21.04 -3.00 -22.57
N PRO F 267 21.98 -2.92 -21.62
CA PRO F 267 22.54 -1.61 -21.26
C PRO F 267 23.07 -0.86 -22.50
N LEU F 268 22.90 0.46 -22.54
CA LEU F 268 23.38 1.27 -23.67
C LEU F 268 24.92 1.30 -23.79
N THR F 269 25.46 1.76 -24.92
CA THR F 269 26.88 2.14 -24.99
C THR F 269 27.02 3.66 -25.19
N PRO F 270 27.75 4.33 -24.29
CA PRO F 270 27.88 5.80 -24.26
C PRO F 270 28.80 6.30 -25.39
N ILE F 271 28.76 7.59 -25.75
CA ILE F 271 29.79 8.14 -26.66
C ILE F 271 31.17 8.03 -25.99
N GLU F 272 32.19 7.69 -26.79
CA GLU F 272 33.58 7.55 -26.29
C GLU F 272 34.57 8.49 -26.97
N THR F 273 34.04 9.46 -27.72
CA THR F 273 34.84 10.35 -28.55
C THR F 273 34.34 11.77 -28.33
N GLU F 274 35.16 12.69 -27.85
CA GLU F 274 36.54 12.51 -27.47
C GLU F 274 37.16 13.87 -27.19
N GLY F 275 36.96 14.44 -26.00
CA GLY F 275 35.88 14.09 -25.08
C GLY F 275 34.85 15.22 -25.19
N THR F 276 33.55 14.95 -24.97
CA THR F 276 33.01 13.77 -24.27
C THR F 276 33.59 13.60 -22.86
N VAL F 277 32.93 14.30 -21.93
CA VAL F 277 33.40 14.54 -20.58
C VAL F 277 33.93 13.27 -19.97
N GLY F 278 35.09 13.37 -19.33
CA GLY F 278 35.65 12.27 -18.55
C GLY F 278 36.00 11.05 -19.38
N VAL F 279 36.31 11.30 -20.65
CA VAL F 279 36.77 10.25 -21.55
C VAL F 279 38.18 10.59 -22.11
N GLY F 280 39.05 9.59 -22.18
CA GLY F 280 40.38 9.75 -22.79
C GLY F 280 41.45 10.37 -21.90
N LYS F 281 42.62 10.62 -22.49
CA LYS F 281 43.73 11.27 -21.80
C LYS F 281 43.54 12.78 -21.75
N GLU F 282 42.83 13.28 -22.76
CA GLU F 282 42.60 14.70 -22.94
C GLU F 282 41.24 15.12 -22.37
N ASN F 283 41.28 16.10 -21.46
CA ASN F 283 40.08 16.60 -20.75
C ASN F 283 40.25 17.99 -20.08
N VAL F 284 39.12 18.64 -19.85
CA VAL F 284 39.14 19.84 -19.07
C VAL F 284 38.33 19.56 -17.80
N THR F 285 38.60 20.31 -16.76
CA THR F 285 37.95 20.18 -15.46
C THR F 285 37.25 21.52 -15.18
N THR F 286 36.05 21.47 -14.60
CA THR F 286 35.42 22.71 -14.11
C THR F 286 34.71 22.59 -12.75
N GLU F 287 35.27 23.26 -11.76
CA GLU F 287 34.58 23.54 -10.50
C GLU F 287 33.81 24.84 -10.65
N LEU F 288 32.58 24.87 -10.16
CA LEU F 288 31.99 26.16 -9.90
C LEU F 288 32.58 26.66 -8.60
N ASN F 289 32.60 27.97 -8.46
CA ASN F 289 33.02 28.57 -7.23
C ASN F 289 32.25 29.86 -7.16
N GLY F 290 30.99 29.76 -6.75
CA GLY F 290 30.15 30.93 -6.57
C GLY F 290 29.61 31.42 -7.89
N GLY F 291 28.73 32.40 -7.82
CA GLY F 291 28.04 32.89 -9.00
C GLY F 291 26.69 33.45 -8.63
N VAL F 292 26.15 34.30 -9.49
CA VAL F 292 24.98 35.09 -9.16
C VAL F 292 24.09 35.29 -10.38
N TYR F 293 22.79 35.29 -10.14
CA TYR F 293 21.81 35.74 -11.14
C TYR F 293 20.97 36.89 -10.57
N LYS F 294 20.60 37.81 -11.46
CA LYS F 294 19.92 39.03 -11.06
C LYS F 294 18.44 38.81 -11.15
N VAL F 295 17.71 39.16 -10.09
CA VAL F 295 16.27 38.91 -10.02
C VAL F 295 15.49 40.21 -9.84
N PRO F 296 14.66 40.59 -10.85
CA PRO F 296 14.56 39.89 -12.17
C PRO F 296 15.72 40.27 -13.07
N GLY F 297 15.94 39.52 -14.16
CA GLY F 297 17.04 39.89 -15.04
C GLY F 297 17.37 39.04 -16.24
N ARG F 298 18.56 39.29 -16.79
CA ARG F 298 19.10 38.67 -18.00
C ARG F 298 20.51 38.07 -17.76
N GLU F 299 21.12 38.46 -16.63
CA GLU F 299 22.51 38.15 -16.27
C GLU F 299 22.74 37.01 -15.29
N LEU F 300 23.68 36.15 -15.66
CA LEU F 300 24.26 35.16 -14.77
C LEU F 300 25.77 35.27 -14.84
N THR F 301 26.39 35.50 -13.70
CA THR F 301 27.82 35.75 -13.60
C THR F 301 28.46 34.71 -12.67
N ILE F 302 29.34 33.88 -13.22
CA ILE F 302 29.89 32.75 -12.45
C ILE F 302 31.41 32.57 -12.51
N ASN F 303 32.01 32.16 -11.39
CA ASN F 303 33.45 31.97 -11.32
C ASN F 303 33.75 30.50 -11.46
N VAL F 304 34.48 30.17 -12.52
CA VAL F 304 34.84 28.79 -12.83
C VAL F 304 36.35 28.50 -12.62
N LYS F 305 36.70 27.66 -11.64
CA LYS F 305 38.06 27.15 -11.54
C LYS F 305 38.35 26.02 -12.56
N VAL F 306 38.77 26.42 -13.76
CA VAL F 306 39.10 25.47 -14.84
C VAL F 306 40.52 24.92 -14.76
N LYS F 307 40.67 23.63 -15.07
CA LYS F 307 41.95 22.96 -15.11
C LYS F 307 42.08 22.30 -16.48
N ASN F 308 43.27 22.37 -17.05
CA ASN F 308 43.53 21.88 -18.41
C ASN F 308 45.00 21.55 -18.49
N ASN F 309 45.43 20.31 -18.73
CA ASN F 309 44.72 19.00 -18.75
C ASN F 309 44.60 18.32 -20.11
N THR F 310 44.56 19.13 -21.16
CA THR F 310 44.92 18.66 -22.50
C THR F 310 46.41 18.92 -22.72
N SER F 311 46.84 18.90 -23.97
CA SER F 311 48.13 19.45 -24.36
C SER F 311 47.90 20.37 -25.57
N GLN F 312 47.26 21.49 -25.28
CA GLN F 312 46.91 22.51 -26.25
C GLN F 312 46.37 23.76 -25.51
N PRO F 313 46.18 24.87 -26.23
CA PRO F 313 45.53 26.05 -25.65
C PRO F 313 44.01 26.01 -25.81
N LEU F 314 43.28 26.48 -24.79
CA LEU F 314 41.82 26.45 -24.83
C LEU F 314 41.12 27.75 -24.42
N ARG F 315 40.28 28.28 -25.30
CA ARG F 315 39.35 29.37 -24.94
C ARG F 315 37.90 28.85 -24.88
N LEU F 316 37.18 29.27 -23.84
CA LEU F 316 35.81 28.85 -23.62
C LEU F 316 34.85 29.40 -24.70
N GLY F 317 34.30 28.50 -25.51
CA GLY F 317 33.46 28.90 -26.63
C GLY F 317 31.95 28.87 -26.44
N GLU F 318 31.49 28.08 -25.47
CA GLU F 318 30.07 27.77 -25.30
C GLU F 318 29.69 27.32 -23.89
N TYR F 319 28.49 27.76 -23.50
CA TYR F 319 27.76 27.25 -22.34
C TYR F 319 26.31 26.83 -22.70
N THR F 320 26.01 25.52 -22.56
CA THR F 320 24.64 25.00 -22.76
C THR F 320 23.94 24.74 -21.41
N ALA F 321 22.61 24.89 -21.41
CA ALA F 321 21.80 24.74 -20.20
C ALA F 321 20.62 23.80 -20.42
N ALA F 322 19.47 24.36 -20.81
CA ALA F 322 18.28 23.57 -21.05
C ALA F 322 18.16 23.26 -22.51
N GLY F 323 19.29 23.43 -23.21
CA GLY F 323 19.34 23.32 -24.66
C GLY F 323 19.69 24.64 -25.32
N LEU F 324 19.55 25.74 -24.58
CA LEU F 324 20.00 27.04 -25.06
C LEU F 324 21.51 27.05 -25.15
N ARG F 325 22.04 27.58 -26.25
CA ARG F 325 23.47 27.75 -26.41
C ARG F 325 23.84 29.19 -26.12
N PHE F 326 24.74 29.34 -25.15
CA PHE F 326 25.32 30.64 -24.84
C PHE F 326 26.76 30.77 -25.37
N LEU F 327 26.90 31.60 -26.40
CA LEU F 327 28.12 31.68 -27.21
C LEU F 327 29.04 32.83 -26.86
N ASN F 328 30.34 32.55 -26.99
CA ASN F 328 31.35 33.58 -27.01
C ASN F 328 31.70 33.96 -28.46
N PRO F 329 31.31 35.18 -28.90
CA PRO F 329 31.45 35.60 -30.31
C PRO F 329 32.91 35.71 -30.74
N ASP F 330 33.83 35.70 -29.76
CA ASP F 330 35.26 35.54 -30.00
C ASP F 330 35.51 34.18 -30.63
N VAL F 331 35.15 33.13 -29.91
CA VAL F 331 35.28 31.78 -30.41
C VAL F 331 34.30 31.51 -31.55
N PHE F 332 33.08 32.00 -31.41
CA PHE F 332 32.11 31.84 -32.47
C PHE F 332 32.02 33.13 -33.27
N THR F 333 33.08 33.40 -34.02
CA THR F 333 33.20 34.56 -34.92
C THR F 333 31.97 34.67 -35.84
N THR F 334 31.57 33.50 -36.33
CA THR F 334 30.20 33.18 -36.73
C THR F 334 30.10 31.72 -36.27
N LYS F 335 28.96 31.19 -35.83
CA LYS F 335 27.59 31.78 -35.68
C LYS F 335 26.62 30.78 -36.33
N PRO F 336 26.41 29.62 -35.67
CA PRO F 336 25.97 28.38 -36.34
C PRO F 336 24.48 28.27 -36.59
N ASP F 337 24.08 27.14 -37.16
CA ASP F 337 22.69 26.89 -37.54
C ASP F 337 21.90 26.26 -36.39
N PHE F 338 21.20 27.09 -35.62
CA PHE F 338 20.44 26.61 -34.47
C PHE F 338 19.16 27.44 -34.25
N PRO F 339 17.99 26.76 -34.09
CA PRO F 339 16.69 27.44 -34.01
C PRO F 339 16.76 28.64 -33.10
N ASP F 340 16.08 29.73 -33.43
CA ASP F 340 16.35 31.04 -32.82
C ASP F 340 17.17 30.93 -31.52
N TYR F 341 16.65 30.49 -30.37
CA TYR F 341 15.33 30.78 -29.78
C TYR F 341 15.38 30.77 -28.25
N LEU F 342 16.41 30.21 -27.56
CA LEU F 342 17.36 29.07 -27.88
C LEU F 342 18.76 29.22 -28.55
N LEU F 343 19.22 30.42 -28.87
CA LEU F 343 20.60 30.59 -29.34
C LEU F 343 21.14 32.00 -29.08
N ALA F 344 21.88 32.13 -27.99
CA ALA F 344 22.47 33.41 -27.64
C ALA F 344 23.88 33.59 -28.24
N ASP F 345 24.39 34.83 -28.18
CA ASP F 345 25.74 35.14 -28.63
C ASP F 345 26.43 35.96 -27.56
N ARG F 346 26.16 35.61 -26.31
CA ARG F 346 26.67 36.34 -25.15
C ARG F 346 26.85 35.41 -23.95
N GLY F 347 27.75 34.46 -24.14
CA GLY F 347 28.24 33.61 -23.06
C GLY F 347 29.65 34.05 -22.78
N LEU F 348 29.87 35.37 -22.87
CA LEU F 348 31.18 36.01 -22.86
C LEU F 348 31.50 36.73 -21.53
N SER F 349 32.76 36.69 -21.08
CA SER F 349 33.87 36.08 -21.82
C SER F 349 34.93 35.54 -20.87
N VAL F 350 36.17 35.69 -21.28
CA VAL F 350 37.33 35.50 -20.42
C VAL F 350 38.16 36.75 -20.72
N ASP F 351 39.34 36.56 -21.28
CA ASP F 351 40.02 37.59 -22.03
C ASP F 351 40.50 36.88 -23.28
N ALA F 352 39.85 35.75 -23.59
CA ALA F 352 40.33 34.77 -24.57
C ALA F 352 41.82 34.43 -24.39
N THR F 353 42.25 34.31 -23.13
CA THR F 353 43.65 34.01 -22.78
C THR F 353 43.88 32.52 -22.64
N PRO F 354 44.01 31.79 -23.79
CA PRO F 354 43.90 30.31 -23.97
C PRO F 354 44.38 29.35 -22.85
N ILE F 355 44.80 29.90 -21.71
CA ILE F 355 44.90 29.13 -20.44
C ILE F 355 46.09 28.17 -20.40
N ALA F 356 46.05 27.10 -21.19
CA ALA F 356 46.92 25.98 -20.90
C ALA F 356 47.52 25.39 -22.18
N PRO F 357 48.06 24.15 -22.12
CA PRO F 357 47.98 23.03 -21.15
C PRO F 357 48.64 23.21 -19.77
N GLY F 358 48.46 22.18 -18.91
CA GLY F 358 48.94 22.19 -17.52
C GLY F 358 48.36 23.25 -16.57
N GLU F 359 47.77 24.31 -17.13
CA GLU F 359 47.37 25.48 -16.36
C GLU F 359 46.07 25.36 -15.53
N ALA F 360 46.25 25.55 -14.21
CA ALA F 360 45.18 25.65 -13.21
C ALA F 360 44.75 27.14 -12.99
N LYS F 361 43.60 27.52 -13.55
CA LYS F 361 43.15 28.93 -13.59
C LYS F 361 41.66 29.13 -13.21
N GLU F 362 41.41 30.08 -12.30
CA GLU F 362 40.02 30.50 -11.95
C GLU F 362 39.49 31.66 -12.83
N ILE F 363 38.40 31.43 -13.54
CA ILE F 363 37.94 32.45 -14.48
C ILE F 363 36.50 32.91 -14.24
N VAL F 364 36.25 34.20 -14.44
CA VAL F 364 34.92 34.76 -14.34
C VAL F 364 34.26 34.74 -15.70
N VAL F 365 33.00 34.26 -15.72
CA VAL F 365 32.15 34.16 -16.93
C VAL F 365 30.86 34.90 -16.70
N LYS F 366 30.50 35.72 -17.67
CA LYS F 366 29.18 36.33 -17.70
C LYS F 366 28.32 35.66 -18.77
N ILE F 367 27.08 35.35 -18.40
CA ILE F 367 26.01 35.03 -19.34
C ILE F 367 24.97 36.14 -19.25
N GLN F 368 24.62 36.71 -20.41
CA GLN F 368 23.64 37.79 -20.46
C GLN F 368 22.86 37.78 -21.77
N ASP F 369 21.65 37.20 -21.74
CA ASP F 369 20.81 37.19 -22.92
C ASP F 369 19.35 37.23 -22.56
N ALA F 370 18.56 37.74 -23.50
CA ALA F 370 17.10 37.76 -23.41
C ALA F 370 16.53 36.37 -23.20
N ARG F 371 17.09 35.38 -23.91
CA ARG F 371 16.70 33.96 -23.82
C ARG F 371 16.87 33.32 -22.43
N TRP F 372 17.83 33.82 -21.67
CA TRP F 372 17.93 33.41 -20.29
C TRP F 372 16.64 33.73 -19.62
N ASP F 373 16.12 34.93 -19.83
CA ASP F 373 14.87 35.29 -19.19
C ASP F 373 13.68 34.68 -19.91
N ILE F 374 13.61 34.85 -21.22
CA ILE F 374 12.51 34.31 -22.05
C ILE F 374 12.17 32.84 -21.76
N GLU F 375 13.18 32.01 -21.58
CA GLU F 375 12.96 30.59 -21.29
C GLU F 375 12.82 30.33 -19.80
N ARG F 376 12.64 31.40 -19.04
CA ARG F 376 12.33 31.35 -17.61
C ARG F 376 13.43 30.66 -16.76
N LEU F 377 14.63 30.52 -17.30
CA LEU F 377 15.72 30.02 -16.48
C LEU F 377 16.02 31.01 -15.39
N SER F 378 15.41 32.18 -15.49
CA SER F 378 15.57 33.23 -14.50
C SER F 378 14.64 33.04 -13.30
N ASP F 379 13.63 32.17 -13.45
CA ASP F 379 12.75 31.77 -12.32
C ASP F 379 13.34 30.61 -11.49
N LEU F 380 14.66 30.50 -11.50
CA LEU F 380 15.40 29.61 -10.64
C LEU F 380 15.30 30.10 -9.19
N ALA F 381 14.61 31.21 -8.97
CA ALA F 381 14.47 31.74 -7.63
C ALA F 381 13.36 31.02 -6.93
N TYR F 382 12.37 30.61 -7.73
CA TYR F 382 11.21 29.84 -7.28
C TYR F 382 11.59 28.45 -6.75
N ASP F 383 12.74 27.93 -7.20
CA ASP F 383 13.03 26.51 -7.00
C ASP F 383 13.50 26.11 -5.61
N THR F 384 13.13 24.89 -5.25
CA THR F 384 13.44 24.27 -3.97
C THR F 384 14.89 23.84 -3.88
N ASP F 385 15.60 24.08 -4.99
CA ASP F 385 17.06 24.05 -5.05
C ASP F 385 17.59 25.07 -6.06
N SER F 386 18.11 26.18 -5.54
CA SER F 386 18.71 27.27 -6.36
C SER F 386 20.10 26.87 -6.86
N GLN F 387 20.12 26.33 -8.07
CA GLN F 387 21.29 25.63 -8.49
C GLN F 387 21.36 25.55 -10.02
N ILE F 388 22.60 25.53 -10.50
CA ILE F 388 22.90 25.60 -11.91
C ILE F 388 23.48 24.27 -12.44
N GLY F 389 23.25 24.02 -13.72
CA GLY F 389 23.72 22.80 -14.34
C GLY F 389 23.98 23.03 -15.81
N GLY F 390 24.65 22.09 -16.45
CA GLY F 390 24.97 22.18 -17.88
C GLY F 390 26.43 21.98 -18.30
N LEU F 391 26.68 22.29 -19.58
CA LEU F 391 27.95 22.03 -20.22
C LEU F 391 28.73 23.29 -20.56
N LEU F 392 30.05 23.17 -20.42
CA LEU F 392 31.02 24.16 -20.85
C LEU F 392 31.81 23.62 -22.01
N PHE F 393 31.79 24.39 -23.07
CA PHE F 393 32.48 23.96 -24.26
C PHE F 393 33.78 24.72 -24.49
N PHE F 394 34.88 23.97 -24.40
CA PHE F 394 36.17 24.51 -24.70
C PHE F 394 36.58 24.26 -26.14
N PHE F 395 37.27 25.23 -26.70
CA PHE F 395 37.77 25.11 -28.05
C PHE F 395 39.24 25.49 -28.18
N SER F 396 39.90 24.77 -29.09
CA SER F 396 41.31 24.93 -29.35
C SER F 396 41.54 26.10 -30.33
N PRO F 397 42.76 26.21 -30.90
CA PRO F 397 43.02 27.16 -31.99
C PRO F 397 42.52 26.66 -33.35
N ASP F 398 42.60 25.34 -33.57
CA ASP F 398 42.05 24.69 -34.75
C ASP F 398 40.54 24.52 -34.59
N GLY F 399 40.04 23.30 -34.84
CA GLY F 399 38.60 23.03 -34.72
C GLY F 399 38.17 22.33 -33.44
N LYS F 400 39.10 21.63 -32.79
CA LYS F 400 38.79 20.72 -31.67
C LYS F 400 37.97 21.34 -30.50
N ARG F 401 37.13 20.49 -29.91
CA ARG F 401 36.23 20.84 -28.80
C ARG F 401 36.40 19.93 -27.58
N TYR F 402 36.34 20.55 -26.41
CA TYR F 402 36.49 19.84 -25.16
C TYR F 402 35.38 20.18 -24.18
N ALA F 403 34.58 19.16 -23.86
CA ALA F 403 33.42 19.31 -22.97
C ALA F 403 33.80 19.09 -21.51
N SER F 404 33.42 20.04 -20.66
CA SER F 404 33.47 19.87 -19.21
C SER F 404 32.13 20.30 -18.61
N GLU F 405 31.67 19.56 -17.61
CA GLU F 405 30.35 19.76 -17.01
C GLU F 405 30.43 20.77 -15.87
N ILE F 406 29.47 21.68 -15.80
CA ILE F 406 29.46 22.61 -14.70
C ILE F 406 28.18 22.51 -13.86
N GLY F 407 28.31 22.44 -12.53
CA GLY F 407 27.14 22.52 -11.61
C GLY F 407 27.32 23.24 -10.28
N GLY F 408 26.25 23.70 -9.64
CA GLY F 408 26.43 24.20 -8.29
C GLY F 408 25.60 25.38 -7.85
N PRO F 409 25.59 25.63 -6.53
CA PRO F 409 24.77 26.66 -5.88
C PRO F 409 25.04 28.08 -6.38
N VAL F 410 24.06 28.65 -7.09
CA VAL F 410 24.11 30.06 -7.46
C VAL F 410 23.18 30.84 -6.54
N ILE F 411 23.48 32.11 -6.30
CA ILE F 411 22.68 32.95 -5.42
C ILE F 411 21.93 33.98 -6.28
N PRO F 412 20.77 34.48 -5.79
CA PRO F 412 20.17 35.57 -6.54
C PRO F 412 20.50 36.97 -5.98
N LYS F 413 20.43 37.95 -6.86
CA LYS F 413 20.59 39.31 -6.46
C LYS F 413 19.29 40.04 -6.83
N PHE F 414 18.62 40.59 -5.83
CA PHE F 414 17.35 41.23 -6.08
C PHE F 414 17.48 42.67 -6.53
N VAL F 415 16.98 42.94 -7.74
CA VAL F 415 16.98 44.29 -8.32
C VAL F 415 15.60 44.99 -8.28
N ALA F 416 15.61 46.29 -7.97
CA ALA F 416 14.44 47.17 -8.14
C ALA F 416 14.19 47.37 -9.64
N GLY F 417 12.92 47.61 -10.00
CA GLY F 417 12.47 47.74 -11.41
C GLY F 417 13.03 46.63 -12.28
N ASP F 418 13.64 47.04 -13.40
CA ASP F 418 14.51 46.19 -14.22
C ASP F 418 15.99 46.51 -13.99
N HIS G 29 11.64 -29.60 -11.32
CA HIS G 29 11.77 -30.44 -12.53
C HIS G 29 10.98 -29.76 -13.61
N GLY G 30 10.53 -28.55 -13.28
CA GLY G 30 9.68 -27.78 -14.17
C GLY G 30 10.42 -27.33 -15.39
N GLU G 31 11.68 -26.96 -15.20
CA GLU G 31 12.45 -26.23 -16.21
C GLU G 31 11.84 -26.06 -17.63
N LYS G 32 11.38 -27.15 -18.25
CA LYS G 32 10.86 -27.13 -19.63
C LYS G 32 9.80 -26.07 -19.87
N SER G 33 9.00 -25.83 -18.84
CA SER G 33 7.78 -25.03 -18.92
C SER G 33 8.03 -23.55 -18.77
N GLN G 34 9.08 -23.16 -18.04
CA GLN G 34 9.39 -21.74 -17.78
C GLN G 34 9.69 -21.02 -19.08
N GLN G 35 9.31 -19.75 -19.14
CA GLN G 35 9.49 -18.98 -20.37
C GLN G 35 10.91 -19.19 -20.87
N ALA G 36 11.04 -19.56 -22.13
CA ALA G 36 12.36 -19.85 -22.71
C ALA G 36 13.38 -18.73 -22.44
N PHE G 37 13.07 -17.52 -22.91
CA PHE G 37 14.04 -16.42 -22.92
C PHE G 37 14.63 -16.04 -21.57
N LEU G 38 13.83 -16.18 -20.53
CA LEU G 38 14.32 -15.98 -19.17
C LEU G 38 15.35 -17.03 -18.72
N ARG G 39 15.03 -18.29 -18.97
CA ARG G 39 15.93 -19.38 -18.65
C ARG G 39 17.32 -19.16 -19.28
N MET G 40 17.31 -18.56 -20.47
CA MET G 40 18.52 -18.23 -21.22
C MET G 40 19.25 -17.00 -20.67
N ARG G 41 18.52 -15.87 -20.59
CA ARG G 41 19.12 -14.56 -20.31
C ARG G 41 19.24 -14.17 -18.80
N THR G 42 19.45 -15.17 -17.97
CA THR G 42 19.64 -14.98 -16.53
C THR G 42 20.90 -15.70 -16.05
N LEU G 43 20.75 -16.98 -15.73
CA LEU G 43 21.87 -17.84 -15.30
C LEU G 43 22.34 -18.87 -16.34
N ASN G 44 23.63 -18.72 -16.70
CA ASN G 44 24.32 -19.53 -17.66
C ASN G 44 25.18 -20.53 -16.90
N TRP G 45 24.71 -21.77 -16.91
CA TRP G 45 25.27 -22.84 -16.06
C TRP G 45 26.33 -23.60 -16.81
N TYR G 46 27.43 -23.89 -16.12
CA TYR G 46 28.46 -24.73 -16.72
C TYR G 46 29.27 -25.55 -15.73
N ASP G 47 29.94 -26.58 -16.26
CA ASP G 47 30.94 -27.33 -15.52
C ASP G 47 30.31 -27.95 -14.30
N VAL G 48 29.13 -28.52 -14.52
CA VAL G 48 28.34 -29.01 -13.41
C VAL G 48 28.61 -30.48 -13.20
N GLN G 49 28.72 -30.85 -11.92
CA GLN G 49 29.29 -32.14 -11.56
C GLN G 49 28.73 -32.71 -10.30
N TRP G 50 28.32 -33.97 -10.41
CA TRP G 50 27.87 -34.74 -9.26
C TRP G 50 28.90 -35.78 -8.92
N SER G 51 29.77 -35.40 -7.98
CA SER G 51 30.56 -36.34 -7.19
C SER G 51 30.29 -37.83 -7.45
N LYS G 52 29.16 -38.35 -6.97
CA LYS G 52 28.82 -39.77 -7.15
C LYS G 52 27.37 -39.97 -7.56
N THR G 53 27.11 -40.56 -8.73
CA THR G 53 25.71 -40.77 -9.11
C THR G 53 25.08 -42.10 -8.61
N THR G 54 25.60 -42.61 -7.49
CA THR G 54 24.89 -43.60 -6.66
C THR G 54 25.30 -43.32 -5.21
N VAL G 55 24.51 -43.78 -4.25
CA VAL G 55 24.81 -43.54 -2.85
C VAL G 55 24.09 -44.44 -1.84
N ASN G 56 24.75 -44.66 -0.72
CA ASN G 56 24.10 -45.26 0.45
C ASN G 56 23.41 -44.19 1.28
N VAL G 57 22.43 -44.64 2.06
CA VAL G 57 21.88 -43.81 3.11
C VAL G 57 23.07 -43.42 3.97
N ASN G 58 23.21 -42.11 4.19
CA ASN G 58 24.31 -41.51 4.91
C ASN G 58 25.57 -41.34 4.06
N GLU G 59 25.50 -41.59 2.76
CA GLU G 59 26.73 -41.46 1.96
C GLU G 59 26.86 -40.10 1.29
N GLU G 60 27.98 -39.44 1.57
CA GLU G 60 28.12 -38.01 1.43
C GLU G 60 28.44 -37.42 0.01
N MET G 61 27.60 -37.68 -0.99
CA MET G 61 27.81 -37.09 -2.33
C MET G 61 27.89 -35.54 -2.36
N VAL G 62 28.44 -34.94 -3.44
CA VAL G 62 28.52 -33.45 -3.58
C VAL G 62 28.41 -32.95 -5.02
N LEU G 63 27.37 -32.18 -5.23
CA LEU G 63 27.13 -31.55 -6.50
C LEU G 63 27.71 -30.16 -6.48
N SER G 64 28.32 -29.80 -7.61
CA SER G 64 29.08 -28.55 -7.76
C SER G 64 29.10 -28.00 -9.20
N GLY G 65 29.53 -26.74 -9.34
CA GLY G 65 29.58 -26.09 -10.64
C GLY G 65 29.85 -24.59 -10.60
N LYS G 66 29.70 -23.95 -11.75
CA LYS G 66 29.96 -22.54 -11.85
C LYS G 66 28.86 -21.97 -12.71
N VAL G 67 28.59 -20.67 -12.55
CA VAL G 67 27.46 -20.04 -13.25
C VAL G 67 27.71 -18.58 -13.62
N HIS G 68 27.33 -18.20 -14.84
CA HIS G 68 27.49 -16.82 -15.28
C HIS G 68 26.22 -15.98 -15.29
N VAL G 69 26.22 -14.96 -14.42
CA VAL G 69 25.15 -13.95 -14.25
C VAL G 69 25.10 -13.10 -15.50
N PHE G 70 24.24 -13.50 -16.43
CA PHE G 70 24.04 -12.79 -17.71
C PHE G 70 24.11 -11.26 -17.54
N SER G 71 24.36 -10.54 -18.62
CA SER G 71 24.62 -9.12 -18.46
C SER G 71 23.43 -8.26 -18.76
N ALA G 72 22.57 -8.69 -19.69
CA ALA G 72 21.38 -7.90 -20.12
C ALA G 72 20.12 -8.32 -19.36
N TRP G 73 20.35 -8.61 -18.08
CA TRP G 73 19.36 -9.14 -17.14
C TRP G 73 18.00 -8.57 -17.39
N PRO G 74 17.00 -9.46 -17.63
CA PRO G 74 15.66 -9.05 -18.11
C PRO G 74 14.88 -8.17 -17.08
N GLN G 75 14.12 -7.17 -17.55
CA GLN G 75 13.33 -6.30 -16.66
C GLN G 75 12.43 -7.17 -15.80
N ALA G 76 11.93 -8.19 -16.46
CA ALA G 76 11.11 -9.22 -15.85
C ALA G 76 11.59 -9.72 -14.49
N VAL G 77 12.90 -9.88 -14.31
CA VAL G 77 13.36 -10.43 -13.06
C VAL G 77 14.11 -9.39 -12.26
N ALA G 78 13.95 -9.45 -10.94
CA ALA G 78 14.60 -8.49 -10.08
C ALA G 78 16.08 -8.71 -10.15
N ASN G 79 16.84 -7.65 -9.94
CA ASN G 79 18.24 -7.74 -9.60
C ASN G 79 18.64 -8.89 -8.63
N PRO G 80 19.70 -9.67 -8.99
CA PRO G 80 20.08 -10.79 -8.15
C PRO G 80 20.90 -10.33 -6.98
N ARG G 81 20.95 -9.01 -6.78
CA ARG G 81 21.39 -8.37 -5.52
C ARG G 81 21.14 -9.22 -4.23
N VAL G 82 20.05 -9.99 -4.28
CA VAL G 82 19.61 -10.92 -3.23
C VAL G 82 19.17 -12.22 -3.90
N SER G 83 19.85 -13.34 -3.58
CA SER G 83 19.61 -14.67 -4.19
C SER G 83 19.85 -15.80 -3.21
N PHE G 84 19.59 -17.02 -3.66
CA PHE G 84 19.74 -18.20 -2.77
C PHE G 84 20.08 -19.53 -3.47
N LEU G 85 21.16 -20.14 -3.00
CA LEU G 85 21.63 -21.38 -3.55
C LEU G 85 20.82 -22.56 -3.02
N ASN G 86 20.26 -23.30 -3.95
CA ASN G 86 19.59 -24.52 -3.59
C ASN G 86 19.89 -25.70 -4.51
N ALA G 87 19.51 -26.90 -4.03
CA ALA G 87 19.59 -28.16 -4.78
C ALA G 87 18.20 -28.71 -5.04
N GLY G 88 17.82 -28.75 -6.32
CA GLY G 88 16.44 -29.04 -6.73
C GLY G 88 16.04 -30.50 -6.65
N GLU G 89 15.54 -30.88 -5.47
CA GLU G 89 15.20 -32.26 -5.17
C GLU G 89 13.82 -32.43 -4.51
N PRO G 90 13.04 -33.43 -4.95
CA PRO G 90 11.71 -33.76 -4.38
C PRO G 90 11.66 -33.98 -2.84
N GLY G 91 11.78 -32.89 -2.10
CA GLY G 91 11.75 -32.94 -0.65
C GLY G 91 13.15 -33.23 -0.19
N PRO G 92 13.31 -33.69 1.07
CA PRO G 92 14.65 -34.02 1.57
C PRO G 92 14.96 -35.50 1.38
N VAL G 93 14.99 -35.91 0.12
CA VAL G 93 15.49 -37.20 -0.26
C VAL G 93 16.98 -37.28 0.07
N LEU G 94 17.67 -36.15 -0.11
CA LEU G 94 19.06 -35.95 0.35
C LEU G 94 19.09 -34.78 1.30
N VAL G 95 19.59 -34.98 2.52
CA VAL G 95 19.95 -33.82 3.34
C VAL G 95 21.02 -32.90 2.64
N ARG G 96 21.06 -31.61 3.01
CA ARG G 96 22.18 -30.74 2.68
C ARG G 96 22.98 -30.50 3.96
N THR G 97 24.26 -30.90 3.88
CA THR G 97 25.22 -30.86 4.97
C THR G 97 25.75 -29.46 5.07
N ALA G 98 26.20 -28.93 3.93
CA ALA G 98 26.58 -27.53 3.75
C ALA G 98 26.57 -27.14 2.25
N GLN G 99 26.66 -25.86 1.99
CA GLN G 99 26.74 -25.41 0.62
C GLN G 99 27.48 -24.08 0.57
N PHE G 100 28.11 -23.82 -0.57
CA PHE G 100 29.09 -22.77 -0.69
C PHE G 100 28.90 -22.19 -2.05
N ILE G 101 28.81 -20.88 -2.13
CA ILE G 101 28.91 -20.22 -3.43
C ILE G 101 29.83 -19.02 -3.27
N GLY G 102 30.25 -18.43 -4.42
CA GLY G 102 31.16 -17.23 -4.49
C GLY G 102 32.30 -17.21 -3.48
N GLU G 103 32.72 -18.43 -3.16
CA GLU G 103 33.68 -18.76 -2.14
C GLU G 103 33.18 -18.49 -0.72
N GLN G 104 31.92 -18.80 -0.45
CA GLN G 104 31.42 -18.72 0.91
C GLN G 104 30.46 -19.86 1.33
N PHE G 105 30.48 -20.17 2.62
CA PHE G 105 29.43 -20.93 3.21
C PHE G 105 28.16 -20.14 2.96
N ALA G 106 27.18 -20.74 2.29
CA ALA G 106 25.96 -19.98 1.90
C ALA G 106 24.60 -20.53 2.42
N PRO G 107 24.48 -20.69 3.75
CA PRO G 107 23.18 -21.10 4.29
C PRO G 107 22.13 -19.97 4.27
N ARG G 108 22.57 -18.74 3.91
CA ARG G 108 21.71 -17.56 3.84
C ARG G 108 21.75 -16.88 2.48
N SER G 109 21.13 -15.71 2.39
CA SER G 109 20.95 -15.00 1.11
C SER G 109 22.25 -14.32 0.71
N VAL G 110 22.48 -14.22 -0.59
CA VAL G 110 23.76 -13.74 -1.16
C VAL G 110 23.56 -12.87 -2.41
N SER G 111 24.49 -11.95 -2.67
CA SER G 111 24.35 -11.07 -3.84
C SER G 111 25.10 -11.62 -5.02
N LEU G 112 24.50 -11.62 -6.20
CA LEU G 112 25.23 -11.91 -7.42
C LEU G 112 25.25 -10.67 -8.26
N GLU G 113 26.44 -10.23 -8.68
CA GLU G 113 26.56 -9.01 -9.47
C GLU G 113 26.34 -9.35 -10.92
N ILE G 114 25.79 -8.38 -11.64
CA ILE G 114 25.39 -8.64 -13.01
C ILE G 114 26.59 -8.68 -13.98
N GLY G 115 26.94 -9.90 -14.42
CA GLY G 115 27.95 -10.07 -15.45
C GLY G 115 29.18 -10.79 -14.99
N LYS G 116 29.16 -11.24 -13.73
CA LYS G 116 30.27 -12.05 -13.19
C LYS G 116 29.93 -13.53 -13.26
N ASP G 117 30.85 -14.39 -12.89
CA ASP G 117 30.55 -15.79 -12.74
C ASP G 117 30.88 -16.11 -11.32
N TYR G 118 30.31 -17.17 -10.78
CA TYR G 118 30.61 -17.58 -9.41
C TYR G 118 30.71 -19.09 -9.33
N ALA G 119 31.42 -19.59 -8.33
CA ALA G 119 31.53 -21.03 -8.19
C ALA G 119 30.78 -21.51 -6.98
N PHE G 120 30.20 -22.70 -7.08
CA PHE G 120 29.40 -23.25 -5.98
C PHE G 120 29.53 -24.76 -5.80
N SER G 121 29.08 -25.23 -4.64
CA SER G 121 29.06 -26.66 -4.33
C SER G 121 28.13 -26.90 -3.17
N ILE G 122 27.56 -28.10 -3.10
CA ILE G 122 26.56 -28.45 -2.09
C ILE G 122 26.81 -29.85 -1.60
N ASN G 123 27.07 -29.96 -0.31
CA ASN G 123 27.26 -31.28 0.31
C ASN G 123 25.95 -31.95 0.68
N LEU G 124 25.76 -33.18 0.21
CA LEU G 124 24.45 -33.74 0.18
C LEU G 124 24.47 -35.11 0.72
N ARG G 125 24.30 -35.28 2.01
CA ARG G 125 24.10 -36.62 2.57
C ARG G 125 22.82 -37.29 2.02
N GLY G 126 22.89 -38.58 1.67
CA GLY G 126 21.73 -39.36 1.18
C GLY G 126 20.76 -39.81 2.28
N ARG G 127 19.47 -39.73 1.98
CA ARG G 127 18.43 -39.95 3.00
C ARG G 127 17.32 -40.90 2.54
N ARG G 128 16.83 -40.71 1.32
CA ARG G 128 15.69 -41.50 0.91
C ARG G 128 15.95 -42.49 -0.22
N ALA G 129 15.73 -43.76 0.11
CA ALA G 129 15.78 -44.83 -0.85
C ALA G 129 15.11 -44.45 -2.20
N GLY G 130 15.86 -44.41 -3.31
CA GLY G 130 15.21 -44.21 -4.60
C GLY G 130 16.05 -43.52 -5.63
N ARG G 131 15.41 -43.12 -6.74
CA ARG G 131 16.09 -42.52 -7.91
C ARG G 131 15.63 -41.07 -8.27
N TRP G 132 16.38 -40.08 -7.80
CA TRP G 132 15.93 -38.68 -7.77
C TRP G 132 16.71 -37.71 -8.66
N HIS G 133 16.03 -37.02 -9.57
CA HIS G 133 16.70 -36.08 -10.50
C HIS G 133 17.06 -34.74 -9.92
N VAL G 134 18.34 -34.62 -9.48
CA VAL G 134 18.87 -33.54 -8.60
C VAL G 134 19.53 -32.36 -9.32
N HIS G 135 18.86 -31.21 -9.32
CA HIS G 135 19.37 -30.02 -9.98
C HIS G 135 20.13 -29.07 -9.11
N ALA G 136 21.06 -28.38 -9.75
CA ALA G 136 21.59 -27.18 -9.17
C ALA G 136 20.56 -26.08 -9.46
N GLN G 137 20.27 -25.28 -8.44
CA GLN G 137 19.21 -24.29 -8.52
C GLN G 137 19.55 -23.05 -7.74
N ILE G 138 19.12 -21.92 -8.29
CA ILE G 138 19.29 -20.62 -7.67
C ILE G 138 18.00 -19.79 -7.80
N ASN G 139 17.59 -19.18 -6.68
CA ASN G 139 16.42 -18.32 -6.66
C ASN G 139 16.81 -16.85 -6.44
N VAL G 140 15.95 -15.95 -6.93
CA VAL G 140 16.21 -14.50 -6.86
C VAL G 140 15.05 -13.80 -6.22
N GLU G 141 15.29 -13.10 -5.12
CA GLU G 141 14.42 -12.05 -4.61
C GLU G 141 13.14 -11.88 -5.39
N GLY G 142 13.14 -10.94 -6.33
CA GLY G 142 11.89 -10.64 -7.02
C GLY G 142 11.81 -11.31 -8.38
N GLY G 143 11.98 -12.62 -8.36
CA GLY G 143 12.18 -13.33 -9.60
C GLY G 143 11.57 -14.68 -9.52
N GLY G 144 12.13 -15.54 -8.67
CA GLY G 144 11.70 -16.92 -8.52
C GLY G 144 12.86 -17.86 -8.77
N PRO G 145 12.56 -19.12 -9.15
CA PRO G 145 13.63 -20.08 -9.17
C PRO G 145 14.26 -20.09 -10.57
N ILE G 146 15.59 -20.21 -10.62
CA ILE G 146 16.26 -20.57 -11.86
C ILE G 146 16.86 -21.95 -11.69
N ILE G 147 16.35 -22.88 -12.51
CA ILE G 147 16.74 -24.28 -12.42
C ILE G 147 17.83 -24.59 -13.44
N GLY G 148 18.88 -25.26 -12.96
CA GLY G 148 20.02 -25.62 -13.78
C GLY G 148 20.03 -27.10 -14.08
N PRO G 149 21.22 -27.62 -14.45
CA PRO G 149 21.55 -29.02 -14.57
C PRO G 149 21.06 -29.89 -13.43
N GLY G 150 20.54 -31.05 -13.80
CA GLY G 150 20.08 -32.03 -12.85
C GLY G 150 20.47 -33.38 -13.37
N GLN G 151 20.91 -34.22 -12.45
CA GLN G 151 21.31 -35.56 -12.81
C GLN G 151 20.61 -36.56 -11.91
N TRP G 152 20.14 -37.64 -12.52
CA TRP G 152 19.66 -38.79 -11.78
C TRP G 152 20.68 -39.27 -10.79
N ILE G 153 20.30 -39.24 -9.52
CA ILE G 153 21.14 -39.76 -8.47
C ILE G 153 20.34 -40.88 -7.90
N GLU G 154 21.01 -41.87 -7.34
CA GLU G 154 20.34 -43.06 -6.89
C GLU G 154 20.79 -43.36 -5.50
N ILE G 155 19.86 -43.39 -4.56
CA ILE G 155 20.18 -43.82 -3.19
C ILE G 155 19.73 -45.26 -2.97
N LYS G 156 20.48 -45.99 -2.16
CA LYS G 156 20.04 -47.29 -1.65
C LYS G 156 20.31 -47.46 -0.16
N GLY G 157 19.71 -48.50 0.41
CA GLY G 157 19.72 -48.69 1.85
C GLY G 157 18.30 -48.49 2.36
N ASP G 158 18.18 -48.20 3.66
CA ASP G 158 16.88 -47.87 4.27
C ASP G 158 16.91 -46.53 5.03
N MET G 159 15.92 -45.69 4.74
CA MET G 159 15.75 -44.43 5.44
C MET G 159 15.89 -44.61 6.94
N LYS G 160 15.35 -45.71 7.48
CA LYS G 160 15.45 -46.09 8.91
C LYS G 160 16.77 -45.78 9.55
N ASP G 161 17.81 -45.88 8.72
CA ASP G 161 19.21 -45.85 9.13
C ASP G 161 19.79 -44.44 9.04
N PHE G 162 19.15 -43.58 8.26
CA PHE G 162 19.57 -42.19 8.17
C PHE G 162 19.74 -41.51 9.55
N THR G 163 20.82 -40.76 9.66
CA THR G 163 21.11 -39.95 10.84
C THR G 163 21.76 -38.72 10.26
N ASP G 164 22.27 -37.81 11.10
CA ASP G 164 23.27 -36.84 10.63
C ASP G 164 24.66 -37.16 11.19
N PRO G 165 24.99 -36.67 12.39
CA PRO G 165 24.27 -35.76 13.25
C PRO G 165 24.94 -34.41 13.19
N VAL G 166 24.87 -33.68 14.30
CA VAL G 166 25.45 -32.35 14.36
C VAL G 166 25.99 -32.12 15.76
N THR G 167 26.86 -31.12 15.88
CA THR G 167 27.57 -30.85 17.13
C THR G 167 27.31 -29.47 17.69
N LEU G 168 26.84 -29.49 18.93
CA LEU G 168 26.48 -28.28 19.66
C LEU G 168 27.73 -27.53 20.12
N LEU G 169 27.59 -26.24 20.37
CA LEU G 169 28.70 -25.46 20.93
C LEU G 169 29.22 -26.01 22.25
N ASP G 170 28.29 -26.29 23.16
CA ASP G 170 28.59 -26.85 24.48
C ASP G 170 29.37 -28.16 24.39
N GLY G 171 29.39 -28.78 23.21
CA GLY G 171 30.20 -29.97 22.99
C GLY G 171 29.50 -31.14 22.34
N SER G 172 28.28 -31.43 22.81
CA SER G 172 27.58 -32.69 22.48
C SER G 172 27.13 -32.95 21.02
N THR G 173 26.45 -34.07 20.85
CA THR G 173 25.95 -34.49 19.56
C THR G 173 24.48 -34.89 19.61
N VAL G 174 23.81 -34.68 18.48
CA VAL G 174 22.37 -34.88 18.36
C VAL G 174 22.02 -35.31 16.93
N ASP G 175 21.05 -36.22 16.83
CA ASP G 175 20.60 -36.64 15.51
C ASP G 175 19.54 -35.64 15.12
N LEU G 176 19.77 -34.88 14.04
CA LEU G 176 18.75 -33.90 13.61
C LEU G 176 17.46 -34.60 13.20
N GLU G 177 17.61 -35.71 12.48
CA GLU G 177 16.49 -36.49 12.02
C GLU G 177 15.55 -36.92 13.16
N HIS G 178 16.01 -36.76 14.39
CA HIS G 178 15.20 -37.09 15.54
C HIS G 178 15.18 -36.07 16.63
N TYR G 179 16.12 -35.13 16.62
CA TYR G 179 16.24 -34.24 17.79
C TYR G 179 15.00 -33.43 18.03
N GLY G 180 14.63 -33.40 19.32
CA GLY G 180 13.60 -32.51 19.85
C GLY G 180 12.17 -32.96 19.66
N ILE G 181 11.92 -33.63 18.53
CA ILE G 181 10.60 -34.13 18.18
C ILE G 181 9.84 -34.68 19.39
N SER G 182 10.57 -35.22 20.35
CA SER G 182 10.01 -35.75 21.58
C SER G 182 9.41 -34.64 22.43
N ARG G 183 10.21 -33.61 22.68
CA ARG G 183 9.82 -32.52 23.55
C ARG G 183 8.57 -31.85 22.99
N VAL G 184 8.55 -31.72 21.68
CA VAL G 184 7.40 -31.12 21.01
C VAL G 184 6.10 -31.80 21.47
N TYR G 185 5.93 -33.08 21.15
CA TYR G 185 4.78 -33.87 21.56
C TYR G 185 4.51 -33.76 23.06
N ALA G 186 5.59 -33.91 23.80
CA ALA G 186 5.54 -33.90 25.24
C ALA G 186 4.82 -32.66 25.79
N TRP G 187 4.93 -31.55 25.07
CA TRP G 187 4.31 -30.31 25.51
C TRP G 187 3.02 -29.98 24.77
N HIS G 188 2.94 -30.28 23.48
CA HIS G 188 1.69 -30.08 22.72
C HIS G 188 0.54 -30.97 23.11
N LEU G 189 0.79 -32.29 23.15
CA LEU G 189 -0.28 -33.26 23.23
C LEU G 189 -0.99 -33.21 24.59
N PRO G 190 -0.25 -33.09 25.72
CA PRO G 190 -0.90 -32.85 27.04
C PRO G 190 -1.92 -31.73 26.98
N TRP G 191 -1.47 -30.52 26.59
CA TRP G 191 -2.34 -29.37 26.32
C TRP G 191 -3.52 -29.59 25.42
N MET G 192 -3.30 -30.24 24.27
CA MET G 192 -4.39 -30.60 23.37
C MET G 192 -5.45 -31.43 24.09
N ALA G 193 -4.98 -32.36 24.92
CA ALA G 193 -5.86 -33.16 25.75
C ALA G 193 -6.56 -32.25 26.76
N VAL G 194 -5.80 -31.48 27.54
CA VAL G 194 -6.42 -30.46 28.43
C VAL G 194 -7.57 -29.66 27.79
N GLY G 195 -7.28 -29.05 26.64
CA GLY G 195 -8.31 -28.34 25.87
C GLY G 195 -9.55 -29.20 25.65
N ALA G 196 -9.34 -30.34 24.98
CA ALA G 196 -10.38 -31.32 24.74
C ALA G 196 -11.15 -31.72 26.00
N ALA G 197 -10.47 -31.72 27.14
CA ALA G 197 -11.17 -32.04 28.40
C ALA G 197 -12.12 -30.92 28.82
N TRP G 198 -11.59 -29.68 28.92
CA TRP G 198 -12.40 -28.47 29.10
C TRP G 198 -13.72 -28.50 28.36
N ILE G 199 -13.66 -28.69 27.04
CA ILE G 199 -14.86 -28.78 26.22
C ILE G 199 -15.78 -29.86 26.76
N PHE G 200 -15.32 -31.12 26.70
CA PHE G 200 -16.17 -32.25 27.09
C PHE G 200 -16.81 -32.02 28.44
N PHE G 201 -16.06 -31.41 29.37
CA PHE G 201 -16.55 -31.18 30.71
C PHE G 201 -17.87 -30.44 30.66
N TRP G 202 -17.87 -29.27 30.01
CA TRP G 202 -19.10 -28.46 29.92
C TRP G 202 -20.21 -29.03 29.07
N PHE G 203 -19.86 -29.64 27.93
CA PHE G 203 -20.82 -30.27 27.02
C PHE G 203 -21.65 -31.32 27.77
N VAL G 204 -21.02 -31.99 28.74
CA VAL G 204 -21.72 -32.93 29.61
C VAL G 204 -21.84 -32.33 31.00
N ARG G 205 -22.61 -31.29 31.14
CA ARG G 205 -22.68 -30.55 32.40
C ARG G 205 -23.70 -29.46 32.26
N LYS G 206 -24.12 -29.30 31.00
CA LYS G 206 -25.27 -28.54 30.56
C LYS G 206 -25.20 -28.88 29.09
N GLY G 207 -26.26 -29.43 28.52
CA GLY G 207 -26.17 -29.79 27.10
C GLY G 207 -26.01 -28.60 26.14
N ILE G 208 -25.99 -28.89 24.84
CA ILE G 208 -26.25 -27.83 23.91
C ILE G 208 -27.73 -27.49 24.08
N ILE G 209 -28.62 -28.34 23.55
CA ILE G 209 -30.06 -28.11 23.56
C ILE G 209 -30.60 -27.61 24.88
N THR G 210 -30.28 -28.30 25.97
CA THR G 210 -30.59 -27.77 27.30
C THR G 210 -30.23 -26.31 27.40
N SER G 211 -28.94 -26.02 27.24
CA SER G 211 -28.39 -24.71 27.56
C SER G 211 -28.87 -23.61 26.64
N TYR G 212 -29.07 -23.96 25.37
CA TYR G 212 -29.72 -23.09 24.43
C TYR G 212 -31.12 -22.72 24.89
N ILE G 213 -31.80 -23.71 25.47
CA ILE G 213 -33.18 -23.51 25.95
C ILE G 213 -33.11 -22.73 27.24
N ARG G 214 -32.21 -23.07 28.12
CA ARG G 214 -32.10 -22.29 29.30
C ARG G 214 -31.95 -20.84 28.90
N VAL G 215 -30.92 -20.54 28.11
CA VAL G 215 -30.70 -19.18 27.58
C VAL G 215 -31.96 -18.61 26.94
N ALA G 216 -32.64 -19.44 26.14
CA ALA G 216 -33.83 -19.05 25.36
C ALA G 216 -35.00 -18.54 26.20
N GLU G 217 -35.39 -19.32 27.23
CA GLU G 217 -36.30 -18.83 28.28
C GLU G 217 -35.46 -17.83 29.07
N GLY G 218 -36.09 -17.16 30.03
CA GLY G 218 -35.42 -16.17 30.85
C GLY G 218 -33.97 -16.42 31.19
N LYS G 219 -33.59 -17.68 31.49
CA LYS G 219 -32.31 -17.97 32.15
C LYS G 219 -31.76 -19.36 31.83
N ALA G 220 -30.47 -19.52 31.49
CA ALA G 220 -29.32 -18.61 31.76
C ALA G 220 -29.10 -18.49 33.26
N ASP G 221 -27.86 -18.40 33.74
CA ASP G 221 -27.62 -18.44 35.22
C ASP G 221 -28.06 -19.77 35.80
N ASP G 222 -28.88 -20.49 35.05
CA ASP G 222 -29.15 -21.88 35.30
C ASP G 222 -28.06 -22.63 34.61
N VAL G 223 -27.53 -22.03 33.54
CA VAL G 223 -26.41 -22.60 32.81
C VAL G 223 -25.10 -22.29 33.54
N ILE G 224 -24.86 -21.00 33.76
CA ILE G 224 -23.63 -20.59 34.42
C ILE G 224 -23.94 -19.98 35.79
N GLY G 225 -22.92 -19.44 36.44
CA GLY G 225 -23.00 -19.06 37.83
C GLY G 225 -22.04 -19.94 38.59
N ASP G 226 -21.15 -19.31 39.37
CA ASP G 226 -20.29 -19.97 40.34
C ASP G 226 -21.11 -21.05 41.01
N ASP G 227 -20.53 -22.21 41.35
CA ASP G 227 -19.10 -22.47 41.26
C ASP G 227 -18.64 -22.86 39.86
N ASP G 228 -19.47 -22.65 38.85
CA ASP G 228 -19.00 -22.76 37.49
C ASP G 228 -17.80 -21.84 37.39
N ARG G 229 -17.97 -20.64 37.96
CA ARG G 229 -16.90 -19.66 37.99
C ARG G 229 -15.71 -20.12 38.81
N ARG G 230 -15.97 -20.78 39.93
CA ARG G 230 -14.87 -21.25 40.76
C ARG G 230 -14.09 -22.32 40.00
N ILE G 231 -14.77 -23.15 39.21
CA ILE G 231 -14.07 -24.07 38.32
C ILE G 231 -13.11 -23.23 37.43
N GLY G 232 -13.67 -22.38 36.56
CA GLY G 232 -12.87 -21.42 35.78
C GLY G 232 -11.66 -20.90 36.54
N ALA G 233 -11.90 -20.20 37.65
CA ALA G 233 -10.81 -19.63 38.47
C ALA G 233 -9.69 -20.64 38.75
N ILE G 234 -10.08 -21.85 39.14
CA ILE G 234 -9.16 -22.93 39.46
C ILE G 234 -8.41 -23.35 38.18
N VAL G 235 -9.18 -23.74 37.15
CA VAL G 235 -8.60 -24.24 35.90
C VAL G 235 -7.68 -23.22 35.30
N LEU G 236 -8.05 -21.95 35.45
CA LEU G 236 -7.20 -20.84 35.03
C LEU G 236 -5.90 -20.79 35.84
N ALA G 237 -6.04 -20.65 37.16
CA ALA G 237 -4.87 -20.45 38.02
C ALA G 237 -3.89 -21.58 37.79
N LEU G 238 -4.42 -22.81 37.59
CA LEU G 238 -3.59 -24.00 37.28
C LEU G 238 -2.81 -23.87 35.96
N THR G 239 -3.51 -23.44 34.91
CA THR G 239 -2.93 -23.24 33.59
C THR G 239 -1.81 -22.22 33.63
N ILE G 240 -2.04 -21.09 34.29
CA ILE G 240 -0.96 -20.11 34.46
C ILE G 240 0.27 -20.74 35.14
N LEU G 241 0.00 -21.52 36.19
CA LEU G 241 1.04 -22.22 36.93
C LEU G 241 1.80 -23.23 36.06
N ALA G 242 1.03 -24.13 35.44
CA ALA G 242 1.54 -25.11 34.48
C ALA G 242 2.45 -24.44 33.41
N THR G 243 2.10 -23.22 33.01
CA THR G 243 2.95 -22.55 32.05
C THR G 243 4.19 -22.00 32.70
N ILE G 244 4.04 -21.28 33.82
CA ILE G 244 5.19 -20.76 34.57
C ILE G 244 6.23 -21.86 34.71
N VAL G 245 5.84 -22.95 35.38
CA VAL G 245 6.68 -24.16 35.51
C VAL G 245 7.26 -24.58 34.16
N GLY G 246 6.39 -24.84 33.18
CA GLY G 246 6.78 -25.30 31.84
C GLY G 246 7.86 -24.43 31.22
N TYR G 247 7.72 -23.12 31.45
CA TYR G 247 8.72 -22.16 31.06
C TYR G 247 10.02 -22.31 31.90
N ALA G 248 9.89 -22.20 33.22
CA ALA G 248 11.05 -22.25 34.13
C ALA G 248 12.00 -23.45 33.88
N VAL G 249 11.41 -24.64 33.72
CA VAL G 249 12.13 -25.91 33.45
C VAL G 249 12.85 -25.84 32.11
N THR G 250 12.12 -25.51 31.04
CA THR G 250 12.68 -25.45 29.67
C THR G 250 13.61 -24.27 29.56
N ASN G 251 13.59 -23.46 30.59
CA ASN G 251 14.59 -22.45 30.73
C ASN G 251 15.88 -23.00 31.37
N SER G 252 15.74 -23.96 32.29
CA SER G 252 16.88 -24.65 32.88
C SER G 252 17.54 -25.61 31.93
N THR G 253 16.80 -26.62 31.45
CA THR G 253 17.19 -27.34 30.23
C THR G 253 17.41 -26.26 29.18
N PHE G 254 18.52 -26.36 28.44
CA PHE G 254 18.93 -25.28 27.50
C PHE G 254 18.89 -23.86 28.13
N PRO G 255 19.88 -23.50 28.97
CA PRO G 255 19.91 -22.11 29.40
C PRO G 255 20.88 -21.31 28.51
N ARG G 256 21.25 -21.91 27.38
CA ARG G 256 22.11 -21.31 26.34
C ARG G 256 21.31 -20.33 25.48
N THR G 257 20.95 -20.82 24.29
CA THR G 257 20.06 -20.15 23.30
C THR G 257 20.36 -18.76 22.70
N ILE G 258 20.17 -18.71 21.38
CA ILE G 258 20.42 -17.55 20.57
C ILE G 258 19.26 -17.42 19.58
N PRO G 259 18.96 -16.18 19.12
CA PRO G 259 17.96 -15.98 18.04
C PRO G 259 18.40 -16.58 16.68
N LEU G 260 17.40 -16.92 15.87
CA LEU G 260 17.62 -17.41 14.52
C LEU G 260 18.57 -16.46 13.81
N GLN G 261 19.60 -17.04 13.20
CA GLN G 261 20.61 -16.29 12.47
C GLN G 261 20.17 -16.05 11.05
N ALA G 262 19.98 -14.77 10.70
CA ALA G 262 19.50 -14.38 9.38
C ALA G 262 19.95 -13.00 8.91
N GLY G 263 19.97 -12.87 7.58
CA GLY G 263 20.43 -11.66 6.92
C GLY G 263 21.33 -11.93 5.72
N LEU G 264 21.41 -10.96 4.82
CA LEU G 264 22.19 -11.07 3.59
C LEU G 264 23.63 -11.13 4.00
N GLN G 265 24.36 -12.08 3.40
CA GLN G 265 25.79 -12.28 3.63
C GLN G 265 26.66 -11.32 2.82
N LYS G 266 27.77 -10.92 3.47
CA LYS G 266 28.86 -10.11 2.87
C LYS G 266 29.12 -10.41 1.37
N PRO G 267 29.40 -9.36 0.57
CA PRO G 267 29.34 -9.55 -0.91
C PRO G 267 30.21 -10.73 -1.40
N LEU G 268 29.81 -11.37 -2.51
CA LEU G 268 30.49 -12.60 -2.90
C LEU G 268 31.84 -12.30 -3.56
N THR G 269 32.70 -13.32 -3.75
CA THR G 269 33.89 -13.16 -4.63
C THR G 269 33.80 -14.04 -5.89
N PRO G 270 33.80 -13.39 -7.08
CA PRO G 270 33.56 -14.05 -8.37
C PRO G 270 34.75 -14.94 -8.77
N ILE G 271 34.59 -15.81 -9.79
CA ILE G 271 35.73 -16.57 -10.27
C ILE G 271 36.58 -15.60 -11.03
N GLU G 272 37.90 -15.77 -10.94
CA GLU G 272 38.85 -14.87 -11.61
C GLU G 272 39.80 -15.58 -12.58
N THR G 273 39.55 -16.88 -12.77
CA THR G 273 40.35 -17.75 -13.62
C THR G 273 39.44 -18.39 -14.68
N GLU G 274 39.68 -18.18 -15.97
CA GLU G 274 40.74 -17.36 -16.51
C GLU G 274 40.77 -17.63 -18.02
N GLY G 275 39.89 -17.03 -18.82
CA GLY G 275 38.59 -16.52 -18.40
C GLY G 275 37.51 -17.52 -18.81
N THR G 276 36.34 -17.52 -18.15
CA THR G 276 35.87 -16.50 -17.18
C THR G 276 35.79 -15.11 -17.81
N VAL G 277 34.62 -14.87 -18.39
CA VAL G 277 34.31 -13.74 -19.26
C VAL G 277 34.74 -12.39 -18.68
N GLY G 278 35.32 -11.55 -19.52
CA GLY G 278 35.87 -10.25 -19.09
C GLY G 278 36.90 -10.23 -17.96
N VAL G 279 37.71 -11.28 -17.85
CA VAL G 279 38.78 -11.35 -16.84
C VAL G 279 40.14 -11.58 -17.50
N GLY G 280 41.15 -10.85 -17.01
CA GLY G 280 42.55 -10.98 -17.45
C GLY G 280 42.88 -10.27 -18.74
N LYS G 281 44.06 -10.56 -19.29
CA LYS G 281 44.48 -9.99 -20.57
C LYS G 281 43.90 -10.77 -21.75
N GLU G 282 43.79 -12.08 -21.57
CA GLU G 282 43.31 -12.99 -22.62
C GLU G 282 41.80 -13.12 -22.60
N ASN G 283 41.17 -12.88 -23.75
CA ASN G 283 39.71 -12.93 -23.87
C ASN G 283 39.19 -13.14 -25.30
N VAL G 284 37.94 -13.55 -25.42
CA VAL G 284 37.21 -13.52 -26.68
C VAL G 284 35.94 -12.66 -26.57
N THR G 285 35.66 -11.94 -27.64
CA THR G 285 34.49 -11.09 -27.74
C THR G 285 33.48 -11.76 -28.66
N THR G 286 32.18 -11.51 -28.42
CA THR G 286 31.12 -11.96 -29.32
C THR G 286 29.95 -10.98 -29.32
N GLU G 287 29.75 -10.32 -30.45
CA GLU G 287 28.49 -9.66 -30.75
C GLU G 287 27.61 -10.67 -31.42
N LEU G 288 26.30 -10.61 -31.17
CA LEU G 288 25.37 -11.26 -32.06
C LEU G 288 25.08 -10.26 -33.16
N ASN G 289 24.78 -10.78 -34.34
CA ASN G 289 24.41 -9.98 -35.48
C ASN G 289 23.36 -10.74 -36.27
N GLY G 290 22.14 -10.75 -35.74
CA GLY G 290 21.03 -11.53 -36.30
C GLY G 290 21.10 -13.04 -36.08
N GLY G 291 20.04 -13.71 -36.48
CA GLY G 291 19.90 -15.15 -36.26
C GLY G 291 18.42 -15.52 -36.33
N VAL G 292 18.17 -16.81 -36.52
CA VAL G 292 16.83 -17.26 -36.84
C VAL G 292 16.61 -18.63 -36.23
N TYR G 293 15.39 -18.84 -35.75
CA TYR G 293 14.91 -20.15 -35.33
C TYR G 293 13.67 -20.53 -36.14
N LYS G 294 13.52 -21.83 -36.39
CA LYS G 294 12.42 -22.32 -37.19
C LYS G 294 11.29 -22.74 -36.27
N VAL G 295 10.10 -22.25 -36.60
CA VAL G 295 8.90 -22.48 -35.79
C VAL G 295 7.80 -23.19 -36.58
N PRO G 296 7.48 -24.44 -36.17
CA PRO G 296 8.21 -25.21 -35.14
C PRO G 296 9.52 -25.79 -35.68
N GLY G 297 10.41 -26.23 -34.79
CA GLY G 297 11.69 -26.78 -35.26
C GLY G 297 12.74 -27.16 -34.23
N ARG G 298 13.98 -27.32 -34.72
CA ARG G 298 15.09 -27.89 -33.96
C ARG G 298 16.33 -27.01 -34.15
N GLU G 299 16.23 -26.10 -35.12
CA GLU G 299 17.35 -25.32 -35.61
C GLU G 299 17.35 -23.89 -35.14
N LEU G 300 18.51 -23.45 -34.70
CA LEU G 300 18.77 -22.05 -34.54
C LEU G 300 20.03 -21.72 -35.30
N THR G 301 19.97 -20.68 -36.12
CA THR G 301 21.08 -20.32 -36.98
C THR G 301 21.45 -18.88 -36.72
N ILE G 302 22.67 -18.65 -36.23
CA ILE G 302 23.07 -17.33 -35.73
C ILE G 302 24.45 -16.82 -36.18
N ASN G 303 24.52 -15.52 -36.48
CA ASN G 303 25.75 -14.91 -36.95
C ASN G 303 26.43 -14.18 -35.83
N VAL G 304 27.70 -14.52 -35.60
CA VAL G 304 28.47 -14.07 -34.44
C VAL G 304 29.74 -13.30 -34.83
N LYS G 305 29.79 -12.00 -34.61
CA LYS G 305 31.02 -11.28 -34.87
C LYS G 305 32.09 -11.41 -33.78
N VAL G 306 32.85 -12.50 -33.84
CA VAL G 306 33.89 -12.78 -32.84
C VAL G 306 35.20 -12.04 -33.09
N LYS G 307 35.75 -11.51 -32.00
CA LYS G 307 37.05 -10.85 -31.95
C LYS G 307 37.93 -11.65 -30.98
N ASN G 308 39.23 -11.76 -31.29
CA ASN G 308 40.16 -12.57 -30.49
C ASN G 308 41.57 -12.11 -30.81
N ASN G 309 42.39 -11.59 -29.89
CA ASN G 309 42.12 -11.09 -28.53
C ASN G 309 42.74 -11.91 -27.41
N THR G 310 42.99 -13.18 -27.69
CA THR G 310 44.05 -13.92 -26.97
C THR G 310 45.33 -13.74 -27.78
N SER G 311 46.29 -14.63 -27.55
CA SER G 311 47.41 -14.83 -28.45
C SER G 311 47.57 -16.33 -28.69
N GLN G 312 46.56 -16.90 -29.35
CA GLN G 312 46.48 -18.31 -29.65
C GLN G 312 45.39 -18.53 -30.71
N PRO G 313 45.36 -19.72 -31.31
CA PRO G 313 44.26 -20.01 -32.23
C PRO G 313 43.02 -20.51 -31.48
N LEU G 314 41.84 -20.13 -31.94
CA LEU G 314 40.60 -20.55 -31.27
C LEU G 314 39.47 -21.04 -32.21
N ARG G 315 39.05 -22.29 -31.98
CA ARG G 315 37.86 -22.85 -32.61
C ARG G 315 36.75 -22.95 -31.57
N LEU G 316 35.53 -22.59 -31.98
CA LEU G 316 34.34 -22.60 -31.13
C LEU G 316 33.85 -24.03 -30.80
N GLY G 317 33.99 -24.41 -29.53
CA GLY G 317 33.76 -25.79 -29.09
C GLY G 317 32.44 -26.12 -28.44
N GLU G 318 31.73 -25.08 -27.98
CA GLU G 318 30.50 -25.20 -27.15
C GLU G 318 29.60 -23.96 -27.13
N TYR G 319 28.29 -24.23 -27.08
CA TYR G 319 27.28 -23.25 -26.76
C TYR G 319 26.34 -23.76 -25.66
N THR G 320 26.31 -23.07 -24.51
CA THR G 320 25.38 -23.43 -23.43
C THR G 320 24.27 -22.39 -23.38
N ALA G 321 23.08 -22.83 -22.97
CA ALA G 321 21.87 -21.98 -22.91
C ALA G 321 21.12 -22.02 -21.56
N ALA G 322 20.29 -23.04 -21.37
CA ALA G 322 19.55 -23.23 -20.11
C ALA G 322 20.17 -24.35 -19.31
N GLY G 323 21.42 -24.65 -19.64
CA GLY G 323 22.16 -25.71 -19.01
C GLY G 323 22.37 -26.82 -20.01
N LEU G 324 21.77 -26.69 -21.20
CA LEU G 324 22.01 -27.65 -22.29
C LEU G 324 23.33 -27.29 -22.95
N ARG G 325 24.13 -28.31 -23.22
CA ARG G 325 25.38 -28.11 -23.90
C ARG G 325 25.20 -28.45 -25.37
N PHE G 326 25.56 -27.50 -26.22
CA PHE G 326 25.54 -27.68 -27.67
C PHE G 326 26.99 -27.73 -28.20
N LEU G 327 27.40 -28.92 -28.61
CA LEU G 327 28.81 -29.20 -28.89
C LEU G 327 29.15 -29.27 -30.37
N ASN G 328 30.41 -28.92 -30.67
CA ASN G 328 31.00 -29.15 -31.97
C ASN G 328 31.87 -30.38 -31.91
N PRO G 329 31.44 -31.48 -32.59
CA PRO G 329 32.13 -32.78 -32.53
C PRO G 329 33.54 -32.77 -33.15
N ASP G 330 33.86 -31.70 -33.90
CA ASP G 330 35.22 -31.39 -34.31
C ASP G 330 36.05 -31.18 -33.04
N VAL G 331 35.63 -30.21 -32.24
CA VAL G 331 36.33 -29.83 -31.00
C VAL G 331 36.17 -30.91 -29.95
N PHE G 332 34.95 -31.41 -29.81
CA PHE G 332 34.67 -32.49 -28.87
C PHE G 332 34.64 -33.76 -29.69
N THR G 333 35.82 -34.19 -30.12
CA THR G 333 36.04 -35.45 -30.84
C THR G 333 35.47 -36.64 -30.06
N THR G 334 35.57 -36.53 -28.75
CA THR G 334 34.66 -37.14 -27.78
C THR G 334 34.69 -36.06 -26.69
N LYS G 335 33.64 -35.85 -25.86
CA LYS G 335 32.29 -36.47 -25.78
C LYS G 335 32.06 -36.79 -24.28
N PRO G 336 31.80 -35.73 -23.48
CA PRO G 336 32.07 -35.75 -22.04
C PRO G 336 30.94 -36.33 -21.21
N ASP G 337 31.12 -36.32 -19.89
CA ASP G 337 30.14 -36.92 -19.01
C ASP G 337 29.10 -35.91 -18.53
N PHE G 338 27.91 -35.94 -19.12
CA PHE G 338 26.85 -34.98 -18.77
C PHE G 338 25.47 -35.61 -19.01
N PRO G 339 24.58 -35.55 -18.00
CA PRO G 339 23.25 -36.19 -18.04
C PRO G 339 22.59 -35.97 -19.39
N ASP G 340 21.85 -36.98 -19.88
CA ASP G 340 21.49 -37.06 -21.30
C ASP G 340 21.67 -35.71 -21.99
N TYR G 341 20.81 -34.69 -21.78
CA TYR G 341 19.35 -34.78 -21.72
C TYR G 341 18.70 -33.52 -22.33
N LEU G 342 19.37 -32.37 -22.55
CA LEU G 342 20.59 -31.75 -21.91
C LEU G 342 22.04 -31.90 -22.44
N LEU G 343 22.31 -32.74 -23.45
CA LEU G 343 23.68 -32.82 -24.04
C LEU G 343 23.73 -33.09 -25.56
N ALA G 344 23.81 -32.02 -26.33
CA ALA G 344 23.84 -32.12 -27.78
C ALA G 344 25.28 -32.23 -28.34
N ASP G 345 25.40 -32.64 -29.61
CA ASP G 345 26.68 -32.78 -30.28
C ASP G 345 26.54 -32.10 -31.60
N ARG G 346 25.75 -31.03 -31.64
CA ARG G 346 25.44 -30.38 -32.91
C ARG G 346 25.27 -28.89 -32.73
N GLY G 347 26.32 -28.29 -32.16
CA GLY G 347 26.44 -26.85 -32.05
C GLY G 347 27.43 -26.41 -33.10
N LEU G 348 27.33 -27.05 -34.27
CA LEU G 348 28.29 -27.00 -35.38
C LEU G 348 27.77 -26.21 -36.62
N SER G 349 28.64 -25.48 -37.33
CA SER G 349 30.08 -25.41 -37.05
C SER G 349 30.65 -24.03 -37.38
N VAL G 350 31.89 -24.04 -37.82
CA VAL G 350 32.55 -22.91 -38.47
C VAL G 350 33.05 -23.53 -39.76
N ASP G 351 34.37 -23.58 -39.91
CA ASP G 351 35.06 -24.50 -40.81
C ASP G 351 36.22 -25.04 -40.01
N ALA G 352 36.12 -24.91 -38.68
CA ALA G 352 37.23 -25.07 -37.73
C ALA G 352 38.50 -24.26 -38.10
N THR G 353 38.30 -23.03 -38.59
CA THR G 353 39.37 -22.15 -39.12
C THR G 353 39.92 -21.21 -38.05
N PRO G 354 40.69 -21.76 -37.08
CA PRO G 354 40.99 -21.22 -35.73
C PRO G 354 41.02 -19.68 -35.48
N ILE G 355 40.77 -18.89 -36.53
CA ILE G 355 40.45 -17.46 -36.39
C ILE G 355 41.70 -16.59 -36.14
N ALA G 356 42.25 -16.64 -34.94
CA ALA G 356 43.18 -15.61 -34.52
C ALA G 356 44.44 -16.19 -33.84
N PRO G 357 45.20 -15.38 -33.06
CA PRO G 357 44.96 -14.04 -32.48
C PRO G 357 44.82 -12.86 -33.44
N GLY G 358 44.70 -11.65 -32.88
CA GLY G 358 44.45 -10.43 -33.64
C GLY G 358 43.14 -10.35 -34.42
N GLU G 359 42.67 -11.51 -34.92
CA GLU G 359 41.63 -11.58 -35.97
C GLU G 359 40.16 -11.20 -35.58
N ALA G 360 39.66 -10.17 -36.25
CA ALA G 360 38.26 -9.72 -36.16
C ALA G 360 37.40 -10.37 -37.26
N LYS G 361 36.65 -11.42 -36.89
CA LYS G 361 35.93 -12.28 -37.86
C LYS G 361 34.43 -12.42 -37.53
N GLU G 362 33.56 -12.28 -38.55
CA GLU G 362 32.14 -12.68 -38.42
C GLU G 362 31.92 -14.14 -38.87
N ILE G 363 31.26 -14.93 -38.03
CA ILE G 363 31.10 -16.37 -38.31
C ILE G 363 29.65 -16.84 -38.15
N VAL G 364 29.23 -17.77 -38.99
CA VAL G 364 27.89 -18.36 -38.89
C VAL G 364 27.96 -19.63 -38.03
N VAL G 365 26.98 -19.78 -37.13
CA VAL G 365 26.83 -20.98 -36.32
C VAL G 365 25.43 -21.57 -36.45
N LYS G 366 25.38 -22.88 -36.65
CA LYS G 366 24.12 -23.58 -36.61
C LYS G 366 24.02 -24.38 -35.31
N ILE G 367 22.88 -24.25 -34.65
CA ILE G 367 22.51 -25.16 -33.58
C ILE G 367 21.34 -25.96 -34.12
N GLN G 368 21.46 -27.28 -33.99
CA GLN G 368 20.43 -28.22 -34.43
C GLN G 368 20.37 -29.46 -33.55
N ASP G 369 19.42 -29.48 -32.62
CA ASP G 369 19.18 -30.68 -31.82
C ASP G 369 17.70 -30.84 -31.44
N ALA G 370 17.36 -32.10 -31.14
CA ALA G 370 16.06 -32.51 -30.60
C ALA G 370 15.82 -31.87 -29.23
N ARG G 371 16.88 -31.82 -28.42
CA ARG G 371 16.84 -31.15 -27.11
C ARG G 371 16.48 -29.67 -27.19
N TRP G 372 16.91 -28.97 -28.23
CA TRP G 372 16.47 -27.61 -28.40
C TRP G 372 14.98 -27.57 -28.39
N ASP G 373 14.36 -28.60 -28.97
CA ASP G 373 12.90 -28.63 -29.02
C ASP G 373 12.30 -29.29 -27.76
N ILE G 374 12.83 -30.44 -27.38
CA ILE G 374 12.40 -31.19 -26.17
C ILE G 374 12.37 -30.35 -24.86
N GLU G 375 13.31 -29.41 -24.73
CA GLU G 375 13.39 -28.46 -23.60
C GLU G 375 12.66 -27.15 -23.89
N ARG G 376 11.91 -27.13 -24.98
CA ARG G 376 10.94 -26.10 -25.23
C ARG G 376 11.59 -24.73 -25.38
N LEU G 377 12.89 -24.69 -25.60
CA LEU G 377 13.52 -23.42 -25.96
C LEU G 377 12.97 -22.88 -27.31
N SER G 378 12.34 -23.81 -28.03
CA SER G 378 11.72 -23.53 -29.33
C SER G 378 10.47 -22.66 -29.14
N ASP G 379 9.97 -22.63 -27.90
CA ASP G 379 8.83 -21.81 -27.51
C ASP G 379 9.25 -20.41 -27.11
N LEU G 380 10.37 -19.98 -27.66
CA LEU G 380 10.78 -18.62 -27.56
C LEU G 380 9.91 -17.73 -28.49
N ALA G 381 8.95 -18.32 -29.18
CA ALA G 381 8.06 -17.51 -30.02
C ALA G 381 7.02 -16.85 -29.13
N TYR G 382 6.59 -17.64 -28.13
CA TYR G 382 5.59 -17.28 -27.09
C TYR G 382 5.99 -16.08 -26.24
N ASP G 383 7.29 -15.79 -26.17
CA ASP G 383 7.79 -14.83 -25.21
C ASP G 383 7.66 -13.38 -25.65
N THR G 384 7.46 -12.54 -24.62
CA THR G 384 7.23 -11.07 -24.68
C THR G 384 8.55 -10.33 -24.90
N ASP G 385 9.62 -11.13 -24.93
CA ASP G 385 10.92 -10.78 -25.50
C ASP G 385 11.54 -11.97 -26.27
N SER G 386 11.59 -11.83 -27.61
CA SER G 386 12.17 -12.82 -28.54
C SER G 386 13.69 -12.60 -28.56
N GLN G 387 14.42 -13.39 -27.80
CA GLN G 387 15.79 -13.03 -27.53
C GLN G 387 16.58 -14.20 -26.96
N ILE G 388 17.84 -14.24 -27.35
CA ILE G 388 18.66 -15.37 -26.99
C ILE G 388 19.66 -14.96 -25.92
N GLY G 389 20.08 -15.94 -25.12
CA GLY G 389 21.15 -15.71 -24.13
C GLY G 389 22.02 -16.93 -23.86
N GLY G 390 23.20 -16.67 -23.28
CA GLY G 390 24.10 -17.74 -22.89
C GLY G 390 25.56 -17.64 -23.29
N LEU G 391 26.26 -18.76 -23.15
CA LEU G 391 27.72 -18.82 -23.25
C LEU G 391 28.25 -19.48 -24.49
N LEU G 392 29.34 -18.91 -24.99
CA LEU G 392 30.14 -19.48 -26.06
C LEU G 392 31.47 -19.95 -25.54
N PHE G 393 31.78 -21.21 -25.81
CA PHE G 393 33.02 -21.78 -25.36
C PHE G 393 34.05 -21.96 -26.48
N PHE G 394 35.09 -21.16 -26.42
CA PHE G 394 36.18 -21.30 -27.35
C PHE G 394 37.26 -22.19 -26.79
N PHE G 395 37.87 -22.95 -27.69
CA PHE G 395 38.97 -23.82 -27.31
C PHE G 395 40.18 -23.62 -28.23
N SER G 396 41.35 -23.72 -27.62
CA SER G 396 42.62 -23.61 -28.31
C SER G 396 43.00 -24.91 -29.04
N PRO G 397 44.30 -25.06 -29.39
CA PRO G 397 44.78 -26.35 -29.88
C PRO G 397 45.03 -27.35 -28.76
N ASP G 398 45.54 -26.87 -27.63
CA ASP G 398 45.77 -27.69 -26.45
C ASP G 398 44.46 -27.90 -25.69
N GLY G 399 44.49 -27.71 -24.38
CA GLY G 399 43.29 -27.88 -23.54
C GLY G 399 42.52 -26.63 -23.15
N LYS G 400 43.15 -25.47 -23.28
CA LYS G 400 42.61 -24.20 -22.75
C LYS G 400 41.26 -23.78 -23.33
N ARG G 401 40.45 -23.20 -22.45
CA ARG G 401 39.10 -22.74 -22.78
C ARG G 401 38.90 -21.26 -22.56
N TYR G 402 38.15 -20.65 -23.47
CA TYR G 402 37.85 -19.23 -23.45
C TYR G 402 36.36 -18.93 -23.58
N ALA G 403 35.78 -18.36 -22.52
CA ALA G 403 34.37 -18.05 -22.43
C ALA G 403 34.02 -16.63 -22.90
N SER G 404 33.08 -16.52 -23.84
CA SER G 404 32.47 -15.24 -24.20
C SER G 404 30.95 -15.36 -24.19
N GLU G 405 30.29 -14.31 -23.74
CA GLU G 405 28.84 -14.33 -23.53
C GLU G 405 28.12 -13.91 -24.83
N ILE G 406 27.09 -14.66 -25.23
CA ILE G 406 26.27 -14.24 -26.37
C ILE G 406 24.81 -13.90 -25.99
N GLY G 407 24.28 -12.84 -26.59
CA GLY G 407 22.89 -12.47 -26.30
C GLY G 407 22.28 -11.57 -27.36
N GLY G 408 20.96 -11.66 -27.54
CA GLY G 408 20.30 -10.75 -28.47
C GLY G 408 19.13 -11.21 -29.33
N PRO G 409 18.53 -10.25 -30.07
CA PRO G 409 17.30 -10.44 -30.83
C PRO G 409 17.40 -11.50 -31.95
N VAL G 410 16.77 -12.65 -31.75
CA VAL G 410 16.60 -13.64 -32.81
C VAL G 410 15.16 -13.62 -33.36
N ILE G 411 15.00 -13.94 -34.64
CA ILE G 411 13.69 -13.89 -35.31
C ILE G 411 13.17 -15.32 -35.49
N PRO G 412 11.85 -15.50 -35.56
CA PRO G 412 11.43 -16.84 -35.93
C PRO G 412 11.07 -16.94 -37.42
N LYS G 413 11.14 -18.17 -37.93
CA LYS G 413 10.75 -18.46 -39.29
C LYS G 413 9.65 -19.51 -39.18
N PHE G 414 8.48 -19.23 -39.77
CA PHE G 414 7.35 -20.14 -39.61
C PHE G 414 7.27 -21.18 -40.70
N VAL G 415 7.39 -22.44 -40.31
CA VAL G 415 7.38 -23.57 -41.25
C VAL G 415 6.06 -24.34 -41.24
N ALA G 416 5.63 -24.77 -42.43
CA ALA G 416 4.50 -25.68 -42.56
C ALA G 416 4.98 -27.05 -42.08
N GLY G 417 4.05 -27.95 -41.78
CA GLY G 417 4.40 -29.24 -41.18
C GLY G 417 4.48 -29.00 -39.70
N ASP G 418 3.45 -29.49 -39.00
CA ASP G 418 3.15 -29.19 -37.60
C ASP G 418 4.29 -29.57 -36.65
N GLU H 16 -31.87 21.74 50.39
CA GLU H 16 -30.55 22.18 50.91
C GLU H 16 -30.00 23.18 49.92
N SER H 17 -29.39 22.66 48.86
CA SER H 17 -29.23 23.31 47.54
C SER H 17 -28.80 22.27 46.49
N VAL H 18 -29.06 22.59 45.22
CA VAL H 18 -28.71 21.69 44.14
C VAL H 18 -27.21 21.78 43.91
N VAL H 19 -26.75 22.94 43.40
CA VAL H 19 -25.34 23.17 43.07
C VAL H 19 -24.46 23.11 44.31
N ASP H 20 -23.42 22.31 44.24
CA ASP H 20 -22.52 22.14 45.38
C ASP H 20 -21.12 22.72 45.07
N LEU H 21 -20.45 22.17 44.04
CA LEU H 21 -19.16 22.69 43.54
C LEU H 21 -17.95 22.46 44.45
N ARG H 22 -18.17 22.41 45.76
CA ARG H 22 -17.11 22.07 46.75
C ARG H 22 -16.31 20.86 46.23
N GLY H 23 -17.01 19.76 45.96
CA GLY H 23 -16.42 18.57 45.35
C GLY H 23 -15.54 18.86 44.15
N MET H 24 -16.07 19.59 43.17
CA MET H 24 -15.33 19.94 41.97
C MET H 24 -13.97 20.56 42.28
N TRP H 25 -13.96 21.55 43.16
CA TRP H 25 -12.75 22.30 43.39
C TRP H 25 -11.65 21.47 43.97
N ILE H 26 -11.98 20.57 44.91
CA ILE H 26 -11.01 19.64 45.49
C ILE H 26 -10.27 18.85 44.43
N GLY H 27 -11.00 18.38 43.41
CA GLY H 27 -10.42 17.69 42.22
C GLY H 27 -9.46 18.58 41.44
N LEU H 28 -9.98 19.66 40.87
CA LEU H 28 -9.18 20.61 40.12
C LEU H 28 -7.92 21.08 40.85
N VAL H 29 -8.11 21.59 42.06
CA VAL H 29 -7.02 22.04 42.93
C VAL H 29 -5.96 20.96 43.19
N LEU H 30 -6.41 19.80 43.67
CA LEU H 30 -5.59 18.60 43.82
C LEU H 30 -4.88 18.11 42.54
N LEU H 31 -5.49 18.39 41.39
CA LEU H 31 -4.94 17.94 40.11
C LEU H 31 -3.91 18.90 39.57
N ASN H 32 -4.33 20.11 39.18
CA ASN H 32 -3.41 21.08 38.58
C ASN H 32 -2.14 21.26 39.38
N VAL H 33 -2.27 21.09 40.70
CA VAL H 33 -1.13 21.01 41.63
C VAL H 33 -0.22 19.77 41.36
N PHE H 34 -0.79 18.58 41.42
CA PHE H 34 -0.02 17.37 41.22
C PHE H 34 0.71 17.38 39.91
N TYR H 35 0.09 17.96 38.88
CA TYR H 35 0.71 18.00 37.57
C TYR H 35 1.75 19.08 37.53
N LEU H 36 1.49 20.14 38.28
CA LEU H 36 2.41 21.25 38.34
C LEU H 36 3.68 20.87 39.11
N ILE H 37 3.53 20.24 40.27
CA ILE H 37 4.66 19.60 40.93
C ILE H 37 5.44 18.84 39.84
N VAL H 38 4.75 17.94 39.15
CA VAL H 38 5.37 17.00 38.22
C VAL H 38 6.15 17.74 37.16
N ARG H 39 5.52 18.74 36.54
CA ARG H 39 6.16 19.47 35.45
C ARG H 39 7.49 20.10 35.89
N ILE H 40 7.52 20.46 37.16
CA ILE H 40 8.66 21.08 37.80
C ILE H 40 9.64 19.98 38.14
N TYR H 41 9.14 18.90 38.73
CA TYR H 41 10.00 17.77 39.07
C TYR H 41 10.70 17.24 37.83
N GLU H 42 10.00 17.25 36.72
CA GLU H 42 10.59 16.81 35.49
C GLU H 42 11.44 17.93 34.88
N GLN H 43 11.13 19.19 35.18
CA GLN H 43 12.01 20.27 34.75
C GLN H 43 13.39 20.10 35.37
N VAL H 44 13.39 19.80 36.67
CA VAL H 44 14.58 19.69 37.52
C VAL H 44 15.35 18.38 37.35
N PHE H 45 14.67 17.25 37.32
CA PHE H 45 15.38 15.97 37.22
C PHE H 45 15.35 15.40 35.81
N GLY H 46 14.59 16.05 34.93
CA GLY H 46 14.60 15.68 33.54
C GLY H 46 16.01 15.99 33.12
N TRP H 47 16.32 17.28 33.20
CA TRP H 47 17.64 17.73 32.87
C TRP H 47 18.73 17.32 33.81
N ARG H 48 19.32 16.17 33.50
CA ARG H 48 20.49 15.64 34.23
C ARG H 48 20.05 14.82 35.44
N ALA H 49 19.59 13.61 35.13
CA ALA H 49 19.18 12.56 36.09
C ALA H 49 18.35 11.56 35.29
N GLY H 50 17.73 12.08 34.23
CA GLY H 50 17.03 11.27 33.29
C GLY H 50 17.48 11.51 31.88
N LEU H 51 18.78 11.48 31.66
CA LEU H 51 19.28 11.65 30.29
C LEU H 51 19.89 10.36 29.75
N ASP H 52 20.33 9.49 30.66
CA ASP H 52 20.91 8.19 30.36
C ASP H 52 20.34 7.14 31.30
N SER H 53 19.66 6.15 30.73
CA SER H 53 18.96 5.16 31.51
C SER H 53 19.88 4.15 32.17
N PHE H 54 21.09 4.01 31.63
CA PHE H 54 22.05 3.06 32.20
C PHE H 54 22.72 3.54 33.47
N ALA H 55 22.54 4.82 33.78
CA ALA H 55 22.96 5.43 35.03
C ALA H 55 22.10 4.95 36.19
N PRO H 56 22.58 5.09 37.42
CA PRO H 56 21.70 4.73 38.54
C PRO H 56 20.78 5.86 39.04
N GLU H 57 21.11 7.11 38.76
CA GLU H 57 20.25 8.25 39.15
C GLU H 57 18.96 8.28 38.33
N PHE H 58 18.89 7.41 37.35
CA PHE H 58 17.69 7.21 36.59
C PHE H 58 16.79 6.35 37.46
N GLN H 59 17.36 5.32 38.07
CA GLN H 59 16.57 4.41 38.90
C GLN H 59 15.99 5.13 40.10
N THR H 60 16.70 6.15 40.60
CA THR H 60 16.23 6.83 41.81
C THR H 60 15.19 7.88 41.47
N TYR H 61 15.29 8.45 40.27
CA TYR H 61 14.41 9.57 39.91
C TYR H 61 13.33 9.31 38.88
N TRP H 62 13.47 8.25 38.10
CA TRP H 62 12.44 7.91 37.14
C TRP H 62 11.89 6.52 37.32
N MET H 63 12.77 5.51 37.22
CA MET H 63 12.34 4.13 37.34
C MET H 63 11.63 3.83 38.67
N SER H 64 11.77 4.77 39.59
CA SER H 64 11.07 4.72 40.85
C SER H 64 9.59 5.08 40.64
N ILE H 65 9.34 6.30 40.15
CA ILE H 65 7.99 6.79 39.82
C ILE H 65 7.13 5.76 39.05
N LEU H 66 7.77 5.09 38.08
CA LEU H 66 7.09 4.10 37.26
C LEU H 66 6.57 2.99 38.13
N TRP H 67 7.50 2.24 38.70
CA TRP H 67 7.20 1.21 39.67
C TRP H 67 6.21 1.56 40.78
N THR H 68 6.10 2.83 41.15
CA THR H 68 5.11 3.30 42.14
C THR H 68 3.70 3.53 41.56
N GLU H 69 3.62 4.39 40.55
CA GLU H 69 2.35 4.85 40.01
C GLU H 69 1.47 3.71 39.53
N ILE H 70 1.98 2.90 38.60
CA ILE H 70 1.21 1.78 38.04
C ILE H 70 0.40 1.02 39.12
N PRO H 71 1.10 0.33 40.07
CA PRO H 71 0.37 -0.37 41.12
C PRO H 71 -0.58 0.56 41.88
N LEU H 72 -0.11 1.77 42.19
CA LEU H 72 -0.94 2.73 42.88
C LEU H 72 -2.18 3.07 42.07
N GLU H 73 -2.02 3.48 40.80
CA GLU H 73 -3.16 3.77 39.88
C GLU H 73 -4.10 2.58 39.77
N LEU H 74 -3.51 1.42 39.53
CA LEU H 74 -4.26 0.20 39.37
C LEU H 74 -5.15 0.00 40.59
N VAL H 75 -4.63 0.29 41.79
CA VAL H 75 -5.45 0.12 42.98
C VAL H 75 -6.42 1.29 43.10
N SER H 76 -5.93 2.52 42.98
CA SER H 76 -6.78 3.71 42.91
C SER H 76 -8.05 3.44 42.13
N GLY H 77 -7.92 2.81 40.97
CA GLY H 77 -9.04 2.65 40.05
C GLY H 77 -10.08 1.70 40.58
N LEU H 78 -9.63 0.49 40.92
CA LEU H 78 -10.49 -0.55 41.47
C LEU H 78 -11.06 -0.12 42.82
N GLY H 79 -10.35 0.80 43.48
CA GLY H 79 -10.81 1.47 44.69
C GLY H 79 -12.07 2.28 44.40
N LEU H 80 -11.90 3.44 43.80
CA LEU H 80 -13.05 4.28 43.37
C LEU H 80 -14.24 3.47 42.79
N ALA H 81 -13.94 2.39 42.07
CA ALA H 81 -14.96 1.53 41.46
C ALA H 81 -15.81 0.82 42.49
N GLY H 82 -15.15 0.09 43.37
CA GLY H 82 -15.82 -0.69 44.41
C GLY H 82 -16.65 0.19 45.30
N TYR H 83 -16.02 1.24 45.82
CA TYR H 83 -16.69 2.22 46.65
C TYR H 83 -18.04 2.71 46.10
N LEU H 84 -18.03 3.28 44.88
CA LEU H 84 -19.23 3.83 44.24
C LEU H 84 -20.36 2.81 44.07
N TRP H 85 -19.96 1.59 43.74
CA TRP H 85 -20.88 0.47 43.59
C TRP H 85 -21.43 0.10 44.90
N LYS H 86 -20.53 0.03 45.88
CA LYS H 86 -20.89 -0.29 47.25
C LYS H 86 -21.87 0.76 47.74
N THR H 87 -21.47 2.02 47.70
CA THR H 87 -22.35 3.12 48.13
C THR H 87 -23.42 3.49 47.10
N ARG H 88 -23.76 2.57 46.20
CA ARG H 88 -24.81 2.82 45.24
C ARG H 88 -26.16 2.90 45.93
N ASP H 89 -27.00 3.76 45.38
CA ASP H 89 -28.38 3.94 45.84
C ASP H 89 -29.20 2.71 45.39
N ARG H 90 -29.39 1.73 46.29
CA ARG H 90 -30.08 0.48 45.95
C ARG H 90 -31.54 0.65 45.55
N ASN H 91 -32.11 1.83 45.79
CA ASN H 91 -33.47 2.10 45.42
C ASN H 91 -33.47 3.35 44.56
N VAL H 92 -32.94 3.21 43.34
CA VAL H 92 -32.61 4.36 42.52
C VAL H 92 -33.82 5.05 41.88
N ASP H 93 -34.75 4.23 41.36
CA ASP H 93 -35.93 4.68 40.62
C ASP H 93 -36.81 5.60 41.43
N ALA H 94 -36.81 5.39 42.74
CA ALA H 94 -37.51 6.24 43.70
C ALA H 94 -37.03 7.70 43.70
N VAL H 95 -35.75 7.92 43.41
CA VAL H 95 -35.13 9.26 43.50
C VAL H 95 -36.06 10.46 43.21
N THR H 96 -35.97 11.47 44.07
CA THR H 96 -36.80 12.67 43.98
C THR H 96 -36.22 13.64 42.93
N PRO H 97 -37.09 14.43 42.26
CA PRO H 97 -36.71 15.51 41.31
C PRO H 97 -35.63 16.51 41.76
N ARG H 98 -35.59 16.86 43.03
CA ARG H 98 -34.50 17.67 43.50
C ARG H 98 -33.22 16.83 43.61
N GLU H 99 -33.30 15.65 44.26
CA GLU H 99 -32.12 14.81 44.49
C GLU H 99 -31.44 14.36 43.20
N GLU H 100 -32.26 13.94 42.23
CA GLU H 100 -31.81 13.67 40.85
C GLU H 100 -31.07 14.87 40.26
N MET H 101 -31.73 16.04 40.20
CA MET H 101 -31.10 17.29 39.79
C MET H 101 -29.82 17.65 40.47
N ARG H 102 -29.77 17.44 41.80
CA ARG H 102 -28.52 17.56 42.56
C ARG H 102 -27.49 16.56 42.02
N ARG H 103 -27.83 15.26 42.06
CA ARG H 103 -26.99 14.17 41.50
C ARG H 103 -26.41 14.48 40.14
N LEU H 104 -27.25 14.95 39.21
CA LEU H 104 -26.80 15.39 37.90
C LEU H 104 -25.70 16.41 38.03
N VAL H 105 -25.94 17.45 38.82
CA VAL H 105 -24.94 18.49 39.00
C VAL H 105 -23.58 17.98 39.49
N VAL H 106 -23.60 16.95 40.33
CA VAL H 106 -22.38 16.22 40.67
C VAL H 106 -21.85 15.46 39.46
N LEU H 107 -22.74 14.85 38.67
CA LEU H 107 -22.26 14.18 37.48
C LEU H 107 -21.54 15.17 36.61
N VAL H 108 -22.19 16.29 36.31
CA VAL H 108 -21.57 17.34 35.51
C VAL H 108 -20.24 17.73 36.12
N GLN H 109 -20.07 17.49 37.41
CA GLN H 109 -18.82 17.83 38.08
C GLN H 109 -17.70 16.89 37.73
N TRP H 110 -18.02 15.60 37.87
CA TRP H 110 -17.12 14.54 37.46
C TRP H 110 -16.61 14.77 36.09
N LEU H 111 -17.48 15.25 35.20
CA LEU H 111 -17.10 15.48 33.82
C LEU H 111 -16.18 16.70 33.61
N VAL H 112 -16.21 17.66 34.53
CA VAL H 112 -15.28 18.77 34.40
C VAL H 112 -13.92 18.38 34.92
N VAL H 113 -13.87 17.49 35.90
CA VAL H 113 -12.57 16.90 36.22
C VAL H 113 -12.02 15.94 35.14
N TYR H 114 -12.87 15.07 34.60
CA TYR H 114 -12.55 14.27 33.42
C TYR H 114 -11.99 15.17 32.34
N GLY H 115 -12.70 16.26 32.10
CA GLY H 115 -12.20 17.31 31.21
C GLY H 115 -10.75 17.67 31.49
N ILE H 116 -10.45 18.12 32.70
CA ILE H 116 -9.09 18.52 32.98
C ILE H 116 -8.09 17.37 32.83
N ALA H 117 -8.51 16.16 33.23
CA ALA H 117 -7.65 14.97 33.19
C ALA H 117 -7.26 14.64 31.78
N ILE H 118 -8.28 14.65 30.91
CA ILE H 118 -8.13 14.67 29.45
C ILE H 118 -7.15 15.76 28.94
N TYR H 119 -7.21 16.97 29.49
CA TYR H 119 -6.27 17.92 28.98
C TYR H 119 -4.82 17.55 29.25
N TRP H 120 -4.51 17.30 30.51
CA TRP H 120 -3.15 16.98 30.90
C TRP H 120 -2.61 15.76 30.22
N GLY H 121 -3.28 14.64 30.44
CA GLY H 121 -2.91 13.36 29.81
C GLY H 121 -2.80 13.36 28.30
N ALA H 122 -3.80 13.91 27.64
CA ALA H 122 -3.92 13.78 26.22
C ALA H 122 -3.44 14.98 25.42
N SER H 123 -3.18 16.14 26.03
CA SER H 123 -2.63 17.23 25.25
C SER H 123 -1.27 17.68 25.75
N PHE H 124 -1.20 18.12 26.99
CA PHE H 124 0.05 18.57 27.60
C PHE H 124 1.14 17.52 27.58
N PHE H 125 0.97 16.46 28.37
CA PHE H 125 2.01 15.43 28.50
C PHE H 125 2.20 14.53 27.28
N THR H 126 1.31 14.73 26.31
CA THR H 126 1.35 13.98 25.08
C THR H 126 2.21 14.66 24.02
N GLU H 127 1.93 15.93 23.77
CA GLU H 127 2.76 16.71 22.87
C GLU H 127 4.04 17.21 23.55
N GLN H 128 4.16 17.01 24.86
CA GLN H 128 5.42 17.25 25.58
C GLN H 128 6.40 16.20 25.12
N ASP H 129 5.91 14.95 25.03
CA ASP H 129 6.71 13.83 24.53
C ASP H 129 7.36 14.15 23.21
N GLY H 130 6.62 14.76 22.31
CA GLY H 130 7.19 15.20 21.02
C GLY H 130 8.56 15.88 21.10
N THR H 131 8.74 16.78 22.06
CA THR H 131 9.96 17.59 22.18
C THR H 131 11.19 16.83 22.76
N TRP H 132 10.88 15.85 23.61
CA TRP H 132 11.85 14.95 24.25
C TRP H 132 12.40 13.93 23.33
N HIS H 133 11.69 13.68 22.23
CA HIS H 133 12.16 12.83 21.14
C HIS H 133 13.20 13.56 20.32
N MET H 134 13.29 14.87 20.49
CA MET H 134 14.29 15.64 19.80
C MET H 134 15.47 15.90 20.71
N THR H 135 15.48 15.24 21.85
CA THR H 135 16.42 15.55 22.94
C THR H 135 17.21 14.36 23.35
N VAL H 136 16.63 13.18 23.30
CA VAL H 136 17.42 11.99 23.57
C VAL H 136 17.59 11.14 22.31
N ILE H 137 18.16 9.96 22.46
CA ILE H 137 18.16 8.94 21.42
C ILE H 137 17.42 7.67 21.91
N ARG H 138 16.93 7.71 23.17
CA ARG H 138 16.12 6.63 23.82
C ARG H 138 16.95 5.39 24.25
N ASP H 139 17.04 5.14 25.57
CA ASP H 139 17.77 3.95 26.14
C ASP H 139 16.94 2.65 26.23
N THR H 140 15.62 2.85 26.27
CA THR H 140 14.54 1.83 26.11
C THR H 140 13.21 2.55 25.69
N ASP H 141 12.04 1.96 25.86
CA ASP H 141 10.87 2.80 25.64
C ASP H 141 10.52 3.65 26.85
N PHE H 142 11.24 3.46 27.98
CA PHE H 142 11.00 4.25 29.21
C PHE H 142 11.87 5.51 29.24
N THR H 143 11.31 6.61 28.77
CA THR H 143 11.96 7.88 28.83
C THR H 143 11.38 8.49 30.11
N PRO H 144 11.92 9.64 30.57
CA PRO H 144 11.20 10.52 31.56
C PRO H 144 9.82 11.02 31.08
N SER H 145 9.64 11.12 29.75
CA SER H 145 8.42 11.64 29.17
C SER H 145 7.33 10.60 29.15
N HIS H 146 7.72 9.35 28.96
CA HIS H 146 6.81 8.20 28.87
C HIS H 146 6.28 7.75 30.18
N ILE H 147 7.15 7.80 31.20
CA ILE H 147 6.73 7.53 32.55
C ILE H 147 5.51 8.40 32.95
N ILE H 148 5.58 9.67 32.57
CA ILE H 148 4.47 10.58 32.85
C ILE H 148 3.29 10.44 31.87
N GLU H 149 3.55 10.61 30.57
CA GLU H 149 2.54 10.47 29.53
C GLU H 149 1.82 9.15 29.69
N PHE H 150 2.53 8.06 29.46
CA PHE H 150 1.83 6.81 29.38
C PHE H 150 1.41 6.27 30.71
N TYR H 151 2.34 6.10 31.63
CA TYR H 151 2.01 5.46 32.88
C TYR H 151 1.63 6.41 34.00
N MET H 152 1.37 7.67 33.66
CA MET H 152 0.79 8.55 34.66
C MET H 152 -0.46 9.30 34.19
N SER H 153 -0.22 10.38 33.45
CA SER H 153 -1.27 11.27 32.95
C SER H 153 -2.38 10.56 32.13
N TYR H 154 -2.08 9.45 31.48
CA TYR H 154 -3.14 8.70 30.88
C TYR H 154 -3.91 7.87 31.87
N PRO H 155 -3.24 7.00 32.63
CA PRO H 155 -3.97 6.20 33.60
C PRO H 155 -4.94 7.04 34.45
N ILE H 156 -4.43 8.10 35.06
CA ILE H 156 -5.26 9.04 35.83
C ILE H 156 -6.56 9.41 35.07
N TYR H 157 -6.38 10.16 33.99
CA TYR H 157 -7.48 10.56 33.12
C TYR H 157 -8.44 9.44 32.83
N SER H 158 -7.92 8.25 32.63
CA SER H 158 -8.78 7.05 32.50
C SER H 158 -9.54 6.71 33.81
N VAL H 159 -8.95 7.03 34.97
CA VAL H 159 -9.57 6.61 36.21
C VAL H 159 -10.73 7.52 36.61
N ILE H 160 -10.52 8.82 36.48
CA ILE H 160 -11.64 9.79 36.56
C ILE H 160 -12.78 9.38 35.58
N ALA H 161 -12.41 9.07 34.33
CA ALA H 161 -13.34 8.52 33.32
C ALA H 161 -14.24 7.42 33.88
N VAL H 162 -13.65 6.33 34.32
CA VAL H 162 -14.37 5.27 35.03
C VAL H 162 -15.19 5.75 36.24
N GLY H 163 -14.60 6.60 37.08
CA GLY H 163 -15.33 7.25 38.18
C GLY H 163 -16.64 7.88 37.73
N ALA H 164 -16.55 8.81 36.80
CA ALA H 164 -17.71 9.46 36.19
C ALA H 164 -18.75 8.43 35.71
N PHE H 165 -18.26 7.44 34.98
CA PHE H 165 -19.13 6.41 34.48
C PHE H 165 -19.88 5.74 35.61
N PHE H 166 -19.13 5.29 36.62
CA PHE H 166 -19.72 4.54 37.73
C PHE H 166 -20.59 5.38 38.61
N TYR H 167 -20.19 6.63 38.84
CA TYR H 167 -21.04 7.54 39.62
C TYR H 167 -22.43 7.66 38.98
N ALA H 168 -22.47 8.14 37.75
CA ALA H 168 -23.71 8.21 36.97
C ALA H 168 -24.56 6.92 37.04
N LYS H 169 -23.91 5.77 36.85
CA LYS H 169 -24.54 4.46 36.86
C LYS H 169 -25.16 4.13 38.21
N THR H 170 -24.54 4.58 39.29
CA THR H 170 -25.03 4.20 40.59
C THR H 170 -25.75 5.34 41.32
N ARG H 171 -26.13 6.38 40.59
CA ARG H 171 -26.80 7.50 41.22
C ARG H 171 -27.91 8.02 40.42
N ILE H 172 -27.87 7.80 39.11
CA ILE H 172 -28.91 8.37 38.26
C ILE H 172 -29.71 7.29 37.51
N PRO H 173 -31.05 7.32 37.68
CA PRO H 173 -31.88 6.32 37.03
C PRO H 173 -32.04 6.73 35.57
N TYR H 174 -31.28 6.01 34.75
CA TYR H 174 -31.05 6.31 33.35
C TYR H 174 -29.73 5.65 33.06
N PHE H 175 -28.73 6.04 33.83
CA PHE H 175 -27.41 5.43 33.72
C PHE H 175 -27.33 4.11 34.48
N ALA H 176 -28.14 3.99 35.55
CA ALA H 176 -28.46 2.70 36.16
C ALA H 176 -29.55 2.13 35.27
N HIS H 177 -29.65 0.80 35.20
CA HIS H 177 -30.40 0.08 34.13
C HIS H 177 -30.20 0.65 32.73
N GLY H 178 -28.98 0.49 32.27
CA GLY H 178 -28.65 0.90 30.94
C GLY H 178 -27.23 0.53 30.51
N TYR H 179 -26.32 1.46 30.77
CA TYR H 179 -25.14 1.69 29.94
C TYR H 179 -25.53 2.61 28.80
N SER H 180 -25.29 3.89 28.95
CA SER H 180 -25.25 4.69 27.79
C SER H 180 -24.07 4.20 27.00
N LEU H 181 -24.30 3.92 25.72
CA LEU H 181 -23.26 3.47 24.80
C LEU H 181 -22.24 4.56 24.70
N ALA H 182 -22.75 5.80 24.75
CA ALA H 182 -21.92 6.98 24.76
C ALA H 182 -20.96 6.97 25.94
N PHE H 183 -21.48 6.68 27.12
CA PHE H 183 -20.67 6.74 28.33
C PHE H 183 -19.75 5.52 28.44
N LEU H 184 -20.31 4.37 28.12
CA LEU H 184 -19.58 3.13 27.89
C LEU H 184 -18.32 3.35 27.00
N ILE H 185 -18.50 3.93 25.80
CA ILE H 185 -17.39 4.38 24.96
C ILE H 185 -16.40 5.19 25.78
N VAL H 186 -16.88 6.30 26.37
CA VAL H 186 -16.03 7.29 27.06
C VAL H 186 -15.15 6.62 28.11
N ALA H 187 -15.72 5.62 28.77
CA ALA H 187 -15.09 4.94 29.89
C ALA H 187 -14.14 3.86 29.46
N ILE H 188 -14.19 3.49 28.18
CA ILE H 188 -13.54 2.27 27.70
C ILE H 188 -12.48 2.52 26.62
N GLY H 189 -12.77 3.40 25.69
CA GLY H 189 -11.78 3.80 24.69
C GLY H 189 -10.40 4.33 25.15
N PRO H 190 -10.31 4.86 26.40
CA PRO H 190 -9.00 5.06 27.02
C PRO H 190 -8.12 3.82 27.04
N PHE H 191 -8.73 2.64 26.93
CA PHE H 191 -7.97 1.38 26.82
C PHE H 191 -7.74 0.97 25.36
N MET H 192 -8.10 1.88 24.46
CA MET H 192 -7.86 1.68 23.07
C MET H 192 -7.18 2.94 22.55
N ILE H 193 -6.46 3.63 23.40
CA ILE H 193 -5.52 4.66 22.95
C ILE H 193 -4.10 4.13 22.89
N ILE H 194 -3.71 3.31 23.86
CA ILE H 194 -2.41 2.65 23.80
C ILE H 194 -2.20 2.01 22.43
N PRO H 195 -3.13 1.11 21.95
CA PRO H 195 -3.06 0.66 20.54
C PRO H 195 -2.72 1.78 19.56
N ASN H 196 -3.31 2.96 19.76
CA ASN H 196 -2.93 4.09 18.95
C ASN H 196 -1.65 4.80 19.41
N VAL H 197 -1.76 5.78 20.32
CA VAL H 197 -0.63 6.66 20.71
C VAL H 197 0.68 5.94 21.06
N GLY H 198 0.57 4.74 21.62
CA GLY H 198 1.73 3.93 21.99
C GLY H 198 2.42 3.36 20.76
N LEU H 199 1.71 2.47 20.06
CA LEU H 199 2.28 1.67 18.97
C LEU H 199 2.63 2.56 17.82
N ASN H 200 2.09 3.78 17.85
CA ASN H 200 2.39 4.74 16.81
C ASN H 200 3.87 5.06 16.81
N GLU H 201 4.48 4.90 17.98
CA GLU H 201 5.89 5.11 18.18
C GLU H 201 6.76 3.97 17.63
N TRP H 202 6.41 2.71 17.93
CA TRP H 202 7.12 1.55 17.35
C TRP H 202 6.65 1.40 15.94
N GLY H 203 6.74 2.49 15.20
CA GLY H 203 6.35 2.55 13.81
C GLY H 203 7.32 1.79 12.96
N HIS H 204 8.56 2.27 12.89
CA HIS H 204 9.53 1.69 11.98
C HIS H 204 10.09 0.35 12.41
N THR H 205 10.36 0.22 13.71
CA THR H 205 10.86 -1.03 14.27
C THR H 205 9.87 -2.22 14.05
N PHE H 206 8.58 -1.93 14.22
CA PHE H 206 7.52 -2.93 14.17
C PHE H 206 6.80 -2.92 12.85
N TRP H 207 7.52 -2.52 11.81
CA TRP H 207 6.88 -1.98 10.63
C TRP H 207 6.65 -3.00 9.60
N PHE H 208 7.74 -3.45 8.98
CA PHE H 208 7.72 -4.29 7.76
C PHE H 208 6.54 -5.26 7.74
N MET H 209 6.32 -5.94 8.86
CA MET H 209 5.14 -6.77 8.95
C MET H 209 3.92 -5.89 9.27
N GLU H 210 3.61 -4.98 8.33
CA GLU H 210 2.64 -3.85 8.48
C GLU H 210 2.29 -3.47 9.92
N PHE H 224 -10.69 9.88 9.12
CA PHE H 224 -10.56 8.49 9.56
C PHE H 224 -9.90 8.42 10.94
N GLY H 225 -10.51 7.68 11.87
CA GLY H 225 -9.91 7.48 13.19
C GLY H 225 -10.93 7.34 14.29
N TRP H 226 -10.68 6.41 15.21
CA TRP H 226 -11.62 6.04 16.29
C TRP H 226 -11.43 6.75 17.57
N MET H 227 -12.36 7.64 17.89
CA MET H 227 -12.12 8.64 18.93
C MET H 227 -13.12 8.74 20.09
N ALA H 228 -12.71 9.46 21.12
CA ALA H 228 -13.53 9.68 22.28
C ALA H 228 -14.08 11.18 22.46
N LEU H 229 -15.10 11.50 21.67
CA LEU H 229 -15.96 12.63 21.90
C LEU H 229 -17.32 12.04 22.29
N GLY H 230 -17.32 10.82 22.79
CA GLY H 230 -18.54 10.20 23.31
C GLY H 230 -19.20 11.09 24.35
N VAL H 231 -18.38 11.92 25.01
CA VAL H 231 -18.85 13.01 25.88
C VAL H 231 -20.01 13.82 25.26
N PHE H 232 -20.06 13.95 23.94
CA PHE H 232 -21.21 14.55 23.26
C PHE H 232 -22.53 13.91 23.65
N GLY H 233 -22.64 12.64 23.36
CA GLY H 233 -23.81 11.91 23.77
C GLY H 233 -24.06 12.02 25.26
N VAL H 234 -23.00 11.80 26.07
CA VAL H 234 -23.17 11.83 27.53
C VAL H 234 -23.72 13.18 28.03
N VAL H 235 -23.22 14.31 27.56
CA VAL H 235 -23.78 15.59 27.98
C VAL H 235 -25.16 15.79 27.39
N LEU H 236 -25.37 15.28 26.18
CA LEU H 236 -26.70 15.37 25.60
C LEU H 236 -27.72 14.60 26.45
N GLN H 237 -27.35 13.41 26.91
CA GLN H 237 -28.21 12.61 27.75
C GLN H 237 -28.53 13.29 29.07
N ILE H 238 -27.50 13.85 29.71
CA ILE H 238 -27.64 14.73 30.86
C ILE H 238 -28.62 15.85 30.54
N LEU H 239 -28.31 16.65 29.51
CA LEU H 239 -29.22 17.69 29.08
C LEU H 239 -30.69 17.26 28.99
N MET H 240 -30.97 16.08 28.47
CA MET H 240 -32.35 15.69 28.32
C MET H 240 -33.02 15.50 29.67
N ARG H 241 -32.26 14.97 30.62
CA ARG H 241 -32.75 14.78 31.97
C ARG H 241 -33.06 16.06 32.74
N ILE H 242 -32.29 17.12 32.51
CA ILE H 242 -32.56 18.45 33.05
C ILE H 242 -33.86 19.01 32.45
N HIS H 243 -33.90 19.05 31.12
CA HIS H 243 -35.07 19.51 30.40
C HIS H 243 -36.29 18.83 30.86
N ALA H 244 -36.12 17.68 31.51
CA ALA H 244 -37.24 16.90 32.00
C ALA H 244 -37.63 17.35 33.38
N LEU H 245 -36.65 17.45 34.28
CA LEU H 245 -36.89 17.87 35.66
C LEU H 245 -37.08 19.39 35.84
N VAL H 246 -37.55 20.08 34.82
CA VAL H 246 -38.08 21.43 34.98
C VAL H 246 -39.42 21.41 34.29
N GLY H 247 -40.48 21.81 34.99
CA GLY H 247 -41.82 21.73 34.41
C GLY H 247 -41.93 22.58 33.17
N LYS H 248 -43.04 22.45 32.44
CA LYS H 248 -43.44 23.43 31.43
C LYS H 248 -43.17 24.85 31.96
N GLU H 249 -43.39 25.05 33.27
CA GLU H 249 -43.23 26.34 33.99
C GLU H 249 -41.82 26.95 33.87
N GLY H 250 -40.82 26.29 34.44
CA GLY H 250 -39.44 26.75 34.33
C GLY H 250 -39.02 26.81 32.88
N VAL H 251 -39.12 25.67 32.22
CA VAL H 251 -38.84 25.54 30.80
C VAL H 251 -39.36 26.69 29.92
N LYS H 252 -40.48 26.46 29.24
CA LYS H 252 -41.06 27.47 28.33
C LYS H 252 -40.96 28.78 29.06
N LEU H 253 -41.66 28.85 30.19
CA LEU H 253 -42.02 30.13 30.74
C LEU H 253 -40.81 30.90 31.22
N LEU H 254 -40.04 30.37 32.15
CA LEU H 254 -38.91 31.17 32.66
C LEU H 254 -37.81 31.47 31.61
N THR H 255 -37.42 30.46 30.84
CA THR H 255 -36.51 30.63 29.70
C THR H 255 -37.26 30.41 28.38
N GLU H 256 -38.00 31.46 27.97
CA GLU H 256 -39.03 31.46 26.88
C GLU H 256 -39.05 30.24 25.92
N ALA I 9 -45.95 -40.57 27.36
CA ALA I 9 -44.99 -39.43 27.53
C ALA I 9 -45.04 -38.28 26.44
N VAL I 10 -43.95 -37.54 26.28
CA VAL I 10 -44.00 -36.14 25.74
C VAL I 10 -43.91 -35.92 24.23
N GLY I 11 -45.07 -35.62 23.63
CA GLY I 11 -45.17 -35.36 22.18
C GLY I 11 -44.24 -34.27 21.69
N PRO I 12 -43.74 -34.38 20.43
CA PRO I 12 -44.05 -35.42 19.43
C PRO I 12 -43.16 -36.66 19.57
N PHE I 13 -42.55 -36.80 20.75
CA PHE I 13 -41.87 -38.03 21.17
C PHE I 13 -42.87 -38.94 21.88
N ASN I 14 -42.72 -40.25 21.68
CA ASN I 14 -43.60 -41.25 22.30
C ASN I 14 -43.32 -41.45 23.78
N SER I 15 -42.05 -41.65 24.15
CA SER I 15 -41.67 -41.76 25.55
C SER I 15 -40.76 -40.60 25.98
N VAL I 16 -40.48 -40.54 27.28
CA VAL I 16 -39.42 -39.68 27.82
C VAL I 16 -38.04 -40.20 27.35
N ALA I 17 -37.90 -41.52 27.32
CA ALA I 17 -36.68 -42.16 26.83
C ALA I 17 -36.48 -41.84 25.37
N GLU I 18 -37.58 -41.65 24.62
CA GLU I 18 -37.45 -41.23 23.23
C GLU I 18 -36.99 -39.78 23.12
N ALA I 19 -37.57 -38.88 23.94
CA ALA I 19 -37.10 -37.49 24.05
C ALA I 19 -35.65 -37.45 24.53
N ALA I 20 -35.43 -37.61 25.85
CA ALA I 20 -34.07 -37.57 26.40
C ALA I 20 -33.05 -38.35 25.57
N GLY I 21 -33.52 -39.40 24.90
CA GLY I 21 -32.69 -40.22 24.05
C GLY I 21 -32.31 -39.51 22.77
N CYS I 22 -33.28 -38.95 22.07
CA CYS I 22 -32.99 -38.11 20.90
C CYS I 22 -32.20 -36.86 21.26
N VAL I 23 -32.78 -35.99 22.10
CA VAL I 23 -32.06 -34.81 22.56
C VAL I 23 -30.55 -35.12 22.62
N GLN I 24 -30.20 -36.18 23.35
CA GLN I 24 -28.81 -36.61 23.53
C GLN I 24 -28.02 -36.89 22.26
N THR I 25 -28.53 -37.78 21.41
CA THR I 25 -27.88 -38.03 20.12
C THR I 25 -27.78 -36.78 19.19
N VAL I 26 -28.70 -35.84 19.29
CA VAL I 26 -28.58 -34.64 18.46
C VAL I 26 -27.41 -33.82 19.00
N ASP I 27 -27.49 -33.43 20.26
CA ASP I 27 -26.37 -32.76 20.94
C ASP I 27 -24.99 -33.16 20.40
N TRP I 28 -24.77 -34.45 20.22
CA TRP I 28 -23.51 -34.91 19.76
C TRP I 28 -23.32 -34.45 18.37
N MET I 29 -24.29 -34.70 17.51
CA MET I 29 -24.14 -34.33 16.10
C MET I 29 -23.81 -32.87 15.91
N LEU I 30 -24.47 -32.00 16.69
CA LEU I 30 -24.24 -30.53 16.69
C LEU I 30 -22.84 -30.24 17.05
N LEU I 31 -22.49 -30.53 18.29
CA LEU I 31 -21.12 -30.35 18.79
C LEU I 31 -20.07 -30.86 17.81
N VAL I 32 -20.38 -31.99 17.16
CA VAL I 32 -19.52 -32.54 16.12
C VAL I 32 -19.54 -31.82 14.79
N LEU I 33 -20.72 -31.64 14.20
CA LEU I 33 -20.80 -30.88 12.96
C LEU I 33 -20.30 -29.47 13.21
N LEU I 34 -20.45 -28.97 14.42
CA LEU I 34 -19.92 -27.67 14.75
C LEU I 34 -18.45 -27.67 15.04
N PHE I 35 -17.86 -28.82 15.33
CA PHE I 35 -16.41 -28.80 15.52
C PHE I 35 -15.65 -28.44 14.25
N PHE I 36 -16.19 -28.80 13.11
CA PHE I 36 -15.49 -28.56 11.89
C PHE I 36 -16.36 -28.66 10.66
N ALA I 37 -17.04 -27.61 10.17
CA ALA I 37 -17.27 -26.32 10.79
C ALA I 37 -16.02 -25.58 11.13
N VAL I 38 -16.06 -24.83 12.23
CA VAL I 38 -15.03 -23.87 12.57
C VAL I 38 -13.63 -24.32 12.14
N LEU I 39 -13.16 -25.48 12.65
CA LEU I 39 -11.83 -26.02 12.33
C LEU I 39 -11.53 -25.86 10.82
N GLY I 40 -12.29 -26.53 9.96
CA GLY I 40 -12.21 -26.27 8.53
C GLY I 40 -12.07 -24.82 8.10
N GLY I 41 -12.97 -23.92 8.54
CA GLY I 41 -12.95 -22.51 8.13
C GLY I 41 -11.79 -21.76 8.73
N TYR I 42 -11.61 -21.91 10.04
CA TYR I 42 -10.54 -21.30 10.81
C TYR I 42 -9.21 -21.66 10.25
N HIS I 43 -9.03 -22.93 9.96
CA HIS I 43 -7.77 -23.40 9.43
C HIS I 43 -7.45 -22.72 8.13
N VAL I 44 -8.31 -22.84 7.11
CA VAL I 44 -8.08 -22.19 5.82
C VAL I 44 -7.71 -20.72 5.94
N HIS I 45 -8.39 -20.03 6.83
CA HIS I 45 -8.08 -18.62 6.99
C HIS I 45 -6.77 -18.48 7.66
N PHE I 46 -6.57 -19.18 8.75
CA PHE I 46 -5.39 -19.01 9.53
C PHE I 46 -4.15 -19.29 8.69
N MET I 47 -4.15 -20.44 8.04
CA MET I 47 -3.07 -20.91 7.18
C MET I 47 -2.79 -19.99 5.97
N LEU I 48 -3.81 -19.37 5.41
CA LEU I 48 -3.60 -18.41 4.33
C LEU I 48 -2.92 -17.15 4.77
N THR I 49 -3.05 -16.77 6.03
CA THR I 49 -2.47 -15.49 6.50
C THR I 49 -1.31 -15.65 7.47
N ALA I 50 -1.50 -16.42 8.53
CA ALA I 50 -0.38 -16.71 9.42
C ALA I 50 0.54 -17.80 8.88
N GLY I 51 0.29 -18.26 7.64
CA GLY I 51 1.17 -19.22 6.91
C GLY I 51 1.75 -20.33 7.79
N ASP I 52 3.03 -20.66 7.69
CA ASP I 52 4.07 -19.90 7.01
C ASP I 52 4.95 -19.52 8.10
N TRP I 53 4.39 -18.98 9.17
CA TRP I 53 5.12 -18.94 10.46
C TRP I 53 4.79 -20.18 11.18
N ASP I 54 3.62 -20.72 10.89
CA ASP I 54 3.16 -21.81 11.68
C ASP I 54 3.69 -23.10 11.05
N PHE I 55 4.14 -23.03 9.81
CA PHE I 55 4.76 -24.20 9.21
C PHE I 55 6.18 -24.51 9.72
N TRP I 56 7.04 -23.49 9.70
CA TRP I 56 8.49 -23.67 9.71
C TRP I 56 9.12 -23.27 10.99
N VAL I 57 9.72 -24.20 11.72
CA VAL I 57 10.57 -23.88 12.90
C VAL I 57 11.63 -22.73 12.72
N ASP I 58 12.11 -22.56 11.49
CA ASP I 58 13.05 -21.48 11.20
C ASP I 58 12.33 -20.13 10.86
N TRP I 59 11.00 -20.13 10.92
CA TRP I 59 10.23 -18.90 10.81
C TRP I 59 9.86 -18.39 12.15
N LYS I 60 9.83 -19.29 13.12
CA LYS I 60 9.39 -18.93 14.45
C LYS I 60 10.51 -18.12 15.06
N ASP I 61 10.38 -16.80 15.00
CA ASP I 61 11.46 -15.92 15.47
C ASP I 61 11.17 -15.31 16.84
N ARG I 62 11.66 -14.09 17.04
CA ARG I 62 11.40 -13.33 18.25
C ARG I 62 10.48 -12.13 18.06
N ARG I 63 10.27 -11.67 16.83
CA ARG I 63 9.46 -10.48 16.62
C ARG I 63 8.25 -10.69 15.79
N MET I 64 8.41 -11.16 14.55
CA MET I 64 7.24 -11.36 13.66
C MET I 64 6.27 -12.42 14.18
N TRP I 65 6.77 -13.63 14.28
CA TRP I 65 5.91 -14.76 14.58
C TRP I 65 5.07 -14.60 15.86
N PRO I 66 5.71 -14.30 17.01
CA PRO I 66 4.98 -14.00 18.22
C PRO I 66 4.09 -12.76 18.15
N THR I 67 4.16 -12.02 17.02
CA THR I 67 3.25 -10.90 16.71
C THR I 67 2.09 -11.28 15.80
N VAL I 68 2.39 -11.87 14.64
CA VAL I 68 1.32 -12.07 13.68
C VAL I 68 0.37 -13.20 14.07
N VAL I 69 0.90 -14.22 14.74
CA VAL I 69 0.06 -15.34 15.12
C VAL I 69 -0.98 -15.01 16.18
N PRO I 70 -0.57 -14.40 17.31
CA PRO I 70 -1.63 -13.89 18.18
C PRO I 70 -2.66 -13.04 17.39
N ILE I 71 -2.18 -12.13 16.51
CA ILE I 71 -3.11 -11.20 15.89
C ILE I 71 -4.05 -11.85 14.91
N LEU I 72 -3.57 -12.77 14.08
CA LEU I 72 -4.50 -13.50 13.17
C LEU I 72 -5.32 -14.60 13.80
N GLY I 73 -4.83 -15.07 14.95
CA GLY I 73 -5.28 -16.28 15.62
C GLY I 73 -6.47 -16.02 16.50
N VAL I 74 -6.57 -14.79 16.99
CA VAL I 74 -7.68 -14.39 17.87
C VAL I 74 -9.05 -14.42 17.15
N THR I 75 -9.04 -14.07 15.87
CA THR I 75 -10.21 -14.03 14.99
C THR I 75 -11.29 -15.06 15.25
N PHE I 76 -11.08 -16.30 14.82
CA PHE I 76 -12.11 -17.29 14.99
C PHE I 76 -12.36 -17.65 16.43
N CYS I 77 -11.40 -17.45 17.32
CA CYS I 77 -11.73 -17.61 18.73
C CYS I 77 -12.79 -16.61 19.19
N ALA I 78 -12.58 -15.34 18.93
CA ALA I 78 -13.57 -14.32 19.25
C ALA I 78 -14.95 -14.64 18.65
N ALA I 79 -15.00 -14.91 17.35
CA ALA I 79 -16.25 -15.29 16.67
C ALA I 79 -16.88 -16.54 17.26
N SER I 80 -16.06 -17.54 17.56
CA SER I 80 -16.51 -18.73 18.28
C SER I 80 -17.13 -18.31 19.60
N GLN I 81 -16.38 -17.58 20.43
CA GLN I 81 -16.94 -17.10 21.68
C GLN I 81 -18.33 -16.46 21.51
N ALA I 82 -18.45 -15.53 20.55
CA ALA I 82 -19.69 -14.81 20.34
C ALA I 82 -20.82 -15.79 20.04
N PHE I 83 -20.45 -17.03 19.72
CA PHE I 83 -21.46 -18.00 19.36
C PHE I 83 -21.87 -18.86 20.51
N TRP I 84 -20.92 -19.46 21.20
CA TRP I 84 -21.27 -20.33 22.30
C TRP I 84 -21.82 -19.55 23.43
N TRP I 85 -21.10 -18.51 23.81
CA TRP I 85 -21.45 -17.83 25.03
C TRP I 85 -22.68 -16.99 24.90
N VAL I 86 -22.90 -16.37 23.76
CA VAL I 86 -24.13 -15.59 23.66
C VAL I 86 -25.36 -16.52 23.68
N ASN I 87 -25.31 -17.61 22.95
CA ASN I 87 -26.49 -18.39 22.71
C ASN I 87 -26.64 -19.55 23.65
N PHE I 88 -25.55 -20.03 24.24
CA PHE I 88 -25.70 -21.19 25.09
C PHE I 88 -25.13 -20.96 26.48
N ARG I 89 -24.44 -19.85 26.62
CA ARG I 89 -23.68 -19.62 27.82
C ARG I 89 -22.71 -20.78 28.14
N LEU I 90 -22.09 -21.33 27.08
CA LEU I 90 -21.01 -22.32 27.21
C LEU I 90 -19.59 -21.72 27.12
N PRO I 91 -18.81 -21.83 28.21
CA PRO I 91 -17.55 -21.08 28.30
C PRO I 91 -16.34 -21.68 27.58
N PHE I 92 -16.55 -22.38 26.47
CA PHE I 92 -15.43 -23.04 25.77
C PHE I 92 -15.18 -22.55 24.32
N GLY I 93 -15.78 -21.38 23.99
CA GLY I 93 -15.67 -20.76 22.67
C GLY I 93 -14.27 -20.69 22.08
N ALA I 94 -13.36 -19.99 22.74
CA ALA I 94 -12.01 -19.83 22.23
C ALA I 94 -11.33 -21.17 22.07
N VAL I 95 -11.28 -21.91 23.18
CA VAL I 95 -10.68 -23.25 23.24
C VAL I 95 -11.22 -24.13 22.12
N PHE I 96 -12.55 -24.16 21.95
CA PHE I 96 -13.24 -24.95 20.91
C PHE I 96 -12.67 -24.71 19.48
N ALA I 97 -12.35 -23.46 19.20
CA ALA I 97 -11.80 -23.08 17.92
C ALA I 97 -10.28 -23.33 17.86
N ALA I 98 -9.58 -22.92 18.90
CA ALA I 98 -8.14 -23.04 18.94
C ALA I 98 -7.68 -24.50 18.80
N LEU I 99 -8.40 -25.38 19.47
CA LEU I 99 -8.05 -26.79 19.47
C LEU I 99 -8.34 -27.39 18.11
N GLY I 100 -9.53 -27.10 17.62
CA GLY I 100 -9.92 -27.52 16.27
C GLY I 100 -8.81 -27.28 15.29
N LEU I 101 -8.34 -26.05 15.27
CA LEU I 101 -7.21 -25.68 14.44
C LEU I 101 -6.04 -26.59 14.73
N LEU I 102 -5.65 -26.64 16.01
CA LEU I 102 -4.48 -27.37 16.43
C LEU I 102 -4.39 -28.84 15.97
N ILE I 103 -5.51 -29.55 16.11
CA ILE I 103 -5.73 -30.88 15.56
C ILE I 103 -5.58 -30.85 14.04
N GLY I 104 -6.41 -30.05 13.39
CA GLY I 104 -6.44 -30.02 11.93
C GLY I 104 -5.12 -29.67 11.34
N GLU I 105 -4.29 -28.97 12.11
CA GLU I 105 -2.93 -28.64 11.71
C GLU I 105 -2.16 -29.92 11.82
N TRP I 106 -2.06 -30.39 13.08
CA TRP I 106 -1.22 -31.51 13.56
C TRP I 106 -1.33 -32.76 12.77
N ILE I 107 -2.55 -33.29 12.69
CA ILE I 107 -2.85 -34.36 11.77
C ILE I 107 -2.13 -34.14 10.43
N ASN I 108 -2.38 -33.03 9.75
CA ASN I 108 -1.82 -32.80 8.43
C ASN I 108 -0.32 -32.65 8.51
N ARG I 109 0.18 -32.07 9.59
CA ARG I 109 1.62 -31.94 9.79
C ARG I 109 2.29 -33.30 9.74
N TYR I 110 1.80 -34.19 10.60
CA TYR I 110 2.21 -35.58 10.62
C TYR I 110 1.88 -36.29 9.28
N VAL I 111 0.71 -36.88 9.17
CA VAL I 111 0.27 -37.49 7.94
C VAL I 111 0.81 -36.97 6.61
N ASN I 112 1.06 -35.67 6.47
CA ASN I 112 1.53 -35.14 5.16
C ASN I 112 2.91 -34.49 5.13
N PHE I 113 3.09 -33.41 5.89
CA PHE I 113 4.40 -32.76 5.93
C PHE I 113 5.49 -33.78 6.16
N TRP I 114 5.18 -34.71 7.06
CA TRP I 114 6.04 -35.82 7.37
C TRP I 114 5.73 -36.99 6.48
N GLY I 115 4.65 -37.68 6.79
CA GLY I 115 4.32 -38.95 6.18
C GLY I 115 4.10 -38.97 4.69
N TRP I 116 3.99 -37.81 4.07
CA TRP I 116 3.89 -37.80 2.62
C TRP I 116 5.16 -37.32 1.97
N THR I 117 5.89 -36.40 2.60
CA THR I 117 7.01 -35.73 1.95
C THR I 117 8.28 -35.85 2.75
N TYR I 118 8.10 -36.21 4.02
CA TYR I 118 9.18 -36.61 4.94
C TYR I 118 10.01 -35.46 5.48
N PHE I 119 9.41 -34.30 5.70
CA PHE I 119 10.12 -33.28 6.44
C PHE I 119 9.94 -33.62 7.88
N PRO I 120 11.00 -33.56 8.67
CA PRO I 120 10.86 -34.13 10.00
C PRO I 120 10.10 -33.21 10.91
N ILE I 121 9.11 -33.74 11.61
CA ILE I 121 8.27 -32.97 12.56
C ILE I 121 9.00 -31.80 13.24
N SER I 122 10.26 -31.99 13.62
CA SER I 122 11.02 -30.91 14.25
C SER I 122 11.06 -29.65 13.36
N LEU I 123 11.01 -29.84 12.05
CA LEU I 123 10.93 -28.69 11.16
C LEU I 123 9.49 -28.16 11.06
N VAL I 124 8.51 -29.07 10.95
CA VAL I 124 7.14 -28.65 10.59
C VAL I 124 6.08 -28.48 11.70
N PHE I 125 6.46 -28.59 12.97
CA PHE I 125 5.47 -28.51 14.04
C PHE I 125 4.84 -27.10 14.20
N PRO I 126 3.53 -27.04 14.46
CA PRO I 126 2.73 -25.82 14.67
C PRO I 126 2.94 -25.00 15.97
N SER I 127 2.46 -23.75 15.95
CA SER I 127 2.53 -22.87 17.13
C SER I 127 1.46 -23.26 18.13
N ALA I 128 1.83 -23.17 19.41
CA ALA I 128 0.97 -23.55 20.56
C ALA I 128 -0.05 -22.51 20.89
N LEU I 129 -1.33 -22.90 20.96
CA LEU I 129 -2.38 -21.91 21.13
C LEU I 129 -3.26 -22.03 22.37
N ILE I 130 -3.27 -23.22 22.97
CA ILE I 130 -4.32 -23.58 23.92
C ILE I 130 -4.26 -22.80 25.24
N VAL I 131 -3.05 -22.51 25.73
CA VAL I 131 -2.93 -21.73 26.97
C VAL I 131 -3.65 -20.41 26.80
N PRO I 132 -3.26 -19.62 25.77
CA PRO I 132 -4.01 -18.38 25.53
C PRO I 132 -5.51 -18.62 25.33
N ALA I 133 -5.88 -19.67 24.62
CA ALA I 133 -7.29 -19.90 24.35
C ALA I 133 -8.07 -20.12 25.65
N ILE I 134 -7.43 -20.83 26.58
CA ILE I 134 -7.99 -21.09 27.91
C ILE I 134 -8.22 -19.73 28.58
N TRP I 135 -7.15 -18.95 28.62
CA TRP I 135 -7.17 -17.68 29.29
C TRP I 135 -8.32 -16.83 28.82
N LEU I 136 -8.53 -16.82 27.52
CA LEU I 136 -9.60 -16.04 26.95
C LEU I 136 -10.90 -16.55 27.55
N ASP I 137 -11.18 -17.83 27.33
CA ASP I 137 -12.42 -18.44 27.80
C ASP I 137 -12.75 -18.14 29.23
N VAL I 138 -11.75 -18.26 30.09
CA VAL I 138 -11.96 -17.92 31.48
C VAL I 138 -12.18 -16.42 31.79
N ILE I 139 -11.61 -15.51 30.99
CA ILE I 139 -11.94 -14.10 31.22
C ILE I 139 -13.37 -13.85 30.82
N LEU I 140 -13.87 -14.65 29.89
CA LEU I 140 -15.27 -14.51 29.56
C LEU I 140 -16.16 -15.25 30.55
N LEU I 141 -15.60 -16.33 31.12
CA LEU I 141 -16.34 -17.11 32.09
C LEU I 141 -16.50 -16.35 33.40
N LEU I 142 -15.43 -15.71 33.83
CA LEU I 142 -15.51 -15.00 35.06
C LEU I 142 -16.37 -13.74 34.81
N SER I 143 -15.81 -12.65 34.33
CA SER I 143 -16.66 -11.51 33.98
C SER I 143 -17.56 -11.96 32.85
N GLY I 144 -18.85 -11.74 32.97
CA GLY I 144 -19.76 -12.22 31.91
C GLY I 144 -19.66 -11.40 30.63
N SER I 145 -18.77 -10.41 30.64
CA SER I 145 -18.63 -9.35 29.61
C SER I 145 -17.63 -9.60 28.49
N TYR I 146 -18.13 -9.55 27.25
CA TYR I 146 -17.24 -9.56 26.08
C TYR I 146 -16.52 -8.23 25.78
N VAL I 147 -16.98 -7.14 26.40
CA VAL I 147 -16.17 -5.93 26.45
C VAL I 147 -14.93 -6.15 27.31
N ILE I 148 -15.08 -6.63 28.53
CA ILE I 148 -13.90 -6.88 29.34
C ILE I 148 -13.01 -7.97 28.70
N THR I 149 -13.66 -9.01 28.16
CA THR I 149 -12.94 -10.07 27.48
C THR I 149 -12.13 -9.43 26.39
N ALA I 150 -12.78 -8.63 25.55
CA ALA I 150 -12.07 -7.96 24.47
C ALA I 150 -10.82 -7.21 24.92
N VAL I 151 -10.80 -6.72 26.17
CA VAL I 151 -9.62 -5.99 26.68
C VAL I 151 -8.65 -6.92 27.40
N VAL I 152 -9.01 -7.41 28.59
CA VAL I 152 -8.01 -8.16 29.41
C VAL I 152 -7.87 -9.57 28.87
N GLY I 153 -8.87 -9.97 28.09
CA GLY I 153 -8.94 -11.29 27.52
C GLY I 153 -7.85 -11.29 26.50
N SER I 154 -8.01 -10.45 25.47
CA SER I 154 -7.09 -10.47 24.34
C SER I 154 -5.69 -9.91 24.65
N LEU I 155 -5.57 -9.16 25.74
CA LEU I 155 -4.24 -8.81 26.22
C LEU I 155 -3.52 -10.05 26.75
N GLY I 156 -4.24 -10.84 27.53
CA GLY I 156 -3.64 -12.01 28.10
C GLY I 156 -3.22 -12.94 26.99
N TRP I 157 -4.16 -13.14 26.07
CA TRP I 157 -3.94 -13.97 24.91
C TRP I 157 -2.65 -13.67 24.18
N GLY I 158 -2.32 -12.39 23.97
CA GLY I 158 -1.07 -12.03 23.29
C GLY I 158 0.21 -12.38 24.05
N LEU I 159 0.11 -12.23 25.37
CA LEU I 159 1.28 -12.27 26.22
C LEU I 159 1.73 -13.71 26.35
N LEU I 160 0.82 -14.54 26.83
CA LEU I 160 1.02 -15.98 26.95
C LEU I 160 1.52 -16.75 25.70
N PHE I 161 1.22 -16.28 24.49
CA PHE I 161 1.56 -17.03 23.28
C PHE I 161 2.99 -17.55 23.28
N TYR I 162 3.95 -16.66 23.53
CA TYR I 162 5.35 -17.00 23.41
C TYR I 162 5.79 -17.83 24.57
N PRO I 163 5.50 -17.37 25.80
CA PRO I 163 5.67 -18.16 27.03
C PRO I 163 5.19 -19.60 26.90
N ASN I 164 4.01 -19.81 26.33
CA ASN I 164 3.48 -21.16 26.14
C ASN I 164 4.03 -21.83 24.87
N ASN I 165 4.82 -21.11 24.09
CA ASN I 165 5.49 -21.77 23.01
C ASN I 165 6.91 -22.10 23.34
N TRP I 166 7.48 -21.38 24.31
CA TRP I 166 8.88 -21.55 24.69
C TRP I 166 9.32 -22.98 25.03
N PRO I 167 8.45 -23.75 25.74
CA PRO I 167 8.77 -25.14 26.09
C PRO I 167 9.11 -26.03 24.92
N ALA I 168 8.46 -25.76 23.80
CA ALA I 168 8.57 -26.57 22.60
C ALA I 168 9.73 -26.11 21.78
N ILE I 169 9.93 -24.80 21.79
CA ILE I 169 10.81 -24.11 20.85
C ILE I 169 12.30 -24.01 21.29
N ALA I 170 12.50 -23.75 22.59
CA ALA I 170 13.82 -23.54 23.21
C ALA I 170 14.81 -24.52 22.59
N ALA I 171 14.47 -25.80 22.70
CA ALA I 171 15.21 -26.95 22.13
C ALA I 171 16.03 -26.61 20.90
N PHE I 172 15.41 -25.94 19.94
CA PHE I 172 16.03 -25.76 18.64
C PHE I 172 16.73 -24.43 18.55
N HIS I 173 16.69 -23.69 19.65
CA HIS I 173 17.30 -22.36 19.69
C HIS I 173 18.66 -22.45 20.26
N GLN I 174 19.13 -23.69 20.41
CA GLN I 174 20.51 -23.96 20.80
C GLN I 174 21.47 -23.66 19.64
N ALA I 175 22.72 -23.35 19.99
CA ALA I 175 23.72 -22.94 19.02
C ALA I 175 24.63 -24.05 18.52
N THR I 176 24.85 -24.04 17.22
CA THR I 176 25.85 -24.91 16.62
C THR I 176 26.81 -24.09 15.77
N GLU I 177 28.07 -24.52 15.77
CA GLU I 177 29.14 -23.88 15.01
C GLU I 177 29.13 -24.52 13.66
N GLN I 178 29.15 -23.74 12.59
CA GLN I 178 28.97 -24.33 11.25
C GLN I 178 29.79 -23.70 10.16
N HIS I 179 30.99 -24.25 9.93
CA HIS I 179 31.98 -23.66 9.03
C HIS I 179 32.28 -22.29 9.50
N GLY I 180 32.60 -22.24 10.80
CA GLY I 180 33.08 -21.03 11.49
C GLY I 180 32.12 -19.87 11.53
N GLN I 181 30.83 -20.21 11.67
CA GLN I 181 29.67 -19.31 11.66
C GLN I 181 28.76 -19.89 12.69
N LEU I 182 27.84 -19.08 13.19
CA LEU I 182 26.86 -19.58 14.12
C LEU I 182 25.51 -19.90 13.44
N MET I 183 24.89 -21.00 13.86
CA MET I 183 23.51 -21.27 13.53
C MET I 183 22.78 -21.73 14.78
N THR I 184 21.46 -21.58 14.78
CA THR I 184 20.65 -22.30 15.76
C THR I 184 20.29 -23.61 15.09
N LEU I 185 19.95 -24.59 15.91
CA LEU I 185 19.54 -25.89 15.40
C LEU I 185 18.47 -25.69 14.34
N ALA I 186 17.44 -24.91 14.70
CA ALA I 186 16.36 -24.57 13.77
C ALA I 186 16.87 -24.10 12.40
N ASP I 187 17.68 -23.04 12.41
CA ASP I 187 18.30 -22.51 11.21
C ASP I 187 18.78 -23.65 10.34
N LEU I 188 19.40 -24.61 11.03
CA LEU I 188 20.03 -25.78 10.44
C LEU I 188 19.02 -26.80 9.93
N ILE I 189 18.05 -27.12 10.77
CA ILE I 189 17.03 -28.11 10.40
C ILE I 189 16.42 -27.74 9.06
N GLY I 190 16.16 -26.43 8.93
CA GLY I 190 15.61 -25.84 7.74
C GLY I 190 16.63 -25.98 6.65
N PHE I 191 17.90 -25.79 7.00
CA PHE I 191 18.97 -25.82 6.01
C PHE I 191 19.20 -27.22 5.45
N HIS I 192 19.12 -28.19 6.37
CA HIS I 192 19.29 -29.62 6.09
C HIS I 192 18.22 -30.17 5.16
N PHE I 193 17.00 -30.30 5.68
CA PHE I 193 15.91 -30.91 4.94
C PHE I 193 15.31 -30.06 3.78
N VAL I 194 15.97 -30.08 2.65
CA VAL I 194 15.68 -29.14 1.57
C VAL I 194 14.22 -28.90 1.13
N ARG I 195 13.78 -27.66 1.30
CA ARG I 195 12.53 -27.18 0.74
C ARG I 195 12.76 -26.56 -0.62
N THR I 196 12.24 -27.22 -1.65
CA THR I 196 12.37 -26.71 -3.01
C THR I 196 11.90 -25.27 -3.32
N SER I 197 11.36 -24.57 -2.32
CA SER I 197 10.86 -23.20 -2.52
C SER I 197 10.85 -22.42 -1.21
N MET I 198 11.99 -22.32 -0.53
CA MET I 198 12.00 -21.70 0.80
C MET I 198 13.31 -20.99 1.16
N PRO I 199 13.84 -20.20 0.23
CA PRO I 199 15.11 -19.56 0.52
C PRO I 199 15.07 -18.67 1.79
N GLU I 200 15.98 -18.83 2.75
CA GLU I 200 16.21 -17.75 3.74
C GLU I 200 16.28 -16.45 2.94
N TYR I 201 15.55 -15.43 3.35
CA TYR I 201 15.49 -14.16 2.59
C TYR I 201 14.05 -13.93 2.27
N ILE I 202 13.31 -15.03 2.33
CA ILE I 202 11.88 -14.99 2.21
C ILE I 202 11.31 -14.98 3.60
N ARG I 203 12.17 -15.29 4.57
CA ARG I 203 11.74 -15.64 5.89
C ARG I 203 10.75 -14.71 6.56
N MET I 204 10.90 -13.38 6.50
CA MET I 204 9.95 -12.56 7.29
C MET I 204 10.15 -12.75 8.78
N VAL I 205 11.41 -12.75 9.21
CA VAL I 205 11.77 -12.90 10.62
C VAL I 205 12.64 -11.72 11.04
N GLU I 206 12.90 -11.65 12.37
CA GLU I 206 13.81 -10.64 12.96
C GLU I 206 15.17 -10.64 12.30
N ARG I 207 15.61 -9.48 11.83
CA ARG I 207 16.94 -9.37 11.26
C ARG I 207 17.80 -8.25 11.86
N GLY I 208 17.18 -7.44 12.73
CA GLY I 208 17.83 -6.38 13.56
C GLY I 208 17.50 -4.98 13.10
N THR I 209 17.35 -4.05 14.03
CA THR I 209 17.33 -2.62 13.66
C THR I 209 18.10 -1.72 14.61
N LEU I 210 18.52 -0.57 14.09
CA LEU I 210 19.10 0.44 14.93
C LEU I 210 18.09 0.96 15.94
N ARG I 211 16.82 0.64 15.77
CA ARG I 211 15.84 1.17 16.69
C ARG I 211 15.54 0.22 17.87
N THR I 212 16.16 -0.96 17.89
CA THR I 212 16.04 -1.83 19.05
C THR I 212 16.94 -1.35 20.20
N PHE I 213 16.33 -1.06 21.35
CA PHE I 213 17.07 -0.71 22.59
C PHE I 213 16.64 -1.67 23.65
N GLY I 214 17.61 -2.30 24.31
CA GLY I 214 17.37 -3.56 25.03
C GLY I 214 17.62 -4.56 23.91
N LYS I 215 17.35 -5.86 24.08
CA LYS I 215 16.95 -6.57 25.29
C LYS I 215 15.45 -6.54 25.57
N ASP I 216 14.68 -6.35 24.50
CA ASP I 216 13.25 -6.26 24.63
C ASP I 216 12.47 -6.93 23.49
N VAL I 217 13.19 -7.38 22.46
CA VAL I 217 12.57 -7.76 21.18
C VAL I 217 11.20 -8.50 21.30
N VAL I 218 11.11 -9.40 22.29
CA VAL I 218 9.94 -10.24 22.45
C VAL I 218 8.86 -9.60 23.33
N PRO I 219 9.24 -9.03 24.49
CA PRO I 219 8.25 -8.30 25.30
C PRO I 219 7.41 -7.32 24.50
N VAL I 220 8.05 -6.36 23.84
CA VAL I 220 7.34 -5.45 22.94
C VAL I 220 6.51 -6.22 21.93
N ALA I 221 7.12 -7.20 21.26
CA ALA I 221 6.39 -7.97 20.30
C ALA I 221 5.15 -8.52 20.94
N ALA I 222 5.28 -9.16 22.10
CA ALA I 222 4.09 -9.77 22.67
C ALA I 222 3.10 -8.75 23.25
N PHE I 223 3.54 -7.56 23.62
CA PHE I 223 2.56 -6.56 24.01
C PHE I 223 1.84 -6.04 22.83
N PHE I 224 2.58 -5.47 21.89
CA PHE I 224 2.01 -5.10 20.61
C PHE I 224 0.99 -6.15 20.19
N SER I 225 1.39 -7.42 20.23
CA SER I 225 0.48 -8.46 19.77
C SER I 225 -0.83 -8.53 20.59
N GLY I 226 -0.75 -8.31 21.92
CA GLY I 226 -1.94 -8.27 22.79
C GLY I 226 -2.84 -7.08 22.47
N PHE I 227 -2.27 -5.88 22.50
CA PHE I 227 -2.97 -4.59 22.18
C PHE I 227 -3.76 -4.58 20.87
N VAL I 228 -3.15 -5.07 19.80
CA VAL I 228 -3.81 -5.15 18.51
C VAL I 228 -4.92 -6.20 18.57
N SER I 229 -4.72 -7.23 19.38
CA SER I 229 -5.70 -8.29 19.39
C SER I 229 -7.02 -7.82 19.98
N MET I 230 -6.95 -6.79 20.83
CA MET I 230 -8.16 -6.15 21.39
C MET I 230 -9.11 -5.64 20.35
N MET I 231 -8.59 -5.07 19.29
CA MET I 231 -9.42 -4.60 18.22
C MET I 231 -9.85 -5.73 17.34
N VAL I 232 -8.92 -6.63 17.00
CA VAL I 232 -9.29 -7.79 16.18
C VAL I 232 -10.48 -8.52 16.84
N TYR I 233 -10.39 -8.62 18.16
CA TYR I 233 -11.42 -9.25 18.94
C TYR I 233 -12.80 -8.63 18.83
N PHE I 234 -12.90 -7.34 19.06
CA PHE I 234 -14.15 -6.63 18.83
C PHE I 234 -14.75 -6.89 17.45
N LEU I 235 -14.00 -6.51 16.43
CA LEU I 235 -14.42 -6.78 15.10
C LEU I 235 -14.85 -8.25 14.95
N TRP I 236 -14.03 -9.19 15.39
CA TRP I 236 -14.41 -10.59 15.25
C TRP I 236 -15.51 -11.12 16.15
N TRP I 237 -15.76 -10.43 17.26
CA TRP I 237 -16.89 -10.74 18.08
C TRP I 237 -18.07 -10.45 17.24
N PHE I 238 -18.25 -9.20 16.83
CA PHE I 238 -19.45 -8.83 16.09
C PHE I 238 -19.61 -9.58 14.81
N MET I 239 -18.53 -9.95 14.17
CA MET I 239 -18.69 -10.82 13.02
C MET I 239 -19.25 -12.19 13.41
N GLY I 240 -18.90 -12.65 14.61
CA GLY I 240 -19.49 -13.85 15.17
C GLY I 240 -20.99 -13.67 15.35
N ARG I 241 -21.40 -12.42 15.47
CA ARG I 241 -22.80 -12.15 15.65
C ARG I 241 -23.48 -12.20 14.31
N TRP I 242 -23.08 -11.37 13.35
CA TRP I 242 -23.74 -11.44 12.04
C TRP I 242 -23.75 -12.85 11.52
N TYR I 243 -22.65 -13.59 11.73
CA TYR I 243 -22.56 -14.99 11.28
C TYR I 243 -23.59 -15.89 11.94
N SER I 244 -24.10 -15.49 13.11
CA SER I 244 -25.14 -16.23 13.85
C SER I 244 -26.56 -15.80 13.45
N THR I 245 -26.71 -15.16 12.30
CA THR I 245 -28.01 -14.57 11.95
C THR I 245 -29.07 -15.58 11.53
N THR I 246 -30.21 -15.49 12.21
CA THR I 246 -31.39 -16.31 11.94
C THR I 246 -32.34 -15.65 10.98
N LYS I 247 -31.83 -14.67 10.25
CA LYS I 247 -32.64 -13.90 9.34
C LYS I 247 -32.92 -14.72 8.10
N VAL I 248 -34.10 -14.50 7.52
CA VAL I 248 -34.56 -15.18 6.33
C VAL I 248 -35.00 -14.12 5.36
N ILE I 249 -34.81 -14.36 4.06
CA ILE I 249 -34.94 -13.31 3.08
C ILE I 249 -35.79 -13.79 1.94
N ASP I 250 -36.23 -12.88 1.09
CA ASP I 250 -37.30 -13.15 0.10
C ASP I 250 -36.84 -13.65 -1.26
N THR I 251 -35.75 -13.08 -1.80
CA THR I 251 -35.36 -13.37 -3.17
C THR I 251 -33.86 -13.60 -3.34
N ILE I 252 -33.53 -14.34 -4.41
CA ILE I 252 -32.16 -14.49 -4.91
C ILE I 252 -32.07 -14.43 -6.46
N ALA J 9 -63.55 10.29 -19.48
CA ALA J 9 -63.61 9.35 -18.32
C ALA J 9 -62.54 8.24 -18.40
N VAL J 10 -61.27 8.64 -18.43
CA VAL J 10 -60.10 7.74 -18.44
C VAL J 10 -59.07 8.24 -17.40
N GLY J 11 -59.57 9.08 -16.49
CA GLY J 11 -58.81 10.05 -15.67
C GLY J 11 -57.50 9.65 -15.03
N PRO J 12 -56.53 10.60 -14.96
CA PRO J 12 -56.66 12.00 -15.32
C PRO J 12 -56.25 12.26 -16.77
N PHE J 13 -56.38 11.21 -17.59
CA PHE J 13 -56.37 11.36 -19.05
C PHE J 13 -57.80 11.49 -19.54
N ASN J 14 -57.98 12.25 -20.62
CA ASN J 14 -59.29 12.45 -21.18
C ASN J 14 -59.71 11.23 -21.97
N SER J 15 -58.87 10.75 -22.88
CA SER J 15 -59.16 9.54 -23.64
C SER J 15 -58.27 8.36 -23.25
N VAL J 16 -58.55 7.19 -23.81
CA VAL J 16 -57.58 6.10 -23.80
C VAL J 16 -56.38 6.46 -24.72
N ALA J 17 -56.65 7.07 -25.88
CA ALA J 17 -55.59 7.50 -26.80
C ALA J 17 -54.64 8.44 -26.08
N GLU J 18 -55.19 9.27 -25.18
CA GLU J 18 -54.37 10.18 -24.38
C GLU J 18 -53.53 9.44 -23.34
N ALA J 19 -54.12 8.47 -22.65
CA ALA J 19 -53.39 7.58 -21.76
C ALA J 19 -52.35 6.78 -22.52
N ALA J 20 -52.78 5.75 -23.24
CA ALA J 20 -51.84 4.93 -24.02
C ALA J 20 -50.83 5.79 -24.82
N GLY J 21 -51.30 6.98 -25.23
CA GLY J 21 -50.49 7.93 -25.97
C GLY J 21 -49.36 8.53 -25.16
N CYS J 22 -49.70 9.12 -24.02
CA CYS J 22 -48.71 9.63 -23.08
C CYS J 22 -47.77 8.56 -22.54
N VAL J 23 -48.34 7.50 -21.96
CA VAL J 23 -47.53 6.40 -21.48
C VAL J 23 -46.42 6.08 -22.47
N GLN J 24 -46.80 5.86 -23.74
CA GLN J 24 -45.83 5.56 -24.80
C GLN J 24 -44.70 6.58 -24.94
N THR J 25 -45.04 7.86 -24.99
CA THR J 25 -44.01 8.90 -25.14
C THR J 25 -43.14 9.00 -23.88
N VAL J 26 -43.74 8.78 -22.70
CA VAL J 26 -42.95 8.78 -21.48
C VAL J 26 -41.93 7.63 -21.40
N ASP J 27 -42.39 6.40 -21.56
CA ASP J 27 -41.52 5.24 -21.83
C ASP J 27 -40.25 5.54 -22.63
N TRP J 28 -40.36 6.23 -23.76
CA TRP J 28 -39.16 6.59 -24.56
C TRP J 28 -38.24 7.49 -23.82
N MET J 29 -38.81 8.56 -23.23
CA MET J 29 -38.06 9.51 -22.43
C MET J 29 -37.21 8.84 -21.36
N LEU J 30 -37.85 7.98 -20.58
CA LEU J 30 -37.17 7.21 -19.55
C LEU J 30 -36.00 6.48 -20.17
N LEU J 31 -36.29 5.52 -21.06
CA LEU J 31 -35.26 4.69 -21.68
C LEU J 31 -34.09 5.50 -22.20
N VAL J 32 -34.39 6.68 -22.70
CA VAL J 32 -33.35 7.54 -23.22
C VAL J 32 -32.58 8.30 -22.15
N LEU J 33 -33.29 8.99 -21.24
CA LEU J 33 -32.60 9.67 -20.11
C LEU J 33 -31.78 8.64 -19.32
N LEU J 34 -32.38 7.47 -19.12
CA LEU J 34 -31.70 6.35 -18.50
C LEU J 34 -30.57 5.76 -19.35
N PHE J 35 -30.49 6.07 -20.63
CA PHE J 35 -29.39 5.51 -21.40
C PHE J 35 -28.12 6.18 -21.04
N PHE J 36 -28.21 7.46 -20.71
CA PHE J 36 -27.03 8.23 -20.36
C PHE J 36 -27.28 9.50 -19.52
N ALA J 37 -27.40 9.48 -18.18
CA ALA J 37 -27.40 8.34 -17.20
C ALA J 37 -26.23 7.42 -17.26
N VAL J 38 -26.50 6.14 -17.02
CA VAL J 38 -25.46 5.13 -16.93
C VAL J 38 -24.26 5.38 -17.87
N LEU J 39 -24.49 5.49 -19.19
CA LEU J 39 -23.37 5.61 -20.12
C LEU J 39 -22.44 6.66 -19.54
N GLY J 40 -22.93 7.88 -19.35
CA GLY J 40 -22.16 8.95 -18.67
C GLY J 40 -21.40 8.59 -17.37
N GLY J 41 -22.12 8.00 -16.42
CA GLY J 41 -21.49 7.54 -15.19
C GLY J 41 -20.50 6.44 -15.49
N TYR J 42 -20.98 5.41 -16.17
CA TYR J 42 -20.19 4.19 -16.45
C TYR J 42 -18.91 4.52 -17.16
N HIS J 43 -19.00 5.48 -18.04
CA HIS J 43 -17.86 5.79 -18.82
C HIS J 43 -16.81 6.40 -17.94
N VAL J 44 -17.14 7.50 -17.27
CA VAL J 44 -16.18 8.23 -16.44
C VAL J 44 -15.49 7.30 -15.46
N HIS J 45 -16.27 6.41 -14.83
CA HIS J 45 -15.69 5.42 -13.93
C HIS J 45 -14.77 4.48 -14.66
N PHE J 46 -15.25 3.89 -15.75
CA PHE J 46 -14.47 2.89 -16.43
C PHE J 46 -13.16 3.50 -16.88
N MET J 47 -13.28 4.67 -17.50
CA MET J 47 -12.15 5.35 -18.11
C MET J 47 -11.05 5.72 -17.12
N LEU J 48 -11.44 6.09 -15.90
CA LEU J 48 -10.48 6.48 -14.87
C LEU J 48 -9.74 5.32 -14.33
N THR J 49 -10.33 4.14 -14.33
CA THR J 49 -9.66 2.96 -13.78
C THR J 49 -9.16 1.98 -14.83
N ALA J 50 -10.00 1.64 -15.81
CA ALA J 50 -9.55 0.75 -16.87
C ALA J 50 -8.81 1.51 -17.95
N GLY J 51 -8.95 2.83 -17.99
CA GLY J 51 -8.04 3.64 -18.79
C GLY J 51 -8.23 3.48 -20.29
N ASP J 52 -7.17 3.37 -21.08
CA ASP J 52 -5.78 3.23 -20.65
C ASP J 52 -5.33 1.88 -21.15
N TRP J 53 -5.98 0.82 -20.75
CA TRP J 53 -5.84 -0.36 -21.57
C TRP J 53 -6.84 -0.26 -22.68
N ASP J 54 -7.87 0.54 -22.49
CA ASP J 54 -8.91 0.59 -23.50
C ASP J 54 -8.63 1.68 -24.54
N PHE J 55 -7.69 2.57 -24.25
CA PHE J 55 -7.21 3.47 -25.30
C PHE J 55 -6.28 2.79 -26.33
N TRP J 56 -5.25 2.11 -25.85
CA TRP J 56 -4.11 1.78 -26.69
C TRP J 56 -4.00 0.34 -27.02
N VAL J 57 -3.90 0.07 -28.32
CA VAL J 57 -3.81 -1.29 -28.85
C VAL J 57 -2.52 -2.02 -28.40
N ASP J 58 -1.50 -1.22 -28.04
CA ASP J 58 -0.21 -1.69 -27.53
C ASP J 58 -0.21 -1.83 -26.00
N TRP J 59 -1.38 -1.67 -25.39
CA TRP J 59 -1.62 -2.10 -24.01
C TRP J 59 -2.38 -3.40 -23.94
N LYS J 60 -3.18 -3.68 -24.95
CA LYS J 60 -4.05 -4.82 -24.90
C LYS J 60 -3.19 -6.05 -25.02
N ASP J 61 -2.71 -6.51 -23.87
CA ASP J 61 -1.70 -7.58 -23.83
C ASP J 61 -2.32 -8.93 -23.66
N ARG J 62 -1.61 -9.81 -22.97
CA ARG J 62 -2.09 -11.16 -22.73
C ARG J 62 -2.51 -11.39 -21.31
N ARG J 63 -1.97 -10.59 -20.39
CA ARG J 63 -2.23 -10.78 -18.96
C ARG J 63 -3.02 -9.69 -18.26
N MET J 64 -2.50 -8.47 -18.26
CA MET J 64 -3.17 -7.36 -17.59
C MET J 64 -4.53 -7.11 -18.18
N TRP J 65 -4.57 -6.53 -19.37
CA TRP J 65 -5.80 -6.08 -20.01
C TRP J 65 -6.97 -7.05 -19.97
N PRO J 66 -6.79 -8.33 -20.42
CA PRO J 66 -7.82 -9.36 -20.20
C PRO J 66 -8.12 -9.71 -18.73
N THR J 67 -7.46 -9.02 -17.79
CA THR J 67 -7.79 -9.15 -16.37
C THR J 67 -8.52 -7.93 -15.88
N VAL J 68 -7.91 -6.76 -15.99
CA VAL J 68 -8.52 -5.60 -15.39
C VAL J 68 -9.82 -5.19 -16.02
N VAL J 69 -9.99 -5.40 -17.33
CA VAL J 69 -11.19 -4.84 -17.98
C VAL J 69 -12.44 -5.60 -17.65
N PRO J 70 -12.37 -6.94 -17.62
CA PRO J 70 -13.53 -7.68 -17.07
C PRO J 70 -13.86 -7.32 -15.60
N ILE J 71 -12.85 -7.28 -14.74
CA ILE J 71 -13.08 -6.97 -13.34
C ILE J 71 -13.60 -5.56 -13.14
N LEU J 72 -13.03 -4.57 -13.80
CA LEU J 72 -13.59 -3.22 -13.71
C LEU J 72 -14.85 -3.00 -14.53
N GLY J 73 -15.06 -3.90 -15.49
CA GLY J 73 -16.12 -3.71 -16.46
C GLY J 73 -17.44 -4.28 -16.03
N VAL J 74 -17.41 -5.12 -15.00
CA VAL J 74 -18.59 -5.87 -14.58
C VAL J 74 -19.48 -5.01 -13.72
N THR J 75 -18.86 -3.97 -13.13
CA THR J 75 -19.48 -3.04 -12.18
C THR J 75 -20.85 -2.47 -12.59
N PHE J 76 -20.85 -1.48 -13.47
CA PHE J 76 -22.11 -0.88 -13.84
C PHE J 76 -23.10 -1.86 -14.47
N CYS J 77 -22.60 -2.94 -15.02
CA CYS J 77 -23.48 -3.92 -15.59
C CYS J 77 -24.25 -4.56 -14.46
N ALA J 78 -23.53 -4.93 -13.39
CA ALA J 78 -24.18 -5.57 -12.24
C ALA J 78 -25.14 -4.61 -11.54
N ALA J 79 -24.80 -3.32 -11.44
CA ALA J 79 -25.71 -2.33 -10.85
C ALA J 79 -26.89 -2.09 -11.78
N SER J 80 -26.63 -2.09 -13.08
CA SER J 80 -27.69 -1.90 -14.08
C SER J 80 -28.67 -3.05 -14.05
N GLN J 81 -28.14 -4.27 -13.96
CA GLN J 81 -29.00 -5.42 -13.77
C GLN J 81 -29.92 -5.28 -12.54
N ALA J 82 -29.38 -4.88 -11.39
CA ALA J 82 -30.15 -4.79 -10.16
C ALA J 82 -31.26 -3.73 -10.26
N PHE J 83 -31.25 -2.95 -11.32
CA PHE J 83 -32.28 -1.96 -11.54
C PHE J 83 -33.35 -2.40 -12.53
N TRP J 84 -32.98 -2.87 -13.71
CA TRP J 84 -33.98 -3.33 -14.68
C TRP J 84 -34.69 -4.57 -14.28
N TRP J 85 -33.92 -5.56 -13.85
CA TRP J 85 -34.50 -6.84 -13.56
C TRP J 85 -35.23 -6.85 -12.26
N VAL J 86 -34.74 -6.09 -11.27
CA VAL J 86 -35.48 -6.02 -10.01
C VAL J 86 -36.80 -5.31 -10.20
N ASN J 87 -36.76 -4.11 -10.76
CA ASN J 87 -37.95 -3.26 -10.83
C ASN J 87 -38.85 -3.34 -12.06
N PHE J 88 -38.40 -4.01 -13.13
CA PHE J 88 -39.20 -4.12 -14.33
C PHE J 88 -39.07 -5.49 -14.92
N ARG J 89 -38.27 -6.34 -14.31
CA ARG J 89 -38.05 -7.65 -14.85
C ARG J 89 -37.64 -7.62 -16.33
N LEU J 90 -36.84 -6.63 -16.73
CA LEU J 90 -36.32 -6.51 -18.12
C LEU J 90 -34.88 -7.03 -18.31
N PRO J 91 -34.73 -8.11 -19.11
CA PRO J 91 -33.44 -8.86 -19.18
C PRO J 91 -32.31 -8.24 -20.05
N PHE J 92 -32.22 -6.90 -20.08
CA PHE J 92 -31.17 -6.25 -20.87
C PHE J 92 -30.25 -5.33 -20.03
N GLY J 93 -30.23 -5.54 -18.70
CA GLY J 93 -29.40 -4.74 -17.78
C GLY J 93 -27.95 -4.51 -18.19
N ALA J 94 -27.21 -5.61 -18.23
CA ALA J 94 -25.79 -5.55 -18.54
C ALA J 94 -25.56 -4.96 -19.94
N VAL J 95 -26.20 -5.56 -20.94
CA VAL J 95 -26.14 -5.10 -22.31
C VAL J 95 -26.48 -3.62 -22.45
N PHE J 96 -27.50 -3.14 -21.72
CA PHE J 96 -27.87 -1.72 -21.69
C PHE J 96 -26.69 -0.84 -21.27
N ALA J 97 -26.02 -1.25 -20.19
CA ALA J 97 -24.82 -0.59 -19.69
C ALA J 97 -23.59 -0.75 -20.63
N ALA J 98 -23.15 -1.99 -20.79
CA ALA J 98 -22.04 -2.33 -21.66
C ALA J 98 -22.08 -1.55 -22.97
N LEU J 99 -23.22 -1.62 -23.66
CA LEU J 99 -23.36 -0.95 -24.95
C LEU J 99 -23.27 0.57 -24.80
N GLY J 100 -24.02 1.12 -23.84
CA GLY J 100 -23.99 2.54 -23.50
C GLY J 100 -22.56 3.02 -23.49
N LEU J 101 -21.72 2.27 -22.79
CA LEU J 101 -20.29 2.53 -22.77
C LEU J 101 -19.66 2.54 -24.16
N LEU J 102 -19.87 1.43 -24.87
CA LEU J 102 -19.20 1.15 -26.13
C LEU J 102 -19.39 2.25 -27.12
N ILE J 103 -20.65 2.68 -27.25
CA ILE J 103 -21.01 3.88 -27.98
C ILE J 103 -20.22 5.10 -27.48
N GLY J 104 -20.44 5.52 -26.24
CA GLY J 104 -19.73 6.67 -25.70
C GLY J 104 -18.22 6.68 -25.91
N GLU J 105 -17.62 5.49 -25.95
CA GLU J 105 -16.20 5.35 -26.21
C GLU J 105 -15.99 5.65 -27.67
N TRP J 106 -16.48 4.74 -28.51
CA TRP J 106 -16.35 4.77 -29.98
C TRP J 106 -16.56 6.10 -30.59
N ILE J 107 -17.68 6.75 -30.30
CA ILE J 107 -17.94 8.11 -30.75
C ILE J 107 -16.68 8.95 -30.50
N ASN J 108 -16.23 8.98 -29.25
CA ASN J 108 -15.11 9.83 -28.85
C ASN J 108 -13.78 9.39 -29.46
N ARG J 109 -13.60 8.06 -29.56
CA ARG J 109 -12.43 7.47 -30.22
C ARG J 109 -12.29 8.01 -31.62
N TYR J 110 -13.37 7.92 -32.39
CA TYR J 110 -13.46 8.49 -33.73
C TYR J 110 -13.41 10.01 -33.72
N VAL J 111 -14.53 10.66 -33.43
CA VAL J 111 -14.58 12.14 -33.37
C VAL J 111 -13.34 12.83 -32.78
N ASN J 112 -12.72 12.25 -31.76
CA ASN J 112 -11.64 12.95 -31.04
C ASN J 112 -10.24 12.36 -31.13
N PHE J 113 -10.08 11.10 -30.73
CA PHE J 113 -8.77 10.44 -30.82
C PHE J 113 -8.23 10.46 -32.25
N TRP J 114 -9.14 10.24 -33.18
CA TRP J 114 -8.89 10.37 -34.59
C TRP J 114 -9.21 11.76 -35.09
N GLY J 115 -10.49 12.07 -35.28
CA GLY J 115 -10.90 13.36 -35.82
C GLY J 115 -10.35 14.64 -35.22
N TRP J 116 -9.81 14.59 -34.01
CA TRP J 116 -9.21 15.79 -33.45
C TRP J 116 -7.73 15.79 -33.48
N THR J 117 -7.13 14.64 -33.21
CA THR J 117 -5.68 14.57 -32.98
C THR J 117 -4.96 13.65 -33.96
N TYR J 118 -5.75 12.81 -34.61
CA TYR J 118 -5.31 12.07 -35.78
C TYR J 118 -4.47 10.91 -35.39
N PHE J 119 -4.79 10.29 -34.26
CA PHE J 119 -4.30 8.96 -34.02
C PHE J 119 -5.24 8.07 -34.81
N PRO J 120 -4.67 7.12 -35.54
CA PRO J 120 -5.49 6.27 -36.38
C PRO J 120 -6.17 5.15 -35.61
N ILE J 121 -7.45 4.97 -35.91
CA ILE J 121 -8.32 4.06 -35.19
C ILE J 121 -7.64 2.73 -34.78
N SER J 122 -6.79 2.18 -35.64
CA SER J 122 -6.12 0.90 -35.34
C SER J 122 -5.35 0.98 -34.04
N LEU J 123 -4.97 2.20 -33.65
CA LEU J 123 -4.29 2.46 -32.35
C LEU J 123 -5.27 2.62 -31.17
N VAL J 124 -6.36 3.36 -31.41
CA VAL J 124 -7.23 3.83 -30.33
C VAL J 124 -8.58 3.12 -30.26
N PHE J 125 -8.66 1.90 -30.75
CA PHE J 125 -9.95 1.25 -30.71
C PHE J 125 -10.20 0.54 -29.38
N PRO J 126 -11.43 0.67 -28.82
CA PRO J 126 -11.91 0.09 -27.55
C PRO J 126 -12.01 -1.43 -27.47
N SER J 127 -12.03 -1.93 -26.24
CA SER J 127 -12.19 -3.36 -25.94
C SER J 127 -13.65 -3.75 -26.18
N ALA J 128 -13.83 -4.99 -26.69
CA ALA J 128 -15.15 -5.59 -26.98
C ALA J 128 -15.82 -6.22 -25.76
N LEU J 129 -17.06 -5.82 -25.51
CA LEU J 129 -17.78 -6.13 -24.26
C LEU J 129 -19.10 -6.86 -24.43
N ILE J 130 -19.70 -6.68 -25.60
CA ILE J 130 -21.09 -7.05 -25.80
C ILE J 130 -21.37 -8.54 -25.71
N VAL J 131 -20.48 -9.38 -26.22
CA VAL J 131 -20.65 -10.79 -25.97
C VAL J 131 -20.78 -11.10 -24.48
N PRO J 132 -19.77 -10.74 -23.67
CA PRO J 132 -19.97 -11.09 -22.24
C PRO J 132 -21.30 -10.52 -21.67
N ALA J 133 -21.61 -9.27 -22.05
CA ALA J 133 -22.78 -8.49 -21.60
C ALA J 133 -24.07 -9.24 -21.86
N ILE J 134 -24.17 -9.82 -23.05
CA ILE J 134 -25.26 -10.72 -23.42
C ILE J 134 -25.24 -11.97 -22.55
N TRP J 135 -24.06 -12.57 -22.41
CA TRP J 135 -23.93 -13.76 -21.61
C TRP J 135 -24.46 -13.56 -20.19
N LEU J 136 -24.16 -12.40 -19.65
CA LEU J 136 -24.57 -12.10 -18.30
C LEU J 136 -26.09 -12.02 -18.22
N ASP J 137 -26.68 -11.18 -19.08
CA ASP J 137 -28.13 -10.98 -19.11
C ASP J 137 -28.94 -12.27 -19.18
N VAL J 138 -28.50 -13.17 -20.07
CA VAL J 138 -29.16 -14.44 -20.30
C VAL J 138 -28.98 -15.43 -19.16
N ILE J 139 -27.93 -15.32 -18.35
CA ILE J 139 -27.91 -16.11 -17.13
C ILE J 139 -28.98 -15.64 -16.13
N LEU J 140 -29.19 -14.33 -16.09
CA LEU J 140 -30.22 -13.76 -15.23
C LEU J 140 -31.63 -13.97 -15.79
N LEU J 141 -31.72 -13.97 -17.11
CA LEU J 141 -33.01 -14.20 -17.69
C LEU J 141 -33.39 -15.63 -17.42
N LEU J 142 -32.50 -16.59 -17.71
CA LEU J 142 -32.87 -17.99 -17.56
C LEU J 142 -33.07 -18.30 -16.08
N SER J 143 -32.02 -18.37 -15.27
CA SER J 143 -32.24 -18.50 -13.82
C SER J 143 -32.67 -17.14 -13.38
N GLY J 144 -33.73 -17.06 -12.60
CA GLY J 144 -34.22 -15.77 -12.19
C GLY J 144 -33.36 -15.13 -11.13
N SER J 145 -32.39 -15.89 -10.60
CA SER J 145 -31.52 -15.48 -9.46
C SER J 145 -30.23 -14.71 -9.78
N TYR J 146 -30.06 -13.56 -9.14
CA TYR J 146 -28.82 -12.79 -9.27
C TYR J 146 -27.69 -13.51 -8.58
N VAL J 147 -28.01 -14.36 -7.61
CA VAL J 147 -26.98 -15.13 -6.93
C VAL J 147 -26.36 -16.15 -7.87
N ILE J 148 -27.21 -16.81 -8.69
CA ILE J 148 -26.65 -17.64 -9.78
C ILE J 148 -25.93 -16.71 -10.76
N THR J 149 -26.57 -15.63 -11.15
CA THR J 149 -25.94 -14.73 -12.08
C THR J 149 -24.54 -14.33 -11.58
N ALA J 150 -24.46 -13.84 -10.36
CA ALA J 150 -23.17 -13.49 -9.80
C ALA J 150 -22.11 -14.58 -9.99
N VAL J 151 -22.49 -15.85 -9.89
CA VAL J 151 -21.50 -16.95 -10.00
C VAL J 151 -21.25 -17.37 -11.48
N VAL J 152 -22.20 -18.06 -12.08
CA VAL J 152 -21.98 -18.52 -13.47
C VAL J 152 -22.12 -17.39 -14.50
N GLY J 153 -22.72 -16.27 -14.09
CA GLY J 153 -22.89 -15.12 -14.95
C GLY J 153 -21.53 -14.51 -15.03
N SER J 154 -21.08 -13.91 -13.94
CA SER J 154 -19.77 -13.24 -13.93
C SER J 154 -18.56 -14.10 -14.36
N LEU J 155 -18.59 -15.42 -14.08
CA LEU J 155 -17.52 -16.30 -14.58
C LEU J 155 -17.49 -16.23 -16.11
N GLY J 156 -18.65 -16.42 -16.71
CA GLY J 156 -18.76 -16.45 -18.15
C GLY J 156 -18.17 -15.20 -18.73
N TRP J 157 -18.74 -14.08 -18.30
CA TRP J 157 -18.35 -12.73 -18.64
C TRP J 157 -16.87 -12.57 -18.65
N GLY J 158 -16.22 -13.30 -17.74
CA GLY J 158 -14.77 -13.24 -17.58
C GLY J 158 -14.07 -13.92 -18.73
N LEU J 159 -14.56 -15.12 -19.05
CA LEU J 159 -13.95 -15.99 -20.06
C LEU J 159 -14.10 -15.39 -21.45
N LEU J 160 -15.33 -15.04 -21.78
CA LEU J 160 -15.67 -14.49 -23.09
C LEU J 160 -15.00 -13.18 -23.46
N PHE J 161 -14.37 -12.51 -22.50
CA PHE J 161 -13.73 -11.23 -22.84
C PHE J 161 -12.71 -11.33 -23.98
N TYR J 162 -11.64 -12.08 -23.73
CA TYR J 162 -10.58 -12.22 -24.70
C TYR J 162 -11.03 -12.90 -26.01
N PRO J 163 -11.66 -14.10 -25.89
CA PRO J 163 -12.29 -14.70 -27.04
C PRO J 163 -13.07 -13.72 -27.87
N ASN J 164 -13.93 -12.93 -27.26
CA ASN J 164 -14.69 -11.99 -28.07
C ASN J 164 -13.88 -10.77 -28.52
N ASN J 165 -12.66 -10.60 -28.00
CA ASN J 165 -11.80 -9.53 -28.53
C ASN J 165 -10.86 -10.01 -29.64
N TRP J 166 -10.41 -11.25 -29.51
CA TRP J 166 -9.51 -11.87 -30.48
C TRP J 166 -9.74 -11.52 -31.94
N PRO J 167 -11.03 -11.52 -32.39
CA PRO J 167 -11.28 -11.19 -33.79
C PRO J 167 -10.82 -9.81 -34.20
N ALA J 168 -10.91 -8.84 -33.30
CA ALA J 168 -10.55 -7.49 -33.68
C ALA J 168 -9.04 -7.31 -33.63
N ILE J 169 -8.44 -8.05 -32.68
CA ILE J 169 -7.06 -7.82 -32.16
C ILE J 169 -5.95 -8.59 -32.90
N ALA J 170 -6.15 -9.91 -33.05
CA ALA J 170 -5.24 -10.82 -33.75
C ALA J 170 -4.49 -10.10 -34.88
N ALA J 171 -5.26 -9.41 -35.73
CA ALA J 171 -4.77 -8.60 -36.87
C ALA J 171 -3.45 -7.88 -36.58
N PHE J 172 -3.38 -7.25 -35.41
CA PHE J 172 -2.22 -6.48 -35.05
C PHE J 172 -1.22 -7.26 -34.21
N HIS J 173 -1.46 -8.55 -34.03
CA HIS J 173 -0.53 -9.39 -33.30
C HIS J 173 0.34 -10.16 -34.25
N GLN J 174 0.32 -9.73 -35.51
CA GLN J 174 1.25 -10.22 -36.52
C GLN J 174 2.63 -9.60 -36.35
N ALA J 175 3.65 -10.44 -36.59
CA ALA J 175 5.07 -10.08 -36.46
C ALA J 175 5.66 -9.25 -37.63
N THR J 176 6.53 -8.32 -37.29
CA THR J 176 7.30 -7.59 -38.27
C THR J 176 8.73 -7.52 -37.77
N GLU J 177 9.65 -7.49 -38.71
CA GLU J 177 11.07 -7.41 -38.43
C GLU J 177 11.45 -5.94 -38.45
N GLN J 178 12.08 -5.47 -37.40
CA GLN J 178 12.41 -4.05 -37.35
C GLN J 178 13.80 -3.79 -36.84
N HIS J 179 14.70 -3.39 -37.74
CA HIS J 179 16.13 -3.31 -37.44
C HIS J 179 16.57 -4.49 -36.62
N GLY J 180 16.29 -5.68 -37.15
CA GLY J 180 16.83 -6.94 -36.61
C GLY J 180 16.30 -7.30 -35.24
N GLN J 181 15.05 -6.94 -35.03
CA GLN J 181 14.36 -7.14 -33.77
C GLN J 181 12.94 -7.43 -34.19
N LEU J 182 12.24 -8.19 -33.36
CA LEU J 182 10.84 -8.48 -33.62
C LEU J 182 9.88 -7.46 -32.96
N MET J 183 8.84 -7.13 -33.68
CA MET J 183 7.79 -6.35 -33.06
C MET J 183 6.50 -6.95 -33.49
N THR J 184 5.41 -6.64 -32.78
CA THR J 184 4.08 -6.85 -33.36
C THR J 184 3.70 -5.56 -34.09
N LEU J 185 2.69 -5.68 -34.95
CA LEU J 185 2.15 -4.51 -35.61
C LEU J 185 1.71 -3.47 -34.60
N ALA J 186 0.98 -3.91 -33.57
CA ALA J 186 0.54 -3.00 -32.54
C ALA J 186 1.75 -2.24 -31.95
N ASP J 187 2.71 -2.99 -31.40
CA ASP J 187 3.92 -2.41 -30.82
C ASP J 187 4.32 -1.25 -31.68
N LEU J 188 4.37 -1.53 -32.98
CA LEU J 188 4.82 -0.59 -33.97
C LEU J 188 3.87 0.58 -34.18
N ILE J 189 2.56 0.27 -34.26
CA ILE J 189 1.54 1.29 -34.52
C ILE J 189 1.64 2.41 -33.50
N GLY J 190 1.76 1.98 -32.24
CA GLY J 190 2.02 2.86 -31.11
C GLY J 190 3.36 3.55 -31.26
N PHE J 191 4.34 2.81 -31.79
CA PHE J 191 5.66 3.36 -32.01
C PHE J 191 5.63 4.44 -33.06
N HIS J 192 4.88 4.19 -34.13
CA HIS J 192 4.75 5.15 -35.21
C HIS J 192 4.08 6.39 -34.71
N PHE J 193 2.80 6.26 -34.37
CA PHE J 193 1.97 7.44 -34.18
C PHE J 193 2.22 8.09 -32.83
N VAL J 194 3.13 9.07 -32.82
CA VAL J 194 3.76 9.58 -31.59
C VAL J 194 2.81 10.21 -30.57
N ARG J 195 2.70 9.54 -29.43
CA ARG J 195 1.97 10.02 -28.28
C ARG J 195 2.93 10.80 -27.41
N THR J 196 2.65 12.08 -27.22
CA THR J 196 3.56 12.95 -26.47
C THR J 196 3.82 12.58 -25.00
N SER J 197 3.12 11.58 -24.46
CA SER J 197 3.31 11.14 -23.08
C SER J 197 2.90 9.68 -22.99
N MET J 198 3.62 8.80 -23.68
CA MET J 198 3.27 7.40 -23.62
C MET J 198 4.43 6.45 -23.84
N PRO J 199 5.52 6.61 -23.07
CA PRO J 199 6.70 5.74 -23.17
C PRO J 199 6.46 4.27 -22.82
N GLU J 200 6.78 3.34 -23.72
CA GLU J 200 6.82 1.91 -23.34
C GLU J 200 7.66 1.84 -22.09
N TYR J 201 7.13 1.25 -21.03
CA TYR J 201 7.74 1.18 -19.67
C TYR J 201 6.67 1.64 -18.71
N ILE J 202 5.72 2.39 -19.27
CA ILE J 202 4.53 2.82 -18.59
C ILE J 202 3.45 1.76 -18.84
N ARG J 203 3.72 0.84 -19.74
CA ARG J 203 2.65 0.13 -20.37
C ARG J 203 1.75 -0.70 -19.48
N MET J 204 2.28 -1.29 -18.42
CA MET J 204 1.41 -2.11 -17.55
C MET J 204 0.97 -3.43 -18.20
N VAL J 205 1.87 -4.04 -18.97
CA VAL J 205 1.56 -5.22 -19.77
C VAL J 205 2.48 -6.39 -19.43
N GLU J 206 2.19 -7.55 -20.00
CA GLU J 206 2.94 -8.76 -19.71
C GLU J 206 4.34 -8.48 -20.14
N ARG J 207 5.29 -8.79 -19.27
CA ARG J 207 6.70 -8.77 -19.62
C ARG J 207 7.41 -10.03 -19.12
N GLY J 208 6.65 -10.98 -18.57
CA GLY J 208 7.15 -12.34 -18.36
C GLY J 208 7.69 -12.54 -16.96
N THR J 209 7.50 -13.73 -16.39
CA THR J 209 8.04 -14.08 -15.06
C THR J 209 8.57 -15.48 -15.08
N LEU J 210 9.43 -15.77 -14.10
CA LEU J 210 9.87 -17.16 -13.92
C LEU J 210 8.74 -18.09 -13.50
N ARG J 211 7.66 -17.52 -12.99
CA ARG J 211 6.57 -18.33 -12.45
C ARG J 211 5.53 -18.77 -13.50
N THR J 212 5.64 -18.26 -14.72
CA THR J 212 4.81 -18.73 -15.83
C THR J 212 5.19 -20.15 -16.25
N PHE J 213 4.27 -21.11 -16.12
CA PHE J 213 4.50 -22.48 -16.63
C PHE J 213 3.40 -22.81 -17.63
N GLY J 214 3.78 -23.31 -18.82
CA GLY J 214 2.95 -23.13 -20.02
C GLY J 214 3.30 -21.73 -20.56
N LYS J 215 2.64 -21.22 -21.59
CA LYS J 215 1.53 -21.84 -22.34
C LYS J 215 0.18 -21.79 -21.62
N ASP J 216 -0.04 -20.75 -20.81
CA ASP J 216 -1.31 -20.54 -20.08
C ASP J 216 -1.60 -19.09 -19.82
N VAL J 217 -0.67 -18.21 -20.21
CA VAL J 217 -0.73 -16.76 -19.86
C VAL J 217 -2.14 -16.16 -19.94
N VAL J 218 -2.92 -16.56 -20.94
CA VAL J 218 -4.27 -16.02 -21.10
C VAL J 218 -5.37 -16.80 -20.38
N PRO J 219 -5.41 -18.13 -20.54
CA PRO J 219 -6.31 -18.92 -19.69
C PRO J 219 -6.41 -18.46 -18.23
N VAL J 220 -5.30 -18.51 -17.50
CA VAL J 220 -5.24 -18.06 -16.09
C VAL J 220 -5.72 -16.63 -15.91
N ALA J 221 -5.38 -15.75 -16.87
CA ALA J 221 -5.78 -14.36 -16.77
C ALA J 221 -7.25 -14.25 -16.90
N ALA J 222 -7.86 -14.99 -17.80
CA ALA J 222 -9.31 -14.88 -17.97
C ALA J 222 -10.06 -15.60 -16.87
N PHE J 223 -9.49 -16.67 -16.32
CA PHE J 223 -10.11 -17.32 -15.17
C PHE J 223 -10.11 -16.40 -13.97
N PHE J 224 -8.92 -16.02 -13.53
CA PHE J 224 -8.78 -15.04 -12.47
C PHE J 224 -9.80 -13.90 -12.63
N SER J 225 -9.99 -13.43 -13.86
CA SER J 225 -10.81 -12.26 -14.14
C SER J 225 -12.28 -12.55 -13.94
N GLY J 226 -12.65 -13.82 -14.12
CA GLY J 226 -14.01 -14.28 -13.89
C GLY J 226 -14.30 -14.51 -12.43
N PHE J 227 -13.39 -15.19 -11.74
CA PHE J 227 -13.53 -15.49 -10.31
C PHE J 227 -13.57 -14.25 -9.43
N VAL J 228 -12.84 -13.21 -9.84
CA VAL J 228 -12.90 -11.95 -9.12
C VAL J 228 -14.22 -11.24 -9.43
N SER J 229 -14.60 -11.25 -10.69
CA SER J 229 -15.80 -10.53 -11.10
C SER J 229 -17.01 -11.01 -10.33
N MET J 230 -16.91 -12.21 -9.78
CA MET J 230 -17.97 -12.74 -8.93
C MET J 230 -18.17 -11.86 -7.75
N MET J 231 -17.09 -11.43 -7.14
CA MET J 231 -17.21 -10.56 -6.01
C MET J 231 -17.66 -9.20 -6.46
N VAL J 232 -16.98 -8.64 -7.45
CA VAL J 232 -17.30 -7.28 -7.90
C VAL J 232 -18.75 -7.19 -8.24
N TYR J 233 -19.28 -8.27 -8.78
CA TYR J 233 -20.70 -8.37 -9.06
C TYR J 233 -21.60 -8.21 -7.82
N PHE J 234 -21.47 -9.12 -6.85
CA PHE J 234 -22.24 -9.02 -5.62
C PHE J 234 -22.23 -7.65 -5.03
N LEU J 235 -21.06 -7.07 -4.88
CA LEU J 235 -20.99 -5.74 -4.34
C LEU J 235 -21.76 -4.75 -5.25
N TRP J 236 -21.57 -4.85 -6.55
CA TRP J 236 -22.21 -3.91 -7.42
C TRP J 236 -23.69 -4.14 -7.64
N TRP J 237 -24.12 -5.35 -7.41
CA TRP J 237 -25.54 -5.61 -7.39
C TRP J 237 -26.18 -4.85 -6.28
N PHE J 238 -25.70 -5.01 -5.06
CA PHE J 238 -26.31 -4.32 -3.94
C PHE J 238 -26.10 -2.84 -3.97
N MET J 239 -25.05 -2.38 -4.62
CA MET J 239 -24.97 -0.97 -4.83
C MET J 239 -26.01 -0.48 -5.82
N GLY J 240 -26.32 -1.34 -6.78
CA GLY J 240 -27.39 -1.05 -7.71
C GLY J 240 -28.69 -0.97 -6.96
N ARG J 241 -28.71 -1.52 -5.75
CA ARG J 241 -29.91 -1.45 -4.94
C ARG J 241 -29.96 -0.14 -4.19
N TRP J 242 -28.98 0.14 -3.33
CA TRP J 242 -29.02 1.40 -2.60
C TRP J 242 -29.27 2.48 -3.59
N TYR J 243 -28.61 2.42 -4.75
CA TYR J 243 -28.73 3.46 -5.78
C TYR J 243 -30.15 3.56 -6.31
N SER J 244 -30.96 2.53 -6.05
CA SER J 244 -32.35 2.46 -6.49
C SER J 244 -33.29 2.98 -5.41
N THR J 245 -32.74 3.61 -4.36
CA THR J 245 -33.54 3.95 -3.16
C THR J 245 -34.57 5.08 -3.30
N THR J 246 -35.78 4.77 -2.83
CA THR J 246 -36.91 5.68 -2.90
C THR J 246 -37.06 6.32 -1.54
N LYS J 247 -35.99 6.28 -0.77
CA LYS J 247 -36.04 6.89 0.53
C LYS J 247 -36.15 8.38 0.37
N VAL J 248 -36.82 8.99 1.35
CA VAL J 248 -37.00 10.45 1.49
C VAL J 248 -36.48 10.89 2.86
N ILE J 249 -35.86 12.05 2.95
CA ILE J 249 -35.20 12.40 4.19
C ILE J 249 -35.57 13.79 4.63
N ASP J 250 -35.20 14.15 5.86
CA ASP J 250 -35.80 15.32 6.58
C ASP J 250 -35.05 16.65 6.54
N THR J 251 -33.72 16.57 6.50
CA THR J 251 -32.86 17.76 6.62
C THR J 251 -31.53 17.67 5.87
N ILE J 252 -31.04 18.83 5.44
CA ILE J 252 -29.71 18.99 4.84
C ILE J 252 -28.97 20.29 5.29
N GLU K 16 -42.97 -44.24 14.38
CA GLU K 16 -41.79 -45.07 13.99
C GLU K 16 -40.67 -44.78 14.98
N SER K 17 -39.77 -43.88 14.60
CA SER K 17 -38.88 -43.16 15.54
C SER K 17 -38.30 -41.92 14.85
N VAL K 18 -37.91 -40.94 15.66
CA VAL K 18 -37.43 -39.67 15.13
C VAL K 18 -36.00 -39.90 14.62
N VAL K 19 -35.11 -40.25 15.56
CA VAL K 19 -33.67 -40.44 15.28
C VAL K 19 -33.40 -41.65 14.40
N ASP K 20 -32.86 -41.41 13.22
CA ASP K 20 -32.55 -42.50 12.28
C ASP K 20 -31.06 -42.93 12.20
N LEU K 21 -30.21 -42.02 11.72
CA LEU K 21 -28.74 -42.14 11.80
C LEU K 21 -28.18 -43.09 10.76
N ARG K 22 -28.96 -44.09 10.37
CA ARG K 22 -28.57 -45.02 9.29
C ARG K 22 -28.01 -44.21 8.10
N GLY K 23 -28.73 -43.17 7.67
CA GLY K 23 -28.32 -42.29 6.57
C GLY K 23 -26.96 -41.65 6.80
N MET K 24 -26.77 -41.06 7.97
CA MET K 24 -25.51 -40.41 8.36
C MET K 24 -24.29 -41.32 8.17
N TRP K 25 -24.36 -42.52 8.75
CA TRP K 25 -23.29 -43.51 8.65
C TRP K 25 -22.95 -43.80 7.23
N ILE K 26 -23.95 -44.08 6.40
CA ILE K 26 -23.69 -44.29 4.97
C ILE K 26 -22.75 -43.25 4.37
N GLY K 27 -22.99 -41.98 4.69
CA GLY K 27 -22.12 -40.89 4.20
C GLY K 27 -20.70 -40.88 4.75
N LEU K 28 -20.59 -40.87 6.09
CA LEU K 28 -19.32 -40.91 6.83
C LEU K 28 -18.40 -42.07 6.45
N VAL K 29 -19.02 -43.24 6.42
CA VAL K 29 -18.39 -44.44 5.94
C VAL K 29 -18.05 -44.36 4.44
N LEU K 30 -19.06 -44.30 3.58
CA LEU K 30 -18.70 -44.04 2.22
C LEU K 30 -17.66 -42.91 2.01
N LEU K 31 -17.57 -41.94 2.93
CA LEU K 31 -16.66 -40.78 2.71
C LEU K 31 -15.20 -41.00 3.16
N ASN K 32 -15.01 -41.21 4.47
CA ASN K 32 -13.69 -41.40 5.01
C ASN K 32 -12.90 -42.46 4.34
N VAL K 33 -13.62 -43.46 3.84
CA VAL K 33 -13.13 -44.46 2.88
C VAL K 33 -12.63 -43.87 1.54
N PHE K 34 -13.47 -43.11 0.83
CA PHE K 34 -13.02 -42.52 -0.44
C PHE K 34 -11.88 -41.56 -0.27
N TYR K 35 -11.77 -40.94 0.89
CA TYR K 35 -10.64 -40.05 1.10
C TYR K 35 -9.38 -40.84 1.47
N LEU K 36 -9.58 -41.90 2.24
CA LEU K 36 -8.53 -42.79 2.67
C LEU K 36 -7.93 -43.61 1.52
N ILE K 37 -8.76 -44.14 0.63
CA ILE K 37 -8.29 -44.63 -0.67
C ILE K 37 -7.38 -43.61 -1.37
N VAL K 38 -7.87 -42.38 -1.55
CA VAL K 38 -7.15 -41.36 -2.33
C VAL K 38 -5.80 -41.01 -1.73
N ARG K 39 -5.79 -40.83 -0.41
CA ARG K 39 -4.60 -40.46 0.37
C ARG K 39 -3.51 -41.48 0.06
N ILE K 40 -3.95 -42.73 0.11
CA ILE K 40 -3.12 -43.85 -0.21
C ILE K 40 -2.73 -43.81 -1.68
N TYR K 41 -3.69 -43.66 -2.58
CA TYR K 41 -3.35 -43.66 -3.98
C TYR K 41 -2.45 -42.52 -4.35
N GLU K 42 -2.53 -41.43 -3.58
CA GLU K 42 -1.62 -40.30 -3.81
C GLU K 42 -0.26 -40.58 -3.16
N GLN K 43 -0.26 -41.21 -1.98
CA GLN K 43 0.97 -41.74 -1.38
C GLN K 43 1.79 -42.54 -2.43
N VAL K 44 1.19 -43.59 -2.97
CA VAL K 44 1.75 -44.42 -4.03
C VAL K 44 2.05 -43.71 -5.34
N PHE K 45 1.10 -42.99 -5.93
CA PHE K 45 1.37 -42.50 -7.28
C PHE K 45 1.80 -41.08 -7.28
N GLY K 46 1.73 -40.47 -6.10
CA GLY K 46 2.28 -39.14 -5.96
C GLY K 46 3.76 -39.30 -6.19
N TRP K 47 4.37 -40.04 -5.27
CA TRP K 47 5.77 -40.40 -5.37
C TRP K 47 6.07 -41.28 -6.55
N ARG K 48 6.47 -40.61 -7.63
CA ARG K 48 6.94 -41.24 -8.86
C ARG K 48 5.75 -41.70 -9.69
N ALA K 49 5.28 -40.76 -10.51
CA ALA K 49 4.17 -40.89 -11.47
C ALA K 49 3.58 -39.49 -11.67
N GLY K 50 3.65 -38.70 -10.62
CA GLY K 50 3.23 -37.31 -10.69
C GLY K 50 4.29 -36.40 -10.15
N LEU K 51 5.51 -36.53 -10.69
CA LEU K 51 6.62 -35.66 -10.29
C LEU K 51 7.05 -34.77 -11.44
N ASP K 52 6.72 -35.19 -12.66
CA ASP K 52 6.96 -34.38 -13.82
C ASP K 52 5.72 -34.49 -14.67
N SER K 53 5.11 -33.33 -14.99
CA SER K 53 3.86 -33.29 -15.76
C SER K 53 4.02 -33.62 -17.25
N PHE K 54 5.23 -33.39 -17.74
CA PHE K 54 5.51 -33.60 -19.14
C PHE K 54 5.59 -35.09 -19.51
N ALA K 55 5.77 -35.94 -18.50
CA ALA K 55 5.75 -37.41 -18.63
C ALA K 55 4.34 -37.93 -19.05
N PRO K 56 4.26 -39.19 -19.57
CA PRO K 56 2.93 -39.72 -19.91
C PRO K 56 2.26 -40.52 -18.79
N GLU K 57 3.01 -40.90 -17.75
CA GLU K 57 2.44 -41.57 -16.57
C GLU K 57 1.71 -40.58 -15.67
N PHE K 58 1.82 -39.29 -16.02
CA PHE K 58 1.06 -38.27 -15.35
C PHE K 58 -0.35 -38.31 -15.92
N GLN K 59 -0.44 -38.40 -17.24
CA GLN K 59 -1.74 -38.49 -17.93
C GLN K 59 -2.51 -39.68 -17.46
N THR K 60 -1.83 -40.78 -17.15
CA THR K 60 -2.53 -42.01 -16.73
C THR K 60 -2.95 -42.00 -15.26
N TYR K 61 -2.24 -41.24 -14.43
CA TYR K 61 -2.45 -41.31 -12.98
C TYR K 61 -3.02 -40.07 -12.30
N TRP K 62 -2.86 -38.93 -12.96
CA TRP K 62 -3.41 -37.69 -12.43
C TRP K 62 -4.34 -37.05 -13.40
N MET K 63 -3.79 -36.57 -14.52
CA MET K 63 -4.57 -35.92 -15.55
C MET K 63 -5.79 -36.71 -16.03
N SER K 64 -5.86 -37.96 -15.59
CA SER K 64 -7.03 -38.80 -15.74
C SER K 64 -8.03 -38.37 -14.69
N ILE K 65 -7.65 -38.51 -13.41
CA ILE K 65 -8.53 -38.18 -12.29
C ILE K 65 -9.27 -36.85 -12.46
N LEU K 66 -8.54 -35.84 -12.91
CA LEU K 66 -9.08 -34.51 -13.13
C LEU K 66 -10.24 -34.52 -14.12
N TRP K 67 -9.94 -34.89 -15.37
CA TRP K 67 -10.88 -35.07 -16.47
C TRP K 67 -12.13 -35.87 -16.16
N THR K 68 -12.03 -36.79 -15.19
CA THR K 68 -13.16 -37.60 -14.73
C THR K 68 -14.02 -36.83 -13.74
N GLU K 69 -13.39 -36.48 -12.60
CA GLU K 69 -14.09 -35.93 -11.42
C GLU K 69 -14.95 -34.67 -11.71
N ILE K 70 -14.39 -33.63 -12.33
CA ILE K 70 -15.16 -32.43 -12.65
C ILE K 70 -16.54 -32.75 -13.27
N PRO K 71 -16.57 -33.36 -14.50
CA PRO K 71 -17.88 -33.70 -15.12
C PRO K 71 -18.75 -34.59 -14.24
N LEU K 72 -18.14 -35.62 -13.65
CA LEU K 72 -18.77 -36.42 -12.60
C LEU K 72 -19.32 -35.57 -11.43
N GLU K 73 -18.49 -34.71 -10.85
CA GLU K 73 -18.95 -33.81 -9.78
C GLU K 73 -20.11 -32.92 -10.24
N LEU K 74 -19.90 -32.27 -11.38
CA LEU K 74 -20.84 -31.33 -11.97
C LEU K 74 -22.22 -32.00 -12.21
N VAL K 75 -22.20 -33.24 -12.62
CA VAL K 75 -23.44 -33.98 -12.74
C VAL K 75 -23.95 -34.48 -11.35
N SER K 76 -23.08 -35.02 -10.51
CA SER K 76 -23.44 -35.37 -9.13
C SER K 76 -24.23 -34.28 -8.44
N GLY K 77 -23.82 -33.02 -8.69
CA GLY K 77 -24.40 -31.84 -8.06
C GLY K 77 -25.81 -31.50 -8.53
N LEU K 78 -25.95 -31.28 -9.84
CA LEU K 78 -27.26 -31.08 -10.47
C LEU K 78 -28.20 -32.27 -10.27
N GLY K 79 -27.63 -33.44 -10.02
CA GLY K 79 -28.39 -34.63 -9.71
C GLY K 79 -29.09 -34.44 -8.39
N LEU K 80 -28.32 -34.52 -7.31
CA LEU K 80 -28.81 -34.36 -5.95
C LEU K 80 -29.81 -33.22 -5.86
N ALA K 81 -29.53 -32.14 -6.60
CA ALA K 81 -30.36 -30.91 -6.66
C ALA K 81 -31.76 -31.19 -7.15
N GLY K 82 -31.83 -31.55 -8.45
CA GLY K 82 -33.06 -32.00 -9.12
C GLY K 82 -33.87 -33.06 -8.39
N TYR K 83 -33.20 -34.08 -7.89
CA TYR K 83 -33.85 -35.11 -7.12
C TYR K 83 -34.55 -34.56 -5.89
N LEU K 84 -33.86 -33.76 -5.10
CA LEU K 84 -34.45 -33.26 -3.85
C LEU K 84 -35.66 -32.31 -4.07
N TRP K 85 -35.49 -31.42 -5.03
CA TRP K 85 -36.58 -30.63 -5.54
C TRP K 85 -37.73 -31.44 -6.02
N LYS K 86 -37.48 -32.36 -6.96
CA LYS K 86 -38.49 -33.31 -7.41
C LYS K 86 -39.25 -33.99 -6.24
N THR K 87 -38.53 -34.73 -5.42
CA THR K 87 -39.14 -35.37 -4.26
C THR K 87 -39.51 -34.43 -3.12
N ARG K 88 -39.68 -33.14 -3.40
CA ARG K 88 -40.04 -32.19 -2.38
C ARG K 88 -41.46 -32.45 -1.92
N ASP K 89 -41.69 -32.25 -0.62
CA ASP K 89 -43.01 -32.35 0.01
C ASP K 89 -43.92 -31.18 -0.40
N ARG K 90 -44.78 -31.41 -1.40
CA ARG K 90 -45.55 -30.34 -2.07
C ARG K 90 -46.48 -29.56 -1.15
N ASN K 91 -46.75 -30.14 0.01
CA ASN K 91 -47.71 -29.60 0.96
C ASN K 91 -46.99 -29.53 2.28
N VAL K 92 -45.98 -28.68 2.32
CA VAL K 92 -45.01 -28.75 3.41
C VAL K 92 -45.63 -28.28 4.73
N ASP K 93 -46.36 -27.16 4.64
CA ASP K 93 -46.93 -26.46 5.81
C ASP K 93 -47.78 -27.37 6.69
N ALA K 94 -48.33 -28.40 6.05
CA ALA K 94 -49.16 -29.36 6.70
C ALA K 94 -48.38 -30.28 7.63
N VAL K 95 -47.11 -30.55 7.31
CA VAL K 95 -46.23 -31.45 8.11
C VAL K 95 -46.44 -31.51 9.64
N THR K 96 -46.47 -32.73 10.15
CA THR K 96 -46.79 -33.00 11.54
C THR K 96 -45.60 -32.69 12.45
N PRO K 97 -45.84 -32.41 13.75
CA PRO K 97 -44.78 -32.26 14.76
C PRO K 97 -43.74 -33.34 14.84
N ARG K 98 -44.14 -34.61 14.72
CA ARG K 98 -43.15 -35.69 14.73
C ARG K 98 -42.36 -35.72 13.43
N GLU K 99 -43.05 -35.68 12.31
CA GLU K 99 -42.39 -35.74 11.01
C GLU K 99 -41.48 -34.54 10.72
N GLU K 100 -41.81 -33.35 11.23
CA GLU K 100 -40.87 -32.22 11.24
C GLU K 100 -39.65 -32.63 12.07
N MET K 101 -39.89 -32.93 13.34
CA MET K 101 -38.81 -33.32 14.24
C MET K 101 -37.88 -34.32 13.63
N ARG K 102 -38.44 -35.35 12.99
CA ARG K 102 -37.65 -36.37 12.28
C ARG K 102 -36.85 -35.71 11.16
N ARG K 103 -37.55 -34.94 10.32
CA ARG K 103 -36.95 -34.22 9.20
C ARG K 103 -35.78 -33.35 9.65
N LEU K 104 -35.92 -32.68 10.79
CA LEU K 104 -34.83 -31.89 11.32
C LEU K 104 -33.62 -32.78 11.63
N VAL K 105 -33.89 -33.91 12.26
CA VAL K 105 -32.79 -34.79 12.64
C VAL K 105 -32.06 -35.31 11.40
N VAL K 106 -32.79 -35.49 10.30
CA VAL K 106 -32.16 -35.71 9.01
C VAL K 106 -31.30 -34.53 8.53
N LEU K 107 -31.77 -33.33 8.84
CA LEU K 107 -31.03 -32.13 8.47
C LEU K 107 -29.78 -32.05 9.28
N VAL K 108 -29.90 -32.17 10.60
CA VAL K 108 -28.69 -32.22 11.43
C VAL K 108 -27.73 -33.25 10.85
N GLN K 109 -28.26 -34.36 10.32
CA GLN K 109 -27.44 -35.36 9.65
C GLN K 109 -26.64 -34.87 8.47
N TRP K 110 -27.34 -34.35 7.45
CA TRP K 110 -26.67 -33.66 6.35
C TRP K 110 -25.59 -32.72 6.82
N LEU K 111 -25.79 -32.11 7.98
CA LEU K 111 -24.83 -31.12 8.40
C LEU K 111 -23.57 -31.76 8.97
N VAL K 112 -23.72 -32.98 9.50
CA VAL K 112 -22.57 -33.70 10.05
C VAL K 112 -21.72 -34.27 8.94
N VAL K 113 -22.35 -34.69 7.86
CA VAL K 113 -21.59 -34.95 6.64
C VAL K 113 -20.99 -33.70 6.00
N TYR K 114 -21.76 -32.63 5.87
CA TYR K 114 -21.20 -31.36 5.45
C TYR K 114 -19.98 -31.06 6.32
N GLY K 115 -20.11 -31.26 7.63
CA GLY K 115 -19.00 -31.18 8.58
C GLY K 115 -17.74 -31.89 8.10
N ILE K 116 -17.81 -33.21 8.00
CA ILE K 116 -16.67 -33.96 7.52
C ILE K 116 -16.20 -33.50 6.11
N ALA K 117 -17.10 -33.29 5.16
CA ALA K 117 -16.66 -32.80 3.85
C ALA K 117 -15.78 -31.58 3.98
N ILE K 118 -16.24 -30.63 4.81
CA ILE K 118 -15.51 -29.41 5.17
C ILE K 118 -14.14 -29.76 5.72
N TYR K 119 -14.09 -30.73 6.63
CA TYR K 119 -12.79 -31.13 7.16
C TYR K 119 -11.79 -31.50 6.04
N TRP K 120 -12.15 -32.53 5.27
CA TRP K 120 -11.32 -33.04 4.19
C TRP K 120 -10.95 -32.03 3.17
N GLY K 121 -11.97 -31.43 2.54
CA GLY K 121 -11.77 -30.40 1.53
C GLY K 121 -11.03 -29.17 1.99
N ALA K 122 -11.28 -28.71 3.22
CA ALA K 122 -10.73 -27.44 3.63
C ALA K 122 -9.58 -27.54 4.59
N SER K 123 -9.37 -28.65 5.29
CA SER K 123 -8.18 -28.66 6.16
C SER K 123 -7.11 -29.63 5.71
N PHE K 124 -7.50 -30.89 5.60
CA PHE K 124 -6.60 -31.95 5.18
C PHE K 124 -6.00 -31.67 3.80
N PHE K 125 -6.80 -31.81 2.75
CA PHE K 125 -6.29 -31.61 1.40
C PHE K 125 -5.92 -30.18 1.04
N THR K 126 -6.17 -29.26 1.95
CA THR K 126 -5.80 -27.88 1.77
C THR K 126 -4.40 -27.56 2.29
N GLU K 127 -4.16 -27.86 3.57
CA GLU K 127 -2.81 -27.72 4.16
C GLU K 127 -1.86 -28.82 3.69
N GLN K 128 -2.39 -29.89 3.06
CA GLN K 128 -1.56 -30.89 2.37
C GLN K 128 -0.83 -30.19 1.24
N ASP K 129 -1.56 -29.43 0.43
CA ASP K 129 -0.96 -28.66 -0.65
C ASP K 129 0.27 -27.86 -0.22
N GLY K 130 0.29 -27.45 1.05
CA GLY K 130 1.40 -26.63 1.60
C GLY K 130 2.77 -27.29 1.44
N THR K 131 2.80 -28.59 1.75
CA THR K 131 4.00 -29.40 1.81
C THR K 131 4.48 -29.86 0.43
N TRP K 132 3.55 -29.96 -0.52
CA TRP K 132 3.83 -30.29 -1.92
C TRP K 132 4.44 -29.11 -2.60
N HIS K 133 4.18 -27.91 -2.10
CA HIS K 133 4.87 -26.74 -2.63
C HIS K 133 6.35 -26.72 -2.26
N MET K 134 6.72 -27.61 -1.35
CA MET K 134 8.09 -27.68 -0.87
C MET K 134 8.79 -28.82 -1.54
N THR K 135 8.11 -29.39 -2.55
CA THR K 135 8.51 -30.66 -3.12
C THR K 135 8.70 -30.54 -4.61
N VAL K 136 7.93 -29.68 -5.24
CA VAL K 136 8.15 -29.48 -6.66
C VAL K 136 8.54 -28.05 -6.95
N ILE K 137 8.48 -27.73 -8.25
CA ILE K 137 8.65 -26.39 -8.78
C ILE K 137 7.48 -26.11 -9.77
N ARG K 138 6.49 -27.02 -9.83
CA ARG K 138 5.24 -26.89 -10.66
C ARG K 138 5.37 -26.76 -12.19
N ASP K 139 4.94 -27.79 -12.93
CA ASP K 139 4.96 -27.81 -14.41
C ASP K 139 3.84 -26.97 -15.07
N THR K 140 2.75 -26.83 -14.31
CA THR K 140 1.59 -25.95 -14.58
C THR K 140 0.85 -25.76 -13.24
N ASP K 141 -0.38 -25.25 -13.25
CA ASP K 141 -1.10 -25.21 -11.97
C ASP K 141 -1.66 -26.58 -11.49
N PHE K 142 -1.69 -27.58 -12.38
CA PHE K 142 -2.21 -28.91 -12.05
C PHE K 142 -1.12 -29.74 -11.44
N THR K 143 -1.04 -29.70 -10.13
CA THR K 143 -0.16 -30.60 -9.42
C THR K 143 -0.97 -31.87 -9.18
N PRO K 144 -0.40 -32.88 -8.50
CA PRO K 144 -1.16 -33.95 -7.86
C PRO K 144 -1.96 -33.51 -6.66
N SER K 145 -1.49 -32.48 -5.95
CA SER K 145 -2.21 -31.96 -4.79
C SER K 145 -3.42 -31.05 -5.18
N HIS K 146 -3.29 -30.31 -6.27
CA HIS K 146 -4.38 -29.48 -6.74
C HIS K 146 -5.50 -30.29 -7.30
N ILE K 147 -5.19 -31.38 -7.99
CA ILE K 147 -6.26 -32.23 -8.54
C ILE K 147 -7.19 -32.62 -7.40
N ILE K 148 -6.61 -32.95 -6.26
CA ILE K 148 -7.43 -33.38 -5.15
C ILE K 148 -8.02 -32.21 -4.40
N GLU K 149 -7.17 -31.34 -3.85
CA GLU K 149 -7.69 -30.14 -3.16
C GLU K 149 -8.78 -29.42 -3.99
N PHE K 150 -8.36 -28.77 -5.07
CA PHE K 150 -9.27 -27.93 -5.82
C PHE K 150 -10.34 -28.71 -6.52
N TYR K 151 -9.99 -29.57 -7.44
CA TYR K 151 -11.05 -30.16 -8.24
C TYR K 151 -11.66 -31.42 -7.66
N MET K 152 -11.38 -31.73 -6.40
CA MET K 152 -12.03 -32.90 -5.80
C MET K 152 -12.60 -32.66 -4.41
N SER K 153 -11.73 -32.53 -3.43
CA SER K 153 -12.12 -32.33 -2.03
C SER K 153 -13.05 -31.12 -1.80
N TYR K 154 -12.85 -30.04 -2.60
CA TYR K 154 -13.75 -28.87 -2.51
C TYR K 154 -15.09 -29.12 -3.14
N PRO K 155 -15.11 -29.45 -4.45
CA PRO K 155 -16.40 -29.67 -5.11
C PRO K 155 -17.30 -30.58 -4.29
N ILE K 156 -16.82 -31.77 -3.95
CA ILE K 156 -17.53 -32.62 -3.00
C ILE K 156 -18.11 -31.86 -1.78
N TYR K 157 -17.24 -31.34 -0.92
CA TYR K 157 -17.69 -30.57 0.25
C TYR K 157 -18.73 -29.48 -0.13
N SER K 158 -18.52 -28.80 -1.26
CA SER K 158 -19.53 -27.92 -1.84
C SER K 158 -20.88 -28.60 -2.21
N VAL K 159 -20.83 -29.85 -2.72
CA VAL K 159 -22.06 -30.55 -3.18
C VAL K 159 -22.89 -31.13 -2.03
N ILE K 160 -22.29 -31.74 -1.03
CA ILE K 160 -22.98 -31.92 0.26
C ILE K 160 -23.60 -30.60 0.77
N ALA K 161 -22.82 -29.52 0.83
CA ALA K 161 -23.36 -28.19 1.20
C ALA K 161 -24.70 -27.94 0.52
N VAL K 162 -24.68 -27.93 -0.82
CA VAL K 162 -25.91 -27.80 -1.61
C VAL K 162 -27.04 -28.76 -1.20
N GLY K 163 -26.72 -30.05 -1.14
CA GLY K 163 -27.61 -31.05 -0.61
C GLY K 163 -28.25 -30.56 0.64
N ALA K 164 -27.47 -30.37 1.70
CA ALA K 164 -28.03 -29.92 2.97
C ALA K 164 -29.03 -28.79 2.75
N PHE K 165 -28.64 -27.81 1.94
CA PHE K 165 -29.47 -26.64 1.70
C PHE K 165 -30.81 -26.99 1.05
N PHE K 166 -30.76 -27.81 0.01
CA PHE K 166 -31.95 -28.16 -0.70
C PHE K 166 -32.78 -29.11 0.06
N TYR K 167 -32.17 -29.96 0.88
CA TYR K 167 -32.96 -30.87 1.69
C TYR K 167 -33.83 -30.08 2.64
N ALA K 168 -33.21 -29.30 3.52
CA ALA K 168 -33.95 -28.37 4.38
C ALA K 168 -35.11 -27.62 3.64
N LYS K 169 -34.76 -26.92 2.55
CA LYS K 169 -35.69 -26.20 1.70
C LYS K 169 -36.88 -27.02 1.24
N THR K 170 -36.70 -28.32 1.03
CA THR K 170 -37.78 -29.08 0.44
C THR K 170 -38.36 -30.07 1.43
N ARG K 171 -38.13 -29.84 2.72
CA ARG K 171 -38.63 -30.75 3.76
C ARG K 171 -38.98 -30.02 5.02
N ILE K 172 -38.44 -28.83 5.23
CA ILE K 172 -38.76 -28.12 6.46
C ILE K 172 -39.44 -26.77 6.23
N PRO K 173 -40.67 -26.62 6.75
CA PRO K 173 -41.36 -25.36 6.54
C PRO K 173 -40.73 -24.35 7.48
N TYR K 174 -40.04 -23.41 6.85
CA TYR K 174 -39.15 -22.45 7.51
C TYR K 174 -38.08 -22.19 6.49
N PHE K 175 -37.46 -23.29 6.05
CA PHE K 175 -36.48 -23.27 4.97
C PHE K 175 -37.18 -23.34 3.61
N ALA K 176 -38.39 -23.89 3.60
CA ALA K 176 -39.30 -23.73 2.48
C ALA K 176 -39.94 -22.41 2.78
N HIS K 177 -40.28 -21.66 1.71
CA HIS K 177 -40.71 -20.21 1.74
C HIS K 177 -39.80 -19.34 2.55
N GLY K 178 -38.62 -19.13 2.00
CA GLY K 178 -37.60 -18.51 2.76
C GLY K 178 -36.32 -18.38 1.99
N TYR K 179 -35.38 -19.28 2.26
CA TYR K 179 -33.95 -19.02 2.20
C TYR K 179 -33.56 -18.36 3.51
N SER K 180 -33.10 -19.18 4.43
CA SER K 180 -32.33 -18.68 5.51
C SER K 180 -31.09 -18.07 4.85
N LEU K 181 -30.82 -16.81 5.17
CA LEU K 181 -29.63 -16.12 4.69
C LEU K 181 -28.36 -16.88 5.13
N ALA K 182 -28.37 -17.28 6.40
CA ALA K 182 -27.32 -18.11 6.95
C ALA K 182 -27.05 -19.33 6.05
N PHE K 183 -28.10 -20.08 5.71
CA PHE K 183 -27.94 -21.28 4.90
C PHE K 183 -27.52 -20.92 3.50
N LEU K 184 -28.26 -20.02 2.85
CA LEU K 184 -27.85 -19.46 1.57
C LEU K 184 -26.35 -19.14 1.52
N ILE K 185 -25.82 -18.35 2.45
CA ILE K 185 -24.36 -18.14 2.58
C ILE K 185 -23.56 -19.46 2.50
N VAL K 186 -23.83 -20.36 3.46
CA VAL K 186 -23.24 -21.70 3.59
C VAL K 186 -23.15 -22.43 2.27
N ALA K 187 -24.22 -22.36 1.50
CA ALA K 187 -24.34 -23.06 0.23
C ALA K 187 -23.68 -22.33 -0.93
N ILE K 188 -23.26 -21.09 -0.74
CA ILE K 188 -22.81 -20.26 -1.89
C ILE K 188 -21.41 -19.71 -1.77
N GLY K 189 -20.94 -19.52 -0.56
CA GLY K 189 -19.56 -19.07 -0.34
C GLY K 189 -18.43 -20.04 -0.73
N PRO K 190 -18.68 -21.38 -0.73
CA PRO K 190 -17.78 -22.33 -1.35
C PRO K 190 -17.43 -21.97 -2.81
N PHE K 191 -18.30 -21.25 -3.52
CA PHE K 191 -17.97 -20.76 -4.87
C PHE K 191 -17.30 -19.41 -4.78
N MET K 192 -16.93 -19.03 -3.55
CA MET K 192 -16.22 -17.80 -3.29
C MET K 192 -14.95 -18.08 -2.46
N ILE K 193 -14.48 -19.31 -2.46
CA ILE K 193 -13.17 -19.61 -1.89
C ILE K 193 -12.14 -19.72 -3.00
N ILE K 194 -12.56 -20.15 -4.18
CA ILE K 194 -11.66 -20.15 -5.32
C ILE K 194 -11.06 -18.76 -5.47
N PRO K 195 -11.89 -17.68 -5.62
CA PRO K 195 -11.34 -16.32 -5.51
C PRO K 195 -10.28 -16.16 -4.40
N ASN K 196 -10.52 -16.76 -3.25
CA ASN K 196 -9.50 -16.74 -2.21
C ASN K 196 -8.42 -17.82 -2.37
N VAL K 197 -8.67 -19.01 -1.84
CA VAL K 197 -7.62 -20.03 -1.73
C VAL K 197 -6.87 -20.23 -3.03
N GLY K 198 -7.56 -20.07 -4.15
CA GLY K 198 -6.95 -20.33 -5.44
C GLY K 198 -6.01 -19.22 -5.83
N LEU K 199 -6.59 -18.05 -6.06
CA LEU K 199 -5.83 -16.89 -6.54
C LEU K 199 -4.81 -16.46 -5.50
N ASN K 200 -4.95 -16.99 -4.30
CA ASN K 200 -3.93 -16.73 -3.31
C ASN K 200 -2.60 -17.19 -3.85
N GLU K 201 -2.67 -18.19 -4.73
CA GLU K 201 -1.50 -18.85 -5.25
C GLU K 201 -0.82 -18.06 -6.34
N TRP K 202 -1.59 -17.63 -7.34
CA TRP K 202 -1.04 -16.78 -8.39
C TRP K 202 -0.78 -15.41 -7.84
N GLY K 203 -0.14 -15.40 -6.67
CA GLY K 203 0.14 -14.19 -5.92
C GLY K 203 1.08 -13.34 -6.71
N HIS K 204 2.33 -13.78 -6.81
CA HIS K 204 3.40 -13.02 -7.43
C HIS K 204 3.29 -12.86 -8.93
N THR K 205 2.88 -13.91 -9.60
CA THR K 205 2.74 -13.90 -11.05
C THR K 205 1.67 -12.91 -11.53
N PHE K 206 0.61 -12.82 -10.74
CA PHE K 206 -0.55 -11.99 -11.06
C PHE K 206 -0.57 -10.68 -10.27
N TRP K 207 0.60 -10.26 -9.85
CA TRP K 207 0.74 -9.37 -8.72
C TRP K 207 0.71 -7.93 -9.09
N PHE K 208 1.82 -7.46 -9.66
CA PHE K 208 2.06 -6.03 -9.92
C PHE K 208 0.78 -5.24 -10.19
N MET K 209 -0.11 -5.76 -11.03
CA MET K 209 -1.39 -5.12 -11.27
C MET K 209 -2.32 -5.51 -10.10
N GLU K 210 -1.95 -5.08 -8.88
CA GLU K 210 -2.46 -5.58 -7.56
C GLU K 210 -3.19 -6.93 -7.59
N PHE K 224 -10.01 -9.59 9.58
CA PHE K 224 -10.55 -9.32 8.24
C PHE K 224 -10.61 -10.62 7.42
N GLY K 225 -11.72 -10.81 6.72
CA GLY K 225 -11.86 -11.96 5.83
C GLY K 225 -13.26 -12.52 5.78
N TRP K 226 -13.72 -12.76 4.55
CA TRP K 226 -15.08 -13.26 4.28
C TRP K 226 -15.17 -14.72 4.35
N MET K 227 -15.86 -15.19 5.40
CA MET K 227 -15.91 -16.60 5.80
C MET K 227 -17.30 -17.26 5.96
N ALA K 228 -17.24 -18.58 6.18
CA ALA K 228 -18.41 -19.44 6.20
C ALA K 228 -18.41 -20.25 7.50
N LEU K 229 -18.89 -19.57 8.53
CA LEU K 229 -19.39 -20.16 9.76
C LEU K 229 -20.88 -19.87 9.75
N GLY K 230 -21.44 -19.65 8.56
CA GLY K 230 -22.88 -19.43 8.40
C GLY K 230 -23.70 -20.53 9.06
N VAL K 231 -23.08 -21.70 9.15
CA VAL K 231 -23.60 -22.83 9.87
C VAL K 231 -24.09 -22.43 11.27
N PHE K 232 -23.48 -21.41 11.89
CA PHE K 232 -23.90 -20.88 13.20
C PHE K 232 -25.39 -20.55 13.21
N GLY K 233 -25.74 -19.60 12.33
CA GLY K 233 -27.13 -19.27 11.97
C GLY K 233 -27.97 -20.51 11.71
N VAL K 234 -27.51 -21.35 10.78
CA VAL K 234 -28.26 -22.55 10.43
C VAL K 234 -28.53 -23.42 11.63
N VAL K 235 -27.55 -23.69 12.48
CA VAL K 235 -27.86 -24.49 13.67
C VAL K 235 -28.68 -23.69 14.65
N LEU K 236 -28.43 -22.38 14.73
CA LEU K 236 -29.29 -21.58 15.56
C LEU K 236 -30.76 -21.66 15.17
N GLN K 237 -31.03 -21.55 13.87
CA GLN K 237 -32.40 -21.68 13.34
C GLN K 237 -33.06 -23.03 13.59
N ILE K 238 -32.28 -24.10 13.41
CA ILE K 238 -32.69 -25.46 13.74
C ILE K 238 -33.06 -25.52 15.22
N LEU K 239 -32.18 -25.00 16.06
CA LEU K 239 -32.40 -25.04 17.48
C LEU K 239 -33.73 -24.44 17.86
N MET K 240 -34.10 -23.32 17.23
CA MET K 240 -35.37 -22.64 17.59
C MET K 240 -36.60 -23.49 17.29
N ARG K 241 -36.57 -24.18 16.16
CA ARG K 241 -37.58 -25.13 15.77
C ARG K 241 -37.71 -26.25 16.77
N ILE K 242 -36.61 -26.75 17.30
CA ILE K 242 -36.70 -27.80 18.28
C ILE K 242 -37.37 -27.21 19.50
N HIS K 243 -36.83 -26.10 19.97
CA HIS K 243 -37.40 -25.45 21.13
C HIS K 243 -38.89 -25.25 21.01
N ALA K 244 -39.35 -25.07 19.77
CA ALA K 244 -40.78 -24.94 19.50
C ALA K 244 -41.42 -26.31 19.64
N LEU K 245 -41.04 -27.26 18.80
CA LEU K 245 -41.67 -28.59 18.75
C LEU K 245 -41.48 -29.43 20.01
N VAL K 246 -41.25 -28.79 21.16
CA VAL K 246 -41.38 -29.43 22.46
C VAL K 246 -42.28 -28.46 23.24
N GLY K 247 -43.37 -28.96 23.83
CA GLY K 247 -44.30 -28.11 24.60
C GLY K 247 -43.60 -27.54 25.82
N LYS K 248 -44.27 -26.63 26.51
CA LYS K 248 -43.83 -26.22 27.84
C LYS K 248 -43.45 -27.48 28.67
N GLU K 249 -44.18 -28.58 28.45
CA GLU K 249 -44.00 -29.86 29.15
C GLU K 249 -42.56 -30.40 29.06
N GLY K 250 -42.14 -30.87 27.88
CA GLY K 250 -40.79 -31.36 27.65
C GLY K 250 -39.82 -30.27 28.05
N VAL K 251 -40.03 -29.09 27.47
CA VAL K 251 -39.20 -27.90 27.69
C VAL K 251 -38.89 -27.65 29.17
N LYS K 252 -39.57 -26.66 29.75
CA LYS K 252 -39.34 -26.24 31.12
C LYS K 252 -39.21 -27.47 31.98
N LEU K 253 -40.23 -28.30 31.96
CA LEU K 253 -40.36 -29.34 32.96
C LEU K 253 -39.23 -30.41 32.83
N LEU K 254 -39.16 -31.11 31.69
CA LEU K 254 -38.23 -32.23 31.59
C LEU K 254 -36.76 -31.81 31.64
N THR K 255 -36.44 -30.73 30.92
CA THR K 255 -35.11 -30.09 31.01
C THR K 255 -35.19 -28.70 31.72
N GLU K 256 -35.27 -28.75 33.06
CA GLU K 256 -35.71 -27.61 33.92
C GLU K 256 -35.75 -26.22 33.27
N GLU L 16 -56.28 20.20 -21.11
CA GLU L 16 -55.40 20.67 -22.22
C GLU L 16 -54.76 19.45 -22.89
N SER L 17 -53.58 19.07 -22.40
CA SER L 17 -53.00 17.73 -22.58
C SER L 17 -51.88 17.55 -21.57
N VAL L 18 -51.56 16.30 -21.27
CA VAL L 18 -50.51 15.98 -20.30
C VAL L 18 -49.15 16.23 -20.95
N VAL L 19 -48.84 15.40 -21.95
CA VAL L 19 -47.57 15.42 -22.67
C VAL L 19 -47.40 16.74 -23.44
N ASP L 20 -46.31 17.45 -23.16
CA ASP L 20 -46.00 18.70 -23.86
C ASP L 20 -44.82 18.60 -24.85
N LEU L 21 -43.62 18.27 -24.35
CA LEU L 21 -42.43 17.97 -25.18
C LEU L 21 -41.78 19.18 -25.83
N ARG L 22 -42.58 20.22 -26.10
CA ARG L 22 -42.07 21.50 -26.64
C ARG L 22 -40.83 21.98 -25.83
N GLY L 23 -40.98 22.06 -24.50
CA GLY L 23 -39.88 22.36 -23.56
C GLY L 23 -38.63 21.51 -23.74
N MET L 24 -38.79 20.18 -23.74
CA MET L 24 -37.71 19.25 -24.00
C MET L 24 -36.90 19.59 -25.25
N TRP L 25 -37.58 19.80 -26.37
CA TRP L 25 -36.89 20.05 -27.64
C TRP L 25 -36.04 21.28 -27.58
N ILE L 26 -36.56 22.36 -26.98
CA ILE L 26 -35.76 23.58 -26.82
C ILE L 26 -34.36 23.33 -26.17
N GLY L 27 -34.35 22.53 -25.10
CA GLY L 27 -33.14 22.14 -24.40
C GLY L 27 -32.22 21.35 -25.30
N LEU L 28 -32.69 20.21 -25.79
CA LEU L 28 -31.92 19.34 -26.72
C LEU L 28 -31.30 20.07 -27.91
N VAL L 29 -32.15 20.83 -28.57
CA VAL L 29 -31.79 21.60 -29.72
C VAL L 29 -30.78 22.68 -29.33
N LEU L 30 -31.13 23.49 -28.34
CA LEU L 30 -30.19 24.50 -27.81
C LEU L 30 -28.83 23.91 -27.33
N LEU L 31 -28.87 22.66 -26.89
CA LEU L 31 -27.70 22.03 -26.31
C LEU L 31 -26.79 21.45 -27.37
N ASN L 32 -27.23 20.37 -28.04
CA ASN L 32 -26.42 19.68 -29.07
C ASN L 32 -25.80 20.61 -30.10
N VAL L 33 -26.49 21.74 -30.31
CA VAL L 33 -25.99 22.86 -31.07
C VAL L 33 -24.80 23.54 -30.39
N PHE L 34 -24.98 23.98 -29.13
CA PHE L 34 -23.90 24.66 -28.37
C PHE L 34 -22.65 23.79 -28.16
N TYR L 35 -22.85 22.48 -28.07
CA TYR L 35 -21.71 21.59 -27.96
C TYR L 35 -21.07 21.36 -29.31
N LEU L 36 -21.91 21.31 -30.34
CA LEU L 36 -21.47 21.16 -31.72
C LEU L 36 -20.68 22.36 -32.26
N ILE L 37 -21.18 23.57 -32.02
CA ILE L 37 -20.38 24.80 -32.18
C ILE L 37 -18.98 24.65 -31.55
N VAL L 38 -18.96 24.29 -30.27
CA VAL L 38 -17.74 24.23 -29.47
C VAL L 38 -16.77 23.20 -30.05
N ARG L 39 -17.27 22.00 -30.35
CA ARG L 39 -16.44 20.93 -30.84
C ARG L 39 -15.67 21.39 -32.06
N ILE L 40 -16.40 22.13 -32.89
CA ILE L 40 -15.87 22.74 -34.11
C ILE L 40 -14.90 23.88 -33.76
N TYR L 41 -15.32 24.77 -32.86
CA TYR L 41 -14.48 25.88 -32.47
C TYR L 41 -13.20 25.35 -31.84
N GLU L 42 -13.28 24.21 -31.17
CA GLU L 42 -12.08 23.64 -30.61
C GLU L 42 -11.30 22.86 -31.67
N GLN L 43 -12.00 22.31 -32.67
CA GLN L 43 -11.34 21.75 -33.86
C GLN L 43 -10.45 22.80 -34.56
N VAL L 44 -11.05 23.95 -34.82
CA VAL L 44 -10.39 25.08 -35.46
C VAL L 44 -9.34 25.80 -34.62
N PHE L 45 -9.64 26.18 -33.39
CA PHE L 45 -8.67 26.96 -32.61
C PHE L 45 -7.87 26.09 -31.63
N GLY L 46 -8.26 24.84 -31.53
CA GLY L 46 -7.47 23.89 -30.77
C GLY L 46 -6.18 23.81 -31.51
N TRP L 47 -6.27 23.27 -32.71
CA TRP L 47 -5.12 23.23 -33.58
C TRP L 47 -4.59 24.56 -34.03
N ARG L 48 -3.61 25.06 -33.27
CA ARG L 48 -2.87 26.28 -33.58
C ARG L 48 -3.62 27.51 -33.10
N ALA L 49 -3.48 27.78 -31.81
CA ALA L 49 -4.02 28.95 -31.08
C ALA L 49 -4.09 28.57 -29.61
N GLY L 50 -4.22 27.26 -29.39
CA GLY L 50 -4.14 26.71 -28.06
C GLY L 50 -3.13 25.59 -27.99
N LEU L 51 -1.95 25.80 -28.54
CA LEU L 51 -0.90 24.80 -28.44
C LEU L 51 0.22 25.22 -27.48
N ASP L 52 0.35 26.52 -27.25
CA ASP L 52 1.30 27.04 -26.28
C ASP L 52 0.62 28.12 -25.47
N SER L 53 0.59 27.94 -24.14
CA SER L 53 -0.15 28.86 -23.25
C SER L 53 0.51 30.21 -23.09
N PHE L 54 1.82 30.24 -23.32
CA PHE L 54 2.56 31.45 -23.14
C PHE L 54 2.38 32.44 -24.27
N ALA L 55 1.80 31.97 -25.38
CA ALA L 55 1.37 32.81 -26.52
C ALA L 55 0.19 33.73 -26.14
N PRO L 56 -0.03 34.83 -26.89
CA PRO L 56 -1.18 35.69 -26.57
C PRO L 56 -2.47 35.30 -27.31
N GLU L 57 -2.38 34.47 -28.35
CA GLU L 57 -3.57 33.91 -29.06
C GLU L 57 -4.27 32.82 -28.22
N PHE L 58 -3.64 32.46 -27.13
CA PHE L 58 -4.24 31.59 -26.17
C PHE L 58 -5.22 32.43 -25.33
N GLN L 59 -4.77 33.62 -24.93
CA GLN L 59 -5.61 34.53 -24.15
C GLN L 59 -6.86 34.96 -24.91
N THR L 60 -6.75 35.11 -26.22
CA THR L 60 -7.90 35.54 -27.00
C THR L 60 -8.86 34.37 -27.30
N TYR L 61 -8.32 33.16 -27.42
CA TYR L 61 -9.14 32.00 -27.86
C TYR L 61 -9.53 30.96 -26.80
N TRP L 62 -8.78 30.90 -25.71
CA TRP L 62 -9.11 29.99 -24.66
C TRP L 62 -9.32 30.69 -23.37
N MET L 63 -8.25 31.32 -22.86
CA MET L 63 -8.31 32.03 -21.58
C MET L 63 -9.40 33.08 -21.46
N SER L 64 -10.02 33.38 -22.60
CA SER L 64 -11.22 34.20 -22.69
C SER L 64 -12.43 33.37 -22.25
N ILE L 65 -12.70 32.29 -22.98
CA ILE L 65 -13.82 31.37 -22.71
C ILE L 65 -13.94 31.05 -21.24
N LEU L 66 -12.81 30.69 -20.62
CA LEU L 66 -12.72 30.35 -19.20
C LEU L 66 -13.28 31.46 -18.32
N TRP L 67 -12.59 32.59 -18.32
CA TRP L 67 -13.02 33.79 -17.65
C TRP L 67 -14.47 34.22 -17.85
N THR L 68 -15.07 33.82 -18.97
CA THR L 68 -16.49 34.13 -19.27
C THR L 68 -17.44 33.11 -18.62
N GLU L 69 -17.25 31.85 -18.98
CA GLU L 69 -18.18 30.78 -18.62
C GLU L 69 -18.41 30.69 -17.12
N ILE L 70 -17.34 30.52 -16.35
CA ILE L 70 -17.49 30.38 -14.91
C ILE L 70 -18.52 31.36 -14.33
N PRO L 71 -18.24 32.70 -14.35
CA PRO L 71 -19.18 33.69 -13.79
C PRO L 71 -20.54 33.59 -14.43
N LEU L 72 -20.59 33.37 -15.74
CA LEU L 72 -21.84 33.12 -16.44
C LEU L 72 -22.55 31.89 -15.87
N GLU L 73 -21.88 30.73 -15.87
CA GLU L 73 -22.43 29.50 -15.26
C GLU L 73 -22.91 29.70 -13.82
N LEU L 74 -22.03 30.21 -12.98
CA LEU L 74 -22.35 30.53 -11.61
C LEU L 74 -23.61 31.39 -11.46
N VAL L 75 -23.83 32.33 -12.37
CA VAL L 75 -25.05 33.12 -12.29
C VAL L 75 -26.19 32.34 -12.93
N SER L 76 -25.98 31.76 -14.12
CA SER L 76 -26.96 30.82 -14.71
C SER L 76 -27.60 29.93 -13.66
N GLY L 77 -26.77 29.39 -12.76
CA GLY L 77 -27.19 28.39 -11.79
C GLY L 77 -28.06 28.97 -10.69
N LEU L 78 -27.56 30.02 -10.05
CA LEU L 78 -28.33 30.69 -9.03
C LEU L 78 -29.58 31.33 -9.62
N GLY L 79 -29.54 31.61 -10.93
CA GLY L 79 -30.70 32.12 -11.66
C GLY L 79 -31.81 31.10 -11.64
N LEU L 80 -31.67 30.09 -12.50
CA LEU L 80 -32.61 28.98 -12.55
C LEU L 80 -33.18 28.63 -11.17
N ALA L 81 -32.29 28.62 -10.16
CA ALA L 81 -32.62 28.24 -8.78
C ALA L 81 -33.65 29.16 -8.14
N GLY L 82 -33.32 30.44 -8.07
CA GLY L 82 -34.23 31.45 -7.53
C GLY L 82 -35.56 31.51 -8.27
N TYR L 83 -35.49 31.44 -9.59
CA TYR L 83 -36.69 31.48 -10.41
C TYR L 83 -37.67 30.39 -10.01
N LEU L 84 -37.22 29.14 -10.11
CA LEU L 84 -38.09 28.02 -9.80
C LEU L 84 -38.69 28.07 -8.39
N TRP L 85 -37.88 28.45 -7.41
CA TRP L 85 -38.34 28.61 -6.05
C TRP L 85 -39.34 29.69 -5.96
N LYS L 86 -39.03 30.82 -6.58
CA LYS L 86 -39.95 31.95 -6.67
C LYS L 86 -41.32 31.50 -7.25
N THR L 87 -41.29 30.99 -8.46
CA THR L 87 -42.49 30.52 -9.12
C THR L 87 -42.94 29.15 -8.62
N ARG L 88 -42.63 28.83 -7.37
CA ARG L 88 -43.09 27.57 -6.80
C ARG L 88 -44.57 27.64 -6.52
N ASP L 89 -45.24 26.51 -6.69
CA ASP L 89 -46.65 26.38 -6.40
C ASP L 89 -46.87 26.39 -4.87
N ARG L 90 -47.21 27.55 -4.31
CA ARG L 90 -47.33 27.72 -2.83
C ARG L 90 -48.34 26.82 -2.12
N ASN L 91 -49.19 26.18 -2.91
CA ASN L 91 -50.26 25.34 -2.39
C ASN L 91 -50.19 24.03 -3.13
N VAL L 92 -49.09 23.32 -2.91
CA VAL L 92 -48.73 22.18 -3.76
C VAL L 92 -49.62 20.96 -3.55
N ASP L 93 -49.87 20.64 -2.28
CA ASP L 93 -50.67 19.48 -1.87
C ASP L 93 -52.07 19.40 -2.52
N ALA L 94 -52.62 20.57 -2.84
CA ALA L 94 -53.91 20.66 -3.49
C ALA L 94 -53.87 20.17 -4.93
N VAL L 95 -52.69 20.17 -5.58
CA VAL L 95 -52.57 19.81 -7.02
C VAL L 95 -53.47 18.65 -7.51
N THR L 96 -54.09 18.86 -8.67
CA THR L 96 -55.02 17.91 -9.25
C THR L 96 -54.27 16.74 -9.90
N PRO L 97 -54.88 15.52 -9.93
CA PRO L 97 -54.33 14.36 -10.65
C PRO L 97 -53.89 14.56 -12.10
N ARG L 98 -54.54 15.43 -12.87
CA ARG L 98 -54.07 15.72 -14.22
C ARG L 98 -52.84 16.62 -14.14
N GLU L 99 -52.94 17.69 -13.37
CA GLU L 99 -51.85 18.68 -13.29
C GLU L 99 -50.54 18.04 -12.75
N GLU L 100 -50.68 17.16 -11.75
CA GLU L 100 -49.56 16.42 -11.21
C GLU L 100 -48.97 15.62 -12.35
N MET L 101 -49.79 14.81 -12.99
CA MET L 101 -49.36 14.01 -14.15
C MET L 101 -48.66 14.80 -15.25
N ARG L 102 -49.19 16.00 -15.53
CA ARG L 102 -48.54 16.88 -16.47
C ARG L 102 -47.17 17.24 -15.90
N ARG L 103 -47.17 17.73 -14.65
CA ARG L 103 -45.94 18.13 -13.94
C ARG L 103 -44.83 17.07 -13.97
N LEU L 104 -45.21 15.85 -13.64
CA LEU L 104 -44.29 14.73 -13.76
C LEU L 104 -43.69 14.68 -15.16
N VAL L 105 -44.53 14.69 -16.19
CA VAL L 105 -44.03 14.61 -17.56
C VAL L 105 -43.01 15.72 -17.89
N VAL L 106 -43.21 16.90 -17.31
CA VAL L 106 -42.18 17.93 -17.36
C VAL L 106 -40.94 17.48 -16.58
N LEU L 107 -41.15 16.85 -15.43
CA LEU L 107 -40.00 16.34 -14.70
C LEU L 107 -39.25 15.31 -15.51
N VAL L 108 -39.94 14.33 -16.06
CA VAL L 108 -39.28 13.39 -16.92
C VAL L 108 -38.54 14.12 -18.03
N GLN L 109 -39.03 15.32 -18.38
CA GLN L 109 -38.37 16.12 -19.40
C GLN L 109 -37.01 16.66 -18.98
N TRP L 110 -37.02 17.40 -17.86
CA TRP L 110 -35.77 17.84 -17.27
C TRP L 110 -34.75 16.76 -17.21
N LEU L 111 -35.18 15.55 -16.93
CA LEU L 111 -34.26 14.44 -16.75
C LEU L 111 -33.70 13.93 -18.09
N VAL L 112 -34.40 14.16 -19.18
CA VAL L 112 -33.83 13.75 -20.45
C VAL L 112 -32.77 14.79 -20.89
N VAL L 113 -32.99 16.05 -20.55
CA VAL L 113 -31.92 17.03 -20.77
C VAL L 113 -30.73 16.81 -19.82
N TYR L 114 -31.02 16.55 -18.55
CA TYR L 114 -29.98 16.15 -17.61
C TYR L 114 -29.20 15.02 -18.24
N GLY L 115 -29.93 14.07 -18.81
CA GLY L 115 -29.34 12.95 -19.52
C GLY L 115 -28.34 13.40 -20.56
N ILE L 116 -28.78 14.19 -21.53
CA ILE L 116 -27.84 14.70 -22.52
C ILE L 116 -26.65 15.45 -21.87
N ALA L 117 -26.95 16.33 -20.91
CA ALA L 117 -25.89 17.10 -20.24
C ALA L 117 -24.78 16.19 -19.72
N ILE L 118 -25.21 15.19 -18.97
CA ILE L 118 -24.39 14.08 -18.51
C ILE L 118 -23.62 13.52 -19.67
N TYR L 119 -24.23 13.29 -20.82
CA TYR L 119 -23.47 12.65 -21.87
C TYR L 119 -22.25 13.50 -22.25
N TRP L 120 -22.55 14.76 -22.59
CA TRP L 120 -21.52 15.70 -23.05
C TRP L 120 -20.44 15.95 -22.04
N GLY L 121 -20.85 16.48 -20.88
CA GLY L 121 -19.93 16.71 -19.78
C GLY L 121 -19.12 15.52 -19.28
N ALA L 122 -19.75 14.35 -19.22
CA ALA L 122 -19.11 13.23 -18.58
C ALA L 122 -18.59 12.15 -19.53
N SER L 123 -19.01 12.12 -20.78
CA SER L 123 -18.40 11.11 -21.67
C SER L 123 -17.59 11.71 -22.81
N PHE L 124 -18.24 12.56 -23.59
CA PHE L 124 -17.59 13.18 -24.71
C PHE L 124 -16.40 14.01 -24.26
N PHE L 125 -16.67 15.14 -23.61
CA PHE L 125 -15.61 16.08 -23.27
C PHE L 125 -14.63 15.58 -22.23
N THR L 126 -14.97 14.44 -21.65
CA THR L 126 -14.18 13.84 -20.59
C THR L 126 -13.12 12.92 -21.18
N GLU L 127 -13.55 11.99 -22.03
CA GLU L 127 -12.61 11.10 -22.71
C GLU L 127 -11.94 11.85 -23.87
N GLN L 128 -12.47 13.03 -24.21
CA GLN L 128 -11.79 13.85 -25.20
C GLN L 128 -10.44 14.26 -24.63
N ASP L 129 -10.46 14.68 -23.37
CA ASP L 129 -9.26 15.11 -22.63
C ASP L 129 -8.17 14.07 -22.66
N GLY L 130 -8.56 12.80 -22.70
CA GLY L 130 -7.59 11.71 -22.78
C GLY L 130 -6.60 11.86 -23.92
N THR L 131 -7.13 12.19 -25.10
CA THR L 131 -6.37 12.29 -26.34
C THR L 131 -5.49 13.56 -26.44
N TRP L 132 -5.98 14.64 -25.84
CA TRP L 132 -5.22 15.86 -25.74
C TRP L 132 -4.00 15.72 -24.86
N HIS L 133 -4.00 14.69 -24.01
CA HIS L 133 -2.90 14.43 -23.06
C HIS L 133 -1.84 13.70 -23.80
N MET L 134 -2.18 13.29 -25.02
CA MET L 134 -1.19 12.66 -25.89
C MET L 134 -0.63 13.64 -26.93
N THR L 135 -1.02 14.90 -26.79
CA THR L 135 -0.79 15.92 -27.80
C THR L 135 0.03 17.07 -27.26
N VAL L 136 -0.18 17.47 -26.02
CA VAL L 136 0.68 18.50 -25.45
C VAL L 136 1.60 17.92 -24.36
N ILE L 137 2.24 18.85 -23.65
CA ILE L 137 3.00 18.55 -22.42
C ILE L 137 2.46 19.43 -21.26
N ARG L 138 1.47 20.29 -21.55
CA ARG L 138 0.75 21.09 -20.54
C ARG L 138 1.55 22.29 -20.00
N ASP L 139 1.11 23.51 -20.31
CA ASP L 139 1.75 24.76 -19.83
C ASP L 139 1.34 25.15 -18.41
N THR L 140 0.13 24.72 -18.04
CA THR L 140 -0.47 24.78 -16.67
C THR L 140 -1.61 23.70 -16.60
N ASP L 141 -2.52 23.79 -15.65
CA ASP L 141 -3.64 22.86 -15.73
C ASP L 141 -4.72 23.31 -16.76
N PHE L 142 -4.63 24.56 -17.24
CA PHE L 142 -5.60 25.06 -18.22
C PHE L 142 -5.23 24.70 -19.64
N THR L 143 -5.68 23.55 -20.10
CA THR L 143 -5.49 23.20 -21.48
C THR L 143 -6.69 23.80 -22.21
N PRO L 144 -6.77 23.64 -23.54
CA PRO L 144 -8.05 23.79 -24.28
C PRO L 144 -9.13 22.74 -23.89
N SER L 145 -8.72 21.52 -23.58
CA SER L 145 -9.65 20.48 -23.24
C SER L 145 -10.29 20.66 -21.84
N HIS L 146 -9.50 21.24 -20.93
CA HIS L 146 -9.92 21.44 -19.56
C HIS L 146 -10.86 22.60 -19.44
N ILE L 147 -10.67 23.60 -20.29
CA ILE L 147 -11.59 24.72 -20.26
C ILE L 147 -13.00 24.18 -20.55
N ILE L 148 -13.07 23.24 -21.48
CA ILE L 148 -14.38 22.72 -21.86
C ILE L 148 -14.86 21.65 -20.89
N GLU L 149 -14.08 20.57 -20.74
CA GLU L 149 -14.40 19.51 -19.79
C GLU L 149 -14.77 20.08 -18.41
N PHE L 150 -13.79 20.60 -17.70
CA PHE L 150 -14.03 21.03 -16.34
C PHE L 150 -14.87 22.25 -16.20
N TYR L 151 -14.44 23.37 -16.72
CA TYR L 151 -15.23 24.57 -16.45
C TYR L 151 -16.38 24.86 -17.46
N MET L 152 -16.73 23.89 -18.29
CA MET L 152 -17.88 24.08 -19.17
C MET L 152 -18.87 22.93 -19.14
N SER L 153 -18.53 21.84 -19.80
CA SER L 153 -19.42 20.68 -19.92
C SER L 153 -19.87 20.05 -18.60
N TYR L 154 -19.04 20.15 -17.56
CA TYR L 154 -19.47 19.76 -16.21
C TYR L 154 -20.41 20.76 -15.57
N PRO L 155 -19.95 22.00 -15.36
CA PRO L 155 -20.84 22.94 -14.74
C PRO L 155 -22.26 22.89 -15.32
N ILE L 156 -22.37 22.95 -16.64
CA ILE L 156 -23.66 22.93 -17.32
C ILE L 156 -24.45 21.72 -16.84
N TYR L 157 -23.90 20.53 -17.11
CA TYR L 157 -24.54 19.30 -16.70
C TYR L 157 -24.95 19.32 -15.23
N SER L 158 -24.10 19.88 -14.39
CA SER L 158 -24.46 20.18 -12.99
C SER L 158 -25.63 21.17 -12.82
N VAL L 159 -25.79 22.13 -13.73
CA VAL L 159 -26.83 23.11 -13.53
C VAL L 159 -28.21 22.60 -13.94
N ILE L 160 -28.26 21.87 -15.05
CA ILE L 160 -29.48 21.14 -15.40
C ILE L 160 -29.89 20.26 -14.21
N ALA L 161 -28.93 19.45 -13.70
CA ALA L 161 -29.14 18.60 -12.53
C ALA L 161 -29.86 19.37 -11.43
N VAL L 162 -29.31 20.53 -11.04
CA VAL L 162 -29.93 21.39 -10.04
C VAL L 162 -31.33 21.82 -10.45
N GLY L 163 -31.47 22.21 -11.72
CA GLY L 163 -32.77 22.53 -12.27
C GLY L 163 -33.76 21.40 -12.00
N ALA L 164 -33.51 20.25 -12.61
CA ALA L 164 -34.35 19.12 -12.39
C ALA L 164 -34.75 19.04 -10.93
N PHE L 165 -33.78 19.06 -10.04
CA PHE L 165 -34.05 18.86 -8.61
C PHE L 165 -35.02 19.87 -8.09
N PHE L 166 -34.76 21.13 -8.40
CA PHE L 166 -35.58 22.22 -7.92
C PHE L 166 -36.96 22.26 -8.54
N TYR L 167 -37.05 21.85 -9.80
CA TYR L 167 -38.35 21.83 -10.44
C TYR L 167 -39.25 20.87 -9.71
N ALA L 168 -38.83 19.62 -9.60
CA ALA L 168 -39.54 18.59 -8.88
C ALA L 168 -39.93 19.09 -7.49
N LYS L 169 -38.97 19.64 -6.75
CA LYS L 169 -39.21 20.16 -5.40
C LYS L 169 -40.33 21.18 -5.34
N THR L 170 -40.45 22.00 -6.36
CA THR L 170 -41.39 23.10 -6.30
C THR L 170 -42.63 22.91 -7.17
N ARG L 171 -42.89 21.67 -7.58
CA ARG L 171 -44.01 21.37 -8.46
C ARG L 171 -44.70 20.08 -8.13
N ILE L 172 -43.97 19.17 -7.50
CA ILE L 172 -44.52 17.83 -7.19
C ILE L 172 -44.59 17.49 -5.70
N PRO L 173 -45.80 17.27 -5.21
CA PRO L 173 -45.90 17.03 -3.78
C PRO L 173 -45.41 15.62 -3.57
N TYR L 174 -44.25 15.52 -2.95
CA TYR L 174 -43.50 14.29 -2.80
C TYR L 174 -42.09 14.82 -2.73
N PHE L 175 -41.72 15.56 -3.77
CA PHE L 175 -40.44 16.19 -3.84
C PHE L 175 -40.42 17.49 -3.05
N ALA L 176 -41.57 18.14 -2.97
CA ALA L 176 -41.80 19.17 -1.95
C ALA L 176 -42.10 18.42 -0.66
N HIS L 177 -41.84 19.05 0.49
CA HIS L 177 -41.77 18.33 1.80
C HIS L 177 -41.05 17.00 1.74
N GLY L 178 -39.75 17.07 1.53
CA GLY L 178 -38.99 15.88 1.39
C GLY L 178 -37.52 16.20 1.24
N TYR L 179 -37.07 16.16 -0.01
CA TYR L 179 -35.72 15.69 -0.42
C TYR L 179 -35.72 14.16 -0.57
N SER L 180 -36.03 13.71 -1.78
CA SER L 180 -35.62 12.39 -2.11
C SER L 180 -34.13 12.37 -1.96
N LEU L 181 -33.66 11.39 -1.19
CA LEU L 181 -32.23 11.18 -0.98
C LEU L 181 -31.59 10.83 -2.30
N ALA L 182 -32.29 10.02 -3.08
CA ALA L 182 -31.89 9.78 -4.45
C ALA L 182 -31.64 11.09 -5.28
N PHE L 183 -32.58 12.03 -5.25
CA PHE L 183 -32.47 13.22 -6.04
C PHE L 183 -31.45 14.17 -5.42
N LEU L 184 -31.52 14.33 -4.10
CA LEU L 184 -30.48 15.04 -3.38
C LEU L 184 -29.05 14.62 -3.86
N ILE L 185 -28.74 13.32 -3.79
CA ILE L 185 -27.51 12.74 -4.38
C ILE L 185 -27.29 13.30 -5.78
N VAL L 186 -28.22 13.01 -6.71
CA VAL L 186 -28.11 13.40 -8.13
C VAL L 186 -27.73 14.86 -8.34
N ALA L 187 -28.26 15.68 -7.46
CA ALA L 187 -28.07 17.12 -7.50
C ALA L 187 -26.79 17.61 -6.82
N ILE L 188 -26.13 16.75 -6.05
CA ILE L 188 -25.01 17.21 -5.23
C ILE L 188 -23.68 16.53 -5.55
N GLY L 189 -23.74 15.28 -5.99
CA GLY L 189 -22.55 14.51 -6.35
C GLY L 189 -21.69 15.05 -7.49
N PRO L 190 -22.31 15.78 -8.42
CA PRO L 190 -21.55 16.59 -9.37
C PRO L 190 -20.52 17.52 -8.71
N PHE L 191 -20.71 17.91 -7.45
CA PHE L 191 -19.71 18.70 -6.73
C PHE L 191 -18.75 17.82 -5.96
N MET L 192 -18.81 16.53 -6.27
CA MET L 192 -17.89 15.55 -5.72
C MET L 192 -17.35 14.68 -6.85
N ILE L 193 -17.30 15.23 -8.06
CA ILE L 193 -16.54 14.62 -9.13
C ILE L 193 -15.22 15.31 -9.30
N ILE L 194 -15.17 16.63 -9.09
CA ILE L 194 -13.90 17.32 -9.08
C ILE L 194 -12.90 16.58 -8.20
N PRO L 195 -13.20 16.40 -6.87
CA PRO L 195 -12.37 15.49 -6.04
C PRO L 195 -11.90 14.24 -6.81
N ASN L 196 -12.78 13.63 -7.57
CA ASN L 196 -12.34 12.53 -8.39
C ASN L 196 -11.66 12.97 -9.69
N VAL L 197 -12.46 13.15 -10.76
CA VAL L 197 -11.91 13.37 -12.13
C VAL L 197 -10.82 14.43 -12.21
N GLY L 198 -10.92 15.44 -11.36
CA GLY L 198 -9.91 16.49 -11.34
C GLY L 198 -8.60 16.00 -10.75
N LEU L 199 -8.61 15.72 -9.45
CA LEU L 199 -7.40 15.37 -8.72
C LEU L 199 -6.81 14.07 -9.22
N ASN L 200 -7.61 13.31 -9.98
CA ASN L 200 -7.10 12.11 -10.56
C ASN L 200 -5.91 12.44 -11.43
N GLU L 201 -5.91 13.66 -11.94
CA GLU L 201 -4.86 14.13 -12.82
C GLU L 201 -3.59 14.53 -12.08
N TRP L 202 -3.70 15.32 -11.01
CA TRP L 202 -2.53 15.65 -10.19
C TRP L 202 -2.16 14.46 -9.38
N GLY L 203 -2.04 13.32 -10.07
CA GLY L 203 -1.74 12.05 -9.45
C GLY L 203 -0.33 12.04 -8.93
N HIS L 204 0.64 12.09 -9.84
CA HIS L 204 2.05 11.97 -9.49
C HIS L 204 2.65 13.16 -8.79
N THR L 205 2.27 14.35 -9.21
CA THR L 205 2.78 15.57 -8.61
C THR L 205 2.33 15.76 -7.13
N PHE L 206 1.10 15.33 -6.86
CA PHE L 206 0.49 15.44 -5.55
C PHE L 206 0.47 14.12 -4.76
N TRP L 207 1.46 13.28 -5.07
CA TRP L 207 1.36 11.85 -4.81
C TRP L 207 1.94 11.45 -3.51
N PHE L 208 3.27 11.46 -3.43
CA PHE L 208 4.03 10.91 -2.29
C PHE L 208 3.26 11.06 -0.97
N MET L 209 2.74 12.24 -0.70
CA MET L 209 1.94 12.41 0.48
C MET L 209 0.52 11.84 0.17
N GLU L 210 0.48 10.51 -0.08
CA GLU L 210 -0.68 9.78 -0.67
C GLU L 210 -1.73 10.69 -1.33
N PHE L 224 -15.64 -0.75 -6.44
CA PHE L 224 -15.43 0.33 -5.49
C PHE L 224 -15.52 1.70 -6.21
N GLY L 225 -16.26 2.63 -5.63
CA GLY L 225 -16.36 3.97 -6.17
C GLY L 225 -17.72 4.63 -5.99
N TRP L 226 -17.69 5.90 -5.58
CA TRP L 226 -18.89 6.68 -5.26
C TRP L 226 -19.49 7.40 -6.40
N MET L 227 -20.65 6.92 -6.83
CA MET L 227 -21.20 7.34 -8.12
C MET L 227 -22.64 7.88 -8.13
N ALA L 228 -23.02 8.39 -9.30
CA ALA L 228 -24.32 9.00 -9.49
C ALA L 228 -25.15 8.26 -10.57
N LEU L 229 -25.75 7.15 -10.13
CA LEU L 229 -26.89 6.52 -10.77
C LEU L 229 -28.06 6.71 -9.81
N GLY L 230 -28.00 7.76 -8.99
CA GLY L 230 -29.11 8.14 -8.12
C GLY L 230 -30.40 8.36 -8.90
N VAL L 231 -30.25 8.71 -10.18
CA VAL L 231 -31.36 8.74 -11.13
C VAL L 231 -32.27 7.50 -11.03
N PHE L 232 -31.68 6.32 -10.77
CA PHE L 232 -32.43 5.07 -10.53
C PHE L 232 -33.57 5.27 -9.58
N GLY L 233 -33.23 5.59 -8.34
CA GLY L 233 -34.20 6.03 -7.34
C GLY L 233 -35.14 7.09 -7.88
N VAL L 234 -34.59 8.15 -8.47
CA VAL L 234 -35.45 9.23 -8.89
C VAL L 234 -36.48 8.74 -9.87
N VAL L 235 -36.07 7.96 -10.88
CA VAL L 235 -37.09 7.48 -11.84
C VAL L 235 -38.00 6.45 -11.22
N LEU L 236 -37.47 5.65 -10.31
CA LEU L 236 -38.34 4.78 -9.55
C LEU L 236 -39.40 5.55 -8.77
N GLN L 237 -39.03 6.67 -8.12
CA GLN L 237 -39.98 7.49 -7.35
C GLN L 237 -41.03 8.15 -8.22
N ILE L 238 -40.61 8.58 -9.39
CA ILE L 238 -41.52 9.06 -10.43
C ILE L 238 -42.51 7.95 -10.79
N LEU L 239 -41.96 6.78 -11.10
CA LEU L 239 -42.77 5.64 -11.49
C LEU L 239 -43.88 5.38 -10.48
N MET L 240 -43.56 5.39 -9.20
CA MET L 240 -44.56 5.10 -8.19
C MET L 240 -45.70 6.08 -8.23
N ARG L 241 -45.37 7.33 -8.53
CA ARG L 241 -46.38 8.36 -8.64
C ARG L 241 -47.30 8.14 -9.82
N ILE L 242 -46.75 7.67 -10.94
CA ILE L 242 -47.59 7.41 -12.08
C ILE L 242 -48.53 6.26 -11.75
N HIS L 243 -47.95 5.19 -11.24
CA HIS L 243 -48.71 4.01 -10.90
C HIS L 243 -49.83 4.34 -9.97
N ALA L 244 -49.70 5.45 -9.25
CA ALA L 244 -50.74 5.90 -8.34
C ALA L 244 -51.82 6.65 -9.09
N LEU L 245 -51.42 7.67 -9.83
CA LEU L 245 -52.34 8.53 -10.62
C LEU L 245 -53.00 7.85 -11.85
N VAL L 246 -53.07 6.53 -11.83
CA VAL L 246 -53.91 5.80 -12.75
C VAL L 246 -54.71 4.86 -11.87
N GLY L 247 -56.03 4.91 -11.96
CA GLY L 247 -56.85 4.07 -11.10
C GLY L 247 -56.63 2.59 -11.37
N LYS L 248 -57.21 1.73 -10.55
CA LYS L 248 -57.29 0.32 -10.87
C LYS L 248 -57.68 0.14 -12.35
N GLU L 249 -58.56 1.03 -12.83
CA GLU L 249 -59.04 1.03 -14.20
C GLU L 249 -57.93 1.02 -15.27
N GLY L 250 -57.22 2.14 -15.42
CA GLY L 250 -56.13 2.22 -16.39
C GLY L 250 -55.12 1.14 -16.09
N VAL L 251 -54.73 1.06 -14.83
CA VAL L 251 -53.71 0.15 -14.35
C VAL L 251 -53.96 -1.30 -14.79
N LYS L 252 -54.52 -2.09 -13.89
CA LYS L 252 -54.77 -3.50 -14.15
C LYS L 252 -55.40 -3.61 -15.51
N LEU L 253 -56.53 -2.92 -15.68
CA LEU L 253 -57.38 -3.21 -16.81
C LEU L 253 -56.74 -2.85 -18.16
N LEU L 254 -56.41 -1.58 -18.39
CA LEU L 254 -55.91 -1.20 -19.70
C LEU L 254 -54.57 -1.84 -20.06
N THR L 255 -53.63 -1.83 -19.12
CA THR L 255 -52.35 -2.54 -19.25
C THR L 255 -52.31 -3.76 -18.29
N GLU L 256 -52.98 -4.84 -18.72
CA GLU L 256 -53.34 -6.03 -17.89
C GLU L 256 -52.66 -6.19 -16.51
#